data_4BMV
#
_entry.id   4BMV
#
_cell.length_a   144.910
_cell.length_b   86.840
_cell.length_c   155.610
_cell.angle_alpha   90.00
_cell.angle_beta   106.36
_cell.angle_gamma   90.00
#
_symmetry.space_group_name_H-M   'P 1 21 1'
#
loop_
_entity.id
_entity.type
_entity.pdbx_description
1 polymer 'SHORT-CHAIN DEHYDROGENASE'
2 non-polymer 'NADP NICOTINAMIDE-ADENINE-DINUCLEOTIDE PHOSPHATE'
3 water water
#
_entity_poly.entity_id   1
_entity_poly.type   'polypeptide(L)'
_entity_poly.pdbx_seq_one_letter_code
;MTTLPTVLITGASSGIGATYAERFARRGHDLVLVARDKVRLDALAARLRDESGVAVEALQADLTRPADLAAVEIRLREDA
RIGILINNAGMAQSGGFVQQTAEGIERLITLNTTALTRLAAAVAPRFVQSGTGAIVNIGSVVGFAPEFGMSIYGATKAFV
LFLSQGLNLELSPSGIYVQAVLPAATRTEIWGRAGIDVNTLPEVMEVDELVDAALVGFDRRELVTIPPLHVAARWDALDG
ARQGLMSDIRQAQAADRYRPEA
;
_entity_poly.pdbx_strand_id   A,B,C,D,E,F,G,H,I,J
#
loop_
_chem_comp.id
_chem_comp.type
_chem_comp.name
_chem_comp.formula
NAP non-polymer 'NADP NICOTINAMIDE-ADENINE-DINUCLEOTIDE PHOSPHATE' 'C21 H28 N7 O17 P3'
#
# COMPACT_ATOMS: atom_id res chain seq x y z
N THR A 3 10.29 54.62 -0.55
CA THR A 3 10.60 53.34 -1.27
C THR A 3 9.44 52.86 -2.21
N LEU A 4 9.78 52.61 -3.48
CA LEU A 4 8.80 52.18 -4.52
C LEU A 4 8.27 50.74 -4.32
N PRO A 5 7.00 50.50 -4.66
CA PRO A 5 6.46 49.17 -4.37
C PRO A 5 7.05 48.09 -5.28
N THR A 6 7.24 46.89 -4.75
CA THR A 6 7.61 45.75 -5.55
C THR A 6 6.43 45.39 -6.48
N VAL A 7 6.76 44.99 -7.69
CA VAL A 7 5.75 44.63 -8.70
C VAL A 7 5.82 43.15 -8.94
N LEU A 8 4.71 42.47 -8.73
CA LEU A 8 4.59 41.07 -9.16
C LEU A 8 3.90 41.05 -10.53
N ILE A 9 4.58 40.44 -11.48
CA ILE A 9 4.11 40.31 -12.83
C ILE A 9 3.94 38.84 -13.25
N THR A 10 2.71 38.45 -13.64
CA THR A 10 2.50 37.11 -14.19
C THR A 10 2.69 37.13 -15.70
N GLY A 11 3.15 35.99 -16.23
CA GLY A 11 3.55 35.92 -17.61
C GLY A 11 4.69 36.86 -17.88
N ALA A 12 5.69 36.85 -17.01
CA ALA A 12 6.85 37.75 -17.17
C ALA A 12 7.94 37.21 -18.11
N SER A 13 7.84 35.98 -18.61
CA SER A 13 8.97 35.38 -19.32
C SER A 13 9.08 35.84 -20.75
N SER A 14 8.00 36.34 -21.32
CA SER A 14 8.00 36.82 -22.68
C SER A 14 6.99 37.91 -22.89
N GLY A 15 6.99 38.52 -24.07
CA GLY A 15 5.88 39.38 -24.54
C GLY A 15 5.62 40.58 -23.65
N ILE A 16 4.34 40.85 -23.41
CA ILE A 16 3.95 42.04 -22.71
C ILE A 16 4.43 42.03 -21.26
N GLY A 17 4.29 40.88 -20.61
CA GLY A 17 4.82 40.68 -19.27
C GLY A 17 6.30 41.03 -19.19
N ALA A 18 7.11 40.46 -20.05
CA ALA A 18 8.57 40.73 -20.02
C ALA A 18 8.93 42.20 -20.22
N THR A 19 8.22 42.89 -21.11
CA THR A 19 8.47 44.30 -21.36
C THR A 19 8.02 45.16 -20.16
N TYR A 20 6.89 44.82 -19.56
CA TYR A 20 6.49 45.47 -18.31
C TYR A 20 7.65 45.32 -17.29
N ALA A 21 8.23 44.12 -17.19
CA ALA A 21 9.27 43.86 -16.20
C ALA A 21 10.47 44.74 -16.46
N GLU A 22 10.91 44.76 -17.70
CA GLU A 22 12.01 45.63 -18.09
C GLU A 22 11.67 47.10 -17.72
N ARG A 23 10.47 47.54 -18.04
CA ARG A 23 10.12 48.93 -17.87
C ARG A 23 10.02 49.35 -16.41
N PHE A 24 9.44 48.49 -15.57
CA PHE A 24 9.32 48.78 -14.16
C PHE A 24 10.68 48.70 -13.46
N ALA A 25 11.55 47.81 -13.92
CA ALA A 25 12.92 47.74 -13.40
C ALA A 25 13.68 49.05 -13.68
N ARG A 26 13.48 49.61 -14.87
CA ARG A 26 14.09 50.88 -15.25
C ARG A 26 13.53 52.08 -14.51
N ARG A 27 12.31 51.97 -14.00
CA ARG A 27 11.76 53.00 -13.10
C ARG A 27 12.24 52.87 -11.66
N GLY A 28 12.94 51.80 -11.34
CA GLY A 28 13.46 51.58 -9.99
C GLY A 28 12.68 50.64 -9.08
N HIS A 29 11.69 49.93 -9.60
CA HIS A 29 10.94 48.94 -8.75
C HIS A 29 11.66 47.60 -8.64
N ASP A 30 11.71 47.04 -7.44
CA ASP A 30 11.96 45.61 -7.27
C ASP A 30 10.82 44.76 -7.92
N LEU A 31 11.11 43.53 -8.33
CA LEU A 31 10.15 42.71 -9.11
C LEU A 31 10.04 41.26 -8.66
N VAL A 32 8.86 40.71 -8.83
CA VAL A 32 8.66 39.28 -8.75
C VAL A 32 8.05 38.82 -10.07
N LEU A 33 8.79 38.00 -10.77
CA LEU A 33 8.43 37.55 -12.10
C LEU A 33 7.96 36.12 -12.09
N VAL A 34 6.75 35.90 -12.59
CA VAL A 34 6.20 34.55 -12.59
C VAL A 34 5.78 34.06 -13.95
N ALA A 35 6.18 32.81 -14.22
CA ALA A 35 5.78 32.03 -15.39
C ALA A 35 6.28 30.59 -15.22
N ARG A 36 6.02 29.74 -16.19
CA ARG A 36 6.48 28.36 -16.13
C ARG A 36 7.95 28.18 -16.45
N ASP A 37 8.48 28.96 -17.38
CA ASP A 37 9.85 28.79 -17.89
C ASP A 37 10.88 29.41 -16.93
N LYS A 38 11.26 28.64 -15.90
CA LYS A 38 12.19 29.09 -14.89
C LYS A 38 13.54 29.57 -15.50
N VAL A 39 14.07 28.80 -16.46
CA VAL A 39 15.37 29.06 -17.01
C VAL A 39 15.34 30.40 -17.68
N ARG A 40 14.25 30.68 -18.39
CA ARG A 40 14.16 31.96 -19.12
C ARG A 40 13.95 33.13 -18.16
N LEU A 41 13.19 32.87 -17.09
CA LEU A 41 13.00 33.87 -16.04
C LEU A 41 14.32 34.21 -15.33
N ASP A 42 15.11 33.19 -15.00
CA ASP A 42 16.39 33.41 -14.37
C ASP A 42 17.37 34.27 -15.23
N ALA A 43 17.39 34.08 -16.55
CA ALA A 43 18.18 34.94 -17.41
C ALA A 43 17.66 36.37 -17.41
N LEU A 44 16.35 36.54 -17.50
CA LEU A 44 15.71 37.90 -17.55
C LEU A 44 15.96 38.63 -16.22
N ALA A 45 15.77 37.90 -15.12
CA ALA A 45 15.98 38.49 -13.80
C ALA A 45 17.40 38.97 -13.64
N ALA A 46 18.35 38.15 -14.10
CA ALA A 46 19.77 38.49 -13.99
C ALA A 46 20.06 39.70 -14.81
N ARG A 47 19.53 39.76 -16.03
CA ARG A 47 19.74 40.95 -16.82
C ARG A 47 19.22 42.21 -16.14
N LEU A 48 18.03 42.14 -15.56
CA LEU A 48 17.43 43.34 -14.98
C LEU A 48 18.13 43.78 -13.69
N ARG A 49 18.56 42.81 -12.87
CA ARG A 49 19.35 43.10 -11.69
C ARG A 49 20.62 43.82 -12.08
N ASP A 50 21.31 43.32 -13.10
CA ASP A 50 22.55 43.90 -13.57
C ASP A 50 22.32 45.26 -14.20
N GLU A 51 21.44 45.35 -15.18
CA GLU A 51 21.21 46.63 -15.90
C GLU A 51 20.64 47.71 -15.00
N SER A 52 19.68 47.37 -14.14
CA SER A 52 18.91 48.37 -13.39
C SER A 52 19.15 48.41 -11.88
N GLY A 53 19.86 47.43 -11.32
CA GLY A 53 20.25 47.50 -9.92
C GLY A 53 19.11 47.31 -8.94
N VAL A 54 17.98 46.74 -9.39
CA VAL A 54 16.86 46.44 -8.50
C VAL A 54 16.89 44.95 -8.12
N ALA A 55 16.19 44.57 -7.07
CA ALA A 55 16.04 43.16 -6.75
C ALA A 55 15.00 42.54 -7.68
N VAL A 56 15.29 41.34 -8.17
CA VAL A 56 14.36 40.61 -9.07
C VAL A 56 14.38 39.14 -8.73
N GLU A 57 13.22 38.60 -8.39
CA GLU A 57 13.09 37.21 -8.04
C GLU A 57 12.32 36.50 -9.11
N ALA A 58 12.84 35.36 -9.53
CA ALA A 58 12.18 34.52 -10.51
C ALA A 58 11.38 33.44 -9.79
N LEU A 59 10.09 33.39 -10.04
CA LEU A 59 9.22 32.50 -9.32
C LEU A 59 8.48 31.57 -10.33
N GLN A 60 8.91 30.31 -10.41
CA GLN A 60 8.27 29.37 -11.27
C GLN A 60 6.82 29.03 -10.81
N ALA A 61 5.85 29.06 -11.75
CA ALA A 61 4.50 28.66 -11.44
C ALA A 61 3.72 28.42 -12.71
N ASP A 62 3.06 27.27 -12.74
CA ASP A 62 2.06 27.00 -13.73
C ASP A 62 0.73 27.44 -13.10
N LEU A 63 0.16 28.55 -13.54
CA LEU A 63 -1.03 29.08 -12.90
C LEU A 63 -2.32 28.25 -13.16
N THR A 64 -2.21 27.18 -13.94
CA THR A 64 -3.29 26.27 -14.13
C THR A 64 -3.10 25.02 -13.27
N ARG A 65 -2.02 24.96 -12.49
CA ARG A 65 -1.84 23.88 -11.52
C ARG A 65 -2.23 24.40 -10.09
N PRO A 66 -3.24 23.78 -9.46
CA PRO A 66 -3.73 24.27 -8.16
C PRO A 66 -2.67 24.58 -7.11
N ALA A 67 -1.69 23.69 -6.95
CA ALA A 67 -0.64 23.92 -5.93
C ALA A 67 0.23 25.16 -6.26
N ASP A 68 0.57 25.38 -7.53
CA ASP A 68 1.42 26.55 -7.91
C ASP A 68 0.66 27.87 -7.69
N LEU A 69 -0.60 27.87 -8.08
CA LEU A 69 -1.42 29.05 -7.95
C LEU A 69 -1.56 29.39 -6.48
N ALA A 70 -1.82 28.38 -5.66
CA ALA A 70 -1.96 28.60 -4.24
C ALA A 70 -0.68 29.19 -3.66
N ALA A 71 0.47 28.70 -4.08
CA ALA A 71 1.77 29.24 -3.61
C ALA A 71 1.93 30.75 -4.02
N VAL A 72 1.46 31.16 -5.22
CA VAL A 72 1.54 32.58 -5.61
C VAL A 72 0.55 33.42 -4.79
N GLU A 73 -0.66 32.87 -4.55
CA GLU A 73 -1.64 33.53 -3.69
C GLU A 73 -0.99 33.84 -2.35
N ILE A 74 -0.35 32.84 -1.74
CA ILE A 74 0.27 33.01 -0.46
C ILE A 74 1.23 34.17 -0.49
N ARG A 75 2.12 34.16 -1.47
CA ARG A 75 3.10 35.23 -1.54
C ARG A 75 2.47 36.63 -1.67
N LEU A 76 1.42 36.75 -2.48
CA LEU A 76 0.70 38.02 -2.58
C LEU A 76 0.02 38.45 -1.27
N ARG A 77 -0.53 37.48 -0.51
CA ARG A 77 -1.19 37.80 0.77
C ARG A 77 -0.22 38.28 1.79
N GLU A 78 0.96 37.70 1.80
CA GLU A 78 1.88 37.83 2.94
C GLU A 78 2.95 38.87 2.80
N ASP A 79 3.29 39.25 1.56
CA ASP A 79 4.44 40.15 1.35
C ASP A 79 4.00 41.59 1.11
N ALA A 80 4.09 42.41 2.18
CA ALA A 80 3.66 43.81 2.18
C ALA A 80 4.43 44.68 1.20
N ARG A 81 5.61 44.23 0.77
CA ARG A 81 6.35 44.95 -0.25
C ARG A 81 5.65 45.01 -1.61
N ILE A 82 4.84 43.99 -1.94
CA ILE A 82 4.20 43.94 -3.24
C ILE A 82 2.97 44.86 -3.27
N GLY A 83 3.09 45.98 -3.99
CA GLY A 83 2.04 46.98 -4.09
C GLY A 83 1.49 47.16 -5.51
N ILE A 84 2.02 46.42 -6.48
CA ILE A 84 1.47 46.41 -7.82
C ILE A 84 1.41 44.99 -8.39
N LEU A 85 0.22 44.59 -8.84
CA LEU A 85 0.00 43.24 -9.44
C LEU A 85 -0.31 43.44 -10.91
N ILE A 86 0.51 42.87 -11.80
CA ILE A 86 0.16 42.87 -13.23
C ILE A 86 -0.32 41.48 -13.60
N ASN A 87 -1.63 41.36 -13.72
CA ASN A 87 -2.30 40.08 -14.10
C ASN A 87 -2.27 39.92 -15.61
N ASN A 88 -1.09 39.57 -16.12
CA ASN A 88 -0.81 39.57 -17.57
C ASN A 88 -0.81 38.16 -18.18
N ALA A 89 -0.52 37.12 -17.37
CA ALA A 89 -0.47 35.74 -17.90
C ALA A 89 -1.77 35.37 -18.61
N GLY A 90 -1.68 34.84 -19.80
CA GLY A 90 -2.85 34.51 -20.60
C GLY A 90 -2.46 33.82 -21.91
N MET A 91 -3.42 33.15 -22.53
CA MET A 91 -3.21 32.47 -23.82
C MET A 91 -4.45 32.68 -24.67
N ALA A 92 -4.29 32.49 -25.95
CA ALA A 92 -5.40 32.65 -26.88
C ALA A 92 -5.98 31.29 -27.17
N GLN A 93 -7.02 31.29 -27.97
CA GLN A 93 -7.71 30.07 -28.36
C GLN A 93 -7.12 29.51 -29.64
N SER A 94 -6.99 28.20 -29.69
CA SER A 94 -6.44 27.53 -30.85
C SER A 94 -7.56 26.80 -31.58
N GLY A 95 -7.86 27.23 -32.81
CA GLY A 95 -8.98 26.67 -33.58
C GLY A 95 -10.34 27.18 -33.17
N GLY A 96 -11.34 26.93 -33.98
CA GLY A 96 -12.71 27.32 -33.70
C GLY A 96 -13.39 26.46 -32.64
N PHE A 97 -14.66 26.77 -32.36
CA PHE A 97 -15.32 26.18 -31.26
C PHE A 97 -15.43 24.67 -31.37
N VAL A 98 -15.84 24.14 -32.52
CA VAL A 98 -15.95 22.70 -32.64
C VAL A 98 -14.64 21.97 -32.56
N GLN A 99 -13.51 22.62 -32.78
CA GLN A 99 -12.19 21.92 -32.71
C GLN A 99 -11.61 21.99 -31.30
N GLN A 100 -12.33 22.62 -30.35
CA GLN A 100 -11.93 22.62 -28.97
C GLN A 100 -12.04 21.23 -28.27
N THR A 101 -11.31 21.12 -27.20
CA THR A 101 -11.22 19.96 -26.33
C THR A 101 -11.69 20.35 -24.88
N ALA A 102 -12.18 19.38 -24.10
CA ALA A 102 -12.43 19.60 -22.72
C ALA A 102 -11.18 20.11 -21.96
N GLU A 103 -10.05 19.41 -22.10
CA GLU A 103 -8.76 19.83 -21.51
C GLU A 103 -8.35 21.27 -21.94
N GLY A 104 -8.52 21.59 -23.23
CA GLY A 104 -8.14 22.93 -23.74
C GLY A 104 -9.00 24.06 -23.19
N ILE A 105 -10.30 23.77 -23.05
CA ILE A 105 -11.24 24.73 -22.53
C ILE A 105 -10.94 25.03 -21.05
N GLU A 106 -10.78 23.96 -20.29
CA GLU A 106 -10.38 24.03 -18.90
C GLU A 106 -9.14 24.95 -18.79
N ARG A 107 -8.09 24.64 -19.54
CA ARG A 107 -6.86 25.39 -19.46
C ARG A 107 -7.03 26.88 -19.82
N LEU A 108 -7.69 27.16 -20.93
CA LEU A 108 -7.87 28.54 -21.37
C LEU A 108 -8.65 29.38 -20.34
N ILE A 109 -9.76 28.83 -19.83
CA ILE A 109 -10.58 29.53 -18.84
C ILE A 109 -9.85 29.66 -17.48
N THR A 110 -9.22 28.57 -17.03
CA THR A 110 -8.52 28.62 -15.75
C THR A 110 -7.41 29.68 -15.77
N LEU A 111 -6.61 29.73 -16.83
CA LEU A 111 -5.53 30.72 -16.87
C LEU A 111 -6.02 32.15 -17.00
N ASN A 112 -6.93 32.39 -17.93
CA ASN A 112 -7.29 33.77 -18.31
C ASN A 112 -8.28 34.45 -17.38
N THR A 113 -8.86 33.64 -16.50
CA THR A 113 -10.05 34.05 -15.75
C THR A 113 -9.90 33.65 -14.28
N THR A 114 -9.81 32.36 -13.98
CA THR A 114 -9.80 31.87 -12.61
C THR A 114 -8.54 32.29 -11.87
N ALA A 115 -7.39 32.06 -12.47
CA ALA A 115 -6.12 32.45 -11.89
C ALA A 115 -6.03 33.96 -11.70
N LEU A 116 -6.33 34.72 -12.75
CA LEU A 116 -6.36 36.20 -12.70
C LEU A 116 -7.23 36.74 -11.57
N THR A 117 -8.45 36.21 -11.46
CA THR A 117 -9.39 36.62 -10.41
C THR A 117 -8.90 36.22 -9.02
N ARG A 118 -8.33 35.03 -8.91
CA ARG A 118 -7.79 34.57 -7.62
C ARG A 118 -6.55 35.33 -7.11
N LEU A 119 -5.66 35.73 -8.01
CA LEU A 119 -4.52 36.52 -7.62
C LEU A 119 -4.99 37.92 -7.16
N ALA A 120 -5.91 38.53 -7.91
CA ALA A 120 -6.51 39.79 -7.50
C ALA A 120 -7.15 39.65 -6.13
N ALA A 121 -7.87 38.55 -5.90
CA ALA A 121 -8.49 38.31 -4.55
C ALA A 121 -7.46 38.03 -3.46
N ALA A 122 -6.28 37.55 -3.82
CA ALA A 122 -5.23 37.36 -2.84
C ALA A 122 -4.62 38.68 -2.33
N VAL A 123 -4.50 39.72 -3.17
CA VAL A 123 -3.95 41.01 -2.69
C VAL A 123 -4.99 41.99 -2.18
N ALA A 124 -6.24 41.88 -2.63
CA ALA A 124 -7.22 42.93 -2.33
C ALA A 124 -7.42 43.20 -0.84
N PRO A 125 -7.44 42.15 0.00
CA PRO A 125 -7.69 42.43 1.44
C PRO A 125 -6.57 43.21 2.07
N ARG A 126 -5.36 42.82 1.74
CA ARG A 126 -4.17 43.54 2.23
C ARG A 126 -4.09 44.97 1.69
N PHE A 127 -4.40 45.14 0.40
CA PHE A 127 -4.47 46.47 -0.21
C PHE A 127 -5.51 47.37 0.45
N VAL A 128 -6.72 46.84 0.69
CA VAL A 128 -7.73 47.57 1.43
C VAL A 128 -7.21 48.01 2.82
N GLN A 129 -6.60 47.10 3.57
CA GLN A 129 -6.03 47.42 4.88
C GLN A 129 -4.96 48.52 4.83
N SER A 130 -4.06 48.47 3.86
CA SER A 130 -3.03 49.51 3.72
C SER A 130 -3.53 50.82 3.10
N GLY A 131 -4.71 50.82 2.48
CA GLY A 131 -5.24 52.03 1.84
C GLY A 131 -4.55 52.38 0.55
N THR A 132 -3.79 51.44 0.01
CA THR A 132 -3.06 51.66 -1.24
C THR A 132 -2.77 50.35 -1.99
N GLY A 133 -2.44 50.47 -3.27
CA GLY A 133 -2.19 49.31 -4.12
C GLY A 133 -2.71 49.50 -5.53
N ALA A 134 -2.21 48.65 -6.45
CA ALA A 134 -2.59 48.74 -7.85
C ALA A 134 -2.71 47.36 -8.46
N ILE A 135 -3.81 47.17 -9.20
CA ILE A 135 -4.07 45.95 -9.94
C ILE A 135 -4.29 46.31 -11.41
N VAL A 136 -3.40 45.81 -12.27
CA VAL A 136 -3.46 45.99 -13.70
C VAL A 136 -3.83 44.65 -14.35
N ASN A 137 -5.00 44.60 -14.95
CA ASN A 137 -5.50 43.43 -15.58
C ASN A 137 -5.35 43.63 -17.09
N ILE A 138 -4.80 42.63 -17.79
CA ILE A 138 -4.69 42.72 -19.25
C ILE A 138 -5.89 42.03 -19.91
N GLY A 139 -6.77 42.83 -20.49
CA GLY A 139 -7.88 42.30 -21.26
C GLY A 139 -7.52 42.21 -22.73
N SER A 140 -8.47 42.45 -23.62
CA SER A 140 -8.19 42.51 -25.05
C SER A 140 -9.33 43.11 -25.81
N VAL A 141 -8.96 43.74 -26.92
CA VAL A 141 -9.92 44.30 -27.86
C VAL A 141 -10.79 43.20 -28.41
N VAL A 142 -10.26 42.00 -28.45
CA VAL A 142 -11.09 40.87 -28.88
C VAL A 142 -12.34 40.68 -28.01
N GLY A 143 -12.34 41.22 -26.79
CA GLY A 143 -13.52 41.15 -25.87
C GLY A 143 -14.64 42.06 -26.30
N PHE A 144 -14.35 42.89 -27.31
CA PHE A 144 -15.37 43.67 -28.01
C PHE A 144 -15.76 43.05 -29.37
N ALA A 145 -15.26 41.87 -29.71
CA ALA A 145 -15.33 41.37 -31.08
C ALA A 145 -15.65 39.85 -31.25
N PRO A 146 -16.89 39.47 -30.99
CA PRO A 146 -17.32 38.13 -31.34
C PRO A 146 -17.06 37.78 -32.80
N GLU A 147 -17.05 38.78 -33.67
CA GLU A 147 -16.71 38.61 -35.11
C GLU A 147 -15.31 38.05 -35.36
N PHE A 148 -14.38 38.22 -34.41
CA PHE A 148 -12.99 37.88 -34.66
C PHE A 148 -12.88 36.36 -34.75
N GLY A 149 -13.85 35.67 -34.18
CA GLY A 149 -13.89 34.21 -34.30
C GLY A 149 -13.28 33.37 -33.17
N MET A 150 -12.79 34.00 -32.10
CA MET A 150 -12.27 33.25 -30.91
C MET A 150 -13.25 33.36 -29.75
N SER A 151 -14.29 32.55 -29.78
CA SER A 151 -15.46 32.79 -28.97
C SER A 151 -15.19 32.63 -27.54
N ILE A 152 -14.36 31.65 -27.21
CA ILE A 152 -14.07 31.39 -25.80
C ILE A 152 -13.06 32.41 -25.29
N TYR A 153 -11.99 32.62 -26.05
CA TYR A 153 -10.95 33.54 -25.62
C TYR A 153 -11.54 34.91 -25.43
N GLY A 154 -12.32 35.33 -26.39
CA GLY A 154 -12.95 36.64 -26.33
C GLY A 154 -13.86 36.73 -25.13
N ALA A 155 -14.55 35.65 -24.81
CA ALA A 155 -15.40 35.61 -23.62
C ALA A 155 -14.56 35.80 -22.38
N THR A 156 -13.38 35.18 -22.31
CA THR A 156 -12.54 35.36 -21.12
C THR A 156 -12.12 36.83 -20.98
N LYS A 157 -11.95 37.50 -22.11
CA LYS A 157 -11.51 38.89 -22.09
C LYS A 157 -12.66 39.89 -21.80
N ALA A 158 -13.88 39.56 -22.19
CA ALA A 158 -15.07 40.28 -21.70
C ALA A 158 -15.14 40.14 -20.19
N PHE A 159 -14.83 38.94 -19.67
CA PHE A 159 -14.80 38.70 -18.25
C PHE A 159 -13.83 39.67 -17.56
N VAL A 160 -12.61 39.73 -18.09
CA VAL A 160 -11.54 40.53 -17.48
C VAL A 160 -11.87 42.03 -17.49
N LEU A 161 -12.47 42.54 -18.57
CA LEU A 161 -12.94 43.92 -18.58
C LEU A 161 -13.99 44.17 -17.51
N PHE A 162 -15.04 43.37 -17.51
CA PHE A 162 -16.07 43.52 -16.49
C PHE A 162 -15.54 43.43 -15.06
N LEU A 163 -14.77 42.39 -14.76
CA LEU A 163 -14.16 42.27 -13.43
C LEU A 163 -13.40 43.54 -13.04
N SER A 164 -12.64 44.09 -14.00
CA SER A 164 -11.87 45.26 -13.75
C SER A 164 -12.78 46.44 -13.43
N GLN A 165 -13.85 46.59 -14.17
CA GLN A 165 -14.77 47.69 -13.86
C GLN A 165 -15.34 47.55 -12.45
N GLY A 166 -15.77 46.34 -12.12
CA GLY A 166 -16.39 46.03 -10.82
C GLY A 166 -15.42 46.23 -9.69
N LEU A 167 -14.17 45.81 -9.89
CA LEU A 167 -13.15 45.97 -8.85
C LEU A 167 -12.83 47.44 -8.60
N ASN A 168 -12.88 48.26 -9.65
CA ASN A 168 -12.65 49.68 -9.49
C ASN A 168 -13.68 50.29 -8.55
N LEU A 169 -14.94 49.98 -8.76
CA LEU A 169 -15.99 50.54 -7.96
C LEU A 169 -15.90 50.05 -6.51
N GLU A 170 -15.57 48.77 -6.31
CA GLU A 170 -15.48 48.20 -4.98
C GLU A 170 -14.27 48.69 -4.23
N LEU A 171 -13.14 48.91 -4.91
CA LEU A 171 -11.87 49.07 -4.23
C LEU A 171 -11.27 50.47 -4.29
N SER A 172 -11.62 51.30 -5.26
CA SER A 172 -11.06 52.65 -5.29
C SER A 172 -11.47 53.50 -4.10
N PRO A 173 -12.64 53.23 -3.50
CA PRO A 173 -12.94 53.97 -2.30
C PRO A 173 -11.97 53.68 -1.14
N SER A 174 -11.25 52.55 -1.18
CA SER A 174 -10.19 52.28 -0.23
C SER A 174 -8.82 52.67 -0.78
N GLY A 175 -8.75 53.43 -1.88
CA GLY A 175 -7.46 53.95 -2.39
C GLY A 175 -6.74 53.06 -3.43
N ILE A 176 -7.38 51.97 -3.85
CA ILE A 176 -6.80 51.02 -4.78
C ILE A 176 -7.04 51.48 -6.20
N TYR A 177 -5.99 51.45 -7.03
CA TYR A 177 -6.10 51.67 -8.47
C TYR A 177 -6.29 50.32 -9.24
N VAL A 178 -7.34 50.24 -10.02
CA VAL A 178 -7.63 49.08 -10.84
C VAL A 178 -7.74 49.52 -12.29
N GLN A 179 -6.82 49.01 -13.12
CA GLN A 179 -6.71 49.39 -14.53
C GLN A 179 -7.03 48.16 -15.38
N ALA A 180 -7.84 48.36 -16.40
CA ALA A 180 -7.94 47.41 -17.49
C ALA A 180 -7.14 47.95 -18.69
N VAL A 181 -6.22 47.12 -19.19
CA VAL A 181 -5.41 47.42 -20.36
C VAL A 181 -5.85 46.48 -21.44
N LEU A 182 -6.23 47.05 -22.58
CA LEU A 182 -6.81 46.31 -23.68
C LEU A 182 -6.00 46.48 -24.98
N PRO A 183 -5.01 45.61 -25.21
CA PRO A 183 -4.28 45.64 -26.47
C PRO A 183 -5.11 45.05 -27.58
N ALA A 184 -4.74 45.37 -28.81
CA ALA A 184 -5.16 44.57 -29.97
C ALA A 184 -3.92 43.78 -30.43
N ALA A 185 -3.86 43.32 -31.66
CA ALA A 185 -2.76 42.44 -32.06
C ALA A 185 -1.41 43.10 -31.77
N THR A 186 -0.55 42.35 -31.04
CA THR A 186 0.74 42.79 -30.53
C THR A 186 1.73 41.64 -30.69
N ARG A 187 3.00 41.96 -30.96
CA ARG A 187 3.97 40.96 -31.44
C ARG A 187 4.61 40.25 -30.25
N THR A 188 3.98 39.15 -29.88
CA THR A 188 4.39 38.32 -28.73
C THR A 188 4.36 36.83 -29.15
N GLU A 189 4.61 35.95 -28.20
CA GLU A 189 4.51 34.50 -28.44
C GLU A 189 3.07 33.91 -28.49
N ILE A 190 2.05 34.73 -28.18
CA ILE A 190 0.67 34.25 -28.12
C ILE A 190 0.20 33.60 -29.44
N TRP A 191 0.64 34.15 -30.56
CA TRP A 191 0.16 33.75 -31.89
C TRP A 191 0.62 32.36 -32.23
N GLY A 192 1.92 32.17 -32.19
CA GLY A 192 2.52 30.83 -32.32
C GLY A 192 2.00 29.82 -31.31
N ARG A 193 1.77 30.25 -30.08
CA ARG A 193 1.19 29.33 -29.09
C ARG A 193 -0.15 28.80 -29.61
N ALA A 194 -0.91 29.64 -30.30
CA ALA A 194 -2.25 29.24 -30.74
C ALA A 194 -2.24 28.62 -32.13
N GLY A 195 -1.05 28.51 -32.76
CA GLY A 195 -0.94 27.92 -34.08
C GLY A 195 -1.27 28.90 -35.20
N ILE A 196 -0.96 30.18 -34.96
CA ILE A 196 -1.16 31.23 -35.94
C ILE A 196 0.18 31.90 -36.24
N ASP A 197 0.40 32.19 -37.50
CA ASP A 197 1.58 32.88 -37.94
C ASP A 197 1.26 34.36 -37.81
N VAL A 198 1.98 35.01 -36.91
CA VAL A 198 1.80 36.42 -36.64
C VAL A 198 2.02 37.30 -37.89
N ASN A 199 2.85 36.83 -38.83
CA ASN A 199 3.15 37.61 -40.04
C ASN A 199 1.98 37.68 -41.03
N THR A 200 0.94 36.85 -40.83
CA THR A 200 -0.29 36.86 -41.67
C THR A 200 -1.34 37.88 -41.19
N LEU A 201 -1.18 38.43 -39.99
CA LEU A 201 -2.10 39.49 -39.50
C LEU A 201 -1.85 40.80 -40.24
N PRO A 202 -2.93 41.49 -40.65
CA PRO A 202 -2.75 42.68 -41.46
C PRO A 202 -1.84 43.66 -40.73
N GLU A 203 -2.12 43.90 -39.47
CA GLU A 203 -1.40 44.86 -38.68
C GLU A 203 -1.16 44.38 -37.26
N VAL A 204 0.04 44.66 -36.75
CA VAL A 204 0.52 44.20 -35.47
C VAL A 204 1.36 45.29 -34.80
N MET A 205 1.14 45.55 -33.50
CA MET A 205 1.86 46.61 -32.78
C MET A 205 3.07 45.99 -32.18
N GLU A 206 4.15 46.76 -32.13
CA GLU A 206 5.34 46.28 -31.43
C GLU A 206 5.06 46.28 -29.94
N VAL A 207 5.59 45.28 -29.26
CA VAL A 207 5.36 45.13 -27.80
C VAL A 207 5.89 46.34 -27.00
N ASP A 208 7.03 46.92 -27.41
CA ASP A 208 7.56 48.15 -26.73
C ASP A 208 6.56 49.28 -26.76
N GLU A 209 5.95 49.50 -27.92
CA GLU A 209 5.02 50.61 -28.09
C GLU A 209 3.71 50.41 -27.29
N LEU A 210 3.19 49.19 -27.26
CA LEU A 210 2.00 48.89 -26.47
C LEU A 210 2.20 49.15 -24.97
N VAL A 211 3.28 48.60 -24.42
CA VAL A 211 3.54 48.72 -23.00
C VAL A 211 3.79 50.19 -22.59
N ASP A 212 4.55 50.91 -23.38
CA ASP A 212 4.77 52.33 -23.10
C ASP A 212 3.45 53.09 -23.14
N ALA A 213 2.60 52.80 -24.11
CA ALA A 213 1.25 53.39 -24.12
C ALA A 213 0.47 53.01 -22.88
N ALA A 214 0.50 51.72 -22.53
CA ALA A 214 -0.20 51.27 -21.33
C ALA A 214 0.26 52.02 -20.10
N LEU A 215 1.55 52.33 -20.05
CA LEU A 215 2.15 52.91 -18.86
C LEU A 215 1.90 54.41 -18.78
N VAL A 216 1.66 55.04 -19.95
CA VAL A 216 1.12 56.40 -19.97
C VAL A 216 -0.27 56.41 -19.30
N GLY A 217 -1.13 55.50 -19.73
CA GLY A 217 -2.39 55.28 -19.05
C GLY A 217 -2.25 55.05 -17.55
N PHE A 218 -1.31 54.19 -17.17
CA PHE A 218 -1.08 53.86 -15.74
C PHE A 218 -0.70 55.12 -14.92
N ASP A 219 0.22 55.92 -15.45
CA ASP A 219 0.67 57.13 -14.78
C ASP A 219 -0.42 58.17 -14.67
N ARG A 220 -1.36 58.20 -15.61
CA ARG A 220 -2.49 59.10 -15.51
C ARG A 220 -3.61 58.49 -14.67
N ARG A 221 -3.41 57.26 -14.22
CA ARG A 221 -4.39 56.58 -13.38
C ARG A 221 -5.70 56.34 -14.16
N GLU A 222 -5.58 56.08 -15.45
CA GLU A 222 -6.71 55.78 -16.31
C GLU A 222 -7.30 54.37 -16.02
N LEU A 223 -8.63 54.27 -16.06
CA LEU A 223 -9.32 53.09 -15.66
C LEU A 223 -9.32 52.07 -16.77
N VAL A 224 -9.67 52.52 -17.97
CA VAL A 224 -9.69 51.64 -19.13
C VAL A 224 -8.81 52.22 -20.23
N THR A 225 -7.77 51.46 -20.57
CA THR A 225 -6.68 51.93 -21.44
C THR A 225 -6.59 51.04 -22.69
N ILE A 226 -6.88 51.65 -23.84
CA ILE A 226 -7.02 50.93 -25.10
C ILE A 226 -6.13 51.59 -26.16
N PRO A 227 -4.84 51.30 -26.10
CA PRO A 227 -3.87 51.98 -26.98
C PRO A 227 -4.20 52.00 -28.49
N PRO A 228 -4.84 50.96 -29.04
CA PRO A 228 -5.05 51.01 -30.47
C PRO A 228 -6.36 51.63 -30.87
N LEU A 229 -7.09 52.21 -29.91
CA LEU A 229 -8.38 52.83 -30.20
C LEU A 229 -8.11 54.26 -30.52
N HIS A 230 -8.24 54.63 -31.78
CA HIS A 230 -7.82 55.96 -32.20
C HIS A 230 -8.81 57.06 -31.86
N VAL A 231 -10.03 56.72 -31.47
CA VAL A 231 -11.03 57.70 -31.03
C VAL A 231 -11.53 57.35 -29.64
N ALA A 232 -10.99 58.06 -28.66
CA ALA A 232 -11.27 57.76 -27.27
C ALA A 232 -12.76 57.76 -26.93
N ALA A 233 -13.51 58.63 -27.56
CA ALA A 233 -14.90 58.80 -27.19
C ALA A 233 -15.78 57.59 -27.53
N ARG A 234 -15.24 56.62 -28.25
CA ARG A 234 -16.01 55.40 -28.50
C ARG A 234 -16.14 54.55 -27.28
N TRP A 235 -15.15 54.62 -26.40
CA TRP A 235 -15.24 53.96 -25.13
C TRP A 235 -16.37 54.57 -24.31
N ASP A 236 -16.36 55.89 -24.13
CA ASP A 236 -17.40 56.56 -23.35
C ASP A 236 -18.77 56.27 -23.89
N ALA A 237 -18.87 56.15 -25.21
CA ALA A 237 -20.17 55.92 -25.85
C ALA A 237 -20.63 54.48 -25.62
N LEU A 238 -19.69 53.54 -25.59
CA LEU A 238 -20.02 52.16 -25.25
C LEU A 238 -20.50 52.08 -23.82
N ASP A 239 -19.76 52.68 -22.91
CA ASP A 239 -20.15 52.68 -21.52
C ASP A 239 -21.48 53.43 -21.25
N GLY A 240 -21.74 54.51 -21.99
CA GLY A 240 -23.00 55.22 -21.90
C GLY A 240 -24.16 54.35 -22.33
N ALA A 241 -24.01 53.64 -23.46
CA ALA A 241 -25.07 52.80 -23.97
C ALA A 241 -25.38 51.66 -22.98
N ARG A 242 -24.33 51.19 -22.31
CA ARG A 242 -24.49 50.17 -21.28
C ARG A 242 -25.33 50.73 -20.17
N GLN A 243 -24.97 51.90 -19.68
CA GLN A 243 -25.80 52.52 -18.63
C GLN A 243 -27.19 52.91 -19.09
N GLY A 244 -27.29 53.37 -20.34
CA GLY A 244 -28.57 53.66 -20.96
C GLY A 244 -29.49 52.44 -20.91
N LEU A 245 -28.95 51.29 -21.29
CA LEU A 245 -29.71 50.04 -21.23
C LEU A 245 -30.16 49.74 -19.79
N MET A 246 -29.22 49.87 -18.84
CA MET A 246 -29.53 49.68 -17.42
C MET A 246 -30.64 50.61 -16.92
N SER A 247 -30.70 51.84 -17.43
CA SER A 247 -31.74 52.77 -16.97
C SER A 247 -33.14 52.37 -17.40
N ASP A 248 -33.27 51.52 -18.43
CA ASP A 248 -34.57 51.09 -18.91
C ASP A 248 -34.91 49.62 -18.55
N ILE A 249 -34.25 49.10 -17.51
CA ILE A 249 -34.62 47.81 -16.93
C ILE A 249 -35.74 48.07 -15.94
N ARG A 250 -36.92 47.47 -16.13
CA ARG A 250 -38.01 47.49 -15.13
C ARG A 250 -38.24 46.00 -14.76
N GLN A 251 -37.84 45.63 -13.54
CA GLN A 251 -37.65 44.23 -13.14
C GLN A 251 -38.86 43.47 -12.69
N ALA A 252 -39.96 44.15 -12.35
CA ALA A 252 -41.15 43.47 -11.79
C ALA A 252 -41.91 42.71 -12.84
N GLN A 253 -41.90 43.23 -14.07
CA GLN A 253 -42.74 42.71 -15.14
C GLN A 253 -41.94 42.59 -16.45
N ALA A 254 -42.21 41.50 -17.19
CA ALA A 254 -41.65 41.32 -18.53
C ALA A 254 -42.20 42.42 -19.46
N ALA A 255 -41.37 42.82 -20.42
CA ALA A 255 -41.74 43.83 -21.37
C ALA A 255 -42.94 43.39 -22.27
N ASP A 256 -43.71 44.38 -22.73
CA ASP A 256 -44.92 44.15 -23.55
C ASP A 256 -44.68 43.22 -24.73
N ARG A 257 -43.54 43.37 -25.41
CA ARG A 257 -43.22 42.52 -26.54
C ARG A 257 -43.10 41.00 -26.25
N TYR A 258 -43.11 40.60 -24.96
CA TYR A 258 -43.04 39.15 -24.58
C TYR A 258 -44.33 38.53 -24.00
N THR B 3 -40.88 13.79 -34.86
CA THR B 3 -40.59 13.65 -33.40
C THR B 3 -39.75 14.84 -32.82
N LEU B 4 -40.26 15.47 -31.76
CA LEU B 4 -39.62 16.65 -31.12
C LEU B 4 -38.30 16.33 -30.39
N PRO B 5 -37.33 17.25 -30.42
CA PRO B 5 -36.03 16.90 -29.84
C PRO B 5 -36.09 16.80 -28.34
N THR B 6 -35.33 15.87 -27.77
CA THR B 6 -35.15 15.81 -26.35
C THR B 6 -34.38 17.07 -25.90
N VAL B 7 -34.76 17.57 -24.73
CA VAL B 7 -34.12 18.76 -24.15
C VAL B 7 -33.32 18.34 -22.94
N LEU B 8 -32.03 18.63 -22.95
CA LEU B 8 -31.22 18.49 -21.72
C LEU B 8 -31.15 19.86 -21.05
N ILE B 9 -31.60 19.91 -19.81
CA ILE B 9 -31.61 21.12 -19.01
C ILE B 9 -30.70 20.96 -17.76
N THR B 10 -29.70 21.83 -17.63
CA THR B 10 -28.90 21.86 -16.40
C THR B 10 -29.55 22.81 -15.39
N GLY B 11 -29.38 22.47 -14.12
CA GLY B 11 -30.02 23.21 -13.04
C GLY B 11 -31.50 23.04 -13.15
N ALA B 12 -31.94 21.82 -13.38
CA ALA B 12 -33.38 21.55 -13.55
C ALA B 12 -34.16 21.34 -12.25
N SER B 13 -33.49 21.28 -11.10
CA SER B 13 -34.15 20.89 -9.87
C SER B 13 -34.99 22.03 -9.26
N SER B 14 -34.71 23.27 -9.61
CA SER B 14 -35.43 24.40 -9.06
C SER B 14 -35.40 25.58 -10.03
N GLY B 15 -36.10 26.65 -9.67
CA GLY B 15 -35.99 27.93 -10.33
C GLY B 15 -36.26 27.90 -11.81
N ILE B 16 -35.45 28.63 -12.54
CA ILE B 16 -35.65 28.81 -13.96
C ILE B 16 -35.55 27.47 -14.71
N GLY B 17 -34.52 26.69 -14.37
CA GLY B 17 -34.37 25.37 -14.94
C GLY B 17 -35.64 24.52 -14.78
N ALA B 18 -36.14 24.42 -13.57
CA ALA B 18 -37.35 23.58 -13.31
C ALA B 18 -38.59 24.05 -14.08
N THR B 19 -38.76 25.36 -14.21
CA THR B 19 -39.88 25.90 -14.99
C THR B 19 -39.70 25.64 -16.50
N TYR B 20 -38.48 25.77 -17.00
CA TYR B 20 -38.17 25.37 -18.38
C TYR B 20 -38.59 23.89 -18.57
N ALA B 21 -38.24 23.02 -17.62
CA ALA B 21 -38.55 21.62 -17.72
C ALA B 21 -40.06 21.38 -17.80
N GLU B 22 -40.79 22.00 -16.89
CA GLU B 22 -42.24 21.91 -16.90
C GLU B 22 -42.79 22.40 -18.26
N ARG B 23 -42.28 23.53 -18.75
CA ARG B 23 -42.80 24.12 -19.96
C ARG B 23 -42.50 23.29 -21.21
N PHE B 24 -41.30 22.75 -21.31
CA PHE B 24 -40.93 21.92 -22.45
C PHE B 24 -41.64 20.56 -22.43
N ALA B 25 -41.88 20.03 -21.23
CA ALA B 25 -42.69 18.81 -21.10
C ALA B 25 -44.13 19.02 -21.60
N ARG B 26 -44.70 20.17 -21.29
CA ARG B 26 -46.04 20.52 -21.77
C ARG B 26 -46.14 20.76 -23.26
N ARG B 27 -45.03 21.12 -23.88
CA ARG B 27 -44.96 21.22 -25.35
C ARG B 27 -44.77 19.86 -26.02
N GLY B 28 -44.50 18.81 -25.26
CA GLY B 28 -44.33 17.46 -25.78
C GLY B 28 -42.91 16.93 -25.92
N HIS B 29 -41.91 17.66 -25.42
CA HIS B 29 -40.53 17.19 -25.51
C HIS B 29 -40.17 16.20 -24.41
N ASP B 30 -39.48 15.13 -24.76
CA ASP B 30 -38.75 14.32 -23.78
C ASP B 30 -37.63 15.15 -23.14
N LEU B 31 -37.21 14.80 -21.92
CA LEU B 31 -36.25 15.66 -21.13
C LEU B 31 -35.17 14.89 -20.42
N VAL B 32 -34.01 15.53 -20.30
CA VAL B 32 -32.98 15.07 -19.42
C VAL B 32 -32.70 16.22 -18.48
N LEU B 33 -32.96 15.95 -17.22
CA LEU B 33 -32.81 16.94 -16.18
C LEU B 33 -31.57 16.70 -15.34
N VAL B 34 -30.72 17.71 -15.25
CA VAL B 34 -29.51 17.56 -14.45
C VAL B 34 -29.34 18.61 -13.35
N ALA B 35 -28.93 18.08 -12.20
CA ALA B 35 -28.54 18.89 -11.03
C ALA B 35 -27.98 17.94 -9.98
N ARG B 36 -27.57 18.48 -8.84
CA ARG B 36 -27.05 17.65 -7.75
C ARG B 36 -28.10 16.91 -6.96
N ASP B 37 -29.25 17.55 -6.72
CA ASP B 37 -30.30 17.01 -5.86
C ASP B 37 -31.12 15.92 -6.60
N LYS B 38 -30.61 14.71 -6.56
CA LYS B 38 -31.24 13.57 -7.22
C LYS B 38 -32.70 13.34 -6.74
N VAL B 39 -32.91 13.43 -5.43
CA VAL B 39 -34.20 13.11 -4.85
C VAL B 39 -35.22 14.10 -5.39
N ARG B 40 -34.83 15.36 -5.51
CA ARG B 40 -35.76 16.39 -5.98
C ARG B 40 -36.01 16.27 -7.46
N LEU B 41 -34.99 15.86 -8.19
CA LEU B 41 -35.12 15.60 -9.63
C LEU B 41 -36.04 14.43 -9.93
N ASP B 42 -35.91 13.35 -9.16
CA ASP B 42 -36.78 12.21 -9.30
C ASP B 42 -38.27 12.57 -9.06
N ALA B 43 -38.57 13.44 -8.09
CA ALA B 43 -39.95 13.82 -7.88
C ALA B 43 -40.46 14.66 -9.05
N LEU B 44 -39.65 15.60 -9.53
CA LEU B 44 -40.04 16.46 -10.62
C LEU B 44 -40.23 15.63 -11.89
N ALA B 45 -39.29 14.74 -12.15
CA ALA B 45 -39.38 13.90 -13.34
C ALA B 45 -40.67 13.07 -13.34
N ALA B 46 -40.99 12.50 -12.17
CA ALA B 46 -42.18 11.68 -12.04
C ALA B 46 -43.39 12.52 -12.30
N ARG B 47 -43.44 13.72 -11.75
CA ARG B 47 -44.58 14.60 -11.99
C ARG B 47 -44.75 14.89 -13.48
N LEU B 48 -43.66 15.19 -14.16
CA LEU B 48 -43.77 15.60 -15.55
C LEU B 48 -44.14 14.40 -16.48
N ARG B 49 -43.62 13.21 -16.17
CA ARG B 49 -43.98 12.00 -16.89
C ARG B 49 -45.49 11.78 -16.75
N ASP B 50 -46.00 11.90 -15.53
CA ASP B 50 -47.41 11.67 -15.24
C ASP B 50 -48.28 12.75 -15.87
N GLU B 51 -48.00 14.01 -15.59
CA GLU B 51 -48.82 15.12 -16.11
C GLU B 51 -48.80 15.25 -17.61
N SER B 52 -47.62 15.09 -18.22
CA SER B 52 -47.44 15.39 -19.64
C SER B 52 -47.20 14.20 -20.56
N GLY B 53 -46.93 13.01 -20.01
CA GLY B 53 -46.79 11.81 -20.83
C GLY B 53 -45.54 11.76 -21.68
N VAL B 54 -44.51 12.55 -21.35
CA VAL B 54 -43.22 12.49 -22.04
C VAL B 54 -42.22 11.67 -21.22
N ALA B 55 -41.14 11.22 -21.86
CA ALA B 55 -40.06 10.57 -21.10
C ALA B 55 -39.22 11.63 -20.40
N VAL B 56 -38.86 11.36 -19.16
CA VAL B 56 -38.04 12.29 -18.38
C VAL B 56 -37.03 11.48 -17.56
N GLU B 57 -35.74 11.76 -17.76
CA GLU B 57 -34.70 11.10 -17.04
C GLU B 57 -34.06 12.08 -16.10
N ALA B 58 -33.86 11.64 -14.87
CA ALA B 58 -33.17 12.43 -13.85
C ALA B 58 -31.71 12.02 -13.78
N LEU B 59 -30.82 12.98 -14.01
CA LEU B 59 -29.41 12.68 -14.11
C LEU B 59 -28.62 13.50 -13.06
N GLN B 60 -28.19 12.83 -11.99
CA GLN B 60 -27.45 13.49 -10.99
C GLN B 60 -26.04 13.95 -11.51
N ALA B 61 -25.65 15.20 -11.23
CA ALA B 61 -24.32 15.67 -11.56
C ALA B 61 -24.00 16.94 -10.84
N ASP B 62 -22.82 16.97 -10.21
CA ASP B 62 -22.25 18.19 -9.70
C ASP B 62 -21.34 18.71 -10.82
N LEU B 63 -21.75 19.76 -11.51
CA LEU B 63 -21.01 20.22 -12.67
C LEU B 63 -19.68 20.89 -12.33
N THR B 64 -19.34 20.99 -11.06
CA THR B 64 -18.05 21.46 -10.63
C THR B 64 -17.15 20.29 -10.28
N ARG B 65 -17.64 19.06 -10.42
CA ARG B 65 -16.82 17.89 -10.16
C ARG B 65 -16.39 17.31 -11.56
N PRO B 66 -15.07 17.23 -11.84
CA PRO B 66 -14.60 16.79 -13.15
C PRO B 66 -15.22 15.51 -13.70
N ALA B 67 -15.34 14.47 -12.85
CA ALA B 67 -15.96 13.19 -13.32
C ALA B 67 -17.45 13.34 -13.72
N ASP B 68 -18.24 14.10 -12.98
CA ASP B 68 -19.67 14.27 -13.28
C ASP B 68 -19.84 15.07 -14.58
N LEU B 69 -19.06 16.14 -14.71
CA LEU B 69 -19.13 16.98 -15.88
C LEU B 69 -18.77 16.16 -17.11
N ALA B 70 -17.72 15.35 -17.01
CA ALA B 70 -17.29 14.51 -18.12
C ALA B 70 -18.42 13.54 -18.51
N ALA B 71 -19.10 12.96 -17.54
CA ALA B 71 -20.23 12.04 -17.83
C ALA B 71 -21.38 12.75 -18.55
N VAL B 72 -21.67 14.02 -18.22
CA VAL B 72 -22.71 14.79 -18.97
C VAL B 72 -22.25 15.12 -20.37
N GLU B 73 -20.96 15.47 -20.52
CA GLU B 73 -20.39 15.71 -21.84
C GLU B 73 -20.62 14.49 -22.70
N ILE B 74 -20.29 13.31 -22.18
CA ILE B 74 -20.43 12.08 -22.93
C ILE B 74 -21.84 11.93 -23.43
N ARG B 75 -22.79 12.08 -22.52
CA ARG B 75 -24.19 11.91 -22.91
C ARG B 75 -24.64 12.90 -24.01
N LEU B 76 -24.20 14.16 -23.91
CA LEU B 76 -24.47 15.13 -24.98
C LEU B 76 -23.82 14.77 -26.34
N ARG B 77 -22.60 14.22 -26.31
CA ARG B 77 -21.90 13.85 -27.54
C ARG B 77 -22.56 12.71 -28.23
N GLU B 78 -23.04 11.75 -27.44
CA GLU B 78 -23.44 10.44 -27.97
C GLU B 78 -24.91 10.27 -28.28
N ASP B 79 -25.79 11.08 -27.68
CA ASP B 79 -27.23 10.84 -27.81
C ASP B 79 -27.85 11.81 -28.81
N ALA B 80 -28.06 11.31 -30.04
CA ALA B 80 -28.63 12.08 -31.15
C ALA B 80 -30.04 12.62 -30.88
N ARG B 81 -30.75 12.05 -29.92
CA ARG B 81 -32.08 12.57 -29.55
C ARG B 81 -32.03 13.95 -28.95
N ILE B 82 -30.93 14.31 -28.28
CA ILE B 82 -30.84 15.61 -27.61
C ILE B 82 -30.53 16.69 -28.63
N GLY B 83 -31.52 17.54 -28.93
CA GLY B 83 -31.39 18.62 -29.89
C GLY B 83 -31.57 20.00 -29.30
N ILE B 84 -31.81 20.09 -27.99
CA ILE B 84 -31.82 21.40 -27.30
C ILE B 84 -31.06 21.32 -25.96
N LEU B 85 -30.08 22.19 -25.78
CA LEU B 85 -29.33 22.28 -24.53
C LEU B 85 -29.69 23.58 -23.83
N ILE B 86 -30.22 23.50 -22.61
CA ILE B 86 -30.41 24.73 -21.79
C ILE B 86 -29.30 24.77 -20.71
N ASN B 87 -28.32 25.62 -20.97
CA ASN B 87 -27.20 25.83 -20.05
C ASN B 87 -27.59 26.82 -18.97
N ASN B 88 -28.38 26.33 -18.04
CA ASN B 88 -29.03 27.18 -17.03
C ASN B 88 -28.35 27.11 -15.65
N ALA B 89 -27.69 25.99 -15.33
CA ALA B 89 -27.08 25.84 -14.00
C ALA B 89 -26.12 26.99 -13.72
N GLY B 90 -26.25 27.60 -12.56
CA GLY B 90 -25.46 28.75 -12.17
C GLY B 90 -25.75 29.22 -10.76
N MET B 91 -24.83 30.01 -10.21
CA MET B 91 -24.97 30.53 -8.83
C MET B 91 -24.48 31.96 -8.86
N ALA B 92 -24.90 32.71 -7.85
CA ALA B 92 -24.45 34.05 -7.70
C ALA B 92 -23.27 34.11 -6.73
N GLN B 93 -22.78 35.31 -6.52
CA GLN B 93 -21.63 35.56 -5.65
C GLN B 93 -22.14 35.90 -4.27
N SER B 94 -21.45 35.36 -3.26
CA SER B 94 -21.81 35.62 -1.89
C SER B 94 -20.78 36.58 -1.27
N GLY B 95 -21.21 37.77 -0.86
CA GLY B 95 -20.30 38.80 -0.33
C GLY B 95 -19.47 39.51 -1.39
N GLY B 96 -18.83 40.61 -1.01
CA GLY B 96 -18.00 41.39 -1.90
C GLY B 96 -16.65 40.75 -2.18
N PHE B 97 -15.85 41.43 -2.98
CA PHE B 97 -14.66 40.85 -3.46
C PHE B 97 -13.69 40.45 -2.37
N VAL B 98 -13.46 41.32 -1.38
CA VAL B 98 -12.50 40.95 -0.32
C VAL B 98 -12.99 39.82 0.54
N GLN B 99 -14.28 39.51 0.57
CA GLN B 99 -14.80 38.42 1.42
C GLN B 99 -14.80 37.10 0.66
N GLN B 100 -14.32 37.09 -0.59
CA GLN B 100 -14.19 35.87 -1.35
C GLN B 100 -13.07 34.96 -0.87
N THR B 101 -13.22 33.71 -1.24
CA THR B 101 -12.29 32.63 -0.93
C THR B 101 -11.75 32.02 -2.26
N ALA B 102 -10.58 31.40 -2.22
CA ALA B 102 -10.06 30.70 -3.37
C ALA B 102 -11.03 29.62 -3.82
N GLU B 103 -11.46 28.77 -2.88
CA GLU B 103 -12.46 27.72 -3.16
C GLU B 103 -13.77 28.29 -3.76
N GLY B 104 -14.26 29.38 -3.21
CA GLY B 104 -15.51 29.99 -3.70
C GLY B 104 -15.42 30.57 -5.11
N ILE B 105 -14.24 31.16 -5.42
CA ILE B 105 -13.97 31.71 -6.73
C ILE B 105 -13.91 30.58 -7.77
N GLU B 106 -13.14 29.56 -7.46
CA GLU B 106 -13.04 28.36 -8.26
C GLU B 106 -14.45 27.84 -8.59
N ARG B 107 -15.28 27.64 -7.57
CA ARG B 107 -16.62 27.10 -7.76
C ARG B 107 -17.48 27.98 -8.64
N LEU B 108 -17.53 29.26 -8.34
CA LEU B 108 -18.39 30.18 -9.08
C LEU B 108 -18.00 30.24 -10.57
N ILE B 109 -16.71 30.38 -10.86
CA ILE B 109 -16.23 30.43 -12.24
C ILE B 109 -16.40 29.07 -12.96
N THR B 110 -16.05 27.98 -12.29
CA THR B 110 -16.21 26.66 -12.90
C THR B 110 -17.65 26.38 -13.30
N LEU B 111 -18.60 26.67 -12.41
CA LEU B 111 -20.00 26.38 -12.73
C LEU B 111 -20.54 27.28 -13.80
N ASN B 112 -20.33 28.58 -13.67
CA ASN B 112 -21.03 29.57 -14.52
C ASN B 112 -20.45 29.75 -15.90
N THR B 113 -19.25 29.20 -16.08
CA THR B 113 -18.40 29.55 -17.21
C THR B 113 -17.80 28.28 -17.81
N THR B 114 -17.00 27.56 -17.05
CA THR B 114 -16.27 26.40 -17.58
C THR B 114 -17.21 25.26 -17.95
N ALA B 115 -18.12 24.92 -17.05
CA ALA B 115 -19.08 23.86 -17.29
C ALA B 115 -19.99 24.20 -18.43
N LEU B 116 -20.55 25.39 -18.40
CA LEU B 116 -21.41 25.91 -19.51
C LEU B 116 -20.76 25.82 -20.87
N THR B 117 -19.51 26.30 -20.95
CA THR B 117 -18.74 26.29 -22.19
C THR B 117 -18.42 24.87 -22.65
N ARG B 118 -18.09 24.00 -21.70
CA ARG B 118 -17.78 22.60 -22.02
C ARG B 118 -18.98 21.76 -22.48
N LEU B 119 -20.17 22.01 -21.91
CA LEU B 119 -21.36 21.33 -22.36
C LEU B 119 -21.73 21.80 -23.77
N ALA B 120 -21.65 23.11 -24.02
CA ALA B 120 -21.87 23.64 -25.35
C ALA B 120 -20.88 23.02 -26.32
N ALA B 121 -19.61 22.90 -25.92
CA ALA B 121 -18.61 22.24 -26.81
C ALA B 121 -18.84 20.76 -26.99
N ALA B 122 -19.53 20.10 -26.05
CA ALA B 122 -19.85 18.69 -26.21
C ALA B 122 -20.94 18.42 -27.27
N VAL B 123 -21.92 19.32 -27.43
CA VAL B 123 -22.95 19.15 -28.48
C VAL B 123 -22.63 19.76 -29.81
N ALA B 124 -21.78 20.79 -29.83
CA ALA B 124 -21.62 21.55 -31.08
C ALA B 124 -21.20 20.72 -32.28
N PRO B 125 -20.27 19.77 -32.10
CA PRO B 125 -19.78 19.03 -33.28
C PRO B 125 -20.91 18.21 -33.88
N ARG B 126 -21.67 17.54 -33.03
CA ARG B 126 -22.79 16.71 -33.46
C ARG B 126 -23.92 17.56 -34.09
N PHE B 127 -24.19 18.71 -33.48
CA PHE B 127 -25.13 19.68 -34.05
C PHE B 127 -24.71 20.18 -35.42
N VAL B 128 -23.43 20.55 -35.57
CA VAL B 128 -22.88 20.91 -36.88
C VAL B 128 -23.07 19.78 -37.93
N GLN B 129 -22.73 18.55 -37.55
CA GLN B 129 -22.92 17.40 -38.44
C GLN B 129 -24.39 17.22 -38.85
N SER B 130 -25.33 17.35 -37.93
CA SER B 130 -26.75 17.15 -38.25
C SER B 130 -27.41 18.36 -38.95
N GLY B 131 -26.72 19.51 -38.93
CA GLY B 131 -27.28 20.72 -39.52
C GLY B 131 -28.42 21.34 -38.74
N THR B 132 -28.59 20.92 -37.49
CA THR B 132 -29.64 21.44 -36.63
C THR B 132 -29.27 21.34 -35.14
N GLY B 133 -30.00 22.07 -34.31
CA GLY B 133 -29.76 22.08 -32.86
C GLY B 133 -29.96 23.45 -32.26
N ALA B 134 -30.09 23.49 -30.93
CA ALA B 134 -30.29 24.76 -30.22
C ALA B 134 -29.53 24.75 -28.90
N ILE B 135 -28.86 25.86 -28.63
CA ILE B 135 -28.17 26.10 -27.39
C ILE B 135 -28.70 27.40 -26.76
N VAL B 136 -29.30 27.28 -25.58
CA VAL B 136 -29.82 28.40 -24.82
C VAL B 136 -28.95 28.60 -23.58
N ASN B 137 -28.25 29.71 -23.53
CA ASN B 137 -27.36 30.05 -22.46
C ASN B 137 -28.05 31.11 -21.59
N ILE B 138 -28.09 30.89 -20.29
CA ILE B 138 -28.69 31.88 -19.36
C ILE B 138 -27.58 32.84 -18.85
N GLY B 139 -27.61 34.07 -19.31
CA GLY B 139 -26.74 35.10 -18.81
C GLY B 139 -27.41 35.88 -17.71
N SER B 140 -27.16 37.17 -17.63
CA SER B 140 -27.84 38.04 -16.67
C SER B 140 -27.64 39.49 -17.00
N VAL B 141 -28.63 40.28 -16.63
CA VAL B 141 -28.57 41.73 -16.71
C VAL B 141 -27.43 42.23 -15.86
N VAL B 142 -27.06 41.48 -14.84
CA VAL B 142 -25.93 41.89 -14.01
C VAL B 142 -24.65 41.98 -14.81
N GLY B 143 -24.59 41.32 -15.96
CA GLY B 143 -23.41 41.38 -16.86
C GLY B 143 -23.29 42.70 -17.59
N PHE B 144 -24.30 43.53 -17.42
CA PHE B 144 -24.26 44.94 -17.86
C PHE B 144 -24.03 45.90 -16.69
N ALA B 145 -23.80 45.39 -15.49
CA ALA B 145 -23.87 46.24 -14.28
C ALA B 145 -22.79 46.01 -13.20
N PRO B 146 -21.55 46.47 -13.47
CA PRO B 146 -20.51 46.47 -12.46
C PRO B 146 -20.96 47.22 -11.19
N GLU B 147 -21.88 48.17 -11.34
CA GLU B 147 -22.48 48.92 -10.22
C GLU B 147 -23.25 48.04 -9.24
N PHE B 148 -23.73 46.89 -9.67
CA PHE B 148 -24.58 46.06 -8.82
C PHE B 148 -23.76 45.50 -7.67
N GLY B 149 -22.44 45.42 -7.86
CA GLY B 149 -21.57 45.02 -6.76
C GLY B 149 -21.13 43.55 -6.69
N MET B 150 -21.53 42.72 -7.65
CA MET B 150 -21.08 41.32 -7.73
C MET B 150 -20.08 41.17 -8.87
N SER B 151 -18.83 41.54 -8.59
CA SER B 151 -17.84 41.75 -9.63
C SER B 151 -17.45 40.49 -10.35
N ILE B 152 -17.35 39.39 -9.60
CA ILE B 152 -17.00 38.11 -10.22
C ILE B 152 -18.22 37.52 -10.95
N TYR B 153 -19.38 37.50 -10.29
CA TYR B 153 -20.56 36.87 -10.86
C TYR B 153 -20.95 37.59 -12.13
N GLY B 154 -20.91 38.89 -12.06
CA GLY B 154 -21.22 39.70 -13.22
C GLY B 154 -20.23 39.42 -14.33
N ALA B 155 -18.97 39.25 -13.99
CA ALA B 155 -17.96 38.91 -15.00
C ALA B 155 -18.29 37.59 -15.68
N THR B 156 -18.75 36.59 -14.91
CA THR B 156 -19.08 35.33 -15.50
C THR B 156 -20.25 35.51 -16.48
N LYS B 157 -21.14 36.44 -16.19
CA LYS B 157 -22.29 36.68 -17.05
C LYS B 157 -21.98 37.54 -18.31
N ALA B 158 -21.02 38.45 -18.21
CA ALA B 158 -20.42 39.08 -19.41
C ALA B 158 -19.82 37.99 -20.28
N PHE B 159 -19.17 36.98 -19.66
CA PHE B 159 -18.59 35.88 -20.38
C PHE B 159 -19.66 35.17 -21.20
N VAL B 160 -20.76 34.83 -20.52
CA VAL B 160 -21.83 34.04 -21.13
C VAL B 160 -22.48 34.77 -22.29
N LEU B 161 -22.70 36.06 -22.14
CA LEU B 161 -23.22 36.85 -23.28
C LEU B 161 -22.27 36.82 -24.45
N PHE B 162 -21.03 37.17 -24.21
CA PHE B 162 -20.03 37.15 -25.30
C PHE B 162 -19.89 35.79 -25.99
N LEU B 163 -19.74 34.73 -25.21
CA LEU B 163 -19.69 33.38 -25.77
C LEU B 163 -20.88 33.11 -26.65
N SER B 164 -22.07 33.51 -26.19
CA SER B 164 -23.27 33.30 -26.94
C SER B 164 -23.20 34.03 -28.29
N GLN B 165 -22.78 35.29 -28.26
CA GLN B 165 -22.69 36.03 -29.51
C GLN B 165 -21.74 35.35 -30.48
N GLY B 166 -20.59 34.92 -29.96
CA GLY B 166 -19.56 34.27 -30.76
C GLY B 166 -20.03 32.96 -31.32
N LEU B 167 -20.73 32.18 -30.51
CA LEU B 167 -21.25 30.89 -30.97
C LEU B 167 -22.30 31.06 -32.05
N ASN B 168 -23.11 32.09 -31.95
CA ASN B 168 -24.09 32.35 -32.98
C ASN B 168 -23.42 32.55 -34.34
N LEU B 169 -22.37 33.37 -34.39
CA LEU B 169 -21.70 33.65 -35.64
C LEU B 169 -20.96 32.41 -36.19
N GLU B 170 -20.36 31.61 -35.31
CA GLU B 170 -19.67 30.40 -35.71
C GLU B 170 -20.60 29.29 -36.13
N LEU B 171 -21.80 29.17 -35.50
CA LEU B 171 -22.61 27.99 -35.65
C LEU B 171 -23.91 28.16 -36.43
N SER B 172 -24.48 29.36 -36.49
CA SER B 172 -25.72 29.53 -37.25
C SER B 172 -25.55 29.23 -38.75
N PRO B 173 -24.35 29.47 -39.30
CA PRO B 173 -24.19 29.04 -40.69
C PRO B 173 -24.33 27.52 -40.91
N SER B 174 -24.17 26.70 -39.87
CA SER B 174 -24.50 25.30 -39.94
C SER B 174 -25.91 24.98 -39.43
N GLY B 175 -26.77 25.97 -39.22
CA GLY B 175 -28.20 25.74 -38.87
C GLY B 175 -28.50 25.70 -37.38
N ILE B 176 -27.48 25.99 -36.55
CA ILE B 176 -27.65 25.95 -35.09
C ILE B 176 -28.23 27.29 -34.60
N TYR B 177 -29.25 27.23 -33.74
CA TYR B 177 -29.74 28.39 -33.00
C TYR B 177 -29.02 28.56 -31.62
N VAL B 178 -28.45 29.73 -31.39
CA VAL B 178 -27.80 30.05 -30.14
C VAL B 178 -28.44 31.29 -29.56
N GLN B 179 -29.07 31.12 -28.40
CA GLN B 179 -29.81 32.18 -27.73
C GLN B 179 -29.11 32.55 -26.42
N ALA B 180 -28.97 33.85 -26.17
CA ALA B 180 -28.64 34.32 -24.84
C ALA B 180 -29.92 34.89 -24.19
N VAL B 181 -30.26 34.35 -23.02
CA VAL B 181 -31.40 34.78 -22.22
C VAL B 181 -30.85 35.48 -21.00
N LEU B 182 -31.28 36.73 -20.81
CA LEU B 182 -30.74 37.60 -19.78
C LEU B 182 -31.83 38.07 -18.82
N PRO B 183 -32.10 37.30 -17.77
CA PRO B 183 -33.05 37.76 -16.76
C PRO B 183 -32.44 38.87 -15.90
N ALA B 184 -33.31 39.63 -15.22
CA ALA B 184 -32.88 40.41 -14.04
C ALA B 184 -33.45 39.69 -12.81
N ALA B 185 -33.59 40.37 -11.68
CA ALA B 185 -33.96 39.68 -10.47
C ALA B 185 -35.29 38.86 -10.67
N THR B 186 -35.21 37.58 -10.32
CA THR B 186 -36.24 36.57 -10.55
C THR B 186 -36.31 35.66 -9.33
N ARG B 187 -37.52 35.19 -8.99
CA ARG B 187 -37.76 34.58 -7.67
C ARG B 187 -37.42 33.10 -7.70
N THR B 188 -36.16 32.80 -7.35
CA THR B 188 -35.59 31.44 -7.40
C THR B 188 -34.78 31.23 -6.12
N GLU B 189 -34.10 30.09 -6.04
CA GLU B 189 -33.23 29.78 -4.89
C GLU B 189 -31.84 30.47 -4.91
N ILE B 190 -31.50 31.18 -5.99
CA ILE B 190 -30.20 31.81 -6.12
C ILE B 190 -29.87 32.81 -4.99
N TRP B 191 -30.88 33.53 -4.51
CA TRP B 191 -30.70 34.60 -3.54
C TRP B 191 -30.31 34.04 -2.18
N GLY B 192 -31.13 33.15 -1.67
CA GLY B 192 -30.79 32.43 -0.45
C GLY B 192 -29.49 31.62 -0.55
N ARG B 193 -29.19 31.04 -1.70
CA ARG B 193 -27.89 30.41 -1.85
C ARG B 193 -26.78 31.38 -1.55
N ALA B 194 -26.93 32.63 -1.99
CA ALA B 194 -25.86 33.61 -1.84
C ALA B 194 -25.93 34.35 -0.52
N GLY B 195 -26.92 34.04 0.34
CA GLY B 195 -27.07 34.72 1.63
C GLY B 195 -27.78 36.06 1.54
N ILE B 196 -28.69 36.17 0.57
CA ILE B 196 -29.51 37.35 0.36
C ILE B 196 -30.99 37.01 0.50
N ASP B 197 -31.75 37.89 1.16
CA ASP B 197 -33.15 37.72 1.34
C ASP B 197 -33.78 38.35 0.14
N VAL B 198 -34.40 37.52 -0.67
CA VAL B 198 -35.05 37.94 -1.90
C VAL B 198 -36.12 38.99 -1.66
N ASN B 199 -36.75 38.97 -0.48
CA ASN B 199 -37.82 39.96 -0.16
C ASN B 199 -37.30 41.41 0.05
N THR B 200 -35.97 41.62 0.20
CA THR B 200 -35.34 42.95 0.31
C THR B 200 -35.05 43.62 -1.04
N LEU B 201 -35.14 42.88 -2.14
CA LEU B 201 -34.97 43.44 -3.47
C LEU B 201 -36.18 44.32 -3.84
N PRO B 202 -35.93 45.52 -4.38
CA PRO B 202 -37.03 46.39 -4.71
C PRO B 202 -38.08 45.68 -5.56
N GLU B 203 -37.65 45.02 -6.62
CA GLU B 203 -38.53 44.36 -7.55
C GLU B 203 -37.95 43.03 -8.06
N VAL B 204 -38.83 42.05 -8.17
CA VAL B 204 -38.49 40.67 -8.51
C VAL B 204 -39.56 40.05 -9.41
N MET B 205 -39.15 39.38 -10.48
CA MET B 205 -40.09 38.83 -11.46
C MET B 205 -40.41 37.44 -11.03
N GLU B 206 -41.65 37.02 -11.27
CA GLU B 206 -42.01 35.64 -11.00
C GLU B 206 -41.33 34.73 -12.04
N VAL B 207 -40.85 33.58 -11.59
CA VAL B 207 -40.15 32.64 -12.49
C VAL B 207 -41.03 32.21 -13.69
N ASP B 208 -42.33 32.01 -13.49
CA ASP B 208 -43.25 31.64 -14.60
C ASP B 208 -43.23 32.68 -15.70
N GLU B 209 -43.28 33.95 -15.31
CA GLU B 209 -43.34 35.03 -16.28
C GLU B 209 -42.02 35.18 -17.06
N LEU B 210 -40.89 35.03 -16.39
CA LEU B 210 -39.61 35.10 -17.04
C LEU B 210 -39.43 34.01 -18.12
N VAL B 211 -39.69 32.77 -17.73
CA VAL B 211 -39.52 31.64 -18.64
C VAL B 211 -40.47 31.74 -19.84
N ASP B 212 -41.71 32.13 -19.60
CA ASP B 212 -42.65 32.30 -20.72
C ASP B 212 -42.17 33.40 -21.65
N ALA B 213 -41.68 34.50 -21.11
CA ALA B 213 -41.05 35.54 -21.94
C ALA B 213 -39.87 34.99 -22.71
N ALA B 214 -39.02 34.24 -22.03
CA ALA B 214 -37.82 33.69 -22.68
C ALA B 214 -38.22 32.80 -23.83
N LEU B 215 -39.34 32.11 -23.67
CA LEU B 215 -39.77 31.10 -24.66
C LEU B 215 -40.47 31.74 -25.84
N VAL B 216 -41.02 32.93 -25.63
CA VAL B 216 -41.49 33.76 -26.74
C VAL B 216 -40.26 34.11 -27.58
N GLY B 217 -39.21 34.60 -26.94
CA GLY B 217 -37.96 34.86 -27.63
C GLY B 217 -37.47 33.63 -28.40
N PHE B 218 -37.48 32.47 -27.74
CA PHE B 218 -36.99 31.23 -28.31
C PHE B 218 -37.78 30.87 -29.59
N ASP B 219 -39.10 30.97 -29.53
CA ASP B 219 -39.96 30.67 -30.67
C ASP B 219 -39.79 31.65 -31.84
N ARG B 220 -39.40 32.88 -31.55
CA ARG B 220 -39.09 33.83 -32.61
C ARG B 220 -37.66 33.70 -33.07
N ARG B 221 -36.90 32.81 -32.42
CA ARG B 221 -35.51 32.58 -32.79
C ARG B 221 -34.67 33.86 -32.56
N GLU B 222 -35.01 34.60 -31.52
CA GLU B 222 -34.27 35.77 -31.11
C GLU B 222 -32.87 35.40 -30.49
N LEU B 223 -31.86 36.21 -30.82
CA LEU B 223 -30.52 35.91 -30.43
C LEU B 223 -30.26 36.33 -29.01
N VAL B 224 -30.66 37.56 -28.67
CA VAL B 224 -30.47 38.07 -27.32
C VAL B 224 -31.79 38.52 -26.75
N THR B 225 -32.22 37.86 -25.68
CA THR B 225 -33.57 37.98 -25.12
C THR B 225 -33.49 38.48 -23.66
N ILE B 226 -33.99 39.70 -23.45
CA ILE B 226 -33.87 40.42 -22.20
C ILE B 226 -35.25 40.85 -21.72
N PRO B 227 -36.00 39.92 -21.13
CA PRO B 227 -37.38 40.18 -20.74
C PRO B 227 -37.63 41.44 -19.90
N PRO B 228 -36.73 41.81 -19.00
CA PRO B 228 -37.02 43.00 -18.22
C PRO B 228 -36.56 44.31 -18.82
N LEU B 229 -36.09 44.30 -20.07
CA LEU B 229 -35.64 45.52 -20.74
C LEU B 229 -36.81 46.10 -21.44
N HIS B 230 -37.35 47.18 -20.93
CA HIS B 230 -38.58 47.71 -21.46
C HIS B 230 -38.44 48.48 -22.78
N VAL B 231 -37.21 48.84 -23.17
CA VAL B 231 -36.95 49.49 -24.46
C VAL B 231 -35.94 48.67 -25.24
N ALA B 232 -36.45 47.90 -26.18
CA ALA B 232 -35.62 46.99 -26.95
C ALA B 232 -34.44 47.67 -27.62
N ALA B 233 -34.62 48.89 -28.07
CA ALA B 233 -33.59 49.52 -28.89
C ALA B 233 -32.31 49.84 -28.10
N ARG B 234 -32.35 49.69 -26.79
CA ARG B 234 -31.13 49.90 -26.00
C ARG B 234 -30.13 48.80 -26.21
N TRP B 235 -30.61 47.60 -26.50
CA TRP B 235 -29.75 46.52 -26.89
C TRP B 235 -29.04 46.82 -28.21
N ASP B 236 -29.80 47.17 -29.24
CA ASP B 236 -29.22 47.54 -30.56
C ASP B 236 -28.21 48.68 -30.44
N ALA B 237 -28.49 49.62 -29.56
CA ALA B 237 -27.60 50.77 -29.39
C ALA B 237 -26.32 50.37 -28.66
N LEU B 238 -26.42 49.44 -27.71
CA LEU B 238 -25.21 48.91 -27.05
C LEU B 238 -24.36 48.15 -28.08
N ASP B 239 -24.99 47.29 -28.85
CA ASP B 239 -24.27 46.51 -29.85
C ASP B 239 -23.67 47.40 -30.96
N GLY B 240 -24.38 48.48 -31.32
CA GLY B 240 -23.85 49.45 -32.28
C GLY B 240 -22.61 50.16 -31.77
N ALA B 241 -22.66 50.62 -30.52
CA ALA B 241 -21.53 51.32 -29.93
C ALA B 241 -20.31 50.40 -29.86
N ARG B 242 -20.55 49.13 -29.59
CA ARG B 242 -19.49 48.13 -29.59
C ARG B 242 -18.86 48.07 -30.95
N GLN B 243 -19.68 47.93 -31.98
CA GLN B 243 -19.14 47.91 -33.36
C GLN B 243 -18.53 49.22 -33.77
N GLY B 244 -19.09 50.31 -33.29
CA GLY B 244 -18.56 51.63 -33.53
C GLY B 244 -17.14 51.71 -33.01
N LEU B 245 -16.95 51.22 -31.78
CA LEU B 245 -15.62 51.22 -31.18
C LEU B 245 -14.65 50.38 -32.05
N MET B 246 -15.11 49.20 -32.46
CA MET B 246 -14.32 48.33 -33.32
C MET B 246 -13.93 48.99 -34.63
N SER B 247 -14.81 49.82 -35.19
CA SER B 247 -14.47 50.49 -36.45
C SER B 247 -13.33 51.50 -36.33
N ASP B 248 -13.02 51.98 -35.11
CA ASP B 248 -11.96 52.96 -34.91
C ASP B 248 -10.72 52.36 -34.22
N ILE B 249 -10.57 51.04 -34.29
CA ILE B 249 -9.32 50.38 -33.89
C ILE B 249 -8.33 50.43 -35.08
N ARG B 250 -7.17 51.05 -34.89
CA ARG B 250 -6.05 51.02 -35.88
C ARG B 250 -4.88 50.37 -35.15
N GLN B 251 -4.56 49.13 -35.54
CA GLN B 251 -3.75 48.22 -34.75
C GLN B 251 -2.23 48.35 -34.87
N ALA B 252 -1.73 49.01 -35.92
CA ALA B 252 -0.28 49.12 -36.13
C ALA B 252 0.37 50.08 -35.19
N GLN B 253 -0.35 51.14 -34.82
CA GLN B 253 0.22 52.26 -34.06
C GLN B 253 -0.68 52.60 -32.86
N ALA B 254 -0.05 52.93 -31.73
CA ALA B 254 -0.77 53.48 -30.58
C ALA B 254 -1.36 54.87 -30.90
N ALA B 255 -2.49 55.18 -30.29
CA ALA B 255 -3.18 56.44 -30.51
C ALA B 255 -2.33 57.64 -30.04
N ASP B 256 -2.54 58.79 -30.68
CA ASP B 256 -1.78 60.02 -30.40
C ASP B 256 -1.74 60.37 -28.91
N ARG B 257 -2.88 60.19 -28.22
CA ARG B 257 -2.95 60.50 -26.80
C ARG B 257 -2.01 59.67 -25.89
N TYR B 258 -1.38 58.62 -26.43
CA TYR B 258 -0.45 57.81 -25.66
C TYR B 258 0.98 58.01 -26.16
N ARG B 259 1.15 58.97 -27.07
CA ARG B 259 2.27 59.18 -27.96
C ARG B 259 2.73 57.85 -28.50
N THR C 2 -52.88 36.31 23.51
CA THR C 2 -53.14 35.06 22.79
C THR C 2 -52.62 35.18 21.36
N THR C 3 -51.37 35.65 21.18
CA THR C 3 -50.58 35.40 19.96
C THR C 3 -50.76 33.90 19.67
N LEU C 4 -51.04 33.52 18.41
CA LEU C 4 -51.05 32.11 17.97
C LEU C 4 -49.66 31.46 18.17
N PRO C 5 -49.62 30.17 18.56
CA PRO C 5 -48.32 29.56 18.87
C PRO C 5 -47.42 29.39 17.63
N THR C 6 -46.12 29.60 17.78
CA THR C 6 -45.22 29.31 16.72
C THR C 6 -45.23 27.78 16.52
N VAL C 7 -45.11 27.36 15.27
CA VAL C 7 -45.04 25.97 14.94
C VAL C 7 -43.63 25.66 14.50
N LEU C 8 -43.01 24.68 15.14
CA LEU C 8 -41.79 24.06 14.59
C LEU C 8 -42.14 22.81 13.83
N ILE C 9 -41.70 22.78 12.61
CA ILE C 9 -41.97 21.64 11.70
C ILE C 9 -40.65 21.01 11.24
N THR C 10 -40.49 19.71 11.47
CA THR C 10 -39.36 18.96 10.88
C THR C 10 -39.75 18.35 9.56
N GLY C 11 -38.75 18.22 8.70
CA GLY C 11 -38.96 17.88 7.28
C GLY C 11 -39.80 18.91 6.56
N ALA C 12 -39.50 20.19 6.74
CA ALA C 12 -40.30 21.24 6.15
C ALA C 12 -39.95 21.62 4.72
N SER C 13 -38.88 21.05 4.17
CA SER C 13 -38.37 21.49 2.87
C SER C 13 -39.15 20.92 1.68
N SER C 14 -39.86 19.81 1.87
CA SER C 14 -40.65 19.25 0.82
C SER C 14 -41.86 18.50 1.38
N GLY C 15 -42.72 18.01 0.47
CA GLY C 15 -43.74 17.05 0.81
C GLY C 15 -44.73 17.51 1.90
N ILE C 16 -45.04 16.61 2.83
CA ILE C 16 -46.04 16.86 3.83
C ILE C 16 -45.64 17.98 4.77
N GLY C 17 -44.39 17.97 5.20
CA GLY C 17 -43.86 19.07 6.00
C GLY C 17 -44.09 20.43 5.32
N ALA C 18 -43.73 20.56 4.05
CA ALA C 18 -43.77 21.89 3.35
C ALA C 18 -45.19 22.39 3.20
N THR C 19 -46.13 21.46 2.99
CA THR C 19 -47.55 21.82 2.88
C THR C 19 -48.12 22.21 4.24
N TYR C 20 -47.71 21.51 5.29
CA TYR C 20 -48.08 21.92 6.66
C TYR C 20 -47.61 23.35 6.90
N ALA C 21 -46.38 23.64 6.50
CA ALA C 21 -45.81 24.97 6.69
C ALA C 21 -46.63 26.01 5.97
N GLU C 22 -46.93 25.76 4.70
CA GLU C 22 -47.75 26.67 3.92
C GLU C 22 -49.10 26.87 4.61
N ARG C 23 -49.69 25.79 5.09
CA ARG C 23 -51.04 25.87 5.65
C ARG C 23 -51.08 26.61 7.00
N PHE C 24 -50.10 26.35 7.88
CA PHE C 24 -50.04 27.03 9.16
C PHE C 24 -49.70 28.52 8.98
N ALA C 25 -48.88 28.84 7.99
CA ALA C 25 -48.59 30.23 7.70
C ALA C 25 -49.86 30.96 7.29
N ARG C 26 -50.68 30.32 6.47
CA ARG C 26 -51.95 30.91 6.03
C ARG C 26 -52.99 31.07 7.14
N ARG C 27 -52.87 30.28 8.20
CA ARG C 27 -53.69 30.46 9.40
C ARG C 27 -53.16 31.53 10.32
N GLY C 28 -51.96 32.06 10.03
CA GLY C 28 -51.40 33.15 10.83
C GLY C 28 -50.32 32.80 11.83
N HIS C 29 -49.85 31.56 11.83
CA HIS C 29 -48.80 31.15 12.76
C HIS C 29 -47.39 31.52 12.26
N ASP C 30 -46.57 32.08 13.14
CA ASP C 30 -45.11 32.10 12.92
C ASP C 30 -44.55 30.65 12.87
N LEU C 31 -43.42 30.46 12.18
CA LEU C 31 -42.91 29.10 11.92
C LEU C 31 -41.39 28.94 12.15
N VAL C 32 -41.00 27.73 12.54
CA VAL C 32 -39.63 27.33 12.47
C VAL C 32 -39.56 26.06 11.62
N LEU C 33 -38.89 26.19 10.48
CA LEU C 33 -38.80 25.12 9.51
C LEU C 33 -37.44 24.42 9.58
N VAL C 34 -37.43 23.11 9.79
CA VAL C 34 -36.22 22.40 9.84
C VAL C 34 -36.10 21.23 8.88
N ALA C 35 -34.92 21.16 8.25
CA ALA C 35 -34.51 20.09 7.34
C ALA C 35 -33.02 20.30 6.96
N ARG C 36 -32.47 19.41 6.15
CA ARG C 36 -31.08 19.57 5.72
C ARG C 36 -30.86 20.59 4.64
N ASP C 37 -31.79 20.70 3.71
CA ASP C 37 -31.61 21.56 2.53
C ASP C 37 -31.89 23.05 2.88
N LYS C 38 -30.87 23.73 3.39
CA LYS C 38 -30.99 25.13 3.81
C LYS C 38 -31.47 26.06 2.65
N VAL C 39 -30.91 25.86 1.48
CA VAL C 39 -31.16 26.70 0.38
C VAL C 39 -32.64 26.62 0.02
N ARG C 40 -33.18 25.40 0.05
CA ARG C 40 -34.58 25.22 -0.30
C ARG C 40 -35.51 25.79 0.81
N LEU C 41 -35.07 25.69 2.05
CA LEU C 41 -35.81 26.25 3.18
C LEU C 41 -35.89 27.74 3.12
N ASP C 42 -34.78 28.37 2.76
CA ASP C 42 -34.73 29.82 2.65
C ASP C 42 -35.63 30.37 1.56
N ALA C 43 -35.73 29.69 0.42
CA ALA C 43 -36.73 30.09 -0.61
C ALA C 43 -38.19 29.93 -0.11
N LEU C 44 -38.48 28.82 0.58
CA LEU C 44 -39.81 28.58 1.12
C LEU C 44 -40.15 29.63 2.20
N ALA C 45 -39.22 29.83 3.13
CA ALA C 45 -39.46 30.76 4.20
C ALA C 45 -39.74 32.13 3.64
N ALA C 46 -38.96 32.53 2.64
CA ALA C 46 -39.16 33.84 2.00
C ALA C 46 -40.54 33.92 1.35
N ARG C 47 -40.97 32.88 0.66
CA ARG C 47 -42.29 32.88 0.06
C ARG C 47 -43.40 33.03 1.12
N LEU C 48 -43.30 32.29 2.22
CA LEU C 48 -44.35 32.32 3.23
C LEU C 48 -44.38 33.64 4.03
N ARG C 49 -43.21 34.23 4.32
CA ARG C 49 -43.12 35.56 4.90
C ARG C 49 -43.82 36.57 4.01
N ASP C 50 -43.53 36.52 2.71
CA ASP C 50 -44.10 37.47 1.74
C ASP C 50 -45.59 37.25 1.57
N GLU C 51 -45.99 36.03 1.24
CA GLU C 51 -47.41 35.73 1.00
C GLU C 51 -48.30 35.93 2.21
N SER C 52 -47.84 35.49 3.38
CA SER C 52 -48.69 35.42 4.55
C SER C 52 -48.37 36.41 5.66
N GLY C 53 -47.24 37.09 5.59
CA GLY C 53 -46.90 38.10 6.60
C GLY C 53 -46.58 37.59 7.99
N VAL C 54 -46.20 36.33 8.11
CA VAL C 54 -45.77 35.77 9.39
C VAL C 54 -44.24 35.69 9.45
N ALA C 55 -43.69 35.55 10.65
CA ALA C 55 -42.26 35.30 10.76
C ALA C 55 -42.00 33.83 10.41
N VAL C 56 -40.95 33.59 9.65
CA VAL C 56 -40.52 32.25 9.34
C VAL C 56 -38.98 32.19 9.43
N GLU C 57 -38.49 31.26 10.21
CA GLU C 57 -37.11 31.01 10.30
C GLU C 57 -36.77 29.72 9.68
N ALA C 58 -35.70 29.72 8.88
CA ALA C 58 -35.17 28.49 8.30
C ALA C 58 -34.03 27.95 9.16
N LEU C 59 -34.15 26.73 9.66
CA LEU C 59 -33.18 26.16 10.57
C LEU C 59 -32.60 24.85 9.97
N GLN C 60 -31.38 24.93 9.49
CA GLN C 60 -30.72 23.74 8.96
C GLN C 60 -30.41 22.68 10.05
N ALA C 61 -30.75 21.40 9.81
CA ALA C 61 -30.39 20.36 10.74
C ALA C 61 -30.53 19.02 10.11
N ASP C 62 -29.50 18.21 10.31
CA ASP C 62 -29.54 16.85 9.91
C ASP C 62 -29.88 16.16 11.18
N LEU C 63 -31.12 15.69 11.31
CA LEU C 63 -31.59 15.09 12.59
C LEU C 63 -30.99 13.71 12.87
N THR C 64 -30.09 13.22 12.00
CA THR C 64 -29.32 12.03 12.30
C THR C 64 -27.92 12.38 12.72
N ARG C 65 -27.61 13.66 12.80
CA ARG C 65 -26.29 14.09 13.33
C ARG C 65 -26.43 14.60 14.78
N PRO C 66 -25.75 13.96 15.72
CA PRO C 66 -25.99 14.28 17.15
C PRO C 66 -25.95 15.77 17.53
N ALA C 67 -24.97 16.50 17.00
CA ALA C 67 -24.91 17.96 17.29
C ALA C 67 -26.11 18.77 16.76
N ASP C 68 -26.60 18.45 15.56
CA ASP C 68 -27.76 19.18 14.97
C ASP C 68 -29.05 18.88 15.74
N LEU C 69 -29.22 17.62 16.12
CA LEU C 69 -30.39 17.21 16.85
C LEU C 69 -30.38 17.89 18.20
N ALA C 70 -29.22 17.91 18.85
CA ALA C 70 -29.10 18.57 20.17
C ALA C 70 -29.45 20.05 20.06
N ALA C 71 -29.02 20.68 18.98
CA ALA C 71 -29.36 22.13 18.79
C ALA C 71 -30.86 22.35 18.62
N VAL C 72 -31.56 21.47 17.92
CA VAL C 72 -33.01 21.60 17.79
C VAL C 72 -33.73 21.33 19.12
N GLU C 73 -33.27 20.30 19.85
CA GLU C 73 -33.76 20.06 21.21
C GLU C 73 -33.67 21.35 22.06
N ILE C 74 -32.49 21.96 22.11
CA ILE C 74 -32.30 23.18 22.87
C ILE C 74 -33.40 24.19 22.50
N ARG C 75 -33.57 24.43 21.23
CA ARG C 75 -34.51 25.48 20.80
C ARG C 75 -35.93 25.17 21.24
N LEU C 76 -36.32 23.90 21.15
CA LEU C 76 -37.60 23.49 21.65
C LEU C 76 -37.74 23.66 23.18
N ARG C 77 -36.68 23.36 23.94
CA ARG C 77 -36.73 23.47 25.40
C ARG C 77 -36.85 24.92 25.86
N GLU C 78 -36.17 25.80 25.18
CA GLU C 78 -36.02 27.15 25.58
C GLU C 78 -36.99 28.17 25.05
N ASP C 79 -37.60 27.95 23.91
CA ASP C 79 -38.41 28.99 23.28
C ASP C 79 -39.93 28.78 23.54
N ALA C 80 -40.47 29.57 24.47
CA ALA C 80 -41.86 29.46 24.93
C ALA C 80 -42.85 29.73 23.84
N ARG C 81 -42.41 30.43 22.82
CA ARG C 81 -43.31 30.72 21.70
C ARG C 81 -43.74 29.46 20.99
N ILE C 82 -42.90 28.44 20.97
CA ILE C 82 -43.19 27.25 20.19
C ILE C 82 -44.18 26.36 20.94
N GLY C 83 -45.41 26.32 20.44
CA GLY C 83 -46.50 25.57 21.12
C GLY C 83 -47.06 24.44 20.26
N ILE C 84 -46.52 24.27 19.05
CA ILE C 84 -46.90 23.11 18.21
C ILE C 84 -45.69 22.51 17.56
N LEU C 85 -45.51 21.22 17.76
CA LEU C 85 -44.40 20.49 17.16
C LEU C 85 -44.99 19.49 16.12
N ILE C 86 -44.55 19.60 14.88
CA ILE C 86 -44.88 18.61 13.87
C ILE C 86 -43.65 17.72 13.61
N ASN C 87 -43.64 16.53 14.20
CA ASN C 87 -42.63 15.58 14.01
C ASN C 87 -42.86 14.83 12.70
N ASN C 88 -42.51 15.47 11.58
CA ASN C 88 -42.81 14.99 10.25
C ASN C 88 -41.59 14.42 9.51
N ALA C 89 -40.39 14.87 9.84
CA ALA C 89 -39.19 14.35 9.14
C ALA C 89 -39.09 12.80 9.23
N GLY C 90 -38.89 12.17 8.07
CA GLY C 90 -38.82 10.71 7.97
C GLY C 90 -38.40 10.24 6.59
N MET C 91 -37.98 9.00 6.50
CA MET C 91 -37.59 8.39 5.20
C MET C 91 -38.05 6.94 5.20
N ALA C 92 -38.19 6.38 4.00
CA ALA C 92 -38.63 5.03 3.84
C ALA C 92 -37.42 4.15 3.66
N GLN C 93 -37.68 2.86 3.53
CA GLN C 93 -36.67 1.84 3.40
C GLN C 93 -36.43 1.55 1.93
N SER C 94 -35.17 1.35 1.58
CA SER C 94 -34.81 1.14 0.20
C SER C 94 -34.34 -0.26 0.05
N GLY C 95 -35.03 -1.04 -0.78
CA GLY C 95 -34.76 -2.47 -0.86
C GLY C 95 -35.22 -3.34 0.33
N GLY C 96 -35.18 -4.64 0.16
CA GLY C 96 -35.63 -5.56 1.17
C GLY C 96 -34.62 -5.76 2.27
N PHE C 97 -34.99 -6.61 3.21
CA PHE C 97 -34.17 -6.76 4.42
C PHE C 97 -32.73 -7.20 4.15
N VAL C 98 -32.52 -8.19 3.29
CA VAL C 98 -31.19 -8.63 3.04
C VAL C 98 -30.36 -7.63 2.25
N GLN C 99 -30.97 -6.64 1.59
CA GLN C 99 -30.19 -5.62 0.89
C GLN C 99 -29.86 -4.42 1.77
N GLN C 100 -30.24 -4.47 3.03
CA GLN C 100 -29.90 -3.42 4.01
C GLN C 100 -28.46 -3.44 4.46
N THR C 101 -28.06 -2.29 4.94
CA THR C 101 -26.73 -2.05 5.48
C THR C 101 -26.82 -1.70 6.96
N ALA C 102 -25.74 -1.90 7.69
CA ALA C 102 -25.68 -1.35 9.05
C ALA C 102 -25.95 0.16 9.08
N GLU C 103 -25.20 0.90 8.30
CA GLU C 103 -25.32 2.36 8.25
C GLU C 103 -26.75 2.72 7.92
N GLY C 104 -27.34 2.02 6.96
CA GLY C 104 -28.70 2.38 6.48
C GLY C 104 -29.78 2.16 7.56
N ILE C 105 -29.58 1.12 8.36
CA ILE C 105 -30.48 0.74 9.39
C ILE C 105 -30.39 1.74 10.50
N GLU C 106 -29.18 2.05 10.90
CA GLU C 106 -28.91 3.13 11.85
C GLU C 106 -29.64 4.44 11.42
N ARG C 107 -29.40 4.87 10.20
CA ARG C 107 -30.03 6.11 9.73
C ARG C 107 -31.57 6.07 9.77
N LEU C 108 -32.16 5.00 9.26
CA LEU C 108 -33.60 4.93 9.15
C LEU C 108 -34.24 5.00 10.56
N ILE C 109 -33.70 4.20 11.50
CA ILE C 109 -34.24 4.10 12.83
C ILE C 109 -33.94 5.39 13.61
N THR C 110 -32.73 5.94 13.48
CA THR C 110 -32.43 7.20 14.13
C THR C 110 -33.39 8.35 13.68
N LEU C 111 -33.61 8.53 12.39
CA LEU C 111 -34.48 9.62 11.95
C LEU C 111 -35.94 9.42 12.34
N ASN C 112 -36.47 8.22 12.09
CA ASN C 112 -37.93 7.97 12.18
C ASN C 112 -38.44 7.70 13.58
N THR C 113 -37.53 7.51 14.50
CA THR C 113 -37.82 6.97 15.83
C THR C 113 -37.05 7.80 16.90
N THR C 114 -35.72 7.77 16.87
CA THR C 114 -34.94 8.38 17.92
C THR C 114 -35.07 9.91 17.94
N ALA C 115 -34.91 10.51 16.78
CA ALA C 115 -35.04 11.96 16.64
C ALA C 115 -36.43 12.42 16.99
N LEU C 116 -37.44 11.76 16.42
CA LEU C 116 -38.85 12.04 16.72
C LEU C 116 -39.16 12.03 18.22
N THR C 117 -38.73 10.96 18.88
CA THR C 117 -38.97 10.78 20.30
C THR C 117 -38.24 11.84 21.12
N ARG C 118 -37.00 12.13 20.72
CA ARG C 118 -36.20 13.13 21.45
C ARG C 118 -36.75 14.56 21.32
N LEU C 119 -37.28 14.91 20.16
CA LEU C 119 -37.84 16.26 19.96
C LEU C 119 -39.11 16.37 20.81
N ALA C 120 -39.92 15.32 20.81
CA ALA C 120 -41.09 15.27 21.68
C ALA C 120 -40.67 15.42 23.13
N ALA C 121 -39.60 14.75 23.53
CA ALA C 121 -39.13 14.85 24.92
C ALA C 121 -38.57 16.20 25.24
N ALA C 122 -38.15 16.93 24.22
CA ALA C 122 -37.60 18.25 24.45
C ALA C 122 -38.68 19.28 24.77
N VAL C 123 -39.88 19.14 24.20
CA VAL C 123 -40.98 20.09 24.50
C VAL C 123 -41.89 19.64 25.64
N ALA C 124 -41.99 18.35 25.91
CA ALA C 124 -42.99 17.89 26.82
C ALA C 124 -42.92 18.54 28.19
N PRO C 125 -41.71 18.68 28.78
CA PRO C 125 -41.67 19.24 30.16
C PRO C 125 -42.19 20.66 30.21
N ARG C 126 -41.77 21.48 29.24
CA ARG C 126 -42.24 22.86 29.12
C ARG C 126 -43.75 22.93 28.83
N PHE C 127 -44.26 22.03 27.97
CA PHE C 127 -45.65 21.91 27.70
C PHE C 127 -46.47 21.54 28.95
N VAL C 128 -46.01 20.53 29.69
CA VAL C 128 -46.61 20.17 30.97
C VAL C 128 -46.66 21.38 31.94
N GLN C 129 -45.56 22.11 32.05
CA GLN C 129 -45.56 23.27 32.93
C GLN C 129 -46.52 24.40 32.50
N SER C 130 -46.66 24.64 31.20
CA SER C 130 -47.59 25.69 30.73
C SER C 130 -49.04 25.25 30.69
N GLY C 131 -49.27 23.94 30.84
CA GLY C 131 -50.63 23.40 30.75
C GLY C 131 -51.23 23.41 29.35
N THR C 132 -50.39 23.63 28.34
CA THR C 132 -50.83 23.64 26.96
C THR C 132 -49.71 23.22 25.97
N GLY C 133 -50.10 22.88 24.75
CA GLY C 133 -49.16 22.46 23.71
C GLY C 133 -49.71 21.36 22.84
N ALA C 134 -49.09 21.16 21.69
CA ALA C 134 -49.57 20.13 20.72
C ALA C 134 -48.36 19.46 20.06
N ILE C 135 -48.42 18.12 20.02
CA ILE C 135 -47.41 17.30 19.34
C ILE C 135 -48.12 16.46 18.28
N VAL C 136 -47.77 16.69 17.02
CA VAL C 136 -48.29 15.96 15.91
C VAL C 136 -47.16 15.06 15.38
N ASN C 137 -47.34 13.75 15.48
CA ASN C 137 -46.41 12.77 14.99
C ASN C 137 -46.96 12.12 13.71
N ILE C 138 -46.16 12.08 12.66
CA ILE C 138 -46.55 11.47 11.43
C ILE C 138 -46.14 10.00 11.46
N GLY C 139 -47.12 9.13 11.52
CA GLY C 139 -46.87 7.67 11.38
C GLY C 139 -47.08 7.22 9.92
N SER C 140 -47.62 6.03 9.72
CA SER C 140 -48.02 5.58 8.42
C SER C 140 -48.94 4.39 8.51
N VAL C 141 -49.80 4.28 7.51
CA VAL C 141 -50.62 3.07 7.32
C VAL C 141 -49.72 1.85 7.15
N VAL C 142 -48.51 2.03 6.62
CA VAL C 142 -47.59 0.89 6.48
C VAL C 142 -47.34 0.21 7.86
N GLY C 143 -47.55 0.95 8.95
CA GLY C 143 -47.37 0.41 10.32
C GLY C 143 -48.45 -0.59 10.70
N PHE C 144 -49.45 -0.73 9.82
CA PHE C 144 -50.46 -1.77 9.91
C PHE C 144 -50.19 -2.89 8.91
N ALA C 145 -49.06 -2.86 8.18
CA ALA C 145 -48.91 -3.72 7.00
C ALA C 145 -47.51 -4.32 6.80
N PRO C 146 -47.15 -5.31 7.61
CA PRO C 146 -45.98 -6.11 7.32
C PRO C 146 -45.96 -6.72 5.89
N GLU C 147 -47.12 -6.99 5.34
CA GLU C 147 -47.29 -7.46 3.95
C GLU C 147 -46.77 -6.47 2.88
N PHE C 148 -46.65 -5.18 3.19
CA PHE C 148 -46.24 -4.19 2.18
C PHE C 148 -44.77 -4.39 1.81
N GLY C 149 -44.01 -5.05 2.69
CA GLY C 149 -42.65 -5.45 2.37
C GLY C 149 -41.50 -4.55 2.87
N MET C 150 -41.81 -3.48 3.61
CA MET C 150 -40.77 -2.60 4.22
C MET C 150 -40.70 -2.83 5.71
N SER C 151 -40.04 -3.91 6.09
CA SER C 151 -40.16 -4.44 7.42
C SER C 151 -39.64 -3.47 8.46
N ILE C 152 -38.53 -2.81 8.16
CA ILE C 152 -37.90 -1.92 9.13
C ILE C 152 -38.67 -0.61 9.18
N TYR C 153 -38.99 -0.06 8.01
CA TYR C 153 -39.69 1.19 7.91
C TYR C 153 -41.05 1.08 8.58
N GLY C 154 -41.74 -0.01 8.29
CA GLY C 154 -43.03 -0.26 8.90
C GLY C 154 -42.91 -0.40 10.41
N ALA C 155 -41.82 -1.02 10.86
CA ALA C 155 -41.59 -1.15 12.29
C ALA C 155 -41.45 0.25 12.93
N THR C 156 -40.73 1.16 12.27
CA THR C 156 -40.53 2.49 12.82
C THR C 156 -41.87 3.18 12.95
N LYS C 157 -42.78 2.88 12.03
CA LYS C 157 -44.09 3.53 12.05
C LYS C 157 -45.07 2.94 13.09
N ALA C 158 -44.96 1.64 13.33
CA ALA C 158 -45.64 1.02 14.45
C ALA C 158 -45.16 1.69 15.73
N PHE C 159 -43.86 1.96 15.82
CA PHE C 159 -43.29 2.67 16.98
C PHE C 159 -43.96 4.01 17.18
N VAL C 160 -44.03 4.79 16.10
CA VAL C 160 -44.61 6.15 16.15
C VAL C 160 -46.08 6.19 16.55
N LEU C 161 -46.88 5.25 16.04
CA LEU C 161 -48.27 5.11 16.52
C LEU C 161 -48.32 4.82 18.02
N PHE C 162 -47.60 3.82 18.45
CA PHE C 162 -47.64 3.44 19.86
C PHE C 162 -47.16 4.56 20.78
N LEU C 163 -46.03 5.15 20.45
CA LEU C 163 -45.54 6.31 21.22
C LEU C 163 -46.61 7.38 21.30
N SER C 164 -47.32 7.64 20.20
CA SER C 164 -48.34 8.68 20.18
C SER C 164 -49.50 8.33 21.13
N GLN C 165 -49.91 7.07 21.11
CA GLN C 165 -50.97 6.61 22.03
C GLN C 165 -50.54 6.79 23.46
N GLY C 166 -49.33 6.36 23.76
CA GLY C 166 -48.78 6.48 25.13
C GLY C 166 -48.67 7.92 25.59
N LEU C 167 -48.19 8.79 24.71
CA LEU C 167 -47.98 10.22 25.06
C LEU C 167 -49.30 10.92 25.30
N ASN C 168 -50.34 10.52 24.57
CA ASN C 168 -51.67 11.06 24.81
C ASN C 168 -52.13 10.76 26.25
N LEU C 169 -51.98 9.52 26.69
CA LEU C 169 -52.42 9.14 28.03
C LEU C 169 -51.59 9.83 29.09
N GLU C 170 -50.29 9.95 28.88
CA GLU C 170 -49.39 10.57 29.84
C GLU C 170 -49.58 12.08 29.93
N LEU C 171 -49.89 12.73 28.80
CA LEU C 171 -49.78 14.19 28.71
C LEU C 171 -51.09 14.93 28.63
N SER C 172 -52.14 14.30 28.12
CA SER C 172 -53.44 15.01 27.98
C SER C 172 -54.02 15.40 29.35
N PRO C 173 -53.71 14.63 30.41
CA PRO C 173 -54.14 15.17 31.73
C PRO C 173 -53.48 16.48 32.14
N SER C 174 -52.38 16.88 31.51
CA SER C 174 -51.81 18.25 31.69
C SER C 174 -52.21 19.22 30.60
N GLY C 175 -53.16 18.88 29.76
CA GLY C 175 -53.67 19.80 28.72
C GLY C 175 -52.99 19.71 27.36
N ILE C 176 -52.12 18.72 27.18
CA ILE C 176 -51.38 18.58 25.91
C ILE C 176 -52.20 17.77 24.91
N TYR C 177 -52.28 18.25 23.66
CA TYR C 177 -52.82 17.47 22.55
C TYR C 177 -51.70 16.67 21.83
N VAL C 178 -51.90 15.38 21.70
CA VAL C 178 -51.01 14.49 20.95
C VAL C 178 -51.82 13.79 19.87
N GLN C 179 -51.45 14.05 18.63
CA GLN C 179 -52.10 13.50 17.45
C GLN C 179 -51.17 12.57 16.66
N ALA C 180 -51.68 11.41 16.26
CA ALA C 180 -51.00 10.55 15.30
C ALA C 180 -51.71 10.69 13.99
N VAL C 181 -50.94 11.07 12.95
CA VAL C 181 -51.44 11.24 11.61
C VAL C 181 -50.84 10.17 10.79
N LEU C 182 -51.69 9.38 10.14
CA LEU C 182 -51.26 8.15 9.43
C LEU C 182 -51.68 8.21 7.96
N PRO C 183 -50.84 8.83 7.10
CA PRO C 183 -51.11 8.81 5.68
C PRO C 183 -50.88 7.42 5.11
N ALA C 184 -51.46 7.16 3.94
CA ALA C 184 -51.00 6.07 3.06
C ALA C 184 -50.24 6.74 1.89
N ALA C 185 -50.13 6.09 0.74
CA ALA C 185 -49.30 6.62 -0.33
C ALA C 185 -49.74 8.02 -0.75
N THR C 186 -48.76 8.92 -0.72
CA THR C 186 -48.95 10.35 -0.89
C THR C 186 -47.78 10.88 -1.75
N ARG C 187 -48.07 11.88 -2.58
CA ARG C 187 -47.15 12.24 -3.64
C ARG C 187 -46.12 13.25 -3.11
N THR C 188 -45.00 12.68 -2.62
CA THR C 188 -43.88 13.43 -2.01
C THR C 188 -42.56 12.91 -2.59
N GLU C 189 -41.46 13.40 -2.05
CA GLU C 189 -40.10 12.93 -2.46
C GLU C 189 -39.67 11.58 -1.81
N ILE C 190 -40.48 11.06 -0.90
CA ILE C 190 -40.10 9.83 -0.19
C ILE C 190 -39.83 8.62 -1.13
N TRP C 191 -40.61 8.54 -2.20
CA TRP C 191 -40.58 7.40 -3.10
C TRP C 191 -39.26 7.36 -3.87
N GLY C 192 -38.97 8.47 -4.57
CA GLY C 192 -37.70 8.61 -5.23
C GLY C 192 -36.50 8.48 -4.30
N ARG C 193 -36.61 9.00 -3.08
CA ARG C 193 -35.52 8.79 -2.10
C ARG C 193 -35.26 7.31 -1.90
N ALA C 194 -36.32 6.48 -1.88
CA ALA C 194 -36.16 5.06 -1.65
C ALA C 194 -35.90 4.23 -2.92
N GLY C 195 -35.83 4.88 -4.08
CA GLY C 195 -35.62 4.17 -5.35
C GLY C 195 -36.90 3.55 -5.93
N ILE C 196 -38.04 4.20 -5.68
CA ILE C 196 -39.31 3.74 -6.17
C ILE C 196 -39.92 4.85 -7.04
N ASP C 197 -40.46 4.45 -8.20
CA ASP C 197 -41.14 5.37 -9.08
C ASP C 197 -42.60 5.46 -8.58
N VAL C 198 -42.92 6.64 -8.10
CA VAL C 198 -44.22 6.93 -7.53
C VAL C 198 -45.34 6.67 -8.51
N ASN C 199 -45.06 6.82 -9.81
CA ASN C 199 -46.10 6.57 -10.84
C ASN C 199 -46.49 5.08 -11.02
N THR C 200 -45.73 4.14 -10.46
CA THR C 200 -46.08 2.68 -10.45
C THR C 200 -47.06 2.27 -9.35
N LEU C 201 -47.29 3.12 -8.35
CA LEU C 201 -48.25 2.83 -7.31
C LEU C 201 -49.65 2.93 -7.88
N PRO C 202 -50.51 1.94 -7.56
CA PRO C 202 -51.89 1.98 -8.09
C PRO C 202 -52.59 3.29 -7.79
N GLU C 203 -52.52 3.75 -6.55
CA GLU C 203 -53.15 4.97 -6.15
C GLU C 203 -52.33 5.76 -5.15
N VAL C 204 -52.38 7.09 -5.30
CA VAL C 204 -51.57 8.00 -4.54
C VAL C 204 -52.37 9.24 -4.27
N MET C 205 -52.30 9.75 -3.04
CA MET C 205 -53.09 10.93 -2.66
C MET C 205 -52.23 12.16 -2.90
N GLU C 206 -52.85 13.25 -3.29
CA GLU C 206 -52.11 14.51 -3.45
C GLU C 206 -51.77 15.02 -2.05
N VAL C 207 -50.61 15.62 -1.92
CA VAL C 207 -50.16 16.13 -0.64
C VAL C 207 -51.08 17.21 -0.07
N ASP C 208 -51.64 18.09 -0.92
CA ASP C 208 -52.61 19.10 -0.45
C ASP C 208 -53.80 18.45 0.26
N GLU C 209 -54.34 17.39 -0.33
CA GLU C 209 -55.53 16.78 0.20
C GLU C 209 -55.24 16.07 1.52
N LEU C 210 -54.09 15.43 1.63
CA LEU C 210 -53.74 14.73 2.85
C LEU C 210 -53.62 15.73 4.04
N VAL C 211 -52.88 16.80 3.83
CA VAL C 211 -52.61 17.74 4.89
C VAL C 211 -53.87 18.46 5.31
N ASP C 212 -54.72 18.83 4.36
CA ASP C 212 -56.02 19.40 4.70
C ASP C 212 -56.86 18.43 5.52
N ALA C 213 -56.90 17.18 5.14
CA ALA C 213 -57.58 16.17 5.95
C ALA C 213 -56.97 16.06 7.32
N ALA C 214 -55.64 16.02 7.39
CA ALA C 214 -54.93 15.94 8.70
C ALA C 214 -55.28 17.13 9.61
N LEU C 215 -55.46 18.30 9.01
CA LEU C 215 -55.73 19.50 9.76
C LEU C 215 -57.19 19.60 10.19
N VAL C 216 -58.08 18.94 9.47
CA VAL C 216 -59.46 18.79 9.93
C VAL C 216 -59.39 17.95 11.20
N GLY C 217 -58.71 16.83 11.15
CA GLY C 217 -58.48 16.04 12.36
C GLY C 217 -57.91 16.89 13.50
N PHE C 218 -56.90 17.70 13.19
CA PHE C 218 -56.22 18.50 14.19
C PHE C 218 -57.19 19.47 14.88
N ASP C 219 -58.01 20.18 14.08
CA ASP C 219 -58.97 21.13 14.59
C ASP C 219 -60.08 20.46 15.44
N ARG C 220 -60.43 19.22 15.15
CA ARG C 220 -61.37 18.48 15.98
C ARG C 220 -60.67 17.84 17.15
N ARG C 221 -59.35 17.99 17.23
CA ARG C 221 -58.58 17.43 18.35
C ARG C 221 -58.65 15.89 18.36
N GLU C 222 -58.69 15.31 17.17
CA GLU C 222 -58.69 13.86 17.01
C GLU C 222 -57.31 13.23 17.37
N LEU C 223 -57.34 12.06 17.98
CA LEU C 223 -56.16 11.42 18.51
C LEU C 223 -55.42 10.67 17.44
N VAL C 224 -56.15 9.87 16.68
CA VAL C 224 -55.56 9.09 15.58
C VAL C 224 -56.31 9.40 14.30
N THR C 225 -55.59 9.99 13.36
CA THR C 225 -56.17 10.57 12.11
C THR C 225 -55.62 9.86 10.87
N ILE C 226 -56.51 9.17 10.18
CA ILE C 226 -56.14 8.26 9.10
C ILE C 226 -56.97 8.61 7.91
N PRO C 227 -56.58 9.67 7.22
CA PRO C 227 -57.35 10.13 6.10
C PRO C 227 -57.74 9.07 5.06
N PRO C 228 -56.89 8.06 4.79
CA PRO C 228 -57.27 7.17 3.68
C PRO C 228 -58.02 5.97 4.17
N LEU C 229 -58.43 6.00 5.43
CA LEU C 229 -59.28 4.93 5.99
C LEU C 229 -60.71 5.34 5.81
N HIS C 230 -61.40 4.74 4.85
CA HIS C 230 -62.74 5.22 4.54
C HIS C 230 -63.83 4.82 5.58
N VAL C 231 -63.53 3.88 6.49
CA VAL C 231 -64.46 3.48 7.50
C VAL C 231 -63.75 3.67 8.82
N ALA C 232 -64.04 4.80 9.46
CA ALA C 232 -63.44 5.12 10.77
C ALA C 232 -63.56 4.01 11.80
N ALA C 233 -64.64 3.27 11.83
CA ALA C 233 -64.85 2.30 12.92
C ALA C 233 -63.86 1.11 12.89
N ARG C 234 -63.06 0.99 11.84
CA ARG C 234 -62.08 -0.07 11.78
C ARG C 234 -60.93 0.21 12.70
N TRP C 235 -60.68 1.48 12.92
CA TRP C 235 -59.70 1.88 13.93
C TRP C 235 -60.18 1.47 15.33
N ASP C 236 -61.40 1.86 15.69
CA ASP C 236 -61.98 1.50 16.99
C ASP C 236 -61.95 0.00 17.18
N ALA C 237 -62.16 -0.74 16.10
CA ALA C 237 -62.23 -2.16 16.22
C ALA C 237 -60.83 -2.73 16.44
N LEU C 238 -59.82 -2.10 15.81
CA LEU C 238 -58.43 -2.55 16.00
C LEU C 238 -58.05 -2.28 17.44
N ASP C 239 -58.37 -1.09 17.91
CA ASP C 239 -58.09 -0.73 19.31
C ASP C 239 -58.87 -1.58 20.36
N GLY C 240 -60.11 -1.96 20.03
CA GLY C 240 -60.90 -2.86 20.85
C GLY C 240 -60.29 -4.25 20.95
N ALA C 241 -59.87 -4.79 19.82
CA ALA C 241 -59.25 -6.11 19.79
C ALA C 241 -57.93 -6.11 20.60
N ARG C 242 -57.19 -5.02 20.51
CA ARG C 242 -55.97 -4.83 21.28
C ARG C 242 -56.34 -4.89 22.76
N GLN C 243 -57.33 -4.12 23.18
CA GLN C 243 -57.75 -4.17 24.60
C GLN C 243 -58.37 -5.51 24.99
N GLY C 244 -59.08 -6.13 24.06
CA GLY C 244 -59.61 -7.48 24.27
C GLY C 244 -58.50 -8.47 24.59
N LEU C 245 -57.43 -8.43 23.80
CA LEU C 245 -56.30 -9.31 24.00
C LEU C 245 -55.68 -9.04 25.39
N MET C 246 -55.52 -7.77 25.75
CA MET C 246 -54.99 -7.38 27.05
C MET C 246 -55.85 -7.88 28.18
N SER C 247 -57.17 -7.95 27.99
CA SER C 247 -58.01 -8.44 29.09
C SER C 247 -57.82 -9.93 29.40
N ASP C 248 -57.29 -10.70 28.46
CA ASP C 248 -57.12 -12.14 28.69
C ASP C 248 -55.65 -12.52 28.97
N ILE C 249 -54.84 -11.55 29.40
CA ILE C 249 -53.49 -11.82 29.83
C ILE C 249 -53.57 -12.19 31.28
N ARG C 250 -53.12 -13.39 31.63
CA ARG C 250 -53.00 -13.80 33.05
C ARG C 250 -51.51 -14.09 33.26
N GLN C 251 -50.84 -13.23 34.00
CA GLN C 251 -49.40 -13.12 34.00
C GLN C 251 -48.64 -14.08 34.91
N ALA C 252 -49.31 -14.71 35.88
CA ALA C 252 -48.61 -15.58 36.84
C ALA C 252 -48.22 -16.90 36.21
N GLN C 253 -49.01 -17.38 35.26
CA GLN C 253 -48.87 -18.73 34.72
C GLN C 253 -48.99 -18.71 33.21
N ALA C 254 -48.20 -19.57 32.56
CA ALA C 254 -48.31 -19.81 31.11
C ALA C 254 -49.61 -20.52 30.74
N ALA C 255 -50.13 -20.23 29.55
CA ALA C 255 -51.39 -20.78 29.08
C ALA C 255 -51.30 -22.30 28.87
N ASP C 256 -52.43 -22.98 29.01
CA ASP C 256 -52.51 -24.46 28.90
C ASP C 256 -51.80 -24.98 27.66
N ARG C 257 -51.97 -24.28 26.54
CA ARG C 257 -51.42 -24.73 25.26
C ARG C 257 -49.89 -24.73 25.23
N TYR C 258 -49.23 -24.14 26.23
CA TYR C 258 -47.77 -24.17 26.28
C TYR C 258 -47.24 -25.17 27.33
N ARG C 259 -48.08 -26.18 27.58
CA ARG C 259 -47.68 -27.39 28.28
C ARG C 259 -46.52 -28.18 27.65
N THR D 3 -25.48 -32.71 13.35
CA THR D 3 -24.83 -31.78 14.34
C THR D 3 -25.64 -30.48 14.56
N LEU D 4 -26.05 -30.24 15.80
CA LEU D 4 -27.00 -29.14 16.14
C LEU D 4 -26.41 -27.71 16.00
N PRO D 5 -27.23 -26.75 15.58
CA PRO D 5 -26.65 -25.42 15.33
C PRO D 5 -26.22 -24.73 16.64
N THR D 6 -25.10 -24.00 16.59
CA THR D 6 -24.72 -23.13 17.68
C THR D 6 -25.75 -21.99 17.81
N VAL D 7 -26.04 -21.64 19.05
CA VAL D 7 -27.01 -20.59 19.36
C VAL D 7 -26.27 -19.38 19.91
N LEU D 8 -26.43 -18.24 19.26
CA LEU D 8 -25.94 -16.98 19.83
C LEU D 8 -27.11 -16.29 20.52
N ILE D 9 -26.93 -16.02 21.80
CA ILE D 9 -27.92 -15.39 22.64
C ILE D 9 -27.40 -14.04 23.15
N THR D 10 -28.13 -12.97 22.88
CA THR D 10 -27.84 -11.68 23.51
C THR D 10 -28.61 -11.53 24.81
N GLY D 11 -28.03 -10.78 25.74
CA GLY D 11 -28.54 -10.67 27.09
C GLY D 11 -28.51 -12.01 27.81
N ALA D 12 -27.40 -12.73 27.71
CA ALA D 12 -27.32 -14.09 28.25
C ALA D 12 -26.90 -14.15 29.70
N SER D 13 -26.53 -13.01 30.29
CA SER D 13 -25.97 -13.01 31.65
C SER D 13 -27.01 -13.17 32.77
N SER D 14 -28.26 -12.84 32.51
CA SER D 14 -29.32 -12.96 33.51
C SER D 14 -30.66 -13.20 32.83
N GLY D 15 -31.68 -13.44 33.64
CA GLY D 15 -33.05 -13.43 33.20
C GLY D 15 -33.37 -14.38 32.09
N ILE D 16 -34.16 -13.93 31.12
CA ILE D 16 -34.65 -14.79 30.07
C ILE D 16 -33.51 -15.34 29.22
N GLY D 17 -32.58 -14.47 28.86
CA GLY D 17 -31.41 -14.88 28.12
C GLY D 17 -30.69 -16.04 28.82
N ALA D 18 -30.40 -15.89 30.10
CA ALA D 18 -29.64 -16.91 30.84
C ALA D 18 -30.38 -18.25 30.87
N THR D 19 -31.69 -18.22 30.99
CA THR D 19 -32.47 -19.44 31.05
C THR D 19 -32.54 -20.09 29.67
N TYR D 20 -32.66 -19.29 28.63
CA TYR D 20 -32.56 -19.81 27.26
C TYR D 20 -31.22 -20.55 27.10
N ALA D 21 -30.13 -19.95 27.60
CA ALA D 21 -28.80 -20.54 27.47
C ALA D 21 -28.73 -21.87 28.19
N GLU D 22 -29.20 -21.92 29.43
CA GLU D 22 -29.27 -23.17 30.17
C GLU D 22 -30.08 -24.21 29.39
N ARG D 23 -31.22 -23.80 28.84
CA ARG D 23 -32.13 -24.74 28.21
C ARG D 23 -31.57 -25.28 26.90
N PHE D 24 -30.96 -24.43 26.10
CA PHE D 24 -30.37 -24.87 24.84
C PHE D 24 -29.14 -25.74 25.07
N ALA D 25 -28.38 -25.44 26.11
CA ALA D 25 -27.24 -26.27 26.48
C ALA D 25 -27.70 -27.68 26.83
N ARG D 26 -28.81 -27.79 27.57
CA ARG D 26 -29.38 -29.10 27.94
C ARG D 26 -29.96 -29.88 26.77
N ARG D 27 -30.32 -29.19 25.69
CA ARG D 27 -30.70 -29.83 24.45
C ARG D 27 -29.52 -30.27 23.60
N GLY D 28 -28.32 -29.88 23.99
CA GLY D 28 -27.11 -30.26 23.25
C GLY D 28 -26.49 -29.23 22.30
N HIS D 29 -26.99 -27.98 22.29
CA HIS D 29 -26.40 -26.96 21.42
C HIS D 29 -25.16 -26.31 22.02
N ASP D 30 -24.14 -26.13 21.21
CA ASP D 30 -23.07 -25.19 21.54
C ASP D 30 -23.63 -23.75 21.58
N LEU D 31 -22.97 -22.84 22.33
CA LEU D 31 -23.54 -21.50 22.60
C LEU D 31 -22.53 -20.37 22.49
N VAL D 32 -23.02 -19.20 22.08
CA VAL D 32 -22.28 -17.97 22.19
C VAL D 32 -23.14 -17.02 23.01
N LEU D 33 -22.65 -16.69 24.19
CA LEU D 33 -23.40 -15.86 25.13
C LEU D 33 -22.86 -14.44 25.14
N VAL D 34 -23.73 -13.46 24.85
CA VAL D 34 -23.29 -12.09 24.87
C VAL D 34 -24.03 -11.22 25.86
N ALA D 35 -23.24 -10.42 26.57
CA ALA D 35 -23.71 -9.33 27.44
C ALA D 35 -22.51 -8.52 27.92
N ARG D 36 -22.73 -7.50 28.72
CA ARG D 36 -21.64 -6.63 29.20
C ARG D 36 -20.88 -7.24 30.36
N ASP D 37 -21.57 -7.96 31.23
CA ASP D 37 -20.95 -8.54 32.45
C ASP D 37 -20.12 -9.82 32.15
N LYS D 38 -18.88 -9.62 31.73
CA LYS D 38 -17.98 -10.72 31.35
C LYS D 38 -17.77 -11.75 32.48
N VAL D 39 -17.59 -11.25 33.70
CA VAL D 39 -17.32 -12.09 34.82
C VAL D 39 -18.49 -13.04 35.06
N ARG D 40 -19.70 -12.50 34.95
CA ARG D 40 -20.86 -13.31 35.19
C ARG D 40 -21.07 -14.32 34.06
N LEU D 41 -20.75 -13.91 32.85
CA LEU D 41 -20.87 -14.79 31.68
C LEU D 41 -19.92 -15.97 31.81
N ASP D 42 -18.70 -15.67 32.24
CA ASP D 42 -17.69 -16.72 32.39
C ASP D 42 -18.10 -17.76 33.42
N ALA D 43 -18.75 -17.35 34.51
CA ALA D 43 -19.26 -18.32 35.49
C ALA D 43 -20.38 -19.15 34.92
N LEU D 44 -21.29 -18.52 34.18
CA LEU D 44 -22.40 -19.24 33.53
C LEU D 44 -21.90 -20.19 32.47
N ALA D 45 -21.02 -19.71 31.62
CA ALA D 45 -20.44 -20.54 30.59
C ALA D 45 -19.77 -21.80 31.19
N ALA D 46 -19.02 -21.60 32.26
CA ALA D 46 -18.31 -22.68 32.92
C ALA D 46 -19.29 -23.69 33.49
N ARG D 47 -20.35 -23.21 34.13
CA ARG D 47 -21.37 -24.12 34.62
C ARG D 47 -22.00 -24.95 33.49
N LEU D 48 -22.32 -24.33 32.36
CA LEU D 48 -23.01 -25.04 31.30
C LEU D 48 -22.09 -26.03 30.59
N ARG D 49 -20.82 -25.67 30.42
CA ARG D 49 -19.83 -26.57 29.84
C ARG D 49 -19.74 -27.81 30.71
N ASP D 50 -19.64 -27.60 32.02
CA ASP D 50 -19.50 -28.67 32.98
C ASP D 50 -20.78 -29.51 33.04
N GLU D 51 -21.92 -28.89 33.29
CA GLU D 51 -23.18 -29.63 33.43
C GLU D 51 -23.60 -30.36 32.17
N SER D 52 -23.45 -29.71 31.02
CA SER D 52 -24.04 -30.21 29.78
C SER D 52 -23.04 -30.67 28.72
N GLY D 53 -21.75 -30.41 28.89
CA GLY D 53 -20.74 -30.92 27.98
C GLY D 53 -20.73 -30.28 26.60
N VAL D 54 -21.33 -29.11 26.44
CA VAL D 54 -21.31 -28.40 25.15
C VAL D 54 -20.23 -27.32 25.18
N ALA D 55 -19.84 -26.81 24.02
CA ALA D 55 -18.94 -25.65 24.00
C ALA D 55 -19.74 -24.40 24.29
N VAL D 56 -19.18 -23.52 25.11
CA VAL D 56 -19.83 -22.26 25.43
C VAL D 56 -18.78 -21.17 25.46
N GLU D 57 -18.96 -20.15 24.63
CA GLU D 57 -18.08 -19.03 24.61
C GLU D 57 -18.78 -17.83 25.21
N ALA D 58 -18.07 -17.15 26.09
CA ALA D 58 -18.54 -15.89 26.68
C ALA D 58 -17.98 -14.71 25.88
N LEU D 59 -18.87 -13.87 25.33
CA LEU D 59 -18.46 -12.77 24.45
C LEU D 59 -18.96 -11.45 25.03
N GLN D 60 -18.04 -10.69 25.60
CA GLN D 60 -18.36 -9.39 26.15
C GLN D 60 -18.74 -8.37 25.06
N ALA D 61 -19.87 -7.69 25.22
CA ALA D 61 -20.28 -6.66 24.26
C ALA D 61 -21.35 -5.77 24.88
N ASP D 62 -21.13 -4.46 24.77
CA ASP D 62 -22.14 -3.48 25.05
C ASP D 62 -22.76 -3.22 23.69
N LEU D 63 -23.96 -3.72 23.46
CA LEU D 63 -24.63 -3.55 22.16
C LEU D 63 -25.09 -2.12 21.85
N THR D 64 -24.86 -1.16 22.75
CA THR D 64 -25.08 0.24 22.47
C THR D 64 -23.77 0.95 22.15
N ARG D 65 -22.66 0.21 22.14
CA ARG D 65 -21.38 0.79 21.72
C ARG D 65 -21.10 0.35 20.27
N PRO D 66 -20.98 1.30 19.33
CA PRO D 66 -20.80 0.94 17.91
C PRO D 66 -19.74 -0.13 17.61
N ALA D 67 -18.57 -0.02 18.22
CA ALA D 67 -17.53 -1.02 17.97
C ALA D 67 -17.92 -2.43 18.44
N ASP D 68 -18.57 -2.56 19.60
CA ASP D 68 -18.91 -3.89 20.15
C ASP D 68 -19.98 -4.52 19.29
N LEU D 69 -20.96 -3.72 18.90
CA LEU D 69 -22.04 -4.20 18.05
C LEU D 69 -21.49 -4.65 16.71
N ALA D 70 -20.59 -3.87 16.14
CA ALA D 70 -19.95 -4.25 14.86
C ALA D 70 -19.19 -5.56 14.96
N ALA D 71 -18.50 -5.78 16.08
CA ALA D 71 -17.82 -7.05 16.31
C ALA D 71 -18.79 -8.24 16.41
N VAL D 72 -19.97 -8.09 17.01
CA VAL D 72 -20.94 -9.18 17.07
C VAL D 72 -21.55 -9.44 15.69
N GLU D 73 -21.81 -8.36 14.92
CA GLU D 73 -22.26 -8.48 13.54
C GLU D 73 -21.30 -9.33 12.72
N ILE D 74 -20.01 -8.99 12.78
CA ILE D 74 -19.00 -9.76 12.08
C ILE D 74 -19.11 -11.24 12.43
N ARG D 75 -19.15 -11.55 13.71
CA ARG D 75 -19.19 -12.94 14.11
C ARG D 75 -20.43 -13.67 13.54
N LEU D 76 -21.57 -13.00 13.53
CA LEU D 76 -22.77 -13.59 12.98
C LEU D 76 -22.68 -13.78 11.48
N ARG D 77 -22.07 -12.82 10.78
CA ARG D 77 -21.91 -12.96 9.33
C ARG D 77 -21.01 -14.12 8.94
N GLU D 78 -19.94 -14.33 9.70
CA GLU D 78 -18.84 -15.17 9.28
C GLU D 78 -18.90 -16.60 9.78
N ASP D 79 -19.61 -16.87 10.88
CA ASP D 79 -19.53 -18.18 11.53
C ASP D 79 -20.74 -19.03 11.18
N ALA D 80 -20.54 -19.93 10.22
CA ALA D 80 -21.61 -20.79 9.68
C ALA D 80 -22.21 -21.72 10.74
N ARG D 81 -21.49 -21.94 11.83
CA ARG D 81 -22.01 -22.77 12.90
C ARG D 81 -23.23 -22.17 13.58
N ILE D 82 -23.31 -20.84 13.59
CA ILE D 82 -24.42 -20.17 14.28
C ILE D 82 -25.70 -20.19 13.42
N GLY D 83 -26.65 -21.01 13.82
CA GLY D 83 -27.91 -21.18 13.07
C GLY D 83 -29.16 -20.71 13.83
N ILE D 84 -28.97 -20.22 15.05
CA ILE D 84 -30.05 -19.68 15.82
C ILE D 84 -29.59 -18.41 16.53
N LEU D 85 -30.33 -17.34 16.33
CA LEU D 85 -30.08 -16.05 16.99
C LEU D 85 -31.24 -15.73 17.94
N ILE D 86 -30.94 -15.56 19.22
CA ILE D 86 -31.94 -15.10 20.15
C ILE D 86 -31.62 -13.65 20.47
N ASN D 87 -32.38 -12.76 19.82
CA ASN D 87 -32.32 -11.34 20.05
C ASN D 87 -33.10 -10.97 21.33
N ASN D 88 -32.48 -11.23 22.48
CA ASN D 88 -33.12 -11.08 23.79
C ASN D 88 -32.67 -9.85 24.58
N ALA D 89 -31.46 -9.36 24.35
CA ALA D 89 -30.98 -8.19 25.08
C ALA D 89 -31.94 -7.02 24.95
N GLY D 90 -32.28 -6.43 26.08
CA GLY D 90 -33.20 -5.31 26.14
C GLY D 90 -33.27 -4.70 27.54
N MET D 91 -33.83 -3.49 27.62
CA MET D 91 -34.06 -2.83 28.90
C MET D 91 -35.39 -2.09 28.82
N ALA D 92 -35.91 -1.74 29.98
CA ALA D 92 -37.19 -1.07 30.05
C ALA D 92 -36.92 0.40 30.27
N GLN D 93 -37.98 1.16 30.35
CA GLN D 93 -37.92 2.59 30.53
C GLN D 93 -37.98 2.92 32.00
N SER D 94 -37.15 3.87 32.39
CA SER D 94 -37.07 4.33 33.77
C SER D 94 -37.68 5.72 33.93
N GLY D 95 -38.79 5.81 34.65
CA GLY D 95 -39.57 7.05 34.75
C GLY D 95 -40.45 7.35 33.53
N GLY D 96 -41.34 8.31 33.69
CA GLY D 96 -42.25 8.71 32.62
C GLY D 96 -41.58 9.55 31.58
N PHE D 97 -42.37 9.95 30.60
CA PHE D 97 -41.80 10.61 29.43
C PHE D 97 -41.06 11.91 29.78
N VAL D 98 -41.65 12.78 30.62
CA VAL D 98 -40.99 14.01 30.93
C VAL D 98 -39.72 13.85 31.77
N GLN D 99 -39.51 12.72 32.43
CA GLN D 99 -38.28 12.51 33.20
C GLN D 99 -37.17 11.92 32.34
N GLN D 100 -37.43 11.67 31.06
CA GLN D 100 -36.45 11.10 30.14
C GLN D 100 -35.35 12.07 29.75
N THR D 101 -34.24 11.47 29.39
CA THR D 101 -33.04 12.16 28.98
C THR D 101 -32.74 11.86 27.50
N ALA D 102 -32.08 12.78 26.83
CA ALA D 102 -31.57 12.47 25.49
C ALA D 102 -30.72 11.18 25.47
N GLU D 103 -29.72 11.11 26.34
CA GLU D 103 -28.88 9.92 26.47
C GLU D 103 -29.70 8.65 26.75
N GLY D 104 -30.69 8.75 27.62
CA GLY D 104 -31.51 7.59 28.01
C GLY D 104 -32.40 7.07 26.89
N ILE D 105 -32.91 8.00 26.08
CA ILE D 105 -33.73 7.69 24.94
C ILE D 105 -32.88 7.01 23.86
N GLU D 106 -31.74 7.61 23.54
CA GLU D 106 -30.79 7.03 22.65
C GLU D 106 -30.50 5.58 23.07
N ARG D 107 -30.12 5.36 24.33
CA ARG D 107 -29.77 4.04 24.80
C ARG D 107 -30.94 3.02 24.64
N LEU D 108 -32.11 3.39 25.12
CA LEU D 108 -33.22 2.48 25.11
C LEU D 108 -33.57 2.05 23.67
N ILE D 109 -33.64 3.02 22.75
CA ILE D 109 -33.99 2.73 21.37
C ILE D 109 -32.85 1.93 20.68
N THR D 110 -31.62 2.34 20.88
CA THR D 110 -30.51 1.66 20.27
C THR D 110 -30.53 0.20 20.69
N LEU D 111 -30.70 -0.08 21.97
CA LEU D 111 -30.56 -1.49 22.41
C LEU D 111 -31.72 -2.32 21.95
N ASN D 112 -32.94 -1.81 22.12
CA ASN D 112 -34.13 -2.62 21.91
C ASN D 112 -34.55 -2.78 20.48
N THR D 113 -33.98 -1.97 19.62
CA THR D 113 -34.49 -1.75 18.26
C THR D 113 -33.32 -1.81 17.26
N THR D 114 -32.37 -0.91 17.38
CA THR D 114 -31.30 -0.81 16.39
C THR D 114 -30.37 -2.00 16.41
N ALA D 115 -29.91 -2.34 17.59
CA ALA D 115 -29.02 -3.49 17.78
C ALA D 115 -29.71 -4.78 17.36
N LEU D 116 -30.93 -4.99 17.86
CA LEU D 116 -31.75 -6.14 17.48
C LEU D 116 -31.90 -6.31 15.97
N THR D 117 -32.25 -5.22 15.30
CA THR D 117 -32.47 -5.22 13.86
C THR D 117 -31.14 -5.51 13.14
N ARG D 118 -30.05 -4.91 13.62
CA ARG D 118 -28.75 -5.06 12.96
C ARG D 118 -28.21 -6.48 13.08
N LEU D 119 -28.44 -7.13 14.21
CA LEU D 119 -27.97 -8.49 14.41
C LEU D 119 -28.77 -9.44 13.52
N ALA D 120 -30.08 -9.25 13.43
CA ALA D 120 -30.89 -9.95 12.47
C ALA D 120 -30.44 -9.74 11.05
N ALA D 121 -30.12 -8.53 10.68
CA ALA D 121 -29.58 -8.26 9.35
C ALA D 121 -28.21 -8.87 9.11
N ALA D 122 -27.44 -9.07 10.16
CA ALA D 122 -26.10 -9.67 10.02
C ALA D 122 -26.16 -11.18 9.68
N VAL D 123 -27.16 -11.90 10.18
CA VAL D 123 -27.33 -13.32 9.82
C VAL D 123 -28.21 -13.58 8.59
N ALA D 124 -29.14 -12.68 8.26
CA ALA D 124 -30.17 -13.02 7.27
C ALA D 124 -29.62 -13.41 5.92
N PRO D 125 -28.66 -12.64 5.38
CA PRO D 125 -28.07 -13.05 4.06
C PRO D 125 -27.49 -14.48 4.05
N ARG D 126 -26.70 -14.81 5.07
CA ARG D 126 -26.12 -16.14 5.19
C ARG D 126 -27.20 -17.20 5.34
N PHE D 127 -28.20 -16.93 6.18
CA PHE D 127 -29.34 -17.83 6.40
C PHE D 127 -30.07 -18.10 5.08
N VAL D 128 -30.33 -17.05 4.32
CA VAL D 128 -30.94 -17.18 3.00
C VAL D 128 -30.09 -18.10 2.11
N GLN D 129 -28.78 -17.88 2.05
CA GLN D 129 -27.90 -18.73 1.21
C GLN D 129 -27.90 -20.18 1.65
N SER D 130 -27.91 -20.47 2.95
CA SER D 130 -27.94 -21.86 3.41
C SER D 130 -29.32 -22.51 3.32
N GLY D 131 -30.37 -21.72 3.13
CA GLY D 131 -31.74 -22.23 3.15
C GLY D 131 -32.26 -22.67 4.52
N THR D 132 -31.58 -22.26 5.58
CA THR D 132 -31.98 -22.60 6.94
C THR D 132 -31.48 -21.56 7.97
N GLY D 133 -32.08 -21.58 9.16
CA GLY D 133 -31.78 -20.64 10.20
C GLY D 133 -33.01 -20.22 10.99
N ALA D 134 -32.77 -19.67 12.17
CA ALA D 134 -33.84 -19.25 13.06
C ALA D 134 -33.47 -17.93 13.75
N ILE D 135 -34.43 -16.99 13.74
CA ILE D 135 -34.31 -15.74 14.46
C ILE D 135 -35.46 -15.61 15.46
N VAL D 136 -35.13 -15.60 16.76
CA VAL D 136 -36.10 -15.44 17.83
C VAL D 136 -35.94 -14.03 18.41
N ASN D 137 -36.95 -13.20 18.21
CA ASN D 137 -36.97 -11.82 18.73
C ASN D 137 -37.85 -11.76 19.98
N ILE D 138 -37.35 -11.19 21.08
CA ILE D 138 -38.15 -11.04 22.29
C ILE D 138 -38.86 -9.67 22.29
N GLY D 139 -40.18 -9.70 22.12
CA GLY D 139 -40.99 -8.48 22.18
C GLY D 139 -41.55 -8.35 23.57
N SER D 140 -42.76 -7.83 23.68
CA SER D 140 -43.44 -7.76 24.97
C SER D 140 -44.94 -7.51 24.80
N VAL D 141 -45.71 -7.99 25.74
CA VAL D 141 -47.13 -7.68 25.85
C VAL D 141 -47.31 -6.18 26.05
N VAL D 142 -46.32 -5.50 26.63
CA VAL D 142 -46.43 -4.05 26.79
C VAL D 142 -46.60 -3.36 25.42
N GLY D 143 -46.19 -4.03 24.34
CA GLY D 143 -46.34 -3.46 22.98
C GLY D 143 -47.78 -3.44 22.51
N PHE D 144 -48.66 -4.06 23.30
CA PHE D 144 -50.08 -3.97 23.14
C PHE D 144 -50.73 -3.00 24.15
N ALA D 145 -49.94 -2.27 24.95
CA ALA D 145 -50.48 -1.56 26.11
C ALA D 145 -49.88 -0.16 26.38
N PRO D 146 -50.27 0.82 25.57
CA PRO D 146 -50.00 2.21 25.91
C PRO D 146 -50.46 2.60 27.32
N GLU D 147 -51.51 1.94 27.82
CA GLU D 147 -52.03 2.15 29.20
C GLU D 147 -51.02 1.80 30.30
N PHE D 148 -50.02 0.97 30.00
CA PHE D 148 -49.09 0.53 31.03
C PHE D 148 -48.19 1.69 31.48
N GLY D 149 -48.02 2.69 30.62
CA GLY D 149 -47.31 3.91 31.00
C GLY D 149 -45.84 4.03 30.61
N MET D 150 -45.30 3.05 29.89
CA MET D 150 -43.91 3.14 29.37
C MET D 150 -43.93 3.38 27.87
N SER D 151 -44.18 4.63 27.49
CA SER D 151 -44.51 4.98 26.14
C SER D 151 -43.38 4.64 25.16
N ILE D 152 -42.13 4.88 25.54
CA ILE D 152 -41.03 4.66 24.64
C ILE D 152 -40.73 3.18 24.58
N TYR D 153 -40.66 2.53 25.75
CA TYR D 153 -40.33 1.11 25.81
C TYR D 153 -41.36 0.29 25.05
N GLY D 154 -42.61 0.62 25.27
CA GLY D 154 -43.68 -0.07 24.59
C GLY D 154 -43.60 0.14 23.10
N ALA D 155 -43.18 1.35 22.68
CA ALA D 155 -42.98 1.64 21.24
C ALA D 155 -41.89 0.76 20.66
N THR D 156 -40.79 0.57 21.41
CA THR D 156 -39.73 -0.33 20.93
C THR D 156 -40.24 -1.77 20.75
N LYS D 157 -41.19 -2.18 21.60
CA LYS D 157 -41.71 -3.54 21.54
C LYS D 157 -42.77 -3.72 20.43
N ALA D 158 -43.53 -2.69 20.14
CA ALA D 158 -44.36 -2.67 18.95
C ALA D 158 -43.47 -2.79 17.72
N PHE D 159 -42.33 -2.12 17.73
CA PHE D 159 -41.34 -2.24 16.61
C PHE D 159 -40.92 -3.72 16.41
N VAL D 160 -40.50 -4.35 17.50
CA VAL D 160 -39.99 -5.72 17.46
C VAL D 160 -41.05 -6.69 16.92
N LEU D 161 -42.30 -6.55 17.36
CA LEU D 161 -43.36 -7.39 16.81
C LEU D 161 -43.49 -7.21 15.31
N PHE D 162 -43.67 -5.96 14.89
CA PHE D 162 -43.85 -5.67 13.48
C PHE D 162 -42.67 -6.13 12.64
N LEU D 163 -41.45 -5.81 13.05
CA LEU D 163 -40.28 -6.35 12.37
C LEU D 163 -40.32 -7.89 12.23
N SER D 164 -40.73 -8.59 13.30
CA SER D 164 -40.76 -10.01 13.30
C SER D 164 -41.79 -10.49 12.25
N GLN D 165 -42.95 -9.87 12.21
CA GLN D 165 -43.94 -10.27 11.24
C GLN D 165 -43.35 -10.10 9.84
N GLY D 166 -42.74 -8.95 9.60
CA GLY D 166 -42.21 -8.58 8.28
C GLY D 166 -41.09 -9.51 7.83
N LEU D 167 -40.22 -9.84 8.78
CA LEU D 167 -39.14 -10.77 8.47
C LEU D 167 -39.69 -12.16 8.11
N ASN D 168 -40.74 -12.57 8.78
CA ASN D 168 -41.29 -13.88 8.51
C ASN D 168 -41.71 -13.99 7.05
N LEU D 169 -42.42 -12.97 6.58
CA LEU D 169 -42.92 -13.00 5.21
C LEU D 169 -41.78 -12.96 4.25
N GLU D 170 -40.76 -12.17 4.54
CA GLU D 170 -39.61 -12.00 3.65
C GLU D 170 -38.71 -13.23 3.63
N LEU D 171 -38.55 -13.91 4.76
CA LEU D 171 -37.51 -14.89 4.90
C LEU D 171 -37.97 -16.36 4.99
N SER D 172 -39.21 -16.64 5.44
CA SER D 172 -39.67 -18.02 5.51
C SER D 172 -39.75 -18.70 4.13
N PRO D 173 -39.98 -17.95 3.04
CA PRO D 173 -39.85 -18.61 1.74
C PRO D 173 -38.44 -19.16 1.42
N SER D 174 -37.41 -18.67 2.09
CA SER D 174 -36.05 -19.24 1.99
C SER D 174 -35.75 -20.25 3.10
N GLY D 175 -36.75 -20.68 3.86
CA GLY D 175 -36.56 -21.70 4.92
C GLY D 175 -36.21 -21.20 6.32
N ILE D 176 -36.22 -19.87 6.50
CA ILE D 176 -35.87 -19.26 7.78
C ILE D 176 -37.12 -19.25 8.69
N TYR D 177 -36.95 -19.65 9.94
CA TYR D 177 -37.98 -19.46 11.00
C TYR D 177 -37.75 -18.13 11.78
N VAL D 178 -38.79 -17.32 11.83
CA VAL D 178 -38.78 -16.05 12.57
C VAL D 178 -39.90 -16.00 13.55
N GLN D 179 -39.54 -15.97 14.83
CA GLN D 179 -40.47 -16.12 15.95
C GLN D 179 -40.47 -14.83 16.74
N ALA D 180 -41.65 -14.33 17.07
CA ALA D 180 -41.79 -13.28 18.05
C ALA D 180 -42.30 -13.92 19.33
N VAL D 181 -41.53 -13.72 20.41
CA VAL D 181 -41.88 -14.19 21.73
C VAL D 181 -42.24 -12.98 22.58
N LEU D 182 -43.45 -12.98 23.14
CA LEU D 182 -44.00 -11.84 23.85
C LEU D 182 -44.37 -12.19 25.28
N PRO D 183 -43.41 -12.01 26.21
CA PRO D 183 -43.72 -12.24 27.59
C PRO D 183 -44.58 -11.08 28.13
N ALA D 184 -45.23 -11.32 29.27
CA ALA D 184 -45.66 -10.25 30.15
C ALA D 184 -44.74 -10.26 31.36
N ALA D 185 -45.15 -9.67 32.46
CA ALA D 185 -44.23 -9.47 33.57
C ALA D 185 -43.63 -10.81 33.98
N THR D 186 -42.30 -10.83 34.03
CA THR D 186 -41.51 -11.99 34.30
C THR D 186 -40.36 -11.61 35.26
N ARG D 187 -39.95 -12.55 36.12
CA ARG D 187 -39.10 -12.20 37.26
C ARG D 187 -37.62 -12.23 36.87
N THR D 188 -37.14 -11.07 36.42
CA THR D 188 -35.80 -10.87 35.90
C THR D 188 -35.24 -9.58 36.50
N GLU D 189 -34.04 -9.20 36.06
CA GLU D 189 -33.40 -7.96 36.56
C GLU D 189 -33.94 -6.67 35.92
N ILE D 190 -34.82 -6.80 34.93
CA ILE D 190 -35.30 -5.63 34.16
C ILE D 190 -36.00 -4.59 35.04
N TRP D 191 -36.71 -5.06 36.08
CA TRP D 191 -37.50 -4.20 36.96
C TRP D 191 -36.62 -3.28 37.79
N GLY D 192 -35.71 -3.90 38.53
CA GLY D 192 -34.72 -3.15 39.29
C GLY D 192 -33.86 -2.25 38.42
N ARG D 193 -33.47 -2.71 37.24
CA ARG D 193 -32.75 -1.82 36.31
C ARG D 193 -33.54 -0.54 36.05
N ALA D 194 -34.84 -0.65 35.96
CA ALA D 194 -35.64 0.53 35.68
C ALA D 194 -36.08 1.33 36.93
N GLY D 195 -35.70 0.88 38.12
CA GLY D 195 -36.12 1.53 39.35
C GLY D 195 -37.52 1.13 39.82
N ILE D 196 -37.94 -0.10 39.51
CA ILE D 196 -39.24 -0.63 39.92
C ILE D 196 -39.02 -1.85 40.81
N ASP D 197 -39.81 -1.92 41.87
CA ASP D 197 -39.82 -3.06 42.74
C ASP D 197 -40.76 -4.08 42.10
N VAL D 198 -40.18 -5.18 41.65
CA VAL D 198 -40.89 -6.28 41.03
C VAL D 198 -42.01 -6.84 41.94
N ASN D 199 -41.83 -6.77 43.26
CA ASN D 199 -42.85 -7.28 44.18
C ASN D 199 -44.19 -6.45 44.23
N THR D 200 -44.18 -5.23 43.68
CA THR D 200 -45.39 -4.39 43.58
C THR D 200 -46.28 -4.73 42.36
N LEU D 201 -45.77 -5.51 41.41
CA LEU D 201 -46.59 -5.97 40.29
C LEU D 201 -47.61 -7.02 40.76
N PRO D 202 -48.86 -6.90 40.30
CA PRO D 202 -49.91 -7.81 40.78
C PRO D 202 -49.46 -9.26 40.59
N GLU D 203 -48.99 -9.57 39.40
CA GLU D 203 -48.61 -10.92 39.06
C GLU D 203 -47.39 -10.94 38.15
N VAL D 204 -46.54 -11.94 38.37
CA VAL D 204 -45.27 -12.05 37.71
C VAL D 204 -44.99 -13.53 37.45
N MET D 205 -44.52 -13.87 36.25
CA MET D 205 -44.26 -15.24 35.87
C MET D 205 -42.81 -15.57 36.21
N GLU D 206 -42.56 -16.81 36.62
CA GLU D 206 -41.20 -17.23 36.86
C GLU D 206 -40.51 -17.36 35.52
N VAL D 207 -39.24 -17.02 35.48
CA VAL D 207 -38.47 -17.08 34.25
C VAL D 207 -38.37 -18.51 33.66
N ASP D 208 -38.26 -19.53 34.50
CA ASP D 208 -38.27 -20.92 34.01
C ASP D 208 -39.52 -21.27 33.22
N GLU D 209 -40.67 -20.88 33.74
CA GLU D 209 -41.92 -21.19 33.11
C GLU D 209 -42.11 -20.47 31.77
N LEU D 210 -41.71 -19.20 31.72
CA LEU D 210 -41.80 -18.44 30.48
C LEU D 210 -40.97 -19.05 29.33
N VAL D 211 -39.70 -19.29 29.61
CA VAL D 211 -38.80 -19.81 28.59
C VAL D 211 -39.24 -21.21 28.12
N ASP D 212 -39.68 -22.07 29.04
CA ASP D 212 -40.22 -23.38 28.65
C ASP D 212 -41.45 -23.25 27.77
N ALA D 213 -42.36 -22.36 28.13
CA ALA D 213 -43.48 -22.05 27.24
C ALA D 213 -42.98 -21.56 25.87
N ALA D 214 -42.02 -20.65 25.87
CA ALA D 214 -41.52 -20.07 24.62
C ALA D 214 -40.97 -21.16 23.73
N LEU D 215 -40.34 -22.15 24.35
CA LEU D 215 -39.64 -23.18 23.60
C LEU D 215 -40.59 -24.25 23.10
N VAL D 216 -41.75 -24.37 23.74
CA VAL D 216 -42.80 -25.16 23.18
C VAL D 216 -43.27 -24.50 21.86
N GLY D 217 -43.54 -23.20 21.92
CA GLY D 217 -43.80 -22.44 20.72
C GLY D 217 -42.72 -22.66 19.65
N PHE D 218 -41.45 -22.57 20.04
CA PHE D 218 -40.33 -22.67 19.11
C PHE D 218 -40.38 -24.03 18.40
N ASP D 219 -40.60 -25.09 19.16
CA ASP D 219 -40.60 -26.45 18.63
C ASP D 219 -41.77 -26.70 17.71
N ARG D 220 -42.88 -26.02 17.95
CA ARG D 220 -44.02 -26.10 17.03
C ARG D 220 -43.84 -25.12 15.85
N ARG D 221 -42.76 -24.35 15.86
CA ARG D 221 -42.47 -23.39 14.79
C ARG D 221 -43.55 -22.28 14.73
N GLU D 222 -44.07 -21.90 15.89
CA GLU D 222 -45.09 -20.85 16.00
C GLU D 222 -44.50 -19.43 15.74
N LEU D 223 -45.26 -18.59 15.04
CA LEU D 223 -44.76 -17.30 14.56
C LEU D 223 -44.82 -16.26 15.64
N VAL D 224 -45.96 -16.20 16.32
CA VAL D 224 -46.13 -15.29 17.44
C VAL D 224 -46.51 -16.10 18.68
N THR D 225 -45.66 -16.03 19.70
CA THR D 225 -45.83 -16.83 20.90
C THR D 225 -46.00 -15.91 22.10
N ILE D 226 -47.16 -16.01 22.74
CA ILE D 226 -47.55 -15.15 23.85
C ILE D 226 -47.98 -16.02 25.03
N PRO D 227 -47.01 -16.55 25.79
CA PRO D 227 -47.32 -17.45 26.89
C PRO D 227 -48.40 -17.01 27.87
N PRO D 228 -48.45 -15.71 28.22
CA PRO D 228 -49.45 -15.35 29.24
C PRO D 228 -50.82 -15.02 28.68
N LEU D 229 -51.03 -15.27 27.39
CA LEU D 229 -52.31 -15.04 26.78
C LEU D 229 -53.06 -16.30 26.91
N HIS D 230 -54.08 -16.31 27.76
CA HIS D 230 -54.83 -17.55 28.01
C HIS D 230 -55.90 -17.93 26.95
N VAL D 231 -56.24 -17.01 26.04
CA VAL D 231 -57.12 -17.31 24.92
C VAL D 231 -56.43 -16.98 23.60
N ALA D 232 -55.92 -18.02 22.92
CA ALA D 232 -55.12 -17.86 21.72
C ALA D 232 -55.81 -17.10 20.60
N ALA D 233 -57.12 -17.24 20.52
CA ALA D 233 -57.84 -16.58 19.45
C ALA D 233 -57.88 -15.04 19.53
N ARG D 234 -57.45 -14.46 20.63
CA ARG D 234 -57.39 -12.99 20.71
C ARG D 234 -56.29 -12.43 19.86
N TRP D 235 -55.23 -13.21 19.67
CA TRP D 235 -54.18 -12.84 18.71
C TRP D 235 -54.72 -12.86 17.28
N ASP D 236 -55.37 -13.95 16.85
CA ASP D 236 -56.01 -14.03 15.50
C ASP D 236 -57.03 -12.92 15.26
N ALA D 237 -57.73 -12.53 16.32
CA ALA D 237 -58.70 -11.46 16.21
C ALA D 237 -58.02 -10.11 16.08
N LEU D 238 -56.90 -9.91 16.77
CA LEU D 238 -56.18 -8.65 16.65
C LEU D 238 -55.64 -8.53 15.25
N ASP D 239 -55.02 -9.61 14.78
CA ASP D 239 -54.46 -9.62 13.43
C ASP D 239 -55.55 -9.47 12.36
N GLY D 240 -56.74 -10.05 12.60
CA GLY D 240 -57.88 -9.90 11.71
C GLY D 240 -58.36 -8.44 11.60
N ALA D 241 -58.48 -7.79 12.76
CA ALA D 241 -58.92 -6.39 12.80
C ALA D 241 -57.88 -5.45 12.10
N ARG D 242 -56.61 -5.78 12.26
CA ARG D 242 -55.55 -5.12 11.52
C ARG D 242 -55.77 -5.28 10.00
N GLN D 243 -55.96 -6.51 9.53
CA GLN D 243 -56.26 -6.72 8.09
C GLN D 243 -57.60 -6.17 7.65
N GLY D 244 -58.60 -6.23 8.53
CA GLY D 244 -59.83 -5.55 8.32
C GLY D 244 -59.66 -4.05 8.04
N LEU D 245 -58.89 -3.38 8.88
CA LEU D 245 -58.62 -1.97 8.69
C LEU D 245 -57.94 -1.73 7.34
N MET D 246 -56.93 -2.55 7.04
CA MET D 246 -56.23 -2.48 5.73
C MET D 246 -57.15 -2.66 4.54
N SER D 247 -58.18 -3.49 4.66
CA SER D 247 -59.14 -3.66 3.55
C SER D 247 -59.99 -2.40 3.24
N ASP D 248 -60.12 -1.46 4.20
CA ASP D 248 -60.91 -0.24 3.98
C ASP D 248 -60.04 1.03 3.74
N ILE D 249 -58.77 0.83 3.38
CA ILE D 249 -57.89 1.92 2.99
C ILE D 249 -58.13 2.15 1.54
N ARG D 250 -58.43 3.36 1.20
CA ARG D 250 -58.65 3.74 -0.16
C ARG D 250 -57.77 4.93 -0.38
N GLN D 251 -56.71 4.72 -1.10
CA GLN D 251 -55.55 5.65 -1.08
C GLN D 251 -55.60 6.87 -1.96
N ALA D 252 -56.46 6.89 -2.96
CA ALA D 252 -56.52 8.03 -3.90
C ALA D 252 -57.18 9.24 -3.30
N GLN D 253 -58.16 9.03 -2.41
CA GLN D 253 -59.05 10.09 -1.94
C GLN D 253 -59.12 10.05 -0.41
N ALA D 254 -59.15 11.22 0.21
CA ALA D 254 -59.42 11.34 1.63
C ALA D 254 -60.86 10.96 1.94
N ALA D 255 -61.06 10.40 3.13
CA ALA D 255 -62.38 9.90 3.57
C ALA D 255 -63.40 11.01 3.72
N ASP D 256 -64.67 10.68 3.49
CA ASP D 256 -65.75 11.69 3.46
C ASP D 256 -65.70 12.60 4.67
N ARG D 257 -65.37 12.01 5.82
CA ARG D 257 -65.41 12.77 7.09
C ARG D 257 -64.41 13.90 7.14
N TYR D 258 -63.49 13.95 6.19
CA TYR D 258 -62.47 15.04 6.16
C TYR D 258 -62.70 16.03 5.02
N ARG D 259 -63.83 15.95 4.34
CA ARG D 259 -64.11 16.84 3.19
C ARG D 259 -65.48 17.49 3.30
N THR E 3 22.32 29.75 -55.01
CA THR E 3 21.59 29.69 -53.67
C THR E 3 22.55 29.40 -52.49
N LEU E 4 22.53 30.28 -51.47
CA LEU E 4 23.25 30.06 -50.22
C LEU E 4 22.69 28.83 -49.45
N PRO E 5 23.57 28.05 -48.79
CA PRO E 5 23.08 26.83 -48.12
C PRO E 5 22.15 27.11 -46.92
N THR E 6 21.12 26.29 -46.75
CA THR E 6 20.30 26.36 -45.58
C THR E 6 21.17 25.96 -44.40
N VAL E 7 20.95 26.61 -43.26
CA VAL E 7 21.69 26.29 -42.05
C VAL E 7 20.71 25.64 -41.10
N LEU E 8 21.04 24.46 -40.65
CA LEU E 8 20.36 23.88 -39.46
C LEU E 8 21.15 24.16 -38.21
N ILE E 9 20.49 24.81 -37.27
CA ILE E 9 21.09 25.17 -35.97
C ILE E 9 20.36 24.45 -34.82
N THR E 10 21.10 23.70 -34.01
CA THR E 10 20.54 23.14 -32.75
C THR E 10 20.75 24.14 -31.60
N GLY E 11 19.83 24.08 -30.65
CA GLY E 11 19.75 25.07 -29.57
C GLY E 11 19.54 26.47 -30.12
N ALA E 12 18.57 26.63 -31.03
CA ALA E 12 18.35 27.93 -31.65
C ALA E 12 17.42 28.86 -30.88
N SER E 13 16.81 28.38 -29.81
CA SER E 13 15.74 29.16 -29.14
C SER E 13 16.29 30.27 -28.24
N SER E 14 17.54 30.16 -27.78
CA SER E 14 18.13 31.15 -26.95
C SER E 14 19.65 31.22 -27.15
N GLY E 15 20.27 32.25 -26.53
CA GLY E 15 21.71 32.30 -26.40
C GLY E 15 22.49 32.31 -27.71
N ILE E 16 23.56 31.52 -27.74
CA ILE E 16 24.43 31.50 -28.91
C ILE E 16 23.73 31.01 -30.18
N GLY E 17 22.95 29.94 -30.05
CA GLY E 17 22.16 29.42 -31.16
C GLY E 17 21.33 30.54 -31.75
N ALA E 18 20.60 31.26 -30.90
CA ALA E 18 19.59 32.22 -31.41
C ALA E 18 20.28 33.39 -32.12
N THR E 19 21.44 33.79 -31.63
CA THR E 19 22.21 34.85 -32.26
C THR E 19 22.80 34.37 -33.58
N TYR E 20 23.27 33.13 -33.61
CA TYR E 20 23.72 32.53 -34.90
C TYR E 20 22.58 32.60 -35.91
N ALA E 21 21.38 32.25 -35.47
CA ALA E 21 20.23 32.25 -36.35
C ALA E 21 19.97 33.62 -36.89
N GLU E 22 19.94 34.61 -36.00
CA GLU E 22 19.73 35.98 -36.42
C GLU E 22 20.80 36.40 -37.43
N ARG E 23 22.03 36.05 -37.15
CA ARG E 23 23.14 36.49 -37.97
C ARG E 23 23.16 35.82 -39.36
N PHE E 24 22.89 34.52 -39.41
CA PHE E 24 22.83 33.83 -40.69
C PHE E 24 21.63 34.28 -41.53
N ALA E 25 20.52 34.60 -40.87
CA ALA E 25 19.35 35.12 -41.57
C ALA E 25 19.67 36.47 -42.23
N ARG E 26 20.41 37.32 -41.52
CA ARG E 26 20.87 38.61 -42.07
C ARG E 26 21.89 38.52 -43.19
N ARG E 27 22.62 37.41 -43.27
CA ARG E 27 23.48 37.10 -44.41
C ARG E 27 22.72 36.50 -45.59
N GLY E 28 21.44 36.19 -45.41
CA GLY E 28 20.61 35.69 -46.52
C GLY E 28 20.37 34.16 -46.57
N HIS E 29 20.78 33.44 -45.53
CA HIS E 29 20.56 31.99 -45.50
C HIS E 29 19.14 31.63 -45.02
N ASP E 30 18.48 30.71 -45.70
CA ASP E 30 17.35 29.98 -45.11
C ASP E 30 17.79 29.13 -43.88
N LEU E 31 16.87 28.83 -42.94
CA LEU E 31 17.24 28.24 -41.68
C LEU E 31 16.32 27.12 -41.24
N VAL E 32 16.91 26.17 -40.47
CA VAL E 32 16.14 25.23 -39.71
C VAL E 32 16.58 25.31 -38.28
N LEU E 33 15.63 25.73 -37.44
CA LEU E 33 15.93 25.98 -36.04
C LEU E 33 15.39 24.88 -35.18
N VAL E 34 16.26 24.27 -34.36
CA VAL E 34 15.83 23.26 -33.50
C VAL E 34 16.14 23.46 -32.04
N ALA E 35 15.11 23.17 -31.23
CA ALA E 35 15.18 23.15 -29.77
C ALA E 35 13.84 22.60 -29.22
N ARG E 36 13.73 22.47 -27.89
CA ARG E 36 12.50 21.97 -27.30
C ARG E 36 11.39 22.98 -27.27
N ASP E 37 11.72 24.25 -27.05
CA ASP E 37 10.68 25.28 -26.82
C ASP E 37 10.06 25.76 -28.17
N LYS E 38 9.07 25.00 -28.66
CA LYS E 38 8.43 25.28 -29.94
C LYS E 38 7.85 26.72 -30.02
N VAL E 39 7.17 27.13 -28.96
CA VAL E 39 6.51 28.38 -28.96
C VAL E 39 7.55 29.50 -29.13
N ARG E 40 8.68 29.36 -28.48
CA ARG E 40 9.70 30.40 -28.57
C ARG E 40 10.37 30.38 -29.95
N LEU E 41 10.53 29.21 -30.51
CA LEU E 41 11.08 29.07 -31.85
C LEU E 41 10.21 29.71 -32.90
N ASP E 42 8.91 29.50 -32.77
CA ASP E 42 7.94 30.07 -33.72
C ASP E 42 7.93 31.60 -33.69
N ALA E 43 8.07 32.21 -32.51
CA ALA E 43 8.23 33.69 -32.45
C ALA E 43 9.52 34.16 -33.11
N LEU E 44 10.62 33.46 -32.87
CA LEU E 44 11.92 33.81 -33.46
C LEU E 44 11.84 33.65 -34.98
N ALA E 45 11.35 32.50 -35.43
CA ALA E 45 11.31 32.21 -36.84
C ALA E 45 10.51 33.29 -37.53
N ALA E 46 9.40 33.70 -36.91
CA ALA E 46 8.53 34.70 -37.50
C ALA E 46 9.24 36.04 -37.58
N ARG E 47 9.97 36.40 -36.54
CA ARG E 47 10.76 37.62 -36.59
C ARG E 47 11.84 37.61 -37.69
N LEU E 48 12.55 36.50 -37.84
CA LEU E 48 13.60 36.41 -38.87
C LEU E 48 13.06 36.36 -40.32
N ARG E 49 11.94 35.65 -40.54
CA ARG E 49 11.26 35.68 -41.83
C ARG E 49 10.88 37.13 -42.21
N ASP E 50 10.28 37.87 -41.25
CA ASP E 50 9.79 39.19 -41.49
C ASP E 50 10.96 40.13 -41.69
N GLU E 51 11.89 40.17 -40.74
CA GLU E 51 13.02 41.12 -40.83
C GLU E 51 13.95 40.88 -42.01
N SER E 52 14.27 39.62 -42.29
CA SER E 52 15.28 39.29 -43.26
C SER E 52 14.79 38.68 -44.57
N GLY E 53 13.53 38.27 -44.64
CA GLY E 53 12.98 37.69 -45.88
C GLY E 53 13.49 36.33 -46.30
N VAL E 54 14.04 35.56 -45.39
CA VAL E 54 14.47 34.19 -45.66
C VAL E 54 13.45 33.18 -45.14
N ALA E 55 13.50 31.95 -45.62
CA ALA E 55 12.63 30.91 -45.07
C ALA E 55 13.22 30.49 -43.73
N VAL E 56 12.38 30.33 -42.74
CA VAL E 56 12.80 29.79 -41.49
C VAL E 56 11.75 28.77 -40.98
N GLU E 57 12.21 27.59 -40.70
CA GLU E 57 11.35 26.58 -40.16
C GLU E 57 11.73 26.34 -38.72
N ALA E 58 10.70 26.27 -37.88
CA ALA E 58 10.88 25.89 -36.49
C ALA E 58 10.64 24.39 -36.32
N LEU E 59 11.63 23.68 -35.84
CA LEU E 59 11.53 22.24 -35.68
C LEU E 59 11.72 21.87 -34.20
N GLN E 60 10.63 21.52 -33.57
CA GLN E 60 10.72 21.00 -32.20
C GLN E 60 11.50 19.67 -32.08
N ALA E 61 12.43 19.57 -31.13
CA ALA E 61 13.09 18.34 -30.83
C ALA E 61 13.77 18.38 -29.51
N ASP E 62 13.58 17.32 -28.71
CA ASP E 62 14.35 17.10 -27.52
C ASP E 62 15.42 16.17 -27.96
N LEU E 63 16.65 16.67 -28.12
CA LEU E 63 17.76 15.83 -28.65
C LEU E 63 18.24 14.76 -27.67
N THR E 64 17.61 14.65 -26.50
CA THR E 64 17.89 13.54 -25.62
C THR E 64 16.81 12.52 -25.69
N ARG E 65 15.81 12.74 -26.54
CA ARG E 65 14.75 11.72 -26.76
C ARG E 65 15.00 10.97 -28.08
N PRO E 66 15.24 9.66 -28.01
CA PRO E 66 15.65 8.92 -29.21
C PRO E 66 14.84 9.17 -30.47
N ALA E 67 13.50 9.23 -30.36
CA ALA E 67 12.67 9.47 -31.55
C ALA E 67 12.88 10.88 -32.16
N ASP E 68 13.03 11.91 -31.35
CA ASP E 68 13.24 13.27 -31.85
C ASP E 68 14.60 13.41 -32.52
N LEU E 69 15.61 12.82 -31.92
CA LEU E 69 16.95 12.86 -32.47
C LEU E 69 16.97 12.14 -33.79
N ALA E 70 16.33 10.99 -33.84
CA ALA E 70 16.27 10.24 -35.11
C ALA E 70 15.60 11.07 -36.19
N ALA E 71 14.56 11.82 -35.81
CA ALA E 71 13.83 12.63 -36.82
C ALA E 71 14.76 13.73 -37.36
N VAL E 72 15.61 14.29 -36.51
CA VAL E 72 16.51 15.35 -36.99
C VAL E 72 17.61 14.78 -37.86
N GLU E 73 18.12 13.63 -37.47
CA GLU E 73 19.04 12.89 -38.32
C GLU E 73 18.46 12.71 -39.73
N ILE E 74 17.25 12.19 -39.80
CA ILE E 74 16.62 11.95 -41.08
C ILE E 74 16.67 13.23 -41.91
N ARG E 75 16.24 14.32 -41.32
CA ARG E 75 16.16 15.58 -42.07
C ARG E 75 17.52 15.99 -42.61
N LEU E 76 18.54 15.85 -41.79
CA LEU E 76 19.88 16.15 -42.23
C LEU E 76 20.37 15.21 -43.36
N ARG E 77 20.03 13.93 -43.30
CA ARG E 77 20.45 12.97 -44.32
C ARG E 77 19.81 13.22 -45.66
N GLU E 78 18.55 13.63 -45.62
CA GLU E 78 17.73 13.69 -46.81
C GLU E 78 17.67 15.04 -47.52
N ASP E 79 17.94 16.15 -46.82
CA ASP E 79 17.67 17.49 -47.40
C ASP E 79 18.96 18.17 -47.89
N ALA E 80 19.19 18.08 -49.19
CA ALA E 80 20.42 18.57 -49.85
C ALA E 80 20.61 20.07 -49.68
N ARG E 81 19.54 20.79 -49.39
CA ARG E 81 19.65 22.22 -49.14
C ARG E 81 20.51 22.53 -47.94
N ILE E 82 20.55 21.64 -46.94
CA ILE E 82 21.23 21.93 -45.70
C ILE E 82 22.71 21.69 -45.85
N GLY E 83 23.47 22.78 -45.93
CA GLY E 83 24.91 22.70 -46.14
C GLY E 83 25.74 23.22 -44.98
N ILE E 84 25.09 23.69 -43.92
CA ILE E 84 25.80 24.11 -42.72
C ILE E 84 25.06 23.58 -41.47
N LEU E 85 25.79 22.86 -40.63
CA LEU E 85 25.25 22.35 -39.38
C LEU E 85 25.95 23.10 -38.21
N ILE E 86 25.18 23.78 -37.38
CA ILE E 86 25.71 24.32 -36.14
C ILE E 86 25.27 23.44 -34.97
N ASN E 87 26.17 22.58 -34.51
CA ASN E 87 25.95 21.73 -33.37
C ASN E 87 26.18 22.53 -32.09
N ASN E 88 25.18 23.33 -31.73
CA ASN E 88 25.28 24.28 -30.63
C ASN E 88 24.52 23.86 -29.39
N ALA E 89 23.44 23.10 -29.53
CA ALA E 89 22.67 22.65 -28.35
C ALA E 89 23.61 21.97 -27.28
N GLY E 90 23.49 22.41 -26.04
CA GLY E 90 24.28 21.92 -24.92
C GLY E 90 23.80 22.47 -23.58
N MET E 91 24.22 21.82 -22.49
CA MET E 91 23.89 22.29 -21.14
C MET E 91 25.11 22.07 -20.28
N ALA E 92 25.15 22.79 -19.16
CA ALA E 92 26.26 22.67 -18.26
C ALA E 92 25.86 21.73 -17.13
N GLN E 93 26.79 21.52 -16.24
CA GLN E 93 26.63 20.62 -15.08
C GLN E 93 26.17 21.43 -13.89
N SER E 94 25.25 20.85 -13.14
CA SER E 94 24.68 21.50 -12.00
C SER E 94 25.17 20.79 -10.76
N GLY E 95 25.88 21.51 -9.90
CA GLY E 95 26.53 20.89 -8.75
C GLY E 95 27.77 20.03 -9.06
N GLY E 96 28.50 19.67 -8.01
CA GLY E 96 29.70 18.89 -8.12
C GLY E 96 29.42 17.44 -8.35
N PHE E 97 30.50 16.68 -8.47
CA PHE E 97 30.39 15.28 -8.90
C PHE E 97 29.53 14.44 -7.96
N VAL E 98 29.70 14.59 -6.65
CA VAL E 98 28.92 13.77 -5.74
C VAL E 98 27.47 14.17 -5.67
N GLN E 99 27.09 15.35 -6.15
CA GLN E 99 25.65 15.75 -6.18
C GLN E 99 24.97 15.38 -7.48
N GLN E 100 25.68 14.73 -8.38
CA GLN E 100 25.09 14.17 -9.61
C GLN E 100 24.18 13.00 -9.43
N THR E 101 23.35 12.84 -10.42
CA THR E 101 22.39 11.73 -10.52
C THR E 101 22.70 10.85 -11.75
N ALA E 102 22.28 9.61 -11.74
CA ALA E 102 22.33 8.79 -12.96
C ALA E 102 21.62 9.50 -14.13
N GLU E 103 20.38 9.88 -13.92
CA GLU E 103 19.57 10.52 -14.96
C GLU E 103 20.30 11.74 -15.45
N GLY E 104 20.85 12.52 -14.55
CA GLY E 104 21.48 13.81 -14.91
C GLY E 104 22.74 13.62 -15.77
N ILE E 105 23.47 12.56 -15.48
CA ILE E 105 24.67 12.23 -16.17
C ILE E 105 24.33 11.77 -17.55
N GLU E 106 23.38 10.88 -17.63
CA GLU E 106 22.85 10.44 -18.91
C GLU E 106 22.48 11.65 -19.79
N ARG E 107 21.65 12.54 -19.26
CA ARG E 107 21.20 13.66 -20.02
C ARG E 107 22.36 14.55 -20.49
N LEU E 108 23.28 14.87 -19.59
CA LEU E 108 24.33 15.79 -19.92
C LEU E 108 25.20 15.21 -21.08
N ILE E 109 25.57 13.93 -20.94
CA ILE E 109 26.44 13.26 -21.90
C ILE E 109 25.71 13.00 -23.21
N THR E 110 24.46 12.56 -23.12
CA THR E 110 23.68 12.42 -24.32
C THR E 110 23.57 13.73 -25.17
N LEU E 111 23.22 14.84 -24.56
CA LEU E 111 22.99 16.05 -25.32
C LEU E 111 24.32 16.60 -25.87
N ASN E 112 25.34 16.68 -25.03
CA ASN E 112 26.55 17.41 -25.38
C ASN E 112 27.51 16.65 -26.29
N THR E 113 27.28 15.37 -26.42
CA THR E 113 28.25 14.45 -26.96
C THR E 113 27.55 13.49 -27.98
N THR E 114 26.60 12.68 -27.52
CA THR E 114 25.97 11.68 -28.37
C THR E 114 25.12 12.27 -29.48
N ALA E 115 24.27 13.21 -29.12
CA ALA E 115 23.45 13.93 -30.09
C ALA E 115 24.30 14.71 -31.10
N LEU E 116 25.25 15.50 -30.58
CA LEU E 116 26.22 16.24 -31.40
C LEU E 116 26.93 15.37 -32.44
N THR E 117 27.47 14.26 -31.97
CA THR E 117 28.19 13.36 -32.82
C THR E 117 27.27 12.72 -33.86
N ARG E 118 26.06 12.36 -33.43
CA ARG E 118 25.11 11.69 -34.34
C ARG E 118 24.59 12.62 -35.44
N LEU E 119 24.40 13.89 -35.11
CA LEU E 119 23.93 14.88 -36.12
C LEU E 119 25.05 15.11 -37.13
N ALA E 120 26.28 15.22 -36.65
CA ALA E 120 27.45 15.28 -37.55
C ALA E 120 27.53 14.05 -38.42
N ALA E 121 27.29 12.86 -37.87
CA ALA E 121 27.33 11.63 -38.66
C ALA E 121 26.18 11.58 -39.65
N ALA E 122 25.11 12.29 -39.38
CA ALA E 122 23.97 12.26 -40.29
C ALA E 122 24.22 13.08 -41.56
N VAL E 123 24.99 14.17 -41.47
CA VAL E 123 25.33 14.96 -42.68
C VAL E 123 26.61 14.56 -43.37
N ALA E 124 27.55 13.96 -42.66
CA ALA E 124 28.87 13.75 -43.22
C ALA E 124 28.88 12.95 -44.52
N PRO E 125 28.12 11.86 -44.61
CA PRO E 125 28.16 11.10 -45.87
C PRO E 125 27.67 11.92 -47.08
N ARG E 126 26.56 12.62 -46.91
CA ARG E 126 26.02 13.48 -47.96
C ARG E 126 26.96 14.64 -48.33
N PHE E 127 27.62 15.21 -47.32
CA PHE E 127 28.63 16.19 -47.51
C PHE E 127 29.83 15.67 -48.29
N VAL E 128 30.36 14.54 -47.88
CA VAL E 128 31.40 13.86 -48.65
C VAL E 128 30.98 13.62 -50.13
N GLN E 129 29.76 13.11 -50.38
CA GLN E 129 29.30 12.95 -51.78
C GLN E 129 29.34 14.26 -52.56
N SER E 130 28.84 15.34 -51.96
CA SER E 130 28.70 16.60 -52.69
C SER E 130 30.01 17.34 -52.81
N GLY E 131 31.02 16.92 -52.03
CA GLY E 131 32.31 17.60 -52.02
C GLY E 131 32.33 18.93 -51.30
N THR E 132 31.27 19.20 -50.53
CA THR E 132 31.14 20.48 -49.83
C THR E 132 30.25 20.35 -48.59
N GLY E 133 30.34 21.34 -47.71
CA GLY E 133 29.58 21.34 -46.46
C GLY E 133 30.37 21.90 -45.30
N ALA E 134 29.67 22.27 -44.24
CA ALA E 134 30.34 22.86 -43.04
C ALA E 134 29.66 22.34 -41.76
N ILE E 135 30.50 21.93 -40.82
CA ILE E 135 30.06 21.51 -39.49
C ILE E 135 30.76 22.40 -38.46
N VAL E 136 29.97 23.18 -37.72
CA VAL E 136 30.44 24.02 -36.63
C VAL E 136 29.99 23.38 -35.30
N ASN E 137 30.96 22.93 -34.52
CA ASN E 137 30.74 22.33 -33.21
C ASN E 137 31.10 23.37 -32.13
N ILE E 138 30.21 23.61 -31.19
CA ILE E 138 30.49 24.50 -30.09
C ILE E 138 31.09 23.71 -28.91
N GLY E 139 32.36 23.96 -28.64
CA GLY E 139 33.03 23.35 -27.47
C GLY E 139 33.00 24.33 -26.29
N SER E 140 34.05 24.35 -25.48
CA SER E 140 34.21 25.35 -24.47
C SER E 140 35.62 25.39 -23.96
N VAL E 141 36.01 26.58 -23.52
CA VAL E 141 37.29 26.79 -22.84
C VAL E 141 37.34 25.93 -21.59
N VAL E 142 36.18 25.62 -21.00
CA VAL E 142 36.14 24.75 -19.82
C VAL E 142 36.79 23.37 -20.12
N GLY E 143 36.84 22.99 -21.41
CA GLY E 143 37.48 21.71 -21.85
C GLY E 143 38.99 21.74 -21.70
N PHE E 144 39.52 22.92 -21.36
CA PHE E 144 40.92 23.10 -21.02
C PHE E 144 41.10 23.25 -19.53
N ALA E 145 40.02 23.14 -18.74
CA ALA E 145 40.06 23.58 -17.35
C ALA E 145 39.35 22.63 -16.34
N PRO E 146 40.01 21.50 -16.01
CA PRO E 146 39.53 20.66 -14.88
C PRO E 146 39.45 21.44 -13.55
N GLU E 147 40.27 22.47 -13.40
CA GLU E 147 40.22 23.43 -12.24
C GLU E 147 38.90 24.16 -12.09
N PHE E 148 38.10 24.30 -13.15
CA PHE E 148 36.89 25.14 -13.10
C PHE E 148 35.82 24.44 -12.26
N GLY E 149 35.94 23.12 -12.12
CA GLY E 149 35.11 22.38 -11.17
C GLY E 149 33.89 21.67 -11.76
N MET E 150 33.69 21.74 -13.09
CA MET E 150 32.59 20.96 -13.77
C MET E 150 33.15 19.77 -14.52
N SER E 151 33.42 18.71 -13.81
CA SER E 151 34.25 17.65 -14.31
C SER E 151 33.63 16.94 -15.47
N ILE E 152 32.31 16.72 -15.39
CA ILE E 152 31.64 15.97 -16.46
C ILE E 152 31.40 16.88 -17.66
N TYR E 153 30.94 18.10 -17.40
CA TYR E 153 30.65 19.06 -18.46
C TYR E 153 31.92 19.42 -19.24
N GLY E 154 32.99 19.63 -18.50
CA GLY E 154 34.27 19.87 -19.12
C GLY E 154 34.73 18.69 -19.95
N ALA E 155 34.44 17.48 -19.46
CA ALA E 155 34.83 16.26 -20.20
C ALA E 155 34.10 16.22 -21.53
N THR E 156 32.82 16.58 -21.53
CA THR E 156 32.02 16.56 -22.76
C THR E 156 32.55 17.57 -23.76
N LYS E 157 33.09 18.67 -23.25
CA LYS E 157 33.73 19.66 -24.11
C LYS E 157 35.14 19.31 -24.65
N ALA E 158 35.93 18.59 -23.85
CA ALA E 158 37.15 18.00 -24.35
C ALA E 158 36.79 17.05 -25.49
N PHE E 159 35.69 16.30 -25.34
CA PHE E 159 35.22 15.36 -26.37
C PHE E 159 34.97 16.13 -27.66
N VAL E 160 34.21 17.21 -27.55
CA VAL E 160 33.83 18.00 -28.73
C VAL E 160 35.03 18.57 -29.46
N LEU E 161 36.03 19.09 -28.71
CA LEU E 161 37.25 19.59 -29.34
C LEU E 161 37.97 18.46 -30.12
N PHE E 162 38.19 17.36 -29.45
CA PHE E 162 38.87 16.24 -30.08
C PHE E 162 38.12 15.71 -31.32
N LEU E 163 36.82 15.51 -31.18
CA LEU E 163 36.00 15.07 -32.34
C LEU E 163 36.15 16.04 -33.49
N SER E 164 36.17 17.33 -33.19
CA SER E 164 36.28 18.33 -34.25
C SER E 164 37.63 18.22 -34.95
N GLN E 165 38.70 18.04 -34.18
CA GLN E 165 40.03 17.91 -34.77
C GLN E 165 40.09 16.69 -35.68
N GLY E 166 39.57 15.58 -35.17
CA GLY E 166 39.52 14.32 -35.95
C GLY E 166 38.68 14.43 -37.22
N LEU E 167 37.52 15.08 -37.12
CA LEU E 167 36.61 15.25 -38.28
C LEU E 167 37.23 16.12 -39.35
N ASN E 168 38.02 17.10 -38.94
CA ASN E 168 38.73 17.95 -39.89
C ASN E 168 39.69 17.13 -40.74
N LEU E 169 40.48 16.29 -40.10
CA LEU E 169 41.43 15.47 -40.82
C LEU E 169 40.76 14.46 -41.71
N GLU E 170 39.66 13.87 -41.26
CA GLU E 170 38.94 12.87 -42.02
C GLU E 170 38.22 13.45 -43.19
N LEU E 171 37.67 14.66 -43.03
CA LEU E 171 36.64 15.17 -43.98
C LEU E 171 37.12 16.32 -44.86
N SER E 172 38.13 17.07 -44.43
CA SER E 172 38.58 18.22 -45.24
C SER E 172 39.19 17.76 -46.58
N PRO E 173 39.79 16.58 -46.62
CA PRO E 173 40.17 16.10 -47.95
C PRO E 173 39.02 15.93 -48.96
N SER E 174 37.77 15.82 -48.49
CA SER E 174 36.60 15.80 -49.38
C SER E 174 35.97 17.17 -49.52
N GLY E 175 36.61 18.22 -49.02
CA GLY E 175 36.10 19.60 -49.15
C GLY E 175 35.19 20.10 -48.03
N ILE E 176 35.07 19.34 -46.95
CA ILE E 176 34.25 19.73 -45.82
C ILE E 176 35.03 20.65 -44.88
N TYR E 177 34.40 21.74 -44.44
CA TYR E 177 34.91 22.58 -43.34
C TYR E 177 34.35 22.10 -41.96
N VAL E 178 35.25 21.81 -41.04
CA VAL E 178 34.92 21.51 -39.68
C VAL E 178 35.59 22.53 -38.74
N GLN E 179 34.77 23.27 -37.98
CA GLN E 179 35.20 24.31 -37.06
C GLN E 179 34.84 23.98 -35.64
N ALA E 180 35.80 24.16 -34.73
CA ALA E 180 35.52 24.11 -33.32
C ALA E 180 35.54 25.53 -32.81
N VAL E 181 34.42 25.93 -32.17
CA VAL E 181 34.24 27.26 -31.58
C VAL E 181 34.19 27.08 -30.10
N LEU E 182 35.09 27.75 -29.42
CA LEU E 182 35.31 27.55 -27.96
C LEU E 182 35.12 28.86 -27.17
N PRO E 183 33.87 29.17 -26.79
CA PRO E 183 33.62 30.32 -25.99
C PRO E 183 34.11 30.10 -24.58
N ALA E 184 34.31 31.19 -23.86
CA ALA E 184 34.38 31.13 -22.37
C ALA E 184 33.08 31.74 -21.86
N ALA E 185 33.05 32.26 -20.63
CA ALA E 185 31.76 32.69 -20.07
C ALA E 185 31.09 33.76 -20.95
N THR E 186 29.83 33.47 -21.28
CA THR E 186 29.03 34.22 -22.25
C THR E 186 27.60 34.30 -21.72
N ARG E 187 26.95 35.42 -21.97
CA ARG E 187 25.71 35.75 -21.27
C ARG E 187 24.50 35.12 -21.97
N THR E 188 24.16 33.90 -21.52
CA THR E 188 23.10 33.05 -22.09
C THR E 188 22.28 32.46 -20.95
N GLU E 189 21.34 31.59 -21.29
CA GLU E 189 20.53 30.88 -20.26
C GLU E 189 21.25 29.69 -19.58
N ILE E 190 22.45 29.34 -20.04
CA ILE E 190 23.16 28.14 -19.51
C ILE E 190 23.42 28.19 -17.99
N TRP E 191 23.72 29.38 -17.50
CA TRP E 191 24.06 29.59 -16.12
C TRP E 191 22.87 29.30 -15.20
N GLY E 192 21.77 30.05 -15.42
CA GLY E 192 20.55 29.78 -14.69
C GLY E 192 20.05 28.34 -14.82
N ARG E 193 20.18 27.74 -16.01
CA ARG E 193 19.82 26.34 -16.15
C ARG E 193 20.62 25.48 -15.13
N ALA E 194 21.89 25.81 -14.90
CA ALA E 194 22.73 25.03 -14.00
C ALA E 194 22.68 25.51 -12.54
N GLY E 195 21.86 26.52 -12.24
CA GLY E 195 21.72 27.00 -10.86
C GLY E 195 22.86 27.93 -10.45
N ILE E 196 23.36 28.71 -11.42
CA ILE E 196 24.39 29.67 -11.18
C ILE E 196 23.87 31.03 -11.59
N ASP E 197 24.17 32.03 -10.75
CA ASP E 197 23.84 33.40 -11.06
C ASP E 197 24.99 33.97 -11.90
N VAL E 198 24.65 34.28 -13.15
CA VAL E 198 25.60 34.78 -14.13
C VAL E 198 26.25 36.08 -13.67
N ASN E 199 25.55 36.87 -12.87
CA ASN E 199 26.11 38.12 -12.36
C ASN E 199 27.25 37.94 -11.29
N THR E 200 27.43 36.74 -10.72
CA THR E 200 28.58 36.44 -9.84
C THR E 200 29.90 36.11 -10.56
N LEU E 201 29.86 35.87 -11.88
CA LEU E 201 31.07 35.59 -12.63
C LEU E 201 31.87 36.88 -12.78
N PRO E 202 33.19 36.80 -12.54
CA PRO E 202 34.02 38.02 -12.66
C PRO E 202 33.82 38.72 -13.99
N GLU E 203 33.87 37.96 -15.08
CA GLU E 203 33.71 38.52 -16.41
C GLU E 203 32.95 37.60 -17.34
N VAL E 204 32.14 38.22 -18.20
CA VAL E 204 31.22 37.54 -19.07
C VAL E 204 31.17 38.30 -20.37
N MET E 205 31.20 37.57 -21.49
CA MET E 205 31.13 38.20 -22.82
C MET E 205 29.66 38.30 -23.23
N GLU E 206 29.31 39.37 -23.94
CA GLU E 206 27.96 39.47 -24.51
C GLU E 206 27.87 38.47 -25.66
N VAL E 207 26.70 37.88 -25.80
CA VAL E 207 26.47 36.87 -26.85
C VAL E 207 26.64 37.42 -28.28
N ASP E 208 26.24 38.67 -28.54
CA ASP E 208 26.49 39.31 -29.84
C ASP E 208 27.99 39.31 -30.22
N GLU E 209 28.84 39.68 -29.28
CA GLU E 209 30.26 39.79 -29.54
C GLU E 209 30.90 38.43 -29.77
N LEU E 210 30.47 37.42 -29.02
CA LEU E 210 31.02 36.08 -29.22
C LEU E 210 30.71 35.53 -30.64
N VAL E 211 29.45 35.61 -31.01
CA VAL E 211 29.00 35.05 -32.28
C VAL E 211 29.61 35.77 -33.45
N ASP E 212 29.71 37.09 -33.37
CA ASP E 212 30.43 37.83 -34.40
C ASP E 212 31.88 37.41 -34.51
N ALA E 213 32.55 37.23 -33.38
CA ALA E 213 33.93 36.75 -33.39
C ALA E 213 33.99 35.37 -33.99
N ALA E 214 33.06 34.51 -33.61
CA ALA E 214 33.00 33.11 -34.16
C ALA E 214 32.82 33.10 -35.67
N LEU E 215 32.05 34.05 -36.19
CA LEU E 215 31.76 34.13 -37.59
C LEU E 215 32.88 34.72 -38.36
N VAL E 216 33.72 35.54 -37.71
CA VAL E 216 34.93 36.01 -38.35
C VAL E 216 35.82 34.77 -38.58
N GLY E 217 36.02 33.98 -37.52
CA GLY E 217 36.71 32.70 -37.66
C GLY E 217 36.13 31.83 -38.76
N PHE E 218 34.80 31.72 -38.80
CA PHE E 218 34.10 30.91 -39.83
C PHE E 218 34.44 31.38 -41.26
N ASP E 219 34.36 32.69 -41.50
CA ASP E 219 34.66 33.26 -42.81
C ASP E 219 36.11 33.09 -43.22
N ARG E 220 37.03 33.06 -42.26
CA ARG E 220 38.43 32.79 -42.57
C ARG E 220 38.69 31.31 -42.66
N ARG E 221 37.67 30.50 -42.38
CA ARG E 221 37.80 29.04 -42.45
C ARG E 221 38.82 28.56 -41.42
N GLU E 222 38.85 29.22 -40.27
CA GLU E 222 39.65 28.78 -39.13
C GLU E 222 39.14 27.47 -38.45
N LEU E 223 40.08 26.62 -38.06
CA LEU E 223 39.78 25.28 -37.55
C LEU E 223 39.37 25.30 -36.11
N VAL E 224 40.14 26.00 -35.31
CA VAL E 224 39.81 26.16 -33.90
C VAL E 224 39.74 27.61 -33.56
N THR E 225 38.56 28.04 -33.11
CA THR E 225 38.26 29.48 -32.91
C THR E 225 37.91 29.76 -31.47
N ILE E 226 38.77 30.52 -30.81
CA ILE E 226 38.70 30.76 -29.38
C ILE E 226 38.70 32.27 -29.17
N PRO E 227 37.56 32.90 -29.33
CA PRO E 227 37.45 34.34 -29.16
C PRO E 227 38.03 34.93 -27.88
N PRO E 228 37.95 34.25 -26.73
CA PRO E 228 38.46 34.91 -25.52
C PRO E 228 39.89 34.62 -25.21
N LEU E 229 40.57 34.02 -26.16
CA LEU E 229 42.01 33.74 -26.02
C LEU E 229 42.74 34.86 -26.67
N HIS E 230 43.30 35.74 -25.86
CA HIS E 230 43.88 36.97 -26.43
C HIS E 230 45.23 36.74 -27.15
N VAL E 231 45.87 35.58 -26.96
CA VAL E 231 47.14 35.27 -27.61
C VAL E 231 46.96 33.96 -28.36
N ALA E 232 46.69 34.09 -29.66
CA ALA E 232 46.46 32.91 -30.51
C ALA E 232 47.54 31.85 -30.41
N ALA E 233 48.79 32.23 -30.27
CA ALA E 233 49.87 31.24 -30.33
C ALA E 233 49.86 30.23 -29.16
N ARG E 234 49.01 30.45 -28.17
CA ARG E 234 48.92 29.51 -27.06
C ARG E 234 48.22 28.25 -27.51
N TRP E 235 47.32 28.40 -28.46
CA TRP E 235 46.68 27.24 -29.07
C TRP E 235 47.70 26.39 -29.83
N ASP E 236 48.46 27.01 -30.72
CA ASP E 236 49.55 26.32 -31.44
C ASP E 236 50.51 25.63 -30.51
N ALA E 237 50.80 26.24 -29.38
CA ALA E 237 51.74 25.69 -28.45
C ALA E 237 51.12 24.50 -27.75
N LEU E 238 49.82 24.55 -27.50
CA LEU E 238 49.14 23.40 -26.87
C LEU E 238 49.17 22.24 -27.84
N ASP E 239 48.84 22.51 -29.07
CA ASP E 239 48.83 21.48 -30.09
C ASP E 239 50.24 20.92 -30.41
N GLY E 240 51.25 21.77 -30.34
CA GLY E 240 52.62 21.34 -30.49
C GLY E 240 53.05 20.40 -29.39
N ALA E 241 52.73 20.75 -28.15
CA ALA E 241 53.09 19.92 -27.01
C ALA E 241 52.39 18.55 -27.10
N ARG E 242 51.17 18.56 -27.61
CA ARG E 242 50.43 17.34 -27.83
C ARG E 242 51.19 16.48 -28.84
N GLN E 243 51.57 17.05 -29.97
CA GLN E 243 52.36 16.30 -30.97
C GLN E 243 53.75 15.95 -30.46
N GLY E 244 54.34 16.82 -29.66
CA GLY E 244 55.61 16.52 -29.01
C GLY E 244 55.50 15.25 -28.15
N LEU E 245 54.45 15.16 -27.34
CA LEU E 245 54.24 13.99 -26.51
C LEU E 245 54.10 12.73 -27.38
N MET E 246 53.30 12.84 -28.46
CA MET E 246 53.11 11.74 -29.39
C MET E 246 54.41 11.28 -30.01
N SER E 247 55.35 12.20 -30.26
CA SER E 247 56.61 11.78 -30.88
C SER E 247 57.48 10.93 -29.95
N ASP E 248 57.25 10.99 -28.65
CA ASP E 248 58.04 10.21 -27.70
C ASP E 248 57.28 8.98 -27.13
N ILE E 249 56.25 8.53 -27.84
CA ILE E 249 55.56 7.31 -27.51
C ILE E 249 56.34 6.19 -28.17
N ARG E 250 56.84 5.24 -27.37
CA ARG E 250 57.45 4.02 -27.94
C ARG E 250 56.66 2.80 -27.40
N GLN E 251 55.88 2.19 -28.29
CA GLN E 251 54.75 1.35 -27.93
C GLN E 251 55.06 -0.10 -27.60
N ALA E 252 56.23 -0.61 -27.99
CA ALA E 252 56.55 -2.04 -27.77
C ALA E 252 56.89 -2.34 -26.32
N GLN E 253 57.45 -1.38 -25.61
CA GLN E 253 58.02 -1.59 -24.27
C GLN E 253 57.59 -0.45 -23.35
N ALA E 254 57.34 -0.77 -22.08
CA ALA E 254 57.09 0.23 -21.04
C ALA E 254 58.35 1.03 -20.73
N ALA E 255 58.18 2.30 -20.34
CA ALA E 255 59.29 3.19 -20.03
C ALA E 255 60.06 2.73 -18.78
N ASP E 256 61.33 3.07 -18.71
CA ASP E 256 62.23 2.68 -17.59
C ASP E 256 61.62 2.97 -16.23
N ARG E 257 61.00 4.13 -16.09
CA ARG E 257 60.38 4.52 -14.83
C ARG E 257 59.38 3.50 -14.28
N TYR E 258 58.75 2.73 -15.16
CA TYR E 258 57.73 1.78 -14.73
C TYR E 258 58.26 0.35 -14.44
N ARG E 259 59.57 0.22 -14.23
CA ARG E 259 60.12 -0.84 -13.28
C ARG E 259 61.61 -0.95 -13.53
N LEU F 4 42.23 -6.09 3.07
CA LEU F 4 42.45 -5.40 1.74
C LEU F 4 41.12 -5.16 1.01
N PRO F 5 40.99 -4.01 0.33
CA PRO F 5 39.70 -3.71 -0.29
C PRO F 5 39.36 -4.63 -1.45
N THR F 6 38.09 -5.00 -1.60
CA THR F 6 37.64 -5.72 -2.77
C THR F 6 37.75 -4.79 -3.97
N VAL F 7 38.14 -5.36 -5.10
CA VAL F 7 38.28 -4.63 -6.34
C VAL F 7 37.17 -5.03 -7.30
N LEU F 8 36.39 -4.06 -7.76
CA LEU F 8 35.45 -4.29 -8.87
C LEU F 8 36.09 -3.82 -10.16
N ILE F 9 36.20 -4.75 -11.10
CA ILE F 9 36.85 -4.50 -12.40
C ILE F 9 35.82 -4.69 -13.53
N THR F 10 35.61 -3.65 -14.35
CA THR F 10 34.78 -3.80 -15.55
C THR F 10 35.67 -4.21 -16.72
N GLY F 11 35.07 -4.97 -17.64
CA GLY F 11 35.81 -5.59 -18.74
C GLY F 11 36.83 -6.58 -18.25
N ALA F 12 36.43 -7.44 -17.32
CA ALA F 12 37.39 -8.36 -16.68
C ALA F 12 37.56 -9.65 -17.44
N SER F 13 36.79 -9.88 -18.50
CA SER F 13 36.80 -11.20 -19.16
C SER F 13 38.00 -11.42 -20.09
N SER F 14 38.63 -10.35 -20.56
CA SER F 14 39.81 -10.46 -21.43
C SER F 14 40.70 -9.26 -21.27
N GLY F 15 41.84 -9.32 -21.94
CA GLY F 15 42.72 -8.17 -22.10
C GLY F 15 43.18 -7.52 -20.80
N ILE F 16 43.16 -6.19 -20.77
CA ILE F 16 43.72 -5.45 -19.65
C ILE F 16 42.95 -5.74 -18.36
N GLY F 17 41.63 -5.74 -18.46
CA GLY F 17 40.79 -6.08 -17.32
C GLY F 17 41.22 -7.41 -16.72
N ALA F 18 41.33 -8.43 -17.55
CA ALA F 18 41.60 -9.80 -17.05
C ALA F 18 42.97 -9.89 -16.36
N THR F 19 43.95 -9.18 -16.89
CA THR F 19 45.27 -9.17 -16.29
C THR F 19 45.28 -8.38 -14.98
N TYR F 20 44.56 -7.26 -14.92
CA TYR F 20 44.37 -6.55 -13.65
C TYR F 20 43.76 -7.50 -12.61
N ALA F 21 42.77 -8.27 -13.01
CA ALA F 21 42.13 -9.23 -12.11
C ALA F 21 43.14 -10.26 -11.58
N GLU F 22 43.90 -10.87 -12.49
CA GLU F 22 44.94 -11.81 -12.11
C GLU F 22 45.93 -11.16 -11.13
N ARG F 23 46.35 -9.94 -11.45
CA ARG F 23 47.35 -9.28 -10.65
C ARG F 23 46.86 -8.88 -9.24
N PHE F 24 45.63 -8.38 -9.15
CA PHE F 24 45.08 -8.00 -7.85
C PHE F 24 44.78 -9.23 -7.00
N ALA F 25 44.38 -10.32 -7.64
CA ALA F 25 44.15 -11.57 -6.92
C ALA F 25 45.47 -12.07 -6.29
N ARG F 26 46.56 -11.97 -7.03
CA ARG F 26 47.89 -12.35 -6.52
C ARG F 26 48.41 -11.45 -5.41
N ARG F 27 47.93 -10.21 -5.33
CA ARG F 27 48.22 -9.33 -4.20
C ARG F 27 47.35 -9.61 -3.00
N GLY F 28 46.34 -10.46 -3.14
CA GLY F 28 45.47 -10.80 -2.02
C GLY F 28 44.08 -10.15 -1.95
N HIS F 29 43.69 -9.41 -2.99
CA HIS F 29 42.38 -8.76 -2.97
C HIS F 29 41.26 -9.70 -3.42
N ASP F 30 40.14 -9.67 -2.73
CA ASP F 30 38.89 -10.22 -3.26
C ASP F 30 38.42 -9.38 -4.47
N LEU F 31 37.64 -9.98 -5.37
CA LEU F 31 37.33 -9.35 -6.66
C LEU F 31 35.88 -9.49 -7.09
N VAL F 32 35.41 -8.47 -7.81
CA VAL F 32 34.15 -8.54 -8.50
C VAL F 32 34.46 -8.25 -9.96
N LEU F 33 34.26 -9.26 -10.80
CA LEU F 33 34.59 -9.18 -12.21
C LEU F 33 33.34 -9.00 -13.06
N VAL F 34 33.31 -7.92 -13.84
CA VAL F 34 32.15 -7.69 -14.69
C VAL F 34 32.44 -7.60 -16.15
N ALA F 35 31.62 -8.31 -16.92
CA ALA F 35 31.59 -8.26 -18.40
C ALA F 35 30.36 -9.04 -18.89
N ARG F 36 30.13 -9.08 -20.20
CA ARG F 36 29.00 -9.80 -20.77
C ARG F 36 29.17 -11.30 -20.81
N ASP F 37 30.38 -11.79 -21.05
CA ASP F 37 30.67 -13.23 -21.26
C ASP F 37 30.76 -14.00 -19.93
N LYS F 38 29.60 -14.39 -19.40
CA LYS F 38 29.49 -15.03 -18.08
C LYS F 38 30.33 -16.34 -17.99
N VAL F 39 30.28 -17.13 -19.04
CA VAL F 39 30.96 -18.38 -19.07
C VAL F 39 32.44 -18.16 -18.93
N ARG F 40 32.96 -17.17 -19.64
CA ARG F 40 34.40 -16.91 -19.58
C ARG F 40 34.81 -16.33 -18.22
N LEU F 41 33.93 -15.51 -17.65
CA LEU F 41 34.19 -14.95 -16.32
C LEU F 41 34.24 -16.03 -15.27
N ASP F 42 33.31 -16.99 -15.38
CA ASP F 42 33.25 -18.09 -14.41
C ASP F 42 34.52 -18.94 -14.45
N ALA F 43 35.09 -19.16 -15.63
CA ALA F 43 36.36 -19.90 -15.72
C ALA F 43 37.49 -19.13 -15.11
N LEU F 44 37.54 -17.83 -15.39
CA LEU F 44 38.59 -16.95 -14.84
C LEU F 44 38.46 -16.86 -13.33
N ALA F 45 37.24 -16.63 -12.85
CA ALA F 45 37.01 -16.52 -11.42
C ALA F 45 37.47 -17.79 -10.70
N ALA F 46 37.12 -18.95 -11.27
CA ALA F 46 37.49 -20.21 -10.69
C ALA F 46 39.00 -20.33 -10.64
N ARG F 47 39.69 -19.98 -11.73
CA ARG F 47 41.14 -20.08 -11.73
C ARG F 47 41.77 -19.20 -10.65
N LEU F 48 41.27 -17.98 -10.49
CA LEU F 48 41.86 -17.07 -9.52
C LEU F 48 41.56 -17.50 -8.07
N ARG F 49 40.34 -18.01 -7.82
CA ARG F 49 39.99 -18.55 -6.49
C ARG F 49 40.95 -19.69 -6.14
N ASP F 50 41.18 -20.58 -7.09
CA ASP F 50 42.03 -21.73 -6.90
C ASP F 50 43.48 -21.29 -6.74
N GLU F 51 44.03 -20.55 -7.69
CA GLU F 51 45.44 -20.17 -7.65
C GLU F 51 45.79 -19.27 -6.49
N SER F 52 44.92 -18.32 -6.16
CA SER F 52 45.26 -17.27 -5.20
C SER F 52 44.48 -17.28 -3.91
N GLY F 53 43.43 -18.09 -3.81
CA GLY F 53 42.72 -18.25 -2.55
C GLY F 53 41.88 -17.07 -2.11
N VAL F 54 41.54 -16.17 -3.03
CA VAL F 54 40.71 -15.01 -2.71
C VAL F 54 39.27 -15.27 -3.17
N ALA F 55 38.30 -14.51 -2.67
CA ALA F 55 36.94 -14.63 -3.16
C ALA F 55 36.85 -13.87 -4.50
N VAL F 56 36.18 -14.48 -5.48
CA VAL F 56 35.99 -13.87 -6.76
C VAL F 56 34.57 -14.13 -7.20
N GLU F 57 33.83 -13.06 -7.47
CA GLU F 57 32.50 -13.17 -7.98
C GLU F 57 32.46 -12.74 -9.42
N ALA F 58 31.80 -13.54 -10.25
CA ALA F 58 31.57 -13.23 -11.66
C ALA F 58 30.20 -12.59 -11.81
N LEU F 59 30.18 -11.37 -12.32
CA LEU F 59 28.92 -10.59 -12.40
C LEU F 59 28.65 -10.21 -13.86
N GLN F 60 27.72 -10.91 -14.46
CA GLN F 60 27.33 -10.62 -15.84
C GLN F 60 26.68 -9.23 -15.97
N ALA F 61 27.14 -8.41 -16.90
CA ALA F 61 26.48 -7.14 -17.17
C ALA F 61 26.89 -6.60 -18.53
N ASP F 62 25.90 -6.18 -19.30
CA ASP F 62 26.12 -5.41 -20.50
C ASP F 62 25.99 -3.98 -20.04
N LEU F 63 27.10 -3.27 -19.93
CA LEU F 63 27.07 -1.89 -19.42
C LEU F 63 26.45 -0.87 -20.37
N THR F 64 25.97 -1.31 -21.53
CA THR F 64 25.18 -0.44 -22.40
C THR F 64 23.70 -0.73 -22.27
N ARG F 65 23.33 -1.68 -21.41
CA ARG F 65 21.93 -1.96 -21.16
C ARG F 65 21.54 -1.28 -19.84
N PRO F 66 20.57 -0.35 -19.89
CA PRO F 66 20.21 0.42 -18.68
C PRO F 66 20.00 -0.40 -17.41
N ALA F 67 19.26 -1.50 -17.50
CA ALA F 67 19.04 -2.33 -16.30
C ALA F 67 20.33 -2.95 -15.73
N ASP F 68 21.26 -3.42 -16.57
CA ASP F 68 22.48 -4.07 -16.09
C ASP F 68 23.37 -3.03 -15.44
N LEU F 69 23.46 -1.86 -16.07
CA LEU F 69 24.28 -0.79 -15.53
C LEU F 69 23.73 -0.37 -14.20
N ALA F 70 22.40 -0.23 -14.10
CA ALA F 70 21.78 0.18 -12.82
C ALA F 70 22.06 -0.83 -11.72
N ALA F 71 22.04 -2.11 -12.05
CA ALA F 71 22.39 -3.13 -11.09
C ALA F 71 23.86 -3.02 -10.61
N VAL F 72 24.81 -2.68 -11.48
CA VAL F 72 26.21 -2.54 -11.06
C VAL F 72 26.37 -1.29 -10.20
N GLU F 73 25.67 -0.21 -10.55
CA GLU F 73 25.63 0.98 -9.73
C GLU F 73 25.18 0.68 -8.31
N ILE F 74 24.06 -0.03 -8.18
CA ILE F 74 23.56 -0.44 -6.87
C ILE F 74 24.64 -1.16 -6.05
N ARG F 75 25.27 -2.15 -6.66
CA ARG F 75 26.28 -2.90 -5.96
C ARG F 75 27.42 -1.99 -5.46
N LEU F 76 27.86 -1.06 -6.30
CA LEU F 76 28.93 -0.16 -5.92
C LEU F 76 28.51 0.81 -4.81
N ARG F 77 27.27 1.28 -4.85
CA ARG F 77 26.76 2.13 -3.79
C ARG F 77 26.71 1.43 -2.43
N GLU F 78 26.30 0.16 -2.44
CA GLU F 78 25.87 -0.51 -1.22
C GLU F 78 26.95 -1.35 -0.53
N ASP F 79 27.97 -1.78 -1.26
CA ASP F 79 28.91 -2.76 -0.73
C ASP F 79 30.20 -2.09 -0.28
N ALA F 80 30.30 -1.85 1.03
CA ALA F 80 31.43 -1.14 1.63
C ALA F 80 32.76 -1.86 1.44
N ARG F 81 32.72 -3.14 1.15
CA ARG F 81 33.96 -3.88 0.87
C ARG F 81 34.68 -3.38 -0.36
N ILE F 82 33.93 -2.86 -1.35
CA ILE F 82 34.54 -2.45 -2.62
C ILE F 82 35.21 -1.07 -2.45
N GLY F 83 36.54 -1.07 -2.43
CA GLY F 83 37.33 0.16 -2.24
C GLY F 83 38.19 0.53 -3.43
N ILE F 84 38.16 -0.27 -4.49
CA ILE F 84 38.84 0.04 -5.71
C ILE F 84 37.98 -0.27 -6.92
N LEU F 85 37.78 0.73 -7.78
CA LEU F 85 37.01 0.58 -9.04
C LEU F 85 37.94 0.72 -10.24
N ILE F 86 38.04 -0.33 -11.06
CA ILE F 86 38.80 -0.21 -12.30
C ILE F 86 37.82 -0.09 -13.45
N ASN F 87 37.63 1.16 -13.90
CA ASN F 87 36.76 1.47 -15.02
C ASN F 87 37.49 1.17 -16.34
N ASN F 88 37.55 -0.11 -16.70
CA ASN F 88 38.34 -0.57 -17.79
C ASN F 88 37.52 -0.95 -19.02
N ALA F 89 36.28 -1.38 -18.84
CA ALA F 89 35.44 -1.78 -19.99
C ALA F 89 35.38 -0.67 -21.05
N GLY F 90 35.62 -1.06 -22.29
CA GLY F 90 35.65 -0.14 -23.40
C GLY F 90 35.78 -0.86 -24.75
N MET F 91 35.47 -0.15 -25.83
CA MET F 91 35.64 -0.67 -27.17
C MET F 91 36.15 0.46 -28.05
N ALA F 92 36.71 0.07 -29.18
CA ALA F 92 37.23 1.03 -30.11
C ALA F 92 36.19 1.26 -31.21
N GLN F 93 36.51 2.15 -32.13
CA GLN F 93 35.63 2.49 -33.24
C GLN F 93 35.95 1.63 -34.41
N SER F 94 34.91 1.18 -35.07
CA SER F 94 35.02 0.32 -36.24
C SER F 94 34.66 1.10 -37.52
N GLY F 95 35.63 1.28 -38.41
CA GLY F 95 35.47 2.13 -39.57
C GLY F 95 35.56 3.62 -39.29
N GLY F 96 35.70 4.40 -40.35
CA GLY F 96 35.77 5.86 -40.25
C GLY F 96 34.44 6.50 -39.96
N PHE F 97 34.47 7.82 -39.83
CA PHE F 97 33.28 8.53 -39.40
C PHE F 97 32.06 8.31 -40.31
N VAL F 98 32.23 8.38 -41.63
CA VAL F 98 31.08 8.21 -42.50
C VAL F 98 30.52 6.80 -42.51
N GLN F 99 31.26 5.80 -42.06
CA GLN F 99 30.74 4.41 -42.02
C GLN F 99 30.04 4.11 -40.71
N GLN F 100 29.99 5.09 -39.81
CA GLN F 100 29.29 4.94 -38.53
C GLN F 100 27.76 4.91 -38.65
N THR F 101 27.15 4.24 -37.67
CA THR F 101 25.68 4.17 -37.49
C THR F 101 25.23 4.88 -36.24
N ALA F 102 23.98 5.26 -36.22
CA ALA F 102 23.39 5.79 -34.98
C ALA F 102 23.58 4.81 -33.80
N GLU F 103 23.18 3.56 -34.00
CA GLU F 103 23.35 2.52 -32.97
C GLU F 103 24.80 2.41 -32.52
N GLY F 104 25.73 2.43 -33.46
CA GLY F 104 27.14 2.20 -33.14
C GLY F 104 27.76 3.34 -32.34
N ILE F 105 27.33 4.56 -32.67
CA ILE F 105 27.74 5.74 -31.97
C ILE F 105 27.19 5.74 -30.54
N GLU F 106 25.88 5.52 -30.40
CA GLU F 106 25.25 5.35 -29.11
C GLU F 106 26.07 4.33 -28.27
N ARG F 107 26.32 3.14 -28.80
CA ARG F 107 27.03 2.12 -28.04
C ARG F 107 28.45 2.58 -27.60
N LEU F 108 29.22 3.11 -28.53
CA LEU F 108 30.58 3.44 -28.25
C LEU F 108 30.64 4.49 -27.14
N ILE F 109 29.82 5.52 -27.25
CA ILE F 109 29.83 6.62 -26.28
C ILE F 109 29.27 6.15 -24.93
N THR F 110 28.19 5.41 -24.96
CA THR F 110 27.60 4.91 -23.72
C THR F 110 28.62 4.09 -22.97
N LEU F 111 29.32 3.17 -23.64
CA LEU F 111 30.21 2.27 -22.90
C LEU F 111 31.44 3.00 -22.38
N ASN F 112 32.07 3.80 -23.25
CA ASN F 112 33.36 4.37 -22.91
C ASN F 112 33.32 5.60 -22.00
N THR F 113 32.13 6.15 -21.83
CA THR F 113 31.94 7.51 -21.29
C THR F 113 30.82 7.53 -20.29
N THR F 114 29.61 7.20 -20.70
CA THR F 114 28.46 7.26 -19.80
C THR F 114 28.54 6.23 -18.67
N ALA F 115 28.77 4.98 -19.03
CA ALA F 115 28.86 3.91 -18.05
C ALA F 115 30.00 4.15 -17.09
N LEU F 116 31.18 4.43 -17.64
CA LEU F 116 32.35 4.80 -16.85
C LEU F 116 32.06 5.89 -15.82
N THR F 117 31.46 6.97 -16.28
CA THR F 117 31.19 8.12 -15.44
C THR F 117 30.17 7.76 -14.36
N ARG F 118 29.14 7.00 -14.76
CA ARG F 118 28.10 6.59 -13.81
C ARG F 118 28.61 5.66 -12.71
N LEU F 119 29.53 4.77 -13.06
CA LEU F 119 30.06 3.84 -12.06
C LEU F 119 30.94 4.62 -11.08
N ALA F 120 31.74 5.54 -11.59
CA ALA F 120 32.47 6.43 -10.73
C ALA F 120 31.57 7.26 -9.80
N ALA F 121 30.48 7.77 -10.33
CA ALA F 121 29.49 8.48 -9.51
C ALA F 121 28.81 7.57 -8.50
N ALA F 122 28.73 6.29 -8.77
CA ALA F 122 28.06 5.38 -7.85
C ALA F 122 28.90 5.12 -6.59
N VAL F 123 30.23 5.14 -6.71
CA VAL F 123 31.09 4.94 -5.53
C VAL F 123 31.52 6.25 -4.87
N ALA F 124 31.52 7.37 -5.57
CA ALA F 124 32.16 8.55 -5.04
C ALA F 124 31.56 9.05 -3.74
N PRO F 125 30.24 9.14 -3.63
CA PRO F 125 29.64 9.54 -2.32
C PRO F 125 30.05 8.69 -1.13
N ARG F 126 30.02 7.37 -1.29
CA ARG F 126 30.44 6.44 -0.23
C ARG F 126 31.93 6.61 0.07
N PHE F 127 32.76 6.74 -0.97
CA PHE F 127 34.20 6.96 -0.82
C PHE F 127 34.48 8.22 -0.03
N VAL F 128 33.79 9.30 -0.36
CA VAL F 128 33.91 10.58 0.36
C VAL F 128 33.55 10.38 1.85
N GLN F 129 32.43 9.70 2.14
CA GLN F 129 32.05 9.44 3.56
C GLN F 129 33.08 8.59 4.31
N SER F 130 33.68 7.57 3.69
CA SER F 130 34.70 6.77 4.36
C SER F 130 36.06 7.43 4.44
N GLY F 131 36.29 8.49 3.67
CA GLY F 131 37.62 9.12 3.59
C GLY F 131 38.70 8.33 2.84
N THR F 132 38.29 7.32 2.09
CA THR F 132 39.21 6.48 1.35
C THR F 132 38.55 5.85 0.11
N GLY F 133 39.38 5.37 -0.80
CA GLY F 133 38.91 4.74 -2.03
C GLY F 133 39.80 5.06 -3.20
N ALA F 134 39.65 4.27 -4.24
CA ALA F 134 40.47 4.45 -5.44
C ALA F 134 39.61 4.22 -6.72
N ILE F 135 39.74 5.15 -7.68
CA ILE F 135 39.13 5.03 -8.98
C ILE F 135 40.22 5.07 -10.05
N VAL F 136 40.36 3.96 -10.80
CA VAL F 136 41.32 3.84 -11.90
C VAL F 136 40.53 3.83 -13.21
N ASN F 137 40.72 4.87 -14.01
CA ASN F 137 40.04 5.01 -15.32
C ASN F 137 41.02 4.71 -16.42
N ILE F 138 40.64 3.84 -17.35
CA ILE F 138 41.53 3.53 -18.46
C ILE F 138 41.19 4.49 -19.64
N GLY F 139 42.11 5.41 -19.93
CA GLY F 139 42.01 6.28 -21.08
C GLY F 139 42.79 5.68 -22.23
N SER F 140 43.39 6.52 -23.07
CA SER F 140 44.24 6.04 -24.15
C SER F 140 45.09 7.16 -24.72
N VAL F 141 46.27 6.79 -25.20
CA VAL F 141 47.13 7.66 -25.94
C VAL F 141 46.42 8.20 -27.19
N VAL F 142 45.48 7.42 -27.74
CA VAL F 142 44.70 7.90 -28.87
C VAL F 142 43.97 9.24 -28.55
N GLY F 143 43.71 9.51 -27.26
CA GLY F 143 43.06 10.76 -26.83
C GLY F 143 43.96 11.97 -27.02
N PHE F 144 45.21 11.72 -27.37
CA PHE F 144 46.16 12.75 -27.78
C PHE F 144 46.37 12.77 -29.30
N ALA F 145 45.62 11.99 -30.05
CA ALA F 145 45.94 11.74 -31.45
C ALA F 145 44.72 11.72 -32.41
N PRO F 146 44.16 12.89 -32.70
CA PRO F 146 43.20 12.96 -33.82
C PRO F 146 43.75 12.38 -35.13
N GLU F 147 45.07 12.42 -35.32
CA GLU F 147 45.76 11.86 -36.51
C GLU F 147 45.57 10.34 -36.67
N PHE F 148 45.25 9.63 -35.59
CA PHE F 148 45.18 8.17 -35.62
C PHE F 148 43.97 7.73 -36.42
N GLY F 149 42.97 8.60 -36.56
CA GLY F 149 41.84 8.36 -37.43
C GLY F 149 40.58 7.78 -36.81
N MET F 150 40.57 7.58 -35.50
CA MET F 150 39.33 7.16 -34.78
C MET F 150 38.73 8.34 -34.01
N SER F 151 38.02 9.20 -34.72
CA SER F 151 37.61 10.48 -34.21
C SER F 151 36.68 10.37 -33.00
N ILE F 152 35.74 9.42 -33.03
CA ILE F 152 34.80 9.28 -31.93
C ILE F 152 35.49 8.62 -30.75
N TYR F 153 36.20 7.53 -31.02
CA TYR F 153 36.82 6.75 -29.94
C TYR F 153 37.85 7.60 -29.23
N GLY F 154 38.62 8.34 -30.00
CA GLY F 154 39.60 9.25 -29.43
C GLY F 154 38.94 10.32 -28.61
N ALA F 155 37.78 10.78 -29.06
CA ALA F 155 37.00 11.78 -28.28
C ALA F 155 36.55 11.22 -26.95
N THR F 156 36.12 9.94 -26.93
CA THR F 156 35.72 9.32 -25.65
C THR F 156 36.92 9.22 -24.69
N LYS F 157 38.13 9.05 -25.23
CA LYS F 157 39.31 8.93 -24.40
C LYS F 157 39.83 10.29 -23.89
N ALA F 158 39.68 11.35 -24.68
CA ALA F 158 39.90 12.66 -24.21
C ALA F 158 38.96 12.92 -23.05
N PHE F 159 37.72 12.47 -23.16
CA PHE F 159 36.72 12.65 -22.07
C PHE F 159 37.26 12.01 -20.79
N VAL F 160 37.66 10.75 -20.91
CA VAL F 160 38.10 9.99 -19.76
C VAL F 160 39.29 10.66 -19.06
N LEU F 161 40.25 11.16 -19.82
CA LEU F 161 41.38 11.87 -19.21
C LEU F 161 40.87 13.08 -18.43
N PHE F 162 40.13 13.93 -19.11
CA PHE F 162 39.62 15.16 -18.49
C PHE F 162 38.78 14.88 -17.25
N LEU F 163 37.84 13.94 -17.34
CA LEU F 163 37.10 13.51 -16.15
C LEU F 163 38.02 13.10 -15.01
N SER F 164 39.08 12.36 -15.34
CA SER F 164 39.97 11.87 -14.31
C SER F 164 40.68 13.03 -13.64
N GLN F 165 41.16 13.98 -14.42
CA GLN F 165 41.79 15.12 -13.84
C GLN F 165 40.81 15.83 -12.89
N GLY F 166 39.59 16.04 -13.36
CA GLY F 166 38.56 16.81 -12.61
C GLY F 166 38.19 16.10 -11.32
N LEU F 167 38.08 14.79 -11.39
CA LEU F 167 37.72 13.99 -10.21
C LEU F 167 38.85 14.04 -9.18
N ASN F 168 40.09 14.06 -9.64
CA ASN F 168 41.20 14.15 -8.73
C ASN F 168 41.10 15.40 -7.88
N LEU F 169 40.85 16.55 -8.53
CA LEU F 169 40.77 17.83 -7.82
C LEU F 169 39.58 17.85 -6.88
N GLU F 170 38.48 17.29 -7.28
CA GLU F 170 37.26 17.25 -6.46
C GLU F 170 37.32 16.27 -5.31
N LEU F 171 38.00 15.13 -5.50
CA LEU F 171 37.90 14.04 -4.54
C LEU F 171 39.16 13.71 -3.71
N SER F 172 40.35 14.02 -4.19
CA SER F 172 41.55 13.77 -3.40
C SER F 172 41.58 14.57 -2.07
N PRO F 173 40.95 15.75 -2.00
CA PRO F 173 40.85 16.36 -0.68
C PRO F 173 40.07 15.54 0.36
N SER F 174 39.23 14.61 -0.08
CA SER F 174 38.55 13.65 0.82
C SER F 174 39.30 12.32 0.93
N GLY F 175 40.52 12.25 0.42
CA GLY F 175 41.35 11.03 0.56
C GLY F 175 41.26 10.01 -0.58
N ILE F 176 40.50 10.35 -1.64
CA ILE F 176 40.26 9.45 -2.77
C ILE F 176 41.44 9.56 -3.75
N TYR F 177 41.98 8.43 -4.21
CA TYR F 177 42.95 8.37 -5.32
C TYR F 177 42.22 8.16 -6.68
N VAL F 178 42.49 9.05 -7.62
CA VAL F 178 41.94 8.97 -8.96
C VAL F 178 43.05 8.96 -9.97
N GLN F 179 43.19 7.84 -10.69
CA GLN F 179 44.29 7.61 -11.59
C GLN F 179 43.76 7.50 -13.00
N ALA F 180 44.44 8.15 -13.93
CA ALA F 180 44.22 7.91 -15.32
C ALA F 180 45.37 7.09 -15.86
N VAL F 181 45.03 5.95 -16.48
CA VAL F 181 46.00 5.06 -17.09
C VAL F 181 45.77 5.14 -18.58
N LEU F 182 46.84 5.45 -19.32
CA LEU F 182 46.76 5.71 -20.74
C LEU F 182 47.67 4.79 -21.52
N PRO F 183 47.17 3.61 -21.90
CA PRO F 183 47.97 2.74 -22.73
C PRO F 183 48.05 3.27 -24.17
N ALA F 184 49.03 2.78 -24.93
CA ALA F 184 48.98 2.83 -26.38
C ALA F 184 48.74 1.40 -26.83
N ALA F 185 49.07 1.08 -28.06
CA ALA F 185 48.60 -0.18 -28.62
C ALA F 185 49.08 -1.33 -27.77
N THR F 186 48.14 -2.19 -27.40
CA THR F 186 48.35 -3.27 -26.46
C THR F 186 47.59 -4.51 -26.97
N ARG F 187 48.13 -5.70 -26.72
CA ARG F 187 47.66 -6.89 -27.43
C ARG F 187 46.47 -7.51 -26.68
N THR F 188 45.28 -7.07 -27.08
CA THR F 188 44.00 -7.45 -26.47
C THR F 188 42.99 -7.74 -27.58
N GLU F 189 41.74 -8.03 -27.20
CA GLU F 189 40.68 -8.33 -28.20
C GLU F 189 40.08 -7.09 -28.88
N ILE F 190 40.51 -5.90 -28.44
CA ILE F 190 39.92 -4.64 -28.93
C ILE F 190 40.08 -4.44 -30.43
N TRP F 191 41.20 -4.90 -30.98
CA TRP F 191 41.51 -4.74 -32.40
C TRP F 191 40.56 -5.54 -33.27
N GLY F 192 40.50 -6.84 -33.02
CA GLY F 192 39.57 -7.71 -33.74
C GLY F 192 38.13 -7.28 -33.55
N ARG F 193 37.76 -6.83 -32.35
CA ARG F 193 36.39 -6.33 -32.15
C ARG F 193 36.12 -5.20 -33.14
N ALA F 194 37.11 -4.38 -33.43
CA ALA F 194 36.89 -3.26 -34.34
C ALA F 194 37.13 -3.58 -35.82
N GLY F 195 37.50 -4.82 -36.13
CA GLY F 195 37.79 -5.22 -37.51
C GLY F 195 39.19 -4.87 -37.97
N ILE F 196 40.15 -4.84 -37.03
CA ILE F 196 41.53 -4.55 -37.33
C ILE F 196 42.37 -5.75 -36.96
N ASP F 197 43.31 -6.06 -37.83
CA ASP F 197 44.31 -7.06 -37.57
C ASP F 197 45.41 -6.39 -36.74
N VAL F 198 45.52 -6.82 -35.50
CA VAL F 198 46.53 -6.34 -34.56
C VAL F 198 47.96 -6.51 -35.09
N ASN F 199 48.21 -7.51 -35.93
CA ASN F 199 49.55 -7.73 -36.49
C ASN F 199 50.00 -6.67 -37.53
N THR F 200 49.09 -5.81 -38.01
CA THR F 200 49.43 -4.71 -38.92
C THR F 200 49.91 -3.44 -38.20
N LEU F 201 49.74 -3.37 -36.89
CA LEU F 201 50.25 -2.24 -36.12
C LEU F 201 51.79 -2.33 -36.01
N PRO F 202 52.49 -1.18 -36.19
CA PRO F 202 53.95 -1.22 -36.19
C PRO F 202 54.44 -1.86 -34.91
N GLU F 203 53.91 -1.40 -33.78
CA GLU F 203 54.36 -1.91 -32.49
C GLU F 203 53.21 -2.01 -31.50
N VAL F 204 53.27 -3.05 -30.67
CA VAL F 204 52.19 -3.41 -29.76
C VAL F 204 52.80 -3.92 -28.48
N MET F 205 52.27 -3.49 -27.34
CA MET F 205 52.82 -3.89 -26.04
C MET F 205 52.09 -5.13 -25.57
N GLU F 206 52.79 -6.02 -24.86
CA GLU F 206 52.12 -7.17 -24.28
C GLU F 206 51.29 -6.69 -23.12
N VAL F 207 50.15 -7.32 -22.94
CA VAL F 207 49.21 -6.92 -21.87
C VAL F 207 49.80 -7.07 -20.46
N ASP F 208 50.61 -8.12 -20.23
CA ASP F 208 51.32 -8.26 -18.94
C ASP F 208 52.20 -7.06 -18.59
N GLU F 209 52.96 -6.59 -19.57
CA GLU F 209 53.87 -5.49 -19.35
C GLU F 209 53.12 -4.17 -19.07
N LEU F 210 52.04 -3.92 -19.79
CA LEU F 210 51.26 -2.72 -19.58
C LEU F 210 50.67 -2.63 -18.17
N VAL F 211 50.00 -3.70 -17.76
CA VAL F 211 49.34 -3.72 -16.46
C VAL F 211 50.36 -3.63 -15.32
N ASP F 212 51.49 -4.32 -15.43
CA ASP F 212 52.56 -4.17 -14.43
C ASP F 212 53.07 -2.74 -14.36
N ALA F 213 53.27 -2.12 -15.51
CA ALA F 213 53.64 -0.72 -15.51
C ALA F 213 52.56 0.13 -14.83
N ALA F 214 51.31 -0.13 -15.17
CA ALA F 214 50.21 0.66 -14.64
C ALA F 214 50.20 0.56 -13.13
N LEU F 215 50.54 -0.62 -12.62
CA LEU F 215 50.43 -0.89 -11.20
C LEU F 215 51.59 -0.31 -10.43
N VAL F 216 52.72 -0.09 -11.11
CA VAL F 216 53.79 0.66 -10.54
C VAL F 216 53.30 2.09 -10.31
N GLY F 217 52.71 2.67 -11.34
CA GLY F 217 52.08 3.96 -11.19
C GLY F 217 51.11 3.96 -10.02
N PHE F 218 50.25 2.95 -9.95
CA PHE F 218 49.18 2.89 -8.92
C PHE F 218 49.81 2.93 -7.53
N ASP F 219 50.86 2.14 -7.34
CA ASP F 219 51.52 2.04 -6.02
C ASP F 219 52.25 3.30 -5.65
N ARG F 220 52.71 4.07 -6.63
CA ARG F 220 53.29 5.38 -6.36
C ARG F 220 52.23 6.44 -6.23
N ARG F 221 50.96 6.05 -6.44
CA ARG F 221 49.84 6.99 -6.34
C ARG F 221 49.93 8.10 -7.44
N GLU F 222 50.45 7.73 -8.60
CA GLU F 222 50.57 8.64 -9.73
C GLU F 222 49.19 8.98 -10.38
N LEU F 223 49.02 10.23 -10.77
CA LEU F 223 47.74 10.73 -11.23
C LEU F 223 47.50 10.35 -12.67
N VAL F 224 48.52 10.56 -13.50
CA VAL F 224 48.43 10.25 -14.92
C VAL F 224 49.58 9.37 -15.32
N THR F 225 49.24 8.15 -15.76
CA THR F 225 50.23 7.08 -15.95
C THR F 225 50.21 6.62 -17.39
N ILE F 226 51.31 6.84 -18.08
CA ILE F 226 51.39 6.62 -19.52
C ILE F 226 52.58 5.74 -19.82
N PRO F 227 52.42 4.44 -19.64
CA PRO F 227 53.58 3.53 -19.76
C PRO F 227 54.38 3.64 -21.04
N PRO F 228 53.74 3.94 -22.18
CA PRO F 228 54.57 3.94 -23.40
C PRO F 228 55.20 5.26 -23.71
N LEU F 229 55.10 6.21 -22.78
CA LEU F 229 55.68 7.51 -22.97
C LEU F 229 57.04 7.41 -22.41
N HIS F 230 58.04 7.39 -23.26
CA HIS F 230 59.42 7.24 -22.76
C HIS F 230 60.08 8.50 -22.13
N VAL F 231 59.50 9.69 -22.32
CA VAL F 231 59.98 10.91 -21.69
C VAL F 231 58.87 11.56 -20.86
N ALA F 232 58.91 11.33 -19.54
CA ALA F 232 57.85 11.77 -18.64
C ALA F 232 57.55 13.28 -18.72
N ALA F 233 58.57 14.07 -18.98
CA ALA F 233 58.38 15.50 -18.99
C ALA F 233 57.52 16.04 -20.13
N ARG F 234 57.19 15.19 -21.10
CA ARG F 234 56.28 15.64 -22.15
C ARG F 234 54.84 15.78 -21.65
N TRP F 235 54.47 14.98 -20.66
CA TRP F 235 53.20 15.15 -19.99
C TRP F 235 53.15 16.50 -19.26
N ASP F 236 54.15 16.82 -18.44
CA ASP F 236 54.22 18.10 -17.71
C ASP F 236 54.18 19.28 -18.65
N ALA F 237 54.80 19.12 -19.80
CA ALA F 237 54.84 20.17 -20.77
C ALA F 237 53.49 20.33 -21.44
N LEU F 238 52.78 19.23 -21.70
CA LEU F 238 51.44 19.34 -22.27
C LEU F 238 50.55 20.06 -21.26
N ASP F 239 50.62 19.64 -20.01
CA ASP F 239 49.76 20.22 -18.98
C ASP F 239 50.10 21.67 -18.69
N GLY F 240 51.39 22.00 -18.80
CA GLY F 240 51.84 23.39 -18.72
C GLY F 240 51.24 24.27 -19.84
N ALA F 241 51.29 23.77 -21.06
CA ALA F 241 50.79 24.54 -22.22
C ALA F 241 49.28 24.74 -22.12
N ARG F 242 48.62 23.74 -21.62
CA ARG F 242 47.20 23.86 -21.30
C ARG F 242 46.98 25.00 -20.29
N GLN F 243 47.71 25.00 -19.17
CA GLN F 243 47.60 26.12 -18.18
C GLN F 243 48.09 27.44 -18.71
N GLY F 244 49.13 27.38 -19.56
CA GLY F 244 49.56 28.57 -20.30
C GLY F 244 48.46 29.23 -21.13
N LEU F 245 47.75 28.40 -21.91
CA LEU F 245 46.62 28.86 -22.68
C LEU F 245 45.57 29.51 -21.76
N MET F 246 45.22 28.82 -20.66
CA MET F 246 44.25 29.33 -19.69
C MET F 246 44.65 30.65 -19.12
N SER F 247 45.95 30.88 -18.93
CA SER F 247 46.39 32.18 -18.40
C SER F 247 46.14 33.40 -19.38
N ASP F 248 45.97 33.14 -20.67
CA ASP F 248 45.75 34.20 -21.64
C ASP F 248 44.27 34.28 -22.13
N ILE F 249 43.36 33.70 -21.36
CA ILE F 249 41.92 33.86 -21.58
C ILE F 249 41.49 35.14 -20.89
N ARG F 250 40.94 36.09 -21.64
CA ARG F 250 40.35 37.33 -21.07
C ARG F 250 38.94 37.37 -21.54
N GLN F 251 38.02 37.16 -20.62
CA GLN F 251 36.65 36.70 -20.93
C GLN F 251 35.65 37.77 -21.26
N ALA F 252 35.95 39.01 -20.90
CA ALA F 252 35.01 40.10 -21.07
C ALA F 252 34.92 40.51 -22.51
N GLN F 253 36.03 40.43 -23.24
CA GLN F 253 36.16 41.02 -24.57
C GLN F 253 36.72 39.98 -25.54
N ALA F 254 36.23 39.97 -26.77
CA ALA F 254 36.82 39.17 -27.84
C ALA F 254 38.19 39.69 -28.21
N ALA F 255 39.06 38.77 -28.66
CA ALA F 255 40.45 39.10 -28.99
C ALA F 255 40.57 40.04 -30.17
N ASP F 256 41.62 40.84 -30.18
CA ASP F 256 41.80 41.86 -31.21
C ASP F 256 41.61 41.29 -32.60
N ARG F 257 42.12 40.08 -32.82
CA ARG F 257 42.09 39.46 -34.17
C ARG F 257 40.70 39.19 -34.69
N TYR F 258 39.68 39.33 -33.84
CA TYR F 258 38.27 39.11 -34.26
C TYR F 258 37.47 40.40 -34.32
N ARG F 259 38.06 41.55 -34.05
CA ARG F 259 37.21 42.71 -33.69
C ARG F 259 37.05 43.82 -34.74
N LEU G 4 51.90 -29.13 -45.84
CA LEU G 4 51.13 -29.72 -44.69
C LEU G 4 49.63 -29.37 -44.80
N PRO G 5 48.75 -30.33 -44.48
CA PRO G 5 47.32 -30.04 -44.64
C PRO G 5 46.78 -28.97 -43.69
N THR G 6 45.88 -28.14 -44.18
CA THR G 6 45.19 -27.19 -43.33
C THR G 6 44.31 -27.98 -42.36
N VAL G 7 44.24 -27.49 -41.13
CA VAL G 7 43.40 -28.10 -40.12
C VAL G 7 42.18 -27.19 -39.84
N LEU G 8 40.98 -27.72 -40.01
CA LEU G 8 39.77 -27.08 -39.49
C LEU G 8 39.42 -27.63 -38.12
N ILE G 9 39.35 -26.74 -37.14
CA ILE G 9 39.05 -27.08 -35.76
C ILE G 9 37.74 -26.41 -35.31
N THR G 10 36.75 -27.20 -34.90
CA THR G 10 35.56 -26.64 -34.28
C THR G 10 35.78 -26.48 -32.79
N GLY G 11 35.11 -25.49 -32.22
CA GLY G 11 35.32 -25.10 -30.82
C GLY G 11 36.73 -24.61 -30.56
N ALA G 12 37.24 -23.77 -31.44
CA ALA G 12 38.64 -23.35 -31.37
C ALA G 12 38.86 -22.15 -30.47
N SER G 13 37.79 -21.54 -29.95
CA SER G 13 37.93 -20.28 -29.20
C SER G 13 38.43 -20.44 -27.76
N SER G 14 38.27 -21.61 -27.17
CA SER G 14 38.73 -21.87 -25.85
C SER G 14 39.09 -23.33 -25.67
N GLY G 15 39.62 -23.66 -24.49
CA GLY G 15 39.77 -25.05 -24.05
C GLY G 15 40.60 -25.94 -24.96
N ILE G 16 40.12 -27.16 -25.17
CA ILE G 16 40.86 -28.15 -25.94
C ILE G 16 41.06 -27.71 -27.37
N GLY G 17 39.98 -27.18 -27.97
CA GLY G 17 40.07 -26.66 -29.35
C GLY G 17 41.17 -25.62 -29.51
N ALA G 18 41.22 -24.65 -28.60
CA ALA G 18 42.21 -23.57 -28.67
C ALA G 18 43.64 -24.06 -28.51
N THR G 19 43.84 -25.03 -27.64
CA THR G 19 45.16 -25.63 -27.48
C THR G 19 45.58 -26.51 -28.70
N TYR G 20 44.64 -27.27 -29.25
CA TYR G 20 44.90 -27.96 -30.52
C TYR G 20 45.34 -26.94 -31.59
N ALA G 21 44.65 -25.81 -31.68
CA ALA G 21 45.00 -24.78 -32.66
C ALA G 21 46.43 -24.28 -32.44
N GLU G 22 46.76 -23.93 -31.21
CA GLU G 22 48.10 -23.48 -30.89
C GLU G 22 49.11 -24.54 -31.30
N ARG G 23 48.82 -25.79 -30.96
CA ARG G 23 49.78 -26.86 -31.19
C ARG G 23 49.99 -27.16 -32.68
N PHE G 24 48.92 -27.17 -33.46
CA PHE G 24 49.04 -27.44 -34.89
C PHE G 24 49.71 -26.29 -35.60
N ALA G 25 49.49 -25.07 -35.13
CA ALA G 25 50.15 -23.90 -35.71
C ALA G 25 51.66 -24.01 -35.49
N ARG G 26 52.07 -24.46 -34.30
CA ARG G 26 53.50 -24.66 -34.00
C ARG G 26 54.16 -25.79 -34.78
N ARG G 27 53.36 -26.75 -35.28
CA ARG G 27 53.83 -27.77 -36.19
C ARG G 27 53.88 -27.32 -37.63
N GLY G 28 53.39 -26.12 -37.92
CA GLY G 28 53.45 -25.56 -39.27
C GLY G 28 52.18 -25.63 -40.13
N HIS G 29 51.06 -26.08 -39.56
CA HIS G 29 49.83 -26.18 -40.32
C HIS G 29 49.07 -24.85 -40.40
N ASP G 30 48.58 -24.51 -41.59
CA ASP G 30 47.55 -23.49 -41.72
C ASP G 30 46.25 -23.97 -41.02
N LEU G 31 45.41 -23.03 -40.58
CA LEU G 31 44.25 -23.36 -39.73
C LEU G 31 42.96 -22.63 -40.09
N VAL G 32 41.85 -23.31 -39.86
CA VAL G 32 40.53 -22.70 -39.92
C VAL G 32 39.87 -22.95 -38.59
N LEU G 33 39.67 -21.87 -37.84
CA LEU G 33 39.15 -21.95 -36.48
C LEU G 33 37.68 -21.56 -36.44
N VAL G 34 36.84 -22.46 -35.93
CA VAL G 34 35.43 -22.16 -35.86
C VAL G 34 34.81 -22.25 -34.48
N ALA G 35 34.01 -21.22 -34.19
CA ALA G 35 33.24 -21.10 -32.95
C ALA G 35 32.33 -19.88 -33.06
N ARG G 36 31.51 -19.63 -32.04
CA ARG G 36 30.59 -18.48 -32.07
C ARG G 36 31.26 -17.16 -31.74
N ASP G 37 32.22 -17.18 -30.83
CA ASP G 37 32.88 -15.96 -30.37
C ASP G 37 33.94 -15.43 -31.39
N LYS G 38 33.47 -14.67 -32.37
CA LYS G 38 34.31 -14.14 -33.43
C LYS G 38 35.46 -13.28 -32.88
N VAL G 39 35.16 -12.42 -31.92
CA VAL G 39 36.14 -11.50 -31.39
C VAL G 39 37.30 -12.27 -30.76
N ARG G 40 36.97 -13.33 -30.03
CA ARG G 40 37.98 -14.10 -29.37
C ARG G 40 38.76 -14.95 -30.37
N LEU G 41 38.09 -15.43 -31.41
CA LEU G 41 38.77 -16.12 -32.51
C LEU G 41 39.77 -15.23 -33.27
N ASP G 42 39.38 -13.99 -33.54
CA ASP G 42 40.26 -13.06 -34.23
C ASP G 42 41.52 -12.75 -33.43
N ALA G 43 41.42 -12.62 -32.11
CA ALA G 43 42.63 -12.41 -31.28
C ALA G 43 43.54 -13.62 -31.32
N LEU G 44 42.94 -14.82 -31.22
CA LEU G 44 43.71 -16.08 -31.24
C LEU G 44 44.38 -16.26 -32.59
N ALA G 45 43.63 -16.05 -33.66
CA ALA G 45 44.17 -16.21 -34.98
C ALA G 45 45.35 -15.28 -35.17
N ALA G 46 45.21 -14.05 -34.71
CA ALA G 46 46.29 -13.06 -34.88
C ALA G 46 47.51 -13.52 -34.12
N ARG G 47 47.34 -14.00 -32.90
CA ARG G 47 48.48 -14.46 -32.13
C ARG G 47 49.21 -15.62 -32.85
N LEU G 48 48.45 -16.54 -33.43
CA LEU G 48 49.07 -17.72 -34.04
C LEU G 48 49.75 -17.39 -35.36
N ARG G 49 49.15 -16.48 -36.13
CA ARG G 49 49.78 -15.96 -37.36
C ARG G 49 51.12 -15.32 -37.01
N ASP G 50 51.13 -14.50 -35.96
CA ASP G 50 52.33 -13.77 -35.54
C ASP G 50 53.37 -14.74 -35.00
N GLU G 51 52.98 -15.53 -34.00
CA GLU G 51 53.95 -16.41 -33.32
C GLU G 51 54.50 -17.50 -34.25
N SER G 52 53.66 -18.07 -35.10
CA SER G 52 54.03 -19.26 -35.86
C SER G 52 54.15 -19.06 -37.36
N GLY G 53 53.71 -17.93 -37.89
CA GLY G 53 53.88 -17.65 -39.31
C GLY G 53 53.04 -18.49 -40.24
N VAL G 54 51.97 -19.11 -39.74
CA VAL G 54 51.03 -19.86 -40.61
C VAL G 54 49.78 -19.01 -40.92
N ALA G 55 49.03 -19.38 -41.95
CA ALA G 55 47.76 -18.71 -42.22
C ALA G 55 46.72 -19.23 -41.24
N VAL G 56 45.92 -18.31 -40.70
CA VAL G 56 44.84 -18.69 -39.79
C VAL G 56 43.63 -17.86 -40.09
N GLU G 57 42.52 -18.53 -40.38
CA GLU G 57 41.28 -17.86 -40.66
C GLU G 57 40.32 -18.11 -39.52
N ALA G 58 39.67 -17.05 -39.08
CA ALA G 58 38.64 -17.13 -38.05
C ALA G 58 37.27 -17.20 -38.72
N LEU G 59 36.53 -18.27 -38.46
CA LEU G 59 35.23 -18.50 -39.10
C LEU G 59 34.11 -18.61 -38.06
N GLN G 60 33.30 -17.54 -37.96
CA GLN G 60 32.20 -17.55 -37.02
C GLN G 60 31.11 -18.54 -37.43
N ALA G 61 30.66 -19.38 -36.48
CA ALA G 61 29.56 -20.30 -36.74
C ALA G 61 28.98 -20.84 -35.46
N ASP G 62 27.66 -20.75 -35.37
CA ASP G 62 26.91 -21.43 -34.33
C ASP G 62 26.49 -22.74 -34.95
N LEU G 63 27.13 -23.83 -34.55
CA LEU G 63 26.89 -25.13 -35.19
C LEU G 63 25.53 -25.74 -34.85
N THR G 64 24.73 -25.04 -34.06
CA THR G 64 23.35 -25.45 -33.84
C THR G 64 22.38 -24.62 -34.68
N ARG G 65 22.89 -23.70 -35.48
CA ARG G 65 22.06 -22.92 -36.39
C ARG G 65 22.19 -23.50 -37.81
N PRO G 66 21.09 -24.02 -38.40
CA PRO G 66 21.17 -24.68 -39.70
C PRO G 66 21.97 -23.96 -40.77
N ALA G 67 21.78 -22.66 -40.93
CA ALA G 67 22.53 -21.90 -41.95
C ALA G 67 24.06 -21.85 -41.70
N ASP G 68 24.48 -21.69 -40.45
CA ASP G 68 25.93 -21.66 -40.13
C ASP G 68 26.57 -23.02 -40.35
N LEU G 69 25.87 -24.08 -39.92
CA LEU G 69 26.38 -25.44 -40.09
C LEU G 69 26.51 -25.77 -41.57
N ALA G 70 25.52 -25.38 -42.36
CA ALA G 70 25.57 -25.61 -43.81
C ALA G 70 26.74 -24.90 -44.43
N ALA G 71 27.01 -23.68 -43.99
CA ALA G 71 28.18 -22.91 -44.51
C ALA G 71 29.52 -23.59 -44.17
N VAL G 72 29.64 -24.20 -42.99
CA VAL G 72 30.87 -24.93 -42.66
C VAL G 72 30.99 -26.22 -43.47
N GLU G 73 29.87 -26.92 -43.67
CA GLU G 73 29.83 -28.09 -44.54
C GLU G 73 30.36 -27.75 -45.92
N ILE G 74 29.84 -26.66 -46.50
CA ILE G 74 30.28 -26.23 -47.83
C ILE G 74 31.80 -26.05 -47.87
N ARG G 75 32.33 -25.32 -46.91
CA ARG G 75 33.76 -25.11 -46.87
C ARG G 75 34.58 -26.41 -46.79
N LEU G 76 34.13 -27.35 -45.96
CA LEU G 76 34.80 -28.64 -45.87
C LEU G 76 34.71 -29.45 -47.19
N ARG G 77 33.58 -29.39 -47.87
CA ARG G 77 33.42 -30.10 -49.13
C ARG G 77 34.32 -29.56 -50.22
N GLU G 78 34.46 -28.24 -50.25
CA GLU G 78 35.03 -27.57 -51.41
C GLU G 78 36.51 -27.24 -51.33
N ASP G 79 37.07 -27.17 -50.13
CA ASP G 79 38.47 -26.70 -49.97
C ASP G 79 39.44 -27.87 -49.77
N ALA G 80 40.11 -28.23 -50.85
CA ALA G 80 41.05 -29.38 -50.89
C ALA G 80 42.22 -29.22 -49.92
N ARG G 81 42.51 -28.00 -49.50
CA ARG G 81 43.59 -27.78 -48.56
C ARG G 81 43.31 -28.40 -47.20
N ILE G 82 42.04 -28.52 -46.83
CA ILE G 82 41.68 -29.01 -45.50
C ILE G 82 41.76 -30.53 -45.46
N GLY G 83 42.77 -31.05 -44.76
CA GLY G 83 43.02 -32.49 -44.70
C GLY G 83 42.93 -33.06 -43.30
N ILE G 84 42.65 -32.20 -42.31
CA ILE G 84 42.42 -32.66 -40.95
C ILE G 84 41.23 -31.92 -40.34
N LEU G 85 40.27 -32.68 -39.83
CA LEU G 85 39.08 -32.12 -39.16
C LEU G 85 39.11 -32.49 -37.67
N ILE G 86 39.12 -31.50 -36.78
CA ILE G 86 39.00 -31.77 -35.35
C ILE G 86 37.61 -31.41 -34.92
N ASN G 87 36.77 -32.43 -34.78
CA ASN G 87 35.39 -32.28 -34.34
C ASN G 87 35.34 -32.16 -32.82
N ASN G 88 35.70 -30.98 -32.33
CA ASN G 88 35.91 -30.74 -30.91
C ASN G 88 34.80 -29.96 -30.24
N ALA G 89 34.09 -29.12 -30.99
CA ALA G 89 32.99 -28.34 -30.41
C ALA G 89 31.98 -29.24 -29.67
N GLY G 90 31.65 -28.85 -28.45
CA GLY G 90 30.72 -29.62 -27.63
C GLY G 90 30.36 -28.89 -26.35
N MET G 91 29.29 -29.34 -25.69
CA MET G 91 28.91 -28.80 -24.37
C MET G 91 28.44 -29.95 -23.51
N ALA G 92 28.42 -29.70 -22.21
CA ALA G 92 27.96 -30.70 -21.27
C ALA G 92 26.52 -30.42 -20.89
N GLN G 93 25.97 -31.30 -20.06
CA GLN G 93 24.57 -31.20 -19.64
C GLN G 93 24.49 -30.43 -18.34
N SER G 94 23.48 -29.57 -18.26
CA SER G 94 23.30 -28.73 -17.08
C SER G 94 22.11 -29.22 -16.29
N GLY G 95 22.35 -29.68 -15.06
CA GLY G 95 21.30 -30.29 -14.25
C GLY G 95 20.95 -31.72 -14.65
N GLY G 96 20.18 -32.40 -13.81
CA GLY G 96 19.73 -33.75 -14.07
C GLY G 96 18.61 -33.84 -15.09
N PHE G 97 18.19 -35.06 -15.37
CA PHE G 97 17.25 -35.32 -16.46
C PHE G 97 15.94 -34.57 -16.28
N VAL G 98 15.37 -34.56 -15.09
CA VAL G 98 14.08 -33.89 -14.93
C VAL G 98 14.19 -32.37 -14.99
N GLN G 99 15.38 -31.79 -14.85
CA GLN G 99 15.53 -30.32 -14.98
C GLN G 99 15.81 -29.89 -16.40
N GLN G 100 15.84 -30.83 -17.34
CA GLN G 100 16.04 -30.54 -18.75
C GLN G 100 14.85 -29.89 -19.43
N THR G 101 15.17 -29.19 -20.50
CA THR G 101 14.21 -28.48 -21.34
C THR G 101 14.21 -29.07 -22.76
N ALA G 102 13.10 -28.96 -23.47
CA ALA G 102 13.07 -29.36 -24.87
C ALA G 102 14.16 -28.62 -25.68
N GLU G 103 14.20 -27.31 -25.57
CA GLU G 103 15.23 -26.50 -26.22
C GLU G 103 16.64 -26.97 -25.84
N GLY G 104 16.88 -27.25 -24.57
CA GLY G 104 18.21 -27.63 -24.10
C GLY G 104 18.68 -28.98 -24.61
N ILE G 105 17.72 -29.89 -24.74
CA ILE G 105 17.98 -31.24 -25.25
C ILE G 105 18.31 -31.17 -26.74
N GLU G 106 17.48 -30.46 -27.48
CA GLU G 106 17.72 -30.17 -28.87
C GLU G 106 19.17 -29.64 -29.04
N ARG G 107 19.51 -28.58 -28.30
CA ARG G 107 20.83 -27.97 -28.45
C ARG G 107 21.98 -28.94 -28.13
N LEU G 108 21.90 -29.64 -27.02
CA LEU G 108 22.96 -30.54 -26.63
C LEU G 108 23.20 -31.62 -27.68
N ILE G 109 22.12 -32.24 -28.14
CA ILE G 109 22.23 -33.34 -29.10
C ILE G 109 22.66 -32.82 -30.46
N THR G 110 22.09 -31.69 -30.89
CA THR G 110 22.48 -31.12 -32.18
C THR G 110 23.98 -30.80 -32.21
N LEU G 111 24.52 -30.18 -31.17
CA LEU G 111 25.91 -29.80 -31.21
C LEU G 111 26.84 -30.98 -31.10
N ASN G 112 26.57 -31.87 -30.14
CA ASN G 112 27.54 -32.93 -29.83
C ASN G 112 27.52 -34.13 -30.77
N THR G 113 26.50 -34.19 -31.61
CA THR G 113 26.15 -35.39 -32.31
C THR G 113 25.83 -35.06 -33.77
N THR G 114 24.78 -34.30 -34.01
CA THR G 114 24.34 -34.01 -35.38
C THR G 114 25.39 -33.20 -36.14
N ALA G 115 25.87 -32.13 -35.53
CA ALA G 115 26.85 -31.25 -36.20
C ALA G 115 28.13 -32.01 -36.46
N LEU G 116 28.63 -32.69 -35.44
CA LEU G 116 29.84 -33.52 -35.54
C LEU G 116 29.75 -34.52 -36.69
N THR G 117 28.63 -35.25 -36.75
CA THR G 117 28.41 -36.27 -37.77
C THR G 117 28.34 -35.63 -39.16
N ARG G 118 27.63 -34.50 -39.25
CA ARG G 118 27.49 -33.81 -40.54
C ARG G 118 28.79 -33.22 -41.09
N LEU G 119 29.64 -32.70 -40.20
CA LEU G 119 30.96 -32.18 -40.62
C LEU G 119 31.88 -33.31 -41.10
N ALA G 120 31.87 -34.41 -40.37
CA ALA G 120 32.54 -35.62 -40.83
C ALA G 120 32.00 -36.09 -42.18
N ALA G 121 30.69 -36.09 -42.37
CA ALA G 121 30.10 -36.47 -43.68
C ALA G 121 30.44 -35.46 -44.79
N ALA G 122 30.71 -34.21 -44.43
CA ALA G 122 31.04 -33.21 -45.43
C ALA G 122 32.45 -33.42 -46.02
N VAL G 123 33.41 -33.95 -45.23
CA VAL G 123 34.76 -34.20 -45.74
C VAL G 123 34.96 -35.62 -46.27
N ALA G 124 34.19 -36.58 -45.81
CA ALA G 124 34.51 -37.99 -46.10
C ALA G 124 34.57 -38.34 -47.59
N PRO G 125 33.61 -37.84 -48.40
CA PRO G 125 33.68 -38.15 -49.82
C PRO G 125 34.95 -37.64 -50.50
N ARG G 126 35.32 -36.40 -50.21
CA ARG G 126 36.53 -35.80 -50.76
C ARG G 126 37.78 -36.52 -50.27
N PHE G 127 37.80 -36.88 -48.99
CA PHE G 127 38.89 -37.66 -48.40
C PHE G 127 39.04 -39.00 -49.09
N VAL G 128 37.93 -39.70 -49.29
CA VAL G 128 37.94 -40.97 -50.03
C VAL G 128 38.53 -40.79 -51.44
N GLN G 129 38.09 -39.78 -52.16
CA GLN G 129 38.64 -39.49 -53.50
C GLN G 129 40.17 -39.24 -53.48
N SER G 130 40.67 -38.48 -52.52
CA SER G 130 42.09 -38.16 -52.46
C SER G 130 42.94 -39.29 -51.90
N GLY G 131 42.31 -40.28 -51.28
CA GLY G 131 43.03 -41.38 -50.65
C GLY G 131 43.76 -40.99 -49.37
N THR G 132 43.41 -39.84 -48.80
CA THR G 132 44.04 -39.35 -47.59
C THR G 132 43.11 -38.40 -46.80
N GLY G 133 43.44 -38.19 -45.53
CA GLY G 133 42.67 -37.30 -44.66
C GLY G 133 42.65 -37.83 -43.24
N ALA G 134 42.28 -36.95 -42.31
CA ALA G 134 42.17 -37.34 -40.91
C ALA G 134 40.94 -36.68 -40.27
N ILE G 135 40.18 -37.48 -39.50
CA ILE G 135 39.06 -37.00 -38.71
C ILE G 135 39.34 -37.36 -37.24
N VAL G 136 39.45 -36.34 -36.38
CA VAL G 136 39.61 -36.48 -34.93
C VAL G 136 38.33 -36.06 -34.24
N ASN G 137 37.65 -37.01 -33.63
CA ASN G 137 36.41 -36.79 -32.90
C ASN G 137 36.70 -36.79 -31.40
N ILE G 138 36.23 -35.78 -30.68
CA ILE G 138 36.44 -35.71 -29.23
C ILE G 138 35.26 -36.32 -28.53
N GLY G 139 35.48 -37.49 -27.93
CA GLY G 139 34.44 -38.15 -27.13
C GLY G 139 34.69 -37.82 -25.68
N SER G 140 34.39 -38.73 -24.78
CA SER G 140 34.61 -38.50 -23.37
C SER G 140 34.57 -39.84 -22.62
N VAL G 141 35.34 -39.89 -21.54
CA VAL G 141 35.28 -40.96 -20.59
C VAL G 141 33.87 -41.05 -19.98
N VAL G 142 33.15 -39.94 -19.90
CA VAL G 142 31.77 -39.98 -19.39
C VAL G 142 30.87 -40.92 -20.24
N GLY G 143 31.25 -41.19 -21.49
CA GLY G 143 30.54 -42.16 -22.34
C GLY G 143 30.68 -43.61 -21.90
N PHE G 144 31.53 -43.84 -20.91
CA PHE G 144 31.66 -45.13 -20.22
C PHE G 144 31.00 -45.09 -18.84
N ALA G 145 30.30 -44.01 -18.48
CA ALA G 145 29.91 -43.77 -17.10
C ALA G 145 28.51 -43.18 -16.90
N PRO G 146 27.46 -44.01 -17.10
CA PRO G 146 26.11 -43.60 -16.72
C PRO G 146 26.03 -43.19 -15.25
N GLU G 147 26.91 -43.74 -14.41
CA GLU G 147 27.00 -43.38 -12.97
C GLU G 147 27.34 -41.93 -12.72
N PHE G 148 27.97 -41.25 -13.68
CA PHE G 148 28.43 -39.87 -13.47
C PHE G 148 27.25 -38.91 -13.38
N GLY G 149 26.11 -39.30 -13.94
CA GLY G 149 24.88 -38.57 -13.70
C GLY G 149 24.49 -37.60 -14.78
N MET G 150 25.26 -37.54 -15.88
CA MET G 150 24.86 -36.74 -17.07
C MET G 150 24.37 -37.67 -18.19
N SER G 151 23.13 -38.08 -18.09
CA SER G 151 22.62 -39.16 -18.91
C SER G 151 22.57 -38.82 -20.38
N ILE G 152 22.21 -37.60 -20.71
CA ILE G 152 22.10 -37.20 -22.08
C ILE G 152 23.47 -36.92 -22.65
N TYR G 153 24.28 -36.19 -21.90
CA TYR G 153 25.62 -35.82 -22.40
C TYR G 153 26.43 -37.07 -22.63
N GLY G 154 26.38 -37.97 -21.65
CA GLY G 154 27.10 -39.24 -21.73
C GLY G 154 26.63 -40.06 -22.92
N ALA G 155 25.34 -40.00 -23.21
CA ALA G 155 24.80 -40.67 -24.38
C ALA G 155 25.38 -40.10 -25.65
N THR G 156 25.53 -38.77 -25.72
CA THR G 156 26.09 -38.17 -26.94
C THR G 156 27.53 -38.62 -27.14
N LYS G 157 28.23 -38.82 -26.03
CA LYS G 157 29.64 -39.26 -26.10
C LYS G 157 29.79 -40.75 -26.42
N ALA G 158 28.86 -41.57 -25.96
CA ALA G 158 28.78 -42.96 -26.47
C ALA G 158 28.57 -42.97 -27.98
N PHE G 159 27.73 -42.05 -28.45
CA PHE G 159 27.46 -41.88 -29.89
C PHE G 159 28.79 -41.62 -30.62
N VAL G 160 29.53 -40.64 -30.11
CA VAL G 160 30.77 -40.20 -30.74
C VAL G 160 31.81 -41.33 -30.81
N LEU G 161 31.96 -42.08 -29.73
CA LEU G 161 32.87 -43.25 -29.76
C LEU G 161 32.45 -44.26 -30.84
N PHE G 162 31.19 -44.68 -30.78
CA PHE G 162 30.73 -45.64 -31.75
C PHE G 162 30.90 -45.15 -33.18
N LEU G 163 30.46 -43.93 -33.45
CA LEU G 163 30.61 -43.37 -34.80
C LEU G 163 32.06 -43.43 -35.23
N SER G 164 32.96 -43.12 -34.33
CA SER G 164 34.36 -43.12 -34.66
C SER G 164 34.82 -44.54 -35.02
N GLN G 165 34.41 -45.53 -34.24
CA GLN G 165 34.80 -46.91 -34.54
C GLN G 165 34.30 -47.31 -35.93
N GLY G 166 33.04 -46.98 -36.22
CA GLY G 166 32.40 -47.31 -37.49
C GLY G 166 33.07 -46.63 -38.65
N LEU G 167 33.41 -45.37 -38.47
CA LEU G 167 34.06 -44.60 -39.55
C LEU G 167 35.45 -45.14 -39.85
N ASN G 168 36.15 -45.60 -38.81
CA ASN G 168 37.46 -46.20 -39.04
C ASN G 168 37.37 -47.40 -39.97
N LEU G 169 36.42 -48.29 -39.72
CA LEU G 169 36.27 -49.49 -40.52
C LEU G 169 35.86 -49.14 -41.92
N GLU G 170 34.97 -48.16 -42.07
CA GLU G 170 34.47 -47.76 -43.39
C GLU G 170 35.50 -47.02 -44.22
N LEU G 171 36.35 -46.23 -43.57
CA LEU G 171 37.16 -45.25 -44.29
C LEU G 171 38.66 -45.54 -44.32
N SER G 172 39.19 -46.27 -43.33
CA SER G 172 40.65 -46.55 -43.33
C SER G 172 41.08 -47.39 -44.54
N PRO G 173 40.20 -48.26 -45.08
CA PRO G 173 40.59 -48.89 -46.35
C PRO G 173 40.83 -47.92 -47.52
N SER G 174 40.29 -46.70 -47.46
CA SER G 174 40.61 -45.65 -48.44
C SER G 174 41.73 -44.71 -47.98
N GLY G 175 42.44 -45.06 -46.90
CA GLY G 175 43.59 -44.26 -46.41
C GLY G 175 43.28 -43.17 -45.36
N ILE G 176 42.03 -43.12 -44.89
CA ILE G 176 41.59 -42.10 -43.95
C ILE G 176 41.91 -42.55 -42.51
N TYR G 177 42.48 -41.65 -41.71
CA TYR G 177 42.67 -41.87 -40.27
C TYR G 177 41.49 -41.29 -39.47
N VAL G 178 40.87 -42.13 -38.64
CA VAL G 178 39.80 -41.72 -37.77
C VAL G 178 40.17 -42.04 -36.35
N GLN G 179 40.29 -40.98 -35.53
CA GLN G 179 40.71 -41.08 -34.14
C GLN G 179 39.60 -40.65 -33.19
N ALA G 180 39.37 -41.44 -32.15
CA ALA G 180 38.52 -41.04 -31.04
C ALA G 180 39.42 -40.68 -29.88
N VAL G 181 39.27 -39.45 -29.42
CA VAL G 181 40.02 -38.93 -28.28
C VAL G 181 39.03 -38.77 -27.13
N LEU G 182 39.35 -39.40 -26.01
CA LEU G 182 38.45 -39.48 -24.88
C LEU G 182 39.07 -38.91 -23.62
N PRO G 183 38.89 -37.61 -23.39
CA PRO G 183 39.41 -37.02 -22.17
C PRO G 183 38.50 -37.38 -20.99
N ALA G 184 39.04 -37.22 -19.78
CA ALA G 184 38.19 -37.12 -18.58
C ALA G 184 38.25 -35.65 -18.15
N ALA G 185 37.95 -35.36 -16.90
CA ALA G 185 37.86 -33.97 -16.47
C ALA G 185 39.15 -33.20 -16.81
N THR G 186 38.96 -32.09 -17.53
CA THR G 186 40.01 -31.26 -18.06
C THR G 186 39.61 -29.77 -17.86
N ARG G 187 40.59 -28.90 -17.61
CA ARG G 187 40.31 -27.55 -17.12
C ARG G 187 40.01 -26.56 -18.28
N THR G 188 38.72 -26.47 -18.63
CA THR G 188 38.21 -25.73 -19.76
C THR G 188 36.95 -24.99 -19.32
N GLU G 189 36.31 -24.29 -20.25
CA GLU G 189 35.08 -23.54 -19.93
C GLU G 189 33.80 -24.39 -19.82
N ILE G 190 33.90 -25.68 -20.15
CA ILE G 190 32.72 -26.55 -20.19
C ILE G 190 31.98 -26.62 -18.85
N TRP G 191 32.72 -26.58 -17.75
CA TRP G 191 32.17 -26.74 -16.42
C TRP G 191 31.28 -25.56 -16.04
N GLY G 192 31.86 -24.37 -16.10
CA GLY G 192 31.07 -23.17 -15.90
C GLY G 192 29.89 -23.04 -16.86
N ARG G 193 30.08 -23.44 -18.13
CA ARG G 193 28.94 -23.39 -19.05
C ARG G 193 27.79 -24.21 -18.49
N ALA G 194 28.10 -25.33 -17.84
CA ALA G 194 27.05 -26.22 -17.33
C ALA G 194 26.58 -25.85 -15.92
N GLY G 195 27.16 -24.82 -15.31
CA GLY G 195 26.81 -24.42 -13.93
C GLY G 195 27.52 -25.22 -12.85
N ILE G 196 28.74 -25.68 -13.15
CA ILE G 196 29.54 -26.46 -12.22
C ILE G 196 30.82 -25.71 -11.96
N ASP G 197 31.21 -25.68 -10.69
CA ASP G 197 32.48 -25.12 -10.32
C ASP G 197 33.53 -26.21 -10.51
N VAL G 198 34.41 -25.98 -11.48
CA VAL G 198 35.49 -26.87 -11.79
C VAL G 198 36.38 -27.18 -10.58
N ASN G 199 36.48 -26.25 -9.64
CA ASN G 199 37.32 -26.46 -8.44
C ASN G 199 36.79 -27.50 -7.42
N THR G 200 35.52 -27.89 -7.55
CA THR G 200 34.91 -28.95 -6.73
C THR G 200 35.20 -30.38 -7.23
N LEU G 201 35.72 -30.52 -8.45
CA LEU G 201 36.08 -31.85 -8.95
C LEU G 201 37.34 -32.36 -8.25
N PRO G 202 37.34 -33.66 -7.85
CA PRO G 202 38.50 -34.21 -7.13
C PRO G 202 39.80 -34.00 -7.89
N GLU G 203 39.79 -34.34 -9.17
CA GLU G 203 40.98 -34.21 -10.00
C GLU G 203 40.61 -33.72 -11.41
N VAL G 204 41.47 -32.87 -11.95
CA VAL G 204 41.27 -32.22 -13.24
C VAL G 204 42.60 -32.13 -13.93
N MET G 205 42.64 -32.47 -15.22
CA MET G 205 43.88 -32.43 -16.00
C MET G 205 44.02 -31.04 -16.62
N GLU G 206 45.25 -30.55 -16.72
CA GLU G 206 45.49 -29.28 -17.43
C GLU G 206 45.28 -29.53 -18.93
N VAL G 207 44.71 -28.55 -19.60
CA VAL G 207 44.40 -28.67 -21.02
C VAL G 207 45.68 -28.90 -21.88
N ASP G 208 46.79 -28.26 -21.53
CA ASP G 208 48.07 -28.53 -22.24
C ASP G 208 48.46 -30.00 -22.24
N GLU G 209 48.35 -30.63 -21.08
CA GLU G 209 48.79 -32.01 -20.93
C GLU G 209 47.86 -32.97 -21.70
N LEU G 210 46.55 -32.72 -21.68
CA LEU G 210 45.59 -33.55 -22.44
C LEU G 210 45.84 -33.53 -23.94
N VAL G 211 45.97 -32.33 -24.48
CA VAL G 211 46.16 -32.18 -25.92
C VAL G 211 47.48 -32.78 -26.36
N ASP G 212 48.54 -32.56 -25.58
CA ASP G 212 49.85 -33.17 -25.92
C ASP G 212 49.75 -34.69 -25.90
N ALA G 213 49.08 -35.24 -24.90
CA ALA G 213 48.83 -36.68 -24.89
C ALA G 213 48.02 -37.10 -26.12
N ALA G 214 46.96 -36.35 -26.46
CA ALA G 214 46.13 -36.68 -27.60
C ALA G 214 46.91 -36.67 -28.89
N LEU G 215 47.87 -35.76 -29.00
CA LEU G 215 48.69 -35.65 -30.21
C LEU G 215 49.77 -36.71 -30.31
N VAL G 216 50.21 -37.26 -29.18
CA VAL G 216 51.07 -38.44 -29.19
C VAL G 216 50.29 -39.61 -29.80
N GLY G 217 49.08 -39.83 -29.31
CA GLY G 217 48.18 -40.76 -29.96
C GLY G 217 48.03 -40.52 -31.44
N PHE G 218 47.79 -39.28 -31.82
CA PHE G 218 47.56 -38.90 -33.23
C PHE G 218 48.77 -39.29 -34.09
N ASP G 219 49.97 -38.95 -33.61
CA ASP G 219 51.22 -39.25 -34.33
C ASP G 219 51.51 -40.74 -34.44
N ARG G 220 51.06 -41.52 -33.48
CA ARG G 220 51.14 -42.96 -33.58
C ARG G 220 50.00 -43.56 -34.38
N ARG G 221 49.06 -42.72 -34.81
CA ARG G 221 47.92 -43.17 -35.60
C ARG G 221 47.04 -44.15 -34.77
N GLU G 222 46.94 -43.89 -33.47
CA GLU G 222 46.08 -44.65 -32.59
C GLU G 222 44.58 -44.38 -32.84
N LEU G 223 43.78 -45.43 -32.73
CA LEU G 223 42.35 -45.33 -33.07
C LEU G 223 41.54 -44.76 -31.94
N VAL G 224 41.78 -45.26 -30.73
CA VAL G 224 41.09 -44.80 -29.55
C VAL G 224 42.12 -44.38 -28.51
N THR G 225 42.08 -43.10 -28.15
CA THR G 225 43.11 -42.47 -27.32
C THR G 225 42.50 -41.91 -26.05
N ILE G 226 42.89 -42.49 -24.92
CA ILE G 226 42.28 -42.20 -23.63
C ILE G 226 43.38 -41.83 -22.63
N PRO G 227 43.87 -40.58 -22.70
CA PRO G 227 44.97 -40.14 -21.87
C PRO G 227 44.86 -40.42 -20.37
N PRO G 228 43.68 -40.29 -19.77
CA PRO G 228 43.63 -40.56 -18.34
C PRO G 228 43.45 -42.02 -17.94
N LEU G 229 43.49 -42.94 -18.90
CA LEU G 229 43.33 -44.35 -18.60
C LEU G 229 44.69 -44.90 -18.33
N HIS G 230 44.98 -45.21 -17.08
CA HIS G 230 46.35 -45.61 -16.70
C HIS G 230 46.69 -47.06 -17.06
N VAL G 231 45.71 -47.89 -17.38
CA VAL G 231 45.95 -49.27 -17.84
C VAL G 231 45.32 -49.49 -19.23
N ALA G 232 46.16 -49.41 -20.27
CA ALA G 232 45.69 -49.47 -21.65
C ALA G 232 44.87 -50.73 -21.94
N ALA G 233 45.21 -51.85 -21.32
CA ALA G 233 44.56 -53.11 -21.64
C ALA G 233 43.07 -53.16 -21.24
N ARG G 234 42.60 -52.18 -20.49
CA ARG G 234 41.18 -52.16 -20.13
C ARG G 234 40.33 -51.79 -21.34
N TRP G 235 40.90 -51.00 -22.24
CA TRP G 235 40.22 -50.69 -23.50
C TRP G 235 40.08 -51.97 -24.32
N ASP G 236 41.18 -52.70 -24.53
CA ASP G 236 41.15 -53.97 -25.29
C ASP G 236 40.16 -54.96 -24.69
N ALA G 237 40.08 -54.97 -23.37
CA ALA G 237 39.19 -55.88 -22.68
C ALA G 237 37.74 -55.47 -22.86
N LEU G 238 37.47 -54.16 -22.89
CA LEU G 238 36.11 -53.69 -23.15
C LEU G 238 35.72 -54.06 -24.57
N ASP G 239 36.60 -53.81 -25.52
CA ASP G 239 36.32 -54.13 -26.93
C ASP G 239 36.19 -55.64 -27.17
N GLY G 240 36.97 -56.44 -26.43
CA GLY G 240 36.86 -57.90 -26.48
C GLY G 240 35.52 -58.41 -25.97
N ALA G 241 35.09 -57.90 -24.83
CA ALA G 241 33.80 -58.28 -24.28
C ALA G 241 32.64 -57.90 -25.22
N ARG G 242 32.77 -56.76 -25.88
CA ARG G 242 31.81 -56.35 -26.87
C ARG G 242 31.76 -57.39 -27.98
N GLN G 243 32.91 -57.74 -28.55
CA GLN G 243 32.93 -58.76 -29.61
C GLN G 243 32.51 -60.14 -29.09
N GLY G 244 32.86 -60.44 -27.85
CA GLY G 244 32.41 -61.67 -27.20
C GLY G 244 30.90 -61.77 -27.20
N LEU G 245 30.25 -60.68 -26.79
CA LEU G 245 28.80 -60.64 -26.76
C LEU G 245 28.24 -60.86 -28.18
N MET G 246 28.82 -60.18 -29.17
CA MET G 246 28.41 -60.32 -30.56
C MET G 246 28.54 -61.76 -31.06
N SER G 247 29.56 -62.48 -30.60
CA SER G 247 29.74 -63.88 -31.04
C SER G 247 28.63 -64.82 -30.54
N ASP G 248 27.91 -64.45 -29.49
CA ASP G 248 26.84 -65.28 -28.96
C ASP G 248 25.43 -64.75 -29.29
N ILE G 249 25.32 -63.92 -30.32
CA ILE G 249 24.03 -63.47 -30.83
C ILE G 249 23.56 -64.54 -31.83
N ARG G 250 22.43 -65.19 -31.58
CA ARG G 250 21.83 -66.15 -32.51
C ARG G 250 20.44 -65.60 -32.84
N GLN G 251 20.29 -65.10 -34.06
CA GLN G 251 19.18 -64.20 -34.41
C GLN G 251 17.84 -64.83 -34.77
N ALA G 252 17.81 -66.11 -35.10
CA ALA G 252 16.58 -66.78 -35.53
C ALA G 252 15.62 -67.05 -34.38
N GLN G 253 16.17 -67.30 -33.19
CA GLN G 253 15.39 -67.73 -32.04
C GLN G 253 15.74 -66.90 -30.80
N ALA G 254 14.72 -66.57 -30.01
CA ALA G 254 14.92 -65.94 -28.71
C ALA G 254 15.61 -66.91 -27.76
N ALA G 255 16.40 -66.35 -26.83
CA ALA G 255 17.15 -67.14 -25.87
C ALA G 255 16.24 -67.92 -24.93
N ASP G 256 16.73 -69.07 -24.46
CA ASP G 256 15.94 -69.95 -23.59
C ASP G 256 15.28 -69.23 -22.43
N ARG G 257 15.99 -68.29 -21.82
CA ARG G 257 15.51 -67.58 -20.65
C ARG G 257 14.26 -66.73 -20.92
N TYR G 258 13.89 -66.56 -22.19
CA TYR G 258 12.69 -65.79 -22.54
C TYR G 258 11.56 -66.68 -23.05
CA ARG G 259 8.15 -70.99 -22.42
C ARG G 259 7.39 -69.89 -21.70
N LEU H 4 -34.52 -9.63 65.93
CA LEU H 4 -33.23 -10.19 65.38
C LEU H 4 -32.38 -9.09 64.72
N PRO H 5 -31.05 -9.15 64.89
CA PRO H 5 -30.24 -8.04 64.35
C PRO H 5 -30.20 -8.01 62.83
N THR H 6 -30.21 -6.80 62.26
CA THR H 6 -30.00 -6.64 60.84
C THR H 6 -28.56 -7.07 60.50
N VAL H 7 -28.40 -7.74 59.37
CA VAL H 7 -27.10 -8.19 58.90
C VAL H 7 -26.67 -7.34 57.68
N LEU H 8 -25.53 -6.69 57.78
CA LEU H 8 -24.90 -6.07 56.62
C LEU H 8 -23.87 -7.02 56.03
N ILE H 9 -24.06 -7.36 54.77
CA ILE H 9 -23.19 -8.29 54.05
C ILE H 9 -22.50 -7.58 52.88
N THR H 10 -21.16 -7.56 52.86
CA THR H 10 -20.44 -7.06 51.69
C THR H 10 -20.20 -8.21 50.72
N GLY H 11 -20.14 -7.85 49.43
CA GLY H 11 -20.10 -8.83 48.36
C GLY H 11 -21.35 -9.70 48.32
N ALA H 12 -22.52 -9.07 48.43
CA ALA H 12 -23.78 -9.83 48.52
C ALA H 12 -24.39 -10.17 47.16
N SER H 13 -23.81 -9.67 46.06
CA SER H 13 -24.44 -9.82 44.75
C SER H 13 -24.24 -11.20 44.10
N SER H 14 -23.19 -11.93 44.51
CA SER H 14 -22.98 -13.27 44.01
C SER H 14 -22.27 -14.13 45.05
N GLY H 15 -22.09 -15.40 44.71
CA GLY H 15 -21.25 -16.31 45.47
C GLY H 15 -21.61 -16.48 46.94
N ILE H 16 -20.59 -16.47 47.79
CA ILE H 16 -20.76 -16.74 49.21
C ILE H 16 -21.63 -15.68 49.86
N GLY H 17 -21.36 -14.43 49.54
CA GLY H 17 -22.17 -13.32 50.04
C GLY H 17 -23.64 -13.50 49.76
N ALA H 18 -23.98 -13.82 48.51
CA ALA H 18 -25.39 -13.98 48.10
C ALA H 18 -26.10 -15.14 48.80
N THR H 19 -25.38 -16.23 49.01
CA THR H 19 -25.92 -17.37 49.77
C THR H 19 -26.07 -17.06 51.28
N TYR H 20 -25.10 -16.36 51.87
CA TYR H 20 -25.27 -15.87 53.23
C TYR H 20 -26.56 -15.02 53.32
N ALA H 21 -26.78 -14.13 52.35
CA ALA H 21 -27.95 -13.26 52.36
C ALA H 21 -29.25 -14.09 52.32
N GLU H 22 -29.31 -15.05 51.40
CA GLU H 22 -30.44 -15.95 51.31
C GLU H 22 -30.67 -16.64 52.64
N ARG H 23 -29.58 -17.13 53.24
CA ARG H 23 -29.70 -17.95 54.44
C ARG H 23 -30.16 -17.12 55.65
N PHE H 24 -29.60 -15.92 55.81
CA PHE H 24 -29.97 -15.08 56.94
C PHE H 24 -31.40 -14.57 56.78
N ALA H 25 -31.83 -14.33 55.55
CA ALA H 25 -33.21 -13.91 55.29
C ALA H 25 -34.17 -15.01 55.72
N ARG H 26 -33.82 -16.26 55.42
CA ARG H 26 -34.64 -17.42 55.83
C ARG H 26 -34.67 -17.69 57.33
N ARG H 27 -33.67 -17.20 58.06
CA ARG H 27 -33.68 -17.20 59.52
C ARG H 27 -34.47 -16.04 60.12
N GLY H 28 -34.91 -15.09 59.29
CA GLY H 28 -35.73 -13.96 59.77
C GLY H 28 -35.03 -12.63 59.97
N HIS H 29 -33.76 -12.52 59.58
CA HIS H 29 -33.03 -11.24 59.73
C HIS H 29 -33.31 -10.26 58.59
N ASP H 30 -33.52 -9.00 58.94
CA ASP H 30 -33.44 -7.92 57.96
C ASP H 30 -31.99 -7.78 57.44
N LEU H 31 -31.81 -7.24 56.23
CA LEU H 31 -30.50 -7.25 55.56
C LEU H 31 -30.12 -5.96 54.88
N VAL H 32 -28.82 -5.69 54.86
CA VAL H 32 -28.26 -4.64 54.03
C VAL H 32 -27.19 -5.29 53.17
N LEU H 33 -27.46 -5.31 51.87
CA LEU H 33 -26.61 -5.99 50.92
C LEU H 33 -25.76 -5.00 50.14
N VAL H 34 -24.44 -5.18 50.17
CA VAL H 34 -23.58 -4.26 49.46
C VAL H 34 -22.63 -4.91 48.46
N ALA H 35 -22.56 -4.28 47.29
CA ALA H 35 -21.68 -4.63 46.20
C ALA H 35 -21.81 -3.57 45.12
N ARG H 36 -21.03 -3.69 44.04
CA ARG H 36 -21.08 -2.72 42.95
C ARG H 36 -22.27 -2.87 42.02
N ASP H 37 -22.68 -4.10 41.74
CA ASP H 37 -23.78 -4.40 40.79
C ASP H 37 -25.19 -4.14 41.39
N LYS H 38 -25.61 -2.89 41.35
CA LYS H 38 -26.87 -2.45 41.92
C LYS H 38 -28.04 -3.25 41.34
N VAL H 39 -28.03 -3.43 40.02
CA VAL H 39 -29.16 -4.04 39.35
C VAL H 39 -29.34 -5.46 39.86
N ARG H 40 -28.24 -6.16 40.04
CA ARG H 40 -28.29 -7.53 40.51
C ARG H 40 -28.66 -7.60 41.99
N LEU H 41 -28.20 -6.63 42.77
CA LEU H 41 -28.63 -6.51 44.17
C LEU H 41 -30.14 -6.25 44.34
N ASP H 42 -30.70 -5.37 43.51
CA ASP H 42 -32.12 -5.08 43.54
C ASP H 42 -32.97 -6.30 43.23
N ALA H 43 -32.55 -7.14 42.28
CA ALA H 43 -33.30 -8.37 41.99
C ALA H 43 -33.23 -9.34 43.15
N LEU H 44 -32.04 -9.49 43.74
CA LEU H 44 -31.85 -10.39 44.90
C LEU H 44 -32.65 -9.91 46.09
N ALA H 45 -32.53 -8.63 46.39
CA ALA H 45 -33.28 -8.05 47.48
C ALA H 45 -34.78 -8.31 47.33
N ALA H 46 -35.29 -8.11 46.12
CA ALA H 46 -36.72 -8.27 45.87
C ALA H 46 -37.10 -9.71 46.11
N ARG H 47 -36.29 -10.65 45.63
CA ARG H 47 -36.60 -12.05 45.83
C ARG H 47 -36.64 -12.39 47.33
N LEU H 48 -35.71 -11.86 48.11
CA LEU H 48 -35.64 -12.23 49.54
C LEU H 48 -36.76 -11.58 50.35
N ARG H 49 -37.13 -10.34 49.98
CA ARG H 49 -38.28 -9.67 50.59
C ARG H 49 -39.53 -10.48 50.34
N ASP H 50 -39.71 -10.93 49.11
CA ASP H 50 -40.90 -11.70 48.72
C ASP H 50 -40.87 -13.06 49.41
N GLU H 51 -39.79 -13.81 49.23
CA GLU H 51 -39.74 -15.20 49.71
C GLU H 51 -39.78 -15.29 51.23
N SER H 52 -39.08 -14.39 51.89
CA SER H 52 -38.88 -14.49 53.33
C SER H 52 -39.57 -13.42 54.17
N GLY H 53 -40.10 -12.36 53.57
CA GLY H 53 -40.84 -11.36 54.32
C GLY H 53 -40.01 -10.49 55.25
N VAL H 54 -38.71 -10.42 55.03
CA VAL H 54 -37.84 -9.51 55.81
C VAL H 54 -37.55 -8.22 55.00
N ALA H 55 -37.13 -7.18 55.67
CA ALA H 55 -36.68 -5.96 54.96
C ALA H 55 -35.28 -6.22 54.39
N VAL H 56 -35.08 -5.79 53.15
CA VAL H 56 -33.79 -5.92 52.50
C VAL H 56 -33.51 -4.66 51.73
N GLU H 57 -32.38 -4.03 52.03
CA GLU H 57 -31.96 -2.85 51.32
C GLU H 57 -30.74 -3.16 50.47
N ALA H 58 -30.78 -2.71 49.22
CA ALA H 58 -29.64 -2.85 48.30
C ALA H 58 -28.83 -1.57 48.34
N LEU H 59 -27.55 -1.69 48.67
CA LEU H 59 -26.68 -0.52 48.85
C LEU H 59 -25.46 -0.63 47.91
N GLN H 60 -25.49 0.16 46.84
CA GLN H 60 -24.39 0.15 45.91
C GLN H 60 -23.12 0.73 46.54
N ALA H 61 -21.99 0.04 46.39
CA ALA H 61 -20.72 0.58 46.83
C ALA H 61 -19.57 -0.16 46.20
N ASP H 62 -18.63 0.61 45.65
CA ASP H 62 -17.34 0.08 45.26
C ASP H 62 -16.42 0.31 46.47
N LEU H 63 -16.10 -0.76 47.21
CA LEU H 63 -15.34 -0.61 48.45
C LEU H 63 -13.86 -0.23 48.24
N THR H 64 -13.44 -0.04 46.99
CA THR H 64 -12.12 0.48 46.69
C THR H 64 -12.18 1.93 46.32
N ARG H 65 -13.38 2.51 46.33
CA ARG H 65 -13.53 3.94 46.09
C ARG H 65 -13.74 4.65 47.44
N PRO H 66 -12.80 5.57 47.81
CA PRO H 66 -12.87 6.22 49.13
C PRO H 66 -14.25 6.74 49.55
N ALA H 67 -14.95 7.43 48.65
CA ALA H 67 -16.26 7.98 49.00
C ALA H 67 -17.31 6.89 49.30
N ASP H 68 -17.30 5.79 48.55
CA ASP H 68 -18.30 4.70 48.78
C ASP H 68 -18.02 3.99 50.09
N LEU H 69 -16.74 3.73 50.35
CA LEU H 69 -16.35 3.05 51.56
C LEU H 69 -16.73 3.92 52.77
N ALA H 70 -16.48 5.21 52.67
CA ALA H 70 -16.82 6.12 53.75
C ALA H 70 -18.31 6.12 54.03
N ALA H 71 -19.11 6.08 52.97
CA ALA H 71 -20.57 6.02 53.12
C ALA H 71 -21.04 4.71 53.81
N VAL H 72 -20.39 3.59 53.54
CA VAL H 72 -20.73 2.36 54.26
C VAL H 72 -20.30 2.40 55.72
N GLU H 73 -19.12 2.96 55.98
CA GLU H 73 -18.64 3.18 57.36
C GLU H 73 -19.67 3.98 58.15
N ILE H 74 -20.13 5.10 57.60
CA ILE H 74 -21.13 5.92 58.25
C ILE H 74 -22.35 5.09 58.64
N ARG H 75 -22.87 4.33 57.68
CA ARG H 75 -24.05 3.53 57.96
C ARG H 75 -23.82 2.52 59.09
N LEU H 76 -22.67 1.88 59.10
CA LEU H 76 -22.35 0.94 60.17
C LEU H 76 -22.21 1.63 61.53
N ARG H 77 -21.66 2.84 61.56
CA ARG H 77 -21.49 3.57 62.80
C ARG H 77 -22.83 3.98 63.40
N GLU H 78 -23.75 4.39 62.54
CA GLU H 78 -24.94 5.11 62.95
C GLU H 78 -26.19 4.27 63.14
N ASP H 79 -26.25 3.10 62.51
CA ASP H 79 -27.49 2.32 62.53
C ASP H 79 -27.42 1.17 63.53
N ALA H 80 -28.03 1.40 64.70
CA ALA H 80 -28.02 0.46 65.82
C ALA H 80 -28.65 -0.90 65.46
N ARG H 81 -29.48 -0.93 64.43
CA ARG H 81 -30.12 -2.17 64.03
C ARG H 81 -29.12 -3.19 63.51
N ILE H 82 -28.01 -2.72 62.95
CA ILE H 82 -27.03 -3.64 62.37
C ILE H 82 -26.15 -4.26 63.46
N GLY H 83 -26.37 -5.54 63.72
CA GLY H 83 -25.64 -6.26 64.78
C GLY H 83 -24.78 -7.41 64.26
N ILE H 84 -24.78 -7.63 62.95
CA ILE H 84 -23.91 -8.63 62.34
C ILE H 84 -23.29 -8.08 61.05
N LEU H 85 -21.96 -8.13 60.96
CA LEU H 85 -21.24 -7.68 59.78
C LEU H 85 -20.58 -8.89 59.13
N ILE H 86 -20.91 -9.19 57.87
CA ILE H 86 -20.19 -10.22 57.13
C ILE H 86 -19.25 -9.53 56.14
N ASN H 87 -17.97 -9.50 56.51
CA ASN H 87 -16.92 -8.94 55.69
C ASN H 87 -16.47 -9.95 54.64
N ASN H 88 -17.29 -10.09 53.60
CA ASN H 88 -17.12 -11.14 52.59
C ASN H 88 -16.58 -10.65 51.27
N ALA H 89 -16.82 -9.40 50.92
CA ALA H 89 -16.31 -8.86 49.66
C ALA H 89 -14.79 -9.10 49.51
N GLY H 90 -14.39 -9.64 48.37
CA GLY H 90 -12.99 -9.95 48.11
C GLY H 90 -12.76 -10.42 46.69
N MET H 91 -11.50 -10.39 46.25
CA MET H 91 -11.14 -10.87 44.91
C MET H 91 -9.82 -11.60 45.02
N ALA H 92 -9.53 -12.42 44.01
CA ALA H 92 -8.31 -13.18 43.98
C ALA H 92 -7.32 -12.46 43.11
N GLN H 93 -6.12 -13.03 43.04
CA GLN H 93 -5.03 -12.46 42.25
C GLN H 93 -5.04 -13.05 40.86
N SER H 94 -4.80 -12.21 39.88
CA SER H 94 -4.79 -12.64 38.48
C SER H 94 -3.37 -12.66 37.99
N GLY H 95 -2.87 -13.84 37.61
CA GLY H 95 -1.47 -13.98 37.21
C GLY H 95 -0.48 -13.99 38.36
N GLY H 96 0.76 -14.36 38.07
CA GLY H 96 1.82 -14.39 39.07
C GLY H 96 2.37 -13.02 39.41
N PHE H 97 3.34 -13.02 40.31
CA PHE H 97 3.83 -11.76 40.87
C PHE H 97 4.37 -10.81 39.80
N VAL H 98 5.18 -11.32 38.88
CA VAL H 98 5.78 -10.43 37.89
C VAL H 98 4.78 -9.91 36.88
N GLN H 99 3.60 -10.52 36.75
CA GLN H 99 2.56 -10.00 35.83
C GLN H 99 1.64 -8.97 36.52
N GLN H 100 1.89 -8.66 37.78
CA GLN H 100 1.10 -7.69 38.53
C GLN H 100 1.37 -6.26 38.12
N THR H 101 0.37 -5.43 38.38
CA THR H 101 0.37 -4.00 38.10
C THR H 101 0.26 -3.20 39.41
N ALA H 102 0.77 -1.98 39.42
CA ALA H 102 0.59 -1.11 40.58
C ALA H 102 -0.89 -0.95 40.91
N GLU H 103 -1.70 -0.57 39.91
CA GLU H 103 -3.15 -0.43 40.08
C GLU H 103 -3.76 -1.72 40.63
N GLY H 104 -3.36 -2.88 40.09
CA GLY H 104 -3.95 -4.16 40.49
C GLY H 104 -3.65 -4.54 41.92
N ILE H 105 -2.44 -4.21 42.35
CA ILE H 105 -1.98 -4.48 43.70
C ILE H 105 -2.74 -3.61 44.68
N GLU H 106 -2.79 -2.32 44.39
CA GLU H 106 -3.59 -1.37 45.14
C GLU H 106 -5.01 -1.92 45.33
N ARG H 107 -5.67 -2.27 44.23
CA ARG H 107 -7.06 -2.77 44.29
C ARG H 107 -7.21 -4.04 45.14
N LEU H 108 -6.37 -5.03 44.90
CA LEU H 108 -6.45 -6.29 45.64
C LEU H 108 -6.28 -6.12 47.17
N ILE H 109 -5.26 -5.35 47.55
CA ILE H 109 -5.00 -5.08 48.97
C ILE H 109 -6.09 -4.20 49.58
N THR H 110 -6.50 -3.13 48.88
CA THR H 110 -7.54 -2.24 49.40
C THR H 110 -8.84 -3.00 49.67
N LEU H 111 -9.27 -3.85 48.75
CA LEU H 111 -10.53 -4.54 48.94
C LEU H 111 -10.46 -5.60 50.01
N ASN H 112 -9.43 -6.43 49.96
CA ASN H 112 -9.38 -7.63 50.82
C ASN H 112 -8.92 -7.37 52.24
N THR H 113 -8.41 -6.18 52.48
CA THR H 113 -7.66 -5.89 53.68
C THR H 113 -8.10 -4.52 54.27
N THR H 114 -7.90 -3.45 53.53
CA THR H 114 -8.17 -2.10 54.04
C THR H 114 -9.65 -1.88 54.29
N ALA H 115 -10.46 -2.21 53.29
CA ALA H 115 -11.91 -2.05 53.39
C ALA H 115 -12.48 -2.93 54.49
N LEU H 116 -12.12 -4.21 54.48
CA LEU H 116 -12.51 -5.17 55.54
C LEU H 116 -12.19 -4.65 56.94
N THR H 117 -10.97 -4.16 57.13
CA THR H 117 -10.52 -3.67 58.44
C THR H 117 -11.29 -2.43 58.84
N ARG H 118 -11.49 -1.54 57.88
CA ARG H 118 -12.19 -0.28 58.15
C ARG H 118 -13.68 -0.47 58.49
N LEU H 119 -14.34 -1.43 57.85
CA LEU H 119 -15.74 -1.73 58.14
C LEU H 119 -15.87 -2.35 59.54
N ALA H 120 -14.97 -3.26 59.87
CA ALA H 120 -14.88 -3.78 61.23
C ALA H 120 -14.64 -2.66 62.23
N ALA H 121 -13.74 -1.73 61.92
CA ALA H 121 -13.49 -0.58 62.84
C ALA H 121 -14.68 0.37 62.94
N ALA H 122 -15.52 0.39 61.91
CA ALA H 122 -16.70 1.26 61.94
C ALA H 122 -17.79 0.75 62.90
N VAL H 123 -17.93 -0.57 63.05
CA VAL H 123 -18.91 -1.14 64.00
C VAL H 123 -18.37 -1.38 65.41
N ALA H 124 -17.07 -1.59 65.56
CA ALA H 124 -16.53 -2.08 66.85
C ALA H 124 -16.83 -1.18 68.05
N PRO H 125 -16.69 0.15 67.90
CA PRO H 125 -17.01 1.02 69.05
C PRO H 125 -18.45 0.91 69.51
N ARG H 126 -19.38 0.95 68.56
CA ARG H 126 -20.80 0.82 68.86
C ARG H 126 -21.13 -0.56 69.47
N PHE H 127 -20.53 -1.61 68.92
CA PHE H 127 -20.67 -2.96 69.45
C PHE H 127 -20.19 -3.04 70.89
N VAL H 128 -19.00 -2.50 71.16
CA VAL H 128 -18.47 -2.43 72.51
C VAL H 128 -19.46 -1.72 73.45
N GLN H 129 -19.99 -0.58 73.04
CA GLN H 129 -20.98 0.15 73.86
C GLN H 129 -22.24 -0.69 74.16
N SER H 130 -22.76 -1.42 73.18
CA SER H 130 -23.99 -2.20 73.37
C SER H 130 -23.74 -3.53 74.08
N GLY H 131 -22.47 -3.94 74.19
CA GLY H 131 -22.13 -5.21 74.80
C GLY H 131 -22.49 -6.43 73.95
N THR H 132 -22.77 -6.19 72.67
CA THR H 132 -23.14 -7.28 71.75
C THR H 132 -22.80 -6.94 70.30
N GLY H 133 -22.76 -7.96 69.45
CA GLY H 133 -22.45 -7.82 68.06
C GLY H 133 -21.65 -9.00 67.51
N ALA H 134 -21.62 -9.13 66.19
CA ALA H 134 -20.88 -10.21 65.54
C ALA H 134 -20.18 -9.70 64.26
N ILE H 135 -18.90 -10.07 64.11
CA ILE H 135 -18.12 -9.76 62.93
C ILE H 135 -17.62 -11.08 62.36
N VAL H 136 -18.06 -11.39 61.15
CA VAL H 136 -17.63 -12.57 60.40
C VAL H 136 -16.73 -12.12 59.25
N ASN H 137 -15.47 -12.50 59.32
CA ASN H 137 -14.48 -12.20 58.30
C ASN H 137 -14.23 -13.44 57.46
N ILE H 138 -14.27 -13.30 56.13
CA ILE H 138 -13.99 -14.43 55.25
C ILE H 138 -12.53 -14.44 54.86
N GLY H 139 -11.78 -15.41 55.36
CA GLY H 139 -10.38 -15.58 55.00
C GLY H 139 -10.31 -16.62 53.91
N SER H 140 -9.25 -17.42 53.92
CA SER H 140 -9.11 -18.49 52.96
C SER H 140 -8.02 -19.46 53.41
N VAL H 141 -8.22 -20.71 53.02
CA VAL H 141 -7.21 -21.75 53.16
C VAL H 141 -5.93 -21.35 52.41
N VAL H 142 -6.05 -20.58 51.35
CA VAL H 142 -4.86 -20.12 50.62
C VAL H 142 -3.90 -19.33 51.54
N GLY H 143 -4.42 -18.77 52.64
CA GLY H 143 -3.60 -18.07 53.63
C GLY H 143 -2.67 -18.99 54.42
N PHE H 144 -2.84 -20.29 54.22
CA PHE H 144 -1.95 -21.31 54.75
C PHE H 144 -1.04 -21.88 53.67
N ALA H 145 -1.08 -21.33 52.45
CA ALA H 145 -0.49 -22.01 51.29
C ALA H 145 0.25 -21.10 50.30
N PRO H 146 1.47 -20.65 50.68
CA PRO H 146 2.34 -19.96 49.73
C PRO H 146 2.61 -20.82 48.50
N GLU H 147 2.54 -22.14 48.63
CA GLU H 147 2.70 -23.08 47.51
C GLU H 147 1.64 -22.94 46.42
N PHE H 148 0.48 -22.39 46.75
CA PHE H 148 -0.63 -22.32 45.77
C PHE H 148 -0.29 -21.33 44.65
N GLY H 149 0.62 -20.40 44.91
CA GLY H 149 1.14 -19.52 43.87
C GLY H 149 0.50 -18.16 43.75
N MET H 150 -0.44 -17.80 44.64
CA MET H 150 -1.04 -16.44 44.67
C MET H 150 -0.49 -15.68 45.86
N SER H 151 0.71 -15.17 45.70
CA SER H 151 1.47 -14.65 46.83
C SER H 151 0.81 -13.45 47.50
N ILE H 152 0.24 -12.54 46.70
CA ILE H 152 -0.36 -11.35 47.25
C ILE H 152 -1.70 -11.69 47.85
N TYR H 153 -2.52 -12.44 47.11
CA TYR H 153 -3.87 -12.78 47.58
C TYR H 153 -3.78 -13.57 48.87
N GLY H 154 -2.87 -14.54 48.87
CA GLY H 154 -2.67 -15.37 50.06
C GLY H 154 -2.20 -14.53 51.24
N ALA H 155 -1.36 -13.54 50.96
CA ALA H 155 -0.94 -12.59 52.00
C ALA H 155 -2.11 -11.82 52.59
N THR H 156 -3.05 -11.38 51.74
CA THR H 156 -4.23 -10.65 52.25
C THR H 156 -5.08 -11.55 53.13
N LYS H 157 -5.10 -12.84 52.84
CA LYS H 157 -5.87 -13.78 53.63
C LYS H 157 -5.18 -14.17 54.95
N ALA H 158 -3.86 -14.24 54.94
CA ALA H 158 -3.11 -14.35 56.21
C ALA H 158 -3.44 -13.14 57.10
N PHE H 159 -3.52 -11.97 56.48
CA PHE H 159 -3.90 -10.74 57.19
C PHE H 159 -5.27 -10.93 57.88
N VAL H 160 -6.26 -11.39 57.11
CA VAL H 160 -7.63 -11.51 57.59
C VAL H 160 -7.72 -12.50 58.74
N LEU H 161 -7.03 -13.64 58.65
CA LEU H 161 -6.99 -14.58 59.78
C LEU H 161 -6.41 -13.92 61.04
N PHE H 162 -5.22 -13.34 60.90
CA PHE H 162 -4.58 -12.72 62.04
C PHE H 162 -5.46 -11.64 62.64
N LEU H 163 -5.98 -10.74 61.81
CA LEU H 163 -6.86 -9.67 62.32
C LEU H 163 -8.01 -10.26 63.11
N SER H 164 -8.56 -11.35 62.61
CA SER H 164 -9.70 -11.96 63.25
C SER H 164 -9.29 -12.49 64.62
N GLN H 165 -8.14 -13.15 64.70
CA GLN H 165 -7.67 -13.66 65.99
C GLN H 165 -7.49 -12.52 66.98
N GLY H 166 -6.87 -11.43 66.53
CA GLY H 166 -6.60 -10.25 67.36
C GLY H 166 -7.88 -9.59 67.83
N LEU H 167 -8.86 -9.48 66.94
CA LEU H 167 -10.12 -8.83 67.27
C LEU H 167 -10.90 -9.66 68.29
N ASN H 168 -10.80 -10.97 68.19
CA ASN H 168 -11.47 -11.83 69.15
C ASN H 168 -10.96 -11.52 70.57
N LEU H 169 -9.65 -11.45 70.73
CA LEU H 169 -9.06 -11.21 72.05
C LEU H 169 -9.42 -9.83 72.56
N GLU H 170 -9.41 -8.84 71.67
CA GLU H 170 -9.72 -7.46 72.06
C GLU H 170 -11.18 -7.24 72.36
N LEU H 171 -12.08 -7.92 71.67
CA LEU H 171 -13.49 -7.57 71.71
C LEU H 171 -14.42 -8.55 72.42
N SER H 172 -14.06 -9.82 72.49
CA SER H 172 -14.92 -10.82 73.17
C SER H 172 -15.12 -10.50 74.64
N PRO H 173 -14.13 -9.89 75.30
CA PRO H 173 -14.43 -9.45 76.67
C PRO H 173 -15.57 -8.42 76.79
N SER H 174 -15.90 -7.72 75.71
CA SER H 174 -17.09 -6.85 75.69
C SER H 174 -18.33 -7.53 75.09
N GLY H 175 -18.28 -8.84 74.87
CA GLY H 175 -19.45 -9.60 74.37
C GLY H 175 -19.54 -9.78 72.85
N ILE H 176 -18.52 -9.34 72.12
CA ILE H 176 -18.53 -9.38 70.67
C ILE H 176 -18.03 -10.73 70.18
N TYR H 177 -18.75 -11.33 69.23
CA TYR H 177 -18.29 -12.56 68.54
C TYR H 177 -17.53 -12.22 67.23
N VAL H 178 -16.33 -12.73 67.11
CA VAL H 178 -15.51 -12.54 65.93
C VAL H 178 -15.13 -13.89 65.38
N GLN H 179 -15.60 -14.17 64.16
CA GLN H 179 -15.40 -15.45 63.49
C GLN H 179 -14.56 -15.30 62.23
N ALA H 180 -13.58 -16.19 62.07
CA ALA H 180 -12.86 -16.31 60.81
C ALA H 180 -13.35 -17.55 60.12
N VAL H 181 -13.84 -17.34 58.89
CA VAL H 181 -14.36 -18.43 58.06
C VAL H 181 -13.39 -18.59 56.91
N LEU H 182 -12.87 -19.81 56.75
CA LEU H 182 -11.80 -20.09 55.81
C LEU H 182 -12.20 -21.16 54.82
N PRO H 183 -12.82 -20.75 53.70
CA PRO H 183 -13.15 -21.73 52.66
C PRO H 183 -11.90 -22.14 51.89
N ALA H 184 -11.98 -23.27 51.20
CA ALA H 184 -11.05 -23.58 50.12
C ALA H 184 -11.85 -23.41 48.81
N ALA H 185 -11.40 -24.03 47.73
CA ALA H 185 -12.05 -23.79 46.45
C ALA H 185 -13.56 -24.04 46.51
N THR H 186 -14.31 -23.02 46.10
CA THR H 186 -15.76 -22.96 46.19
C THR H 186 -16.29 -22.33 44.88
N ARG H 187 -17.46 -22.78 44.43
CA ARG H 187 -17.93 -22.46 43.07
C ARG H 187 -18.66 -21.11 43.03
N THR H 188 -17.89 -20.07 42.75
CA THR H 188 -18.34 -18.66 42.76
C THR H 188 -17.76 -17.98 41.55
N GLU H 189 -17.98 -16.67 41.44
CA GLU H 189 -17.45 -15.89 40.32
C GLU H 189 -15.96 -15.49 40.46
N ILE H 190 -15.36 -15.78 41.63
CA ILE H 190 -13.96 -15.35 41.91
C ILE H 190 -12.95 -15.90 40.87
N TRP H 191 -13.19 -17.11 40.38
CA TRP H 191 -12.26 -17.78 39.47
C TRP H 191 -12.20 -17.10 38.11
N GLY H 192 -13.37 -16.98 37.49
CA GLY H 192 -13.46 -16.21 36.27
C GLY H 192 -12.97 -14.77 36.40
N ARG H 193 -13.26 -14.11 37.53
CA ARG H 193 -12.75 -12.76 37.71
C ARG H 193 -11.24 -12.76 37.57
N ALA H 194 -10.58 -13.82 38.05
CA ALA H 194 -9.13 -13.85 38.05
C ALA H 194 -8.54 -14.46 36.77
N GLY H 195 -9.40 -14.86 35.84
CA GLY H 195 -8.95 -15.46 34.57
C GLY H 195 -8.63 -16.95 34.71
N ILE H 196 -9.34 -17.63 35.61
CA ILE H 196 -9.17 -19.05 35.83
C ILE H 196 -10.50 -19.75 35.52
N ASP H 197 -10.40 -20.87 34.83
CA ASP H 197 -11.54 -21.71 34.57
C ASP H 197 -11.71 -22.60 35.79
N VAL H 198 -12.80 -22.38 36.52
CA VAL H 198 -13.12 -23.12 37.72
C VAL H 198 -13.19 -24.62 37.45
N ASN H 199 -13.53 -25.01 36.23
CA ASN H 199 -13.66 -26.44 35.89
C ASN H 199 -12.32 -27.21 35.81
N THR H 200 -11.19 -26.49 35.77
CA THR H 200 -9.85 -27.09 35.82
C THR H 200 -9.37 -27.44 37.23
N LEU H 201 -10.04 -26.95 38.26
CA LEU H 201 -9.67 -27.28 39.63
C LEU H 201 -10.04 -28.73 39.94
N PRO H 202 -9.14 -29.47 40.60
CA PRO H 202 -9.45 -30.88 40.91
C PRO H 202 -10.76 -31.03 41.64
N GLU H 203 -10.94 -30.24 42.69
CA GLU H 203 -12.14 -30.33 43.51
C GLU H 203 -12.60 -28.95 43.96
N VAL H 204 -13.92 -28.78 43.97
CA VAL H 204 -14.57 -27.51 44.25
C VAL H 204 -15.84 -27.78 45.06
N MET H 205 -16.05 -27.01 46.12
CA MET H 205 -17.22 -27.18 46.99
C MET H 205 -18.35 -26.33 46.43
N GLU H 206 -19.58 -26.81 46.53
CA GLU H 206 -20.75 -26.00 46.16
C GLU H 206 -20.93 -24.90 47.22
N VAL H 207 -21.34 -23.73 46.76
CA VAL H 207 -21.48 -22.58 47.64
C VAL H 207 -22.54 -22.80 48.73
N ASP H 208 -23.63 -23.51 48.42
CA ASP H 208 -24.63 -23.87 49.45
C ASP H 208 -24.03 -24.66 50.61
N GLU H 209 -23.20 -25.64 50.30
CA GLU H 209 -22.61 -26.50 51.32
C GLU H 209 -21.60 -25.74 52.19
N LEU H 210 -20.79 -24.87 51.58
CA LEU H 210 -19.85 -24.06 52.35
C LEU H 210 -20.54 -23.15 53.36
N VAL H 211 -21.50 -22.38 52.90
CA VAL H 211 -22.18 -21.42 53.75
C VAL H 211 -22.91 -22.13 54.88
N ASP H 212 -23.58 -23.26 54.58
CA ASP H 212 -24.27 -24.03 55.63
C ASP H 212 -23.28 -24.53 56.68
N ALA H 213 -22.13 -25.03 56.24
CA ALA H 213 -21.07 -25.39 57.15
C ALA H 213 -20.61 -24.18 57.98
N ALA H 214 -20.40 -23.03 57.32
CA ALA H 214 -19.94 -21.83 58.00
C ALA H 214 -20.93 -21.40 59.07
N LEU H 215 -22.22 -21.59 58.80
CA LEU H 215 -23.28 -21.16 59.72
C LEU H 215 -23.47 -22.12 60.88
N VAL H 216 -23.10 -23.39 60.69
CA VAL H 216 -23.00 -24.32 61.81
C VAL H 216 -21.91 -23.81 62.77
N GLY H 217 -20.73 -23.51 62.23
CA GLY H 217 -19.70 -22.84 63.01
C GLY H 217 -20.20 -21.60 63.73
N PHE H 218 -20.91 -20.74 63.00
CA PHE H 218 -21.42 -19.48 63.56
C PHE H 218 -22.33 -19.76 64.76
N ASP H 219 -23.26 -20.71 64.62
CA ASP H 219 -24.23 -21.03 65.68
C ASP H 219 -23.58 -21.66 66.89
N ARG H 220 -22.47 -22.36 66.70
CA ARG H 220 -21.68 -22.85 67.82
C ARG H 220 -20.74 -21.79 68.38
N ARG H 221 -20.71 -20.61 67.75
CA ARG H 221 -19.85 -19.51 68.19
C ARG H 221 -18.35 -19.91 68.07
N GLU H 222 -18.02 -20.69 67.03
CA GLU H 222 -16.66 -21.08 66.76
C GLU H 222 -15.81 -19.91 66.24
N LEU H 223 -14.56 -19.85 66.66
CA LEU H 223 -13.68 -18.72 66.37
C LEU H 223 -13.08 -18.83 64.99
N VAL H 224 -12.56 -20.01 64.67
CA VAL H 224 -11.97 -20.27 63.38
C VAL H 224 -12.64 -21.49 62.75
N THR H 225 -13.28 -21.27 61.60
CA THR H 225 -14.15 -22.26 60.97
C THR H 225 -13.64 -22.59 59.58
N ILE H 226 -13.20 -23.83 59.40
CA ILE H 226 -12.53 -24.28 58.20
C ILE H 226 -13.24 -25.51 57.65
N PRO H 227 -14.38 -25.30 56.95
CA PRO H 227 -15.19 -26.41 56.47
C PRO H 227 -14.46 -27.52 55.69
N PRO H 228 -13.48 -27.18 54.85
CA PRO H 228 -12.84 -28.26 54.13
C PRO H 228 -11.68 -28.94 54.85
N LEU H 229 -11.46 -28.62 56.12
CA LEU H 229 -10.39 -29.25 56.88
C LEU H 229 -10.96 -30.48 57.55
N HIS H 230 -10.59 -31.66 57.07
CA HIS H 230 -11.22 -32.90 57.53
C HIS H 230 -10.72 -33.35 58.90
N VAL H 231 -9.60 -32.81 59.39
CA VAL H 231 -9.10 -33.13 60.73
C VAL H 231 -8.94 -31.85 61.56
N ALA H 232 -9.92 -31.59 62.41
CA ALA H 232 -9.98 -30.34 63.19
C ALA H 232 -8.72 -30.08 64.01
N ALA H 233 -8.07 -31.14 64.50
CA ALA H 233 -6.93 -30.96 65.40
C ALA H 233 -5.70 -30.37 64.71
N ARG H 234 -5.71 -30.27 63.39
CA ARG H 234 -4.58 -29.65 62.70
C ARG H 234 -4.56 -28.15 62.93
N TRP H 235 -5.75 -27.55 63.12
CA TRP H 235 -5.84 -26.15 63.47
C TRP H 235 -5.21 -25.94 64.84
N ASP H 236 -5.63 -26.72 65.83
CA ASP H 236 -5.10 -26.62 67.22
C ASP H 236 -3.59 -26.79 67.23
N ALA H 237 -3.10 -27.68 66.38
CA ALA H 237 -1.68 -27.94 66.31
C ALA H 237 -0.92 -26.79 65.68
N LEU H 238 -1.52 -26.14 64.68
CA LEU H 238 -0.91 -24.95 64.08
C LEU H 238 -0.85 -23.82 65.12
N ASP H 239 -1.96 -23.59 65.80
CA ASP H 239 -2.02 -22.55 66.83
C ASP H 239 -1.10 -22.84 68.02
N GLY H 240 -0.94 -24.12 68.37
CA GLY H 240 0.00 -24.53 69.42
C GLY H 240 1.45 -24.24 69.06
N ALA H 241 1.82 -24.60 67.83
CA ALA H 241 3.19 -24.37 67.36
C ALA H 241 3.50 -22.86 67.31
N ARG H 242 2.50 -22.07 66.94
CA ARG H 242 2.62 -20.62 66.99
C ARG H 242 2.91 -20.17 68.42
N GLN H 243 2.10 -20.61 69.38
CA GLN H 243 2.35 -20.24 70.78
C GLN H 243 3.65 -20.82 71.32
N GLY H 244 3.99 -22.04 70.86
CA GLY H 244 5.26 -22.65 71.20
C GLY H 244 6.42 -21.77 70.80
N LEU H 245 6.38 -21.28 69.56
CA LEU H 245 7.42 -20.37 69.07
C LEU H 245 7.50 -19.10 69.94
N MET H 246 6.33 -18.52 70.24
CA MET H 246 6.26 -17.35 71.10
C MET H 246 6.87 -17.58 72.49
N SER H 247 6.72 -18.78 73.03
CA SER H 247 7.27 -19.07 74.36
C SER H 247 8.82 -19.09 74.38
N ASP H 248 9.46 -19.26 73.23
CA ASP H 248 10.92 -19.26 73.16
C ASP H 248 11.52 -17.96 72.56
N ILE H 249 10.74 -16.88 72.52
CA ILE H 249 11.23 -15.58 72.05
C ILE H 249 11.86 -14.87 73.27
N ARG H 250 13.18 -14.58 73.21
CA ARG H 250 13.88 -13.88 74.30
C ARG H 250 14.47 -12.63 73.68
N GLN H 251 13.88 -11.49 74.01
CA GLN H 251 13.98 -10.28 73.19
C GLN H 251 15.18 -9.37 73.41
N ALA H 252 15.88 -9.52 74.54
CA ALA H 252 17.02 -8.64 74.87
C ALA H 252 18.26 -8.97 74.06
N GLN H 253 18.45 -10.25 73.74
CA GLN H 253 19.68 -10.73 73.13
C GLN H 253 19.40 -11.65 71.93
N ALA H 254 20.26 -11.55 70.92
CA ALA H 254 20.16 -12.41 69.74
C ALA H 254 20.53 -13.85 70.08
N ALA H 255 19.93 -14.78 69.36
CA ALA H 255 20.14 -16.21 69.58
C ALA H 255 21.58 -16.63 69.28
N ASP H 256 22.06 -17.66 69.98
CA ASP H 256 23.45 -18.14 69.86
C ASP H 256 23.88 -18.35 68.40
N ARG H 257 22.97 -18.88 67.59
CA ARG H 257 23.27 -19.19 66.18
C ARG H 257 23.59 -17.94 65.34
N TYR H 258 23.37 -16.74 65.86
CA TYR H 258 23.68 -15.51 65.11
C TYR H 258 24.88 -14.80 65.68
CA ARG H 259 29.25 -16.20 66.73
C ARG H 259 30.64 -16.70 67.17
N LEU I 4 29.88 -4.42 43.24
CA LEU I 4 28.84 -4.79 44.25
C LEU I 4 27.52 -4.06 43.95
N PRO I 5 26.39 -4.75 44.16
CA PRO I 5 25.11 -4.08 43.81
C PRO I 5 24.77 -2.89 44.71
N THR I 6 24.18 -1.86 44.12
CA THR I 6 23.63 -0.77 44.90
C THR I 6 22.44 -1.30 45.72
N VAL I 7 22.31 -0.81 46.95
CA VAL I 7 21.24 -1.18 47.83
C VAL I 7 20.29 -0.02 47.99
N LEU I 8 19.01 -0.24 47.66
CA LEU I 8 17.96 0.73 47.99
C LEU I 8 17.32 0.27 49.29
N ILE I 9 17.35 1.16 50.29
CA ILE I 9 16.76 0.92 51.59
C ILE I 9 15.62 1.91 51.87
N THR I 10 14.42 1.41 52.15
CA THR I 10 13.34 2.27 52.62
C THR I 10 13.39 2.38 54.14
N GLY I 11 12.93 3.51 54.65
CA GLY I 11 13.02 3.83 56.06
C GLY I 11 14.46 3.91 56.51
N ALA I 12 15.28 4.60 55.73
CA ALA I 12 16.71 4.65 55.99
C ALA I 12 17.11 5.77 56.94
N SER I 13 16.18 6.63 57.35
CA SER I 13 16.52 7.81 58.15
C SER I 13 16.75 7.53 59.64
N SER I 14 16.22 6.42 60.16
CA SER I 14 16.44 6.04 61.55
C SER I 14 16.34 4.53 61.74
N GLY I 15 16.65 4.08 62.96
CA GLY I 15 16.39 2.72 63.36
C GLY I 15 17.05 1.65 62.51
N ILE I 16 16.30 0.60 62.20
CA ILE I 16 16.85 -0.56 61.50
C ILE I 16 17.36 -0.18 60.13
N GLY I 17 16.56 0.60 59.41
CA GLY I 17 16.95 1.07 58.09
C GLY I 17 18.31 1.76 58.14
N ALA I 18 18.46 2.70 59.07
CA ALA I 18 19.70 3.50 59.14
C ALA I 18 20.93 2.64 59.46
N THR I 19 20.76 1.64 60.32
CA THR I 19 21.84 0.73 60.64
C THR I 19 22.16 -0.20 59.47
N TYR I 20 21.15 -0.68 58.75
CA TYR I 20 21.40 -1.42 57.51
C TYR I 20 22.24 -0.57 56.55
N ALA I 21 21.89 0.71 56.42
CA ALA I 21 22.62 1.61 55.53
C ALA I 21 24.08 1.74 55.94
N GLU I 22 24.31 1.99 57.22
CA GLU I 22 25.67 2.06 57.75
C GLU I 22 26.43 0.76 57.45
N ARG I 23 25.78 -0.37 57.69
CA ARG I 23 26.44 -1.66 57.54
C ARG I 23 26.76 -2.00 56.09
N PHE I 24 25.84 -1.72 55.18
CA PHE I 24 26.07 -2.00 53.76
C PHE I 24 27.12 -1.05 53.17
N ALA I 25 27.14 0.19 53.66
CA ALA I 25 28.17 1.14 53.24
C ALA I 25 29.56 0.64 53.65
N ARG I 26 29.68 0.10 54.87
CA ARG I 26 30.95 -0.47 55.35
C ARG I 26 31.39 -1.74 54.63
N ARG I 27 30.46 -2.46 54.00
CA ARG I 27 30.78 -3.58 53.12
C ARG I 27 31.16 -3.15 51.71
N GLY I 28 31.00 -1.85 51.40
CA GLY I 28 31.40 -1.32 50.09
C GLY I 28 30.30 -1.06 49.08
N HIS I 29 29.03 -1.20 49.48
CA HIS I 29 27.91 -1.00 48.54
C HIS I 29 27.56 0.48 48.41
N ASP I 30 27.33 0.93 47.18
CA ASP I 30 26.64 2.20 46.96
C ASP I 30 25.18 2.07 47.48
N LEU I 31 24.54 3.19 47.81
CA LEU I 31 23.22 3.17 48.47
C LEU I 31 22.22 4.18 47.92
N VAL I 32 20.95 3.80 47.97
CA VAL I 32 19.87 4.75 47.79
C VAL I 32 18.98 4.69 49.03
N LEU I 33 18.95 5.80 49.75
CA LEU I 33 18.26 5.85 51.03
C LEU I 33 16.96 6.61 50.90
N VAL I 34 15.87 5.97 51.27
CA VAL I 34 14.58 6.64 51.17
C VAL I 34 13.78 6.71 52.48
N ALA I 35 13.24 7.90 52.69
CA ALA I 35 12.34 8.22 53.79
C ALA I 35 11.80 9.63 53.58
N ARG I 36 10.93 10.09 54.49
CA ARG I 36 10.37 11.45 54.40
C ARG I 36 11.30 12.55 54.86
N ASP I 37 12.11 12.29 55.89
CA ASP I 37 12.98 13.31 56.49
C ASP I 37 14.27 13.56 55.67
N LYS I 38 14.16 14.42 54.66
CA LYS I 38 15.25 14.71 53.72
C LYS I 38 16.50 15.24 54.42
N VAL I 39 16.29 16.15 55.36
CA VAL I 39 17.38 16.78 56.06
C VAL I 39 18.19 15.75 56.83
N ARG I 40 17.51 14.80 57.47
CA ARG I 40 18.18 13.77 58.21
C ARG I 40 18.89 12.76 57.30
N LEU I 41 18.28 12.48 56.15
CA LEU I 41 18.89 11.60 55.15
C LEU I 41 20.16 12.18 54.59
N ASP I 42 20.13 13.49 54.31
CA ASP I 42 21.30 14.17 53.78
C ASP I 42 22.48 14.15 54.75
N ALA I 43 22.22 14.29 56.06
CA ALA I 43 23.30 14.17 57.06
C ALA I 43 23.87 12.75 57.14
N LEU I 44 23.00 11.76 57.11
CA LEU I 44 23.41 10.36 57.10
C LEU I 44 24.19 10.01 55.83
N ALA I 45 23.65 10.40 54.68
CA ALA I 45 24.29 10.14 53.39
C ALA I 45 25.71 10.73 53.38
N ALA I 46 25.85 11.96 53.88
CA ALA I 46 27.13 12.65 53.93
C ALA I 46 28.10 11.91 54.86
N ARG I 47 27.63 11.48 56.02
CA ARG I 47 28.49 10.69 56.90
C ARG I 47 28.98 9.40 56.26
N LEU I 48 28.09 8.67 55.58
CA LEU I 48 28.50 7.39 54.98
C LEU I 48 29.43 7.55 53.77
N ARG I 49 29.20 8.59 52.96
CA ARG I 49 30.09 8.93 51.83
C ARG I 49 31.49 9.21 52.36
N ASP I 50 31.56 10.01 53.42
CA ASP I 50 32.83 10.38 54.05
C ASP I 50 33.49 9.18 54.73
N GLU I 51 32.80 8.52 55.65
CA GLU I 51 33.39 7.39 56.39
C GLU I 51 33.75 6.20 55.52
N SER I 52 32.92 5.86 54.54
CA SER I 52 33.08 4.62 53.78
C SER I 52 33.46 4.78 52.31
N GLY I 53 33.40 5.99 51.78
CA GLY I 53 33.82 6.23 50.40
C GLY I 53 32.93 5.65 49.31
N VAL I 54 31.68 5.33 49.64
CA VAL I 54 30.71 4.83 48.64
C VAL I 54 29.80 5.96 48.18
N ALA I 55 29.12 5.79 47.03
CA ALA I 55 28.10 6.76 46.63
C ALA I 55 26.84 6.54 47.45
N VAL I 56 26.24 7.62 47.90
CA VAL I 56 25.00 7.53 48.65
C VAL I 56 24.08 8.64 48.19
N GLU I 57 22.89 8.27 47.74
CA GLU I 57 21.90 9.24 47.35
C GLU I 57 20.75 9.25 48.31
N ALA I 58 20.35 10.46 48.72
CA ALA I 58 19.21 10.67 49.61
C ALA I 58 17.97 10.96 48.78
N LEU I 59 16.96 10.12 48.90
CA LEU I 59 15.78 10.23 48.07
C LEU I 59 14.54 10.42 48.96
N GLN I 60 14.04 11.65 49.01
CA GLN I 60 12.84 11.95 49.79
C GLN I 60 11.59 11.26 49.19
N ALA I 61 10.81 10.58 50.02
CA ALA I 61 9.57 9.98 49.57
C ALA I 61 8.70 9.61 50.74
N ASP I 62 7.44 10.02 50.66
CA ASP I 62 6.42 9.55 51.57
C ASP I 62 5.79 8.39 50.83
N LEU I 63 6.06 7.17 51.28
CA LEU I 63 5.56 5.99 50.58
C LEU I 63 4.04 5.78 50.70
N THR I 64 3.33 6.68 51.39
CA THR I 64 1.88 6.62 51.44
C THR I 64 1.29 7.65 50.50
N ARG I 65 2.14 8.41 49.82
CA ARG I 65 1.68 9.40 48.84
C ARG I 65 1.85 8.82 47.42
N PRO I 66 0.74 8.67 46.65
CA PRO I 66 0.80 7.93 45.38
C PRO I 66 1.92 8.40 44.44
N ALA I 67 2.11 9.71 44.33
CA ALA I 67 3.16 10.23 43.44
C ALA I 67 4.60 9.88 43.88
N ASP I 68 4.89 9.94 45.17
CA ASP I 68 6.23 9.60 45.68
C ASP I 68 6.51 8.10 45.49
N LEU I 69 5.51 7.27 45.80
CA LEU I 69 5.67 5.83 45.67
C LEU I 69 5.93 5.48 44.21
N ALA I 70 5.17 6.10 43.30
CA ALA I 70 5.33 5.84 41.86
C ALA I 70 6.73 6.21 41.40
N ALA I 71 7.24 7.34 41.91
CA ALA I 71 8.61 7.75 41.59
C ALA I 71 9.66 6.71 42.09
N VAL I 72 9.47 6.10 43.25
CA VAL I 72 10.43 5.10 43.73
C VAL I 72 10.32 3.84 42.89
N GLU I 73 9.10 3.45 42.54
CA GLU I 73 8.88 2.31 41.63
C GLU I 73 9.64 2.49 40.33
N ILE I 74 9.47 3.64 39.69
CA ILE I 74 10.19 3.95 38.48
C ILE I 74 11.70 3.70 38.68
N ARG I 75 12.27 4.27 39.73
CA ARG I 75 13.70 4.14 39.94
C ARG I 75 14.15 2.69 40.07
N LEU I 76 13.36 1.90 40.80
CA LEU I 76 13.66 0.48 40.93
C LEU I 76 13.56 -0.27 39.60
N ARG I 77 12.57 0.08 38.78
CA ARG I 77 12.37 -0.61 37.48
C ARG I 77 13.52 -0.32 36.52
N GLU I 78 14.02 0.91 36.55
CA GLU I 78 14.90 1.40 35.52
C GLU I 78 16.39 1.29 35.81
N ASP I 79 16.79 1.23 37.08
CA ASP I 79 18.20 1.36 37.44
C ASP I 79 18.78 -0.02 37.74
N ALA I 80 19.48 -0.56 36.75
CA ALA I 80 20.09 -1.91 36.81
C ALA I 80 21.14 -2.04 37.92
N ARG I 81 21.68 -0.92 38.40
CA ARG I 81 22.64 -0.97 39.50
C ARG I 81 22.04 -1.50 40.79
N ILE I 82 20.75 -1.27 40.99
CA ILE I 82 20.10 -1.64 42.24
C ILE I 82 19.80 -3.16 42.22
N GLY I 83 20.57 -3.92 43.00
CA GLY I 83 20.40 -5.36 43.08
C GLY I 83 19.98 -5.87 44.43
N ILE I 84 19.78 -4.97 45.39
CA ILE I 84 19.25 -5.35 46.70
C ILE I 84 18.21 -4.33 47.20
N LEU I 85 17.03 -4.82 47.56
CA LEU I 85 15.95 -3.97 48.07
C LEU I 85 15.70 -4.34 49.51
N ILE I 86 15.83 -3.38 50.42
CA ILE I 86 15.44 -3.60 51.82
C ILE I 86 14.14 -2.87 52.07
N ASN I 87 13.05 -3.64 52.07
CA ASN I 87 11.71 -3.14 52.35
C ASN I 87 11.48 -3.02 53.84
N ASN I 88 12.05 -1.96 54.40
CA ASN I 88 12.12 -1.79 55.84
C ASN I 88 11.14 -0.76 56.37
N ALA I 89 10.79 0.25 55.57
CA ALA I 89 9.88 1.29 56.04
C ALA I 89 8.59 0.68 56.61
N GLY I 90 8.21 1.13 57.81
CA GLY I 90 7.02 0.64 58.47
C GLY I 90 6.71 1.45 59.72
N MET I 91 5.49 1.32 60.23
CA MET I 91 5.08 1.96 61.48
C MET I 91 4.20 0.98 62.25
N ALA I 92 4.10 1.22 63.55
CA ALA I 92 3.29 0.38 64.42
C ALA I 92 1.96 1.07 64.64
N GLN I 93 1.09 0.36 65.36
CA GLN I 93 -0.28 0.81 65.57
C GLN I 93 -0.32 1.59 66.85
N SER I 94 -1.05 2.68 66.83
CA SER I 94 -1.18 3.55 67.97
C SER I 94 -2.58 3.38 68.59
N GLY I 95 -2.64 2.89 69.82
CA GLY I 95 -3.92 2.56 70.47
C GLY I 95 -4.57 1.25 69.99
N GLY I 96 -5.58 0.80 70.72
CA GLY I 96 -6.31 -0.41 70.37
C GLY I 96 -7.28 -0.22 69.22
N PHE I 97 -7.95 -1.30 68.87
CA PHE I 97 -8.77 -1.30 67.66
C PHE I 97 -9.87 -0.25 67.67
N VAL I 98 -10.58 -0.10 68.79
CA VAL I 98 -11.66 0.89 68.81
C VAL I 98 -11.19 2.32 68.81
N GLN I 99 -9.91 2.58 69.10
CA GLN I 99 -9.39 3.96 69.04
C GLN I 99 -8.83 4.30 67.66
N GLN I 100 -8.90 3.35 66.72
CA GLN I 100 -8.44 3.58 65.34
C GLN I 100 -9.37 4.48 64.51
N THR I 101 -8.76 5.12 63.51
CA THR I 101 -9.45 5.99 62.54
C THR I 101 -9.37 5.40 61.15
N ALA I 102 -10.29 5.81 60.30
CA ALA I 102 -10.20 5.47 58.88
C ALA I 102 -8.84 5.92 58.27
N GLU I 103 -8.47 7.19 58.43
CA GLU I 103 -7.17 7.69 57.97
C GLU I 103 -6.00 6.87 58.52
N GLY I 104 -6.03 6.53 59.81
CA GLY I 104 -4.91 5.84 60.44
C GLY I 104 -4.74 4.41 59.93
N ILE I 105 -5.88 3.77 59.67
CA ILE I 105 -5.90 2.41 59.15
C ILE I 105 -5.37 2.38 57.71
N GLU I 106 -5.89 3.29 56.89
CA GLU I 106 -5.37 3.52 55.55
C GLU I 106 -3.83 3.66 55.57
N ARG I 107 -3.32 4.59 56.39
CA ARG I 107 -1.87 4.85 56.44
C ARG I 107 -1.08 3.61 56.86
N LEU I 108 -1.50 2.96 57.94
CA LEU I 108 -0.76 1.82 58.45
C LEU I 108 -0.67 0.67 57.41
N ILE I 109 -1.80 0.35 56.79
CA ILE I 109 -1.85 -0.73 55.81
C ILE I 109 -1.10 -0.33 54.52
N THR I 110 -1.32 0.90 54.04
CA THR I 110 -0.62 1.37 52.84
C THR I 110 0.90 1.29 53.00
N LEU I 111 1.43 1.78 54.12
CA LEU I 111 2.88 1.75 54.30
C LEU I 111 3.45 0.35 54.48
N ASN I 112 2.84 -0.44 55.35
CA ASN I 112 3.43 -1.72 55.76
C ASN I 112 3.24 -2.85 54.79
N THR I 113 2.37 -2.64 53.83
CA THR I 113 1.80 -3.72 53.04
C THR I 113 1.78 -3.31 51.55
N THR I 114 1.01 -2.30 51.20
CA THR I 114 0.84 -1.92 49.82
C THR I 114 2.14 -1.41 49.22
N ALA I 115 2.79 -0.49 49.91
CA ALA I 115 4.06 0.10 49.43
C ALA I 115 5.13 -0.96 49.33
N LEU I 116 5.29 -1.74 50.38
CA LEU I 116 6.20 -2.87 50.39
C LEU I 116 6.03 -3.80 49.19
N THR I 117 4.79 -4.20 48.95
CA THR I 117 4.47 -5.14 47.89
C THR I 117 4.74 -4.52 46.51
N ARG I 118 4.36 -3.26 46.37
CA ARG I 118 4.58 -2.55 45.11
C ARG I 118 6.04 -2.29 44.76
N LEU I 119 6.88 -2.01 45.76
CA LEU I 119 8.32 -1.86 45.53
C LEU I 119 8.93 -3.23 45.12
N ALA I 120 8.52 -4.30 45.80
CA ALA I 120 8.95 -5.63 45.42
C ALA I 120 8.54 -5.93 43.98
N ALA I 121 7.31 -5.58 43.62
CA ALA I 121 6.83 -5.83 42.24
C ALA I 121 7.56 -4.99 41.23
N ALA I 122 8.10 -3.85 41.67
CA ALA I 122 8.81 -2.96 40.74
C ALA I 122 10.18 -3.54 40.33
N VAL I 123 10.85 -4.27 41.23
CA VAL I 123 12.15 -4.88 40.89
C VAL I 123 12.06 -6.30 40.36
N ALA I 124 11.01 -7.03 40.70
CA ALA I 124 10.99 -8.46 40.39
C ALA I 124 11.16 -8.80 38.90
N PRO I 125 10.45 -8.10 38.00
CA PRO I 125 10.63 -8.41 36.57
C PRO I 125 12.06 -8.24 36.08
N ARG I 126 12.70 -7.14 36.47
CA ARG I 126 14.09 -6.88 36.11
C ARG I 126 15.05 -7.92 36.74
N PHE I 127 14.81 -8.26 38.01
CA PHE I 127 15.56 -9.30 38.70
C PHE I 127 15.45 -10.64 38.00
N VAL I 128 14.24 -11.01 37.62
CA VAL I 128 14.00 -12.25 36.84
C VAL I 128 14.77 -12.25 35.50
N GLN I 129 14.71 -11.14 34.76
CA GLN I 129 15.47 -11.01 33.52
C GLN I 129 17.01 -11.14 33.74
N SER I 130 17.57 -10.52 34.78
CA SER I 130 19.02 -10.62 35.04
C SER I 130 19.45 -11.95 35.66
N GLY I 131 18.51 -12.74 36.16
CA GLY I 131 18.83 -13.98 36.88
C GLY I 131 19.45 -13.80 38.26
N THR I 132 19.35 -12.59 38.81
CA THR I 132 19.94 -12.28 40.12
C THR I 132 19.22 -11.10 40.81
N GLY I 133 19.43 -10.97 42.12
CA GLY I 133 18.80 -9.93 42.91
C GLY I 133 18.44 -10.42 44.31
N ALA I 134 18.18 -9.47 45.20
CA ALA I 134 17.77 -9.81 46.56
C ALA I 134 16.70 -8.86 47.08
N ILE I 135 15.69 -9.44 47.73
CA ILE I 135 14.63 -8.68 48.37
C ILE I 135 14.59 -9.10 49.83
N VAL I 136 14.84 -8.13 50.71
CA VAL I 136 14.75 -8.32 52.15
C VAL I 136 13.53 -7.58 52.69
N ASN I 137 12.57 -8.32 53.20
CA ASN I 137 11.33 -7.75 53.76
C ASN I 137 11.43 -7.82 55.27
N ILE I 138 11.16 -6.72 55.96
CA ILE I 138 11.14 -6.72 57.41
C ILE I 138 9.71 -7.02 57.91
N GLY I 139 9.52 -8.20 58.49
CA GLY I 139 8.28 -8.53 59.15
C GLY I 139 8.38 -8.24 60.64
N SER I 140 7.73 -9.06 61.45
CA SER I 140 7.84 -8.92 62.90
C SER I 140 7.32 -10.16 63.62
N VAL I 141 7.90 -10.40 64.79
CA VAL I 141 7.45 -11.46 65.67
C VAL I 141 6.02 -11.19 66.08
N VAL I 142 5.62 -9.93 66.11
CA VAL I 142 4.23 -9.61 66.43
C VAL I 142 3.25 -10.28 65.45
N GLY I 143 3.72 -10.66 64.26
CA GLY I 143 2.90 -11.40 63.28
C GLY I 143 2.59 -12.83 63.69
N PHE I 144 3.22 -13.27 64.79
CA PHE I 144 2.92 -14.54 65.42
C PHE I 144 2.09 -14.34 66.68
N ALA I 145 1.67 -13.11 66.99
CA ALA I 145 1.14 -12.80 68.33
C ALA I 145 -0.09 -11.88 68.38
N PRO I 146 -1.27 -12.43 68.03
CA PRO I 146 -2.51 -11.67 68.19
C PRO I 146 -2.70 -11.24 69.64
N GLU I 147 -2.12 -12.01 70.57
CA GLU I 147 -2.14 -11.68 72.01
C GLU I 147 -1.46 -10.35 72.36
N PHE I 148 -0.52 -9.88 71.53
CA PHE I 148 0.25 -8.67 71.88
C PHE I 148 -0.66 -7.44 71.86
N GLY I 149 -1.77 -7.52 71.14
CA GLY I 149 -2.80 -6.47 71.19
C GLY I 149 -2.74 -5.41 70.10
N MET I 150 -1.84 -5.54 69.12
CA MET I 150 -1.81 -4.64 67.96
C MET I 150 -2.37 -5.40 66.75
N SER I 151 -3.70 -5.49 66.70
CA SER I 151 -4.36 -6.41 65.78
C SER I 151 -4.13 -6.08 64.32
N ILE I 152 -4.14 -4.79 63.99
CA ILE I 152 -3.91 -4.38 62.60
C ILE I 152 -2.44 -4.46 62.23
N TYR I 153 -1.56 -3.93 63.07
CA TYR I 153 -0.11 -3.95 62.80
C TYR I 153 0.41 -5.37 62.67
N GLY I 154 -0.04 -6.22 63.58
CA GLY I 154 0.31 -7.63 63.53
C GLY I 154 -0.20 -8.29 62.25
N ALA I 155 -1.40 -7.92 61.83
CA ALA I 155 -1.95 -8.43 60.57
C ALA I 155 -1.06 -8.03 59.38
N THR I 156 -0.56 -6.79 59.37
CA THR I 156 0.30 -6.36 58.28
C THR I 156 1.59 -7.16 58.27
N LYS I 157 2.04 -7.57 59.44
CA LYS I 157 3.26 -8.35 59.54
C LYS I 157 3.08 -9.84 59.18
N ALA I 158 1.91 -10.42 59.49
CA ALA I 158 1.54 -11.72 58.95
C ALA I 158 1.51 -11.68 57.43
N PHE I 159 1.01 -10.57 56.87
CA PHE I 159 1.02 -10.37 55.43
C PHE I 159 2.46 -10.44 54.89
N VAL I 160 3.35 -9.65 55.49
CA VAL I 160 4.74 -9.56 55.02
C VAL I 160 5.45 -10.92 55.07
N LEU I 161 5.25 -11.70 56.13
CA LEU I 161 5.80 -13.05 56.17
C LEU I 161 5.29 -13.91 55.02
N PHE I 162 3.97 -13.99 54.91
CA PHE I 162 3.39 -14.80 53.86
C PHE I 162 3.87 -14.36 52.47
N LEU I 163 3.80 -13.06 52.17
CA LEU I 163 4.29 -12.58 50.88
C LEU I 163 5.73 -13.01 50.63
N SER I 164 6.55 -12.94 51.66
CA SER I 164 7.95 -13.32 51.54
C SER I 164 8.06 -14.81 51.19
N GLN I 165 7.29 -15.65 51.87
CA GLN I 165 7.34 -17.10 51.57
C GLN I 165 6.95 -17.35 50.13
N GLY I 166 5.87 -16.69 49.69
CA GLY I 166 5.35 -16.86 48.35
C GLY I 166 6.32 -16.37 47.29
N LEU I 167 6.95 -15.23 47.55
CA LEU I 167 7.90 -14.69 46.60
C LEU I 167 9.13 -15.60 46.47
N ASN I 168 9.54 -16.22 47.56
CA ASN I 168 10.68 -17.14 47.51
C ASN I 168 10.40 -18.27 46.53
N LEU I 169 9.23 -18.87 46.64
CA LEU I 169 8.89 -20.00 45.78
C LEU I 169 8.75 -19.56 44.33
N GLU I 170 8.19 -18.38 44.10
CA GLU I 170 8.00 -17.86 42.74
C GLU I 170 9.29 -17.42 42.09
N LEU I 171 10.21 -16.87 42.87
CA LEU I 171 11.35 -16.15 42.30
C LEU I 171 12.72 -16.83 42.46
N SER I 172 12.91 -17.68 43.46
CA SER I 172 14.21 -18.31 43.64
C SER I 172 14.57 -19.23 42.48
N PRO I 173 13.56 -19.84 41.80
CA PRO I 173 13.94 -20.58 40.58
C PRO I 173 14.59 -19.70 39.49
N SER I 174 14.42 -18.38 39.54
CA SER I 174 15.13 -17.46 38.64
C SER I 174 16.38 -16.86 39.29
N GLY I 175 16.81 -17.37 40.44
CA GLY I 175 18.05 -16.91 41.10
C GLY I 175 17.89 -15.80 42.12
N ILE I 176 16.65 -15.40 42.42
CA ILE I 176 16.39 -14.28 43.31
C ILE I 176 16.39 -14.79 44.74
N TYR I 177 17.06 -14.06 45.63
CA TYR I 177 16.98 -14.32 47.07
C TYR I 177 15.89 -13.45 47.74
N VAL I 178 14.96 -14.10 48.45
CA VAL I 178 13.92 -13.41 49.20
C VAL I 178 13.97 -13.81 50.65
N GLN I 179 14.24 -12.83 51.51
CA GLN I 179 14.46 -13.04 52.93
C GLN I 179 13.37 -12.33 53.73
N ALA I 180 12.81 -13.04 54.70
CA ALA I 180 11.98 -12.41 55.70
C ALA I 180 12.79 -12.30 56.99
N VAL I 181 12.89 -11.06 57.49
CA VAL I 181 13.59 -10.75 58.72
C VAL I 181 12.56 -10.33 59.73
N LEU I 182 12.54 -11.03 60.87
CA LEU I 182 11.49 -10.87 61.87
C LEU I 182 12.07 -10.50 63.23
N PRO I 183 12.25 -9.19 63.47
CA PRO I 183 12.70 -8.76 64.77
C PRO I 183 11.59 -8.88 65.80
N ALA I 184 11.96 -8.87 67.07
CA ALA I 184 11.01 -8.54 68.16
C ALA I 184 11.38 -7.14 68.65
N ALA I 185 11.01 -6.79 69.88
CA ALA I 185 11.24 -5.42 70.34
C ALA I 185 12.72 -5.01 70.20
N THR I 186 12.91 -3.86 69.56
CA THR I 186 14.21 -3.34 69.15
C THR I 186 14.18 -1.81 69.34
N ARG I 187 15.32 -1.23 69.71
CA ARG I 187 15.35 0.15 70.21
C ARG I 187 15.47 1.14 69.07
N THR I 188 14.30 1.58 68.58
CA THR I 188 14.18 2.46 67.42
C THR I 188 13.15 3.54 67.74
N GLU I 189 12.85 4.38 66.75
CA GLU I 189 11.81 5.43 66.91
C GLU I 189 10.33 4.93 66.78
N ILE I 190 10.14 3.64 66.44
CA ILE I 190 8.79 3.10 66.21
C ILE I 190 7.88 3.24 67.44
N TRP I 191 8.45 3.10 68.63
CA TRP I 191 7.70 3.12 69.87
C TRP I 191 7.12 4.52 70.11
N GLY I 192 8.00 5.52 70.14
CA GLY I 192 7.57 6.91 70.28
C GLY I 192 6.65 7.37 69.16
N ARG I 193 6.89 6.91 67.93
CA ARG I 193 5.96 7.17 66.83
C ARG I 193 4.53 6.68 67.21
N ALA I 194 4.41 5.54 67.89
CA ALA I 194 3.10 4.99 68.25
C ALA I 194 2.54 5.48 69.59
N GLY I 195 3.28 6.35 70.30
CA GLY I 195 2.87 6.85 71.61
C GLY I 195 3.16 5.89 72.77
N ILE I 196 4.24 5.10 72.62
CA ILE I 196 4.66 4.14 73.66
C ILE I 196 6.09 4.52 74.10
N ASP I 197 6.32 4.53 75.42
CA ASP I 197 7.62 4.90 76.00
C ASP I 197 8.50 3.63 75.99
N VAL I 198 9.50 3.63 75.12
CA VAL I 198 10.40 2.50 74.95
C VAL I 198 11.07 2.14 76.27
N THR I 200 9.59 1.73 79.20
CA THR I 200 8.56 0.87 79.77
C THR I 200 8.68 -0.60 79.33
N LEU I 201 9.40 -0.88 78.24
CA LEU I 201 9.40 -2.23 77.64
C LEU I 201 10.26 -3.22 78.44
N PRO I 202 9.74 -4.43 78.71
CA PRO I 202 10.50 -5.39 79.54
C PRO I 202 11.89 -5.68 78.98
N GLU I 203 11.95 -6.05 77.70
CA GLU I 203 13.21 -6.52 77.12
C GLU I 203 13.27 -6.04 75.68
N VAL I 204 14.39 -5.43 75.29
CA VAL I 204 14.52 -4.70 74.02
C VAL I 204 15.92 -4.92 73.49
N MET I 205 16.04 -5.25 72.21
CA MET I 205 17.34 -5.54 71.59
C MET I 205 17.92 -4.24 71.04
N GLU I 206 19.24 -4.09 71.11
CA GLU I 206 19.89 -2.93 70.49
C GLU I 206 19.84 -3.10 68.98
N VAL I 207 19.65 -1.99 68.28
CA VAL I 207 19.50 -2.02 66.83
C VAL I 207 20.75 -2.58 66.13
N ASP I 208 21.93 -2.28 66.64
CA ASP I 208 23.17 -2.85 66.09
C ASP I 208 23.19 -4.37 66.11
N GLU I 209 22.77 -4.95 67.23
CA GLU I 209 22.79 -6.39 67.36
C GLU I 209 21.77 -7.07 66.44
N LEU I 210 20.59 -6.48 66.29
CA LEU I 210 19.55 -7.04 65.42
C LEU I 210 20.00 -7.10 63.97
N VAL I 211 20.46 -5.96 63.47
CA VAL I 211 20.88 -5.86 62.08
C VAL I 211 22.07 -6.79 61.79
N ASP I 212 23.04 -6.87 62.70
CA ASP I 212 24.19 -7.80 62.53
C ASP I 212 23.70 -9.25 62.49
N ALA I 213 22.77 -9.61 63.37
CA ALA I 213 22.15 -10.92 63.31
C ALA I 213 21.44 -11.12 61.97
N ALA I 214 20.66 -10.13 61.55
CA ALA I 214 19.92 -10.22 60.29
C ALA I 214 20.86 -10.43 59.10
N LEU I 215 22.03 -9.81 59.17
CA LEU I 215 22.99 -9.89 58.07
C LEU I 215 23.77 -11.20 58.07
N VAL I 216 23.89 -11.85 59.24
CA VAL I 216 24.43 -13.21 59.31
C VAL I 216 23.46 -14.11 58.55
N GLY I 217 22.17 -14.01 58.86
CA GLY I 217 21.14 -14.69 58.07
C GLY I 217 21.26 -14.41 56.56
N PHE I 218 21.40 -13.14 56.20
CA PHE I 218 21.48 -12.72 54.79
C PHE I 218 22.64 -13.39 54.10
N ASP I 219 23.82 -13.39 54.73
CA ASP I 219 25.03 -14.01 54.16
C ASP I 219 24.94 -15.53 54.04
N ARG I 220 24.18 -16.17 54.93
CA ARG I 220 23.91 -17.61 54.83
C ARG I 220 22.74 -17.86 53.86
N ARG I 221 22.12 -16.79 53.33
CA ARG I 221 21.03 -16.92 52.36
C ARG I 221 19.82 -17.62 53.02
N GLU I 222 19.62 -17.35 54.30
CA GLU I 222 18.49 -17.87 55.04
C GLU I 222 17.15 -17.22 54.60
N LEU I 223 16.09 -18.04 54.55
CA LEU I 223 14.80 -17.58 54.04
C LEU I 223 13.99 -16.82 55.09
N VAL I 224 13.93 -17.37 56.30
CA VAL I 224 13.24 -16.73 57.41
C VAL I 224 14.20 -16.59 58.58
N THR I 225 14.46 -15.35 58.97
CA THR I 225 15.48 -15.02 59.94
C THR I 225 14.85 -14.33 61.14
N ILE I 226 14.91 -14.99 62.29
CA ILE I 226 14.25 -14.54 63.50
C ILE I 226 15.27 -14.46 64.63
N PRO I 227 16.07 -13.38 64.66
CA PRO I 227 17.13 -13.25 65.65
C PRO I 227 16.75 -13.49 67.14
N PRO I 228 15.55 -13.05 67.58
CA PRO I 228 15.25 -13.28 68.99
C PRO I 228 14.62 -14.63 69.31
N LEU I 229 14.55 -15.54 68.34
CA LEU I 229 13.99 -16.85 68.58
C LEU I 229 15.13 -17.73 69.00
N HIS I 230 15.16 -18.10 70.28
CA HIS I 230 16.31 -18.81 70.80
C HIS I 230 16.32 -20.33 70.46
N VAL I 231 15.20 -20.88 69.98
CA VAL I 231 15.14 -22.28 69.52
C VAL I 231 14.66 -22.35 68.07
N ALA I 232 15.60 -22.49 67.15
CA ALA I 232 15.33 -22.44 65.72
C ALA I 232 14.26 -23.44 65.28
N ALA I 233 14.19 -24.61 65.91
CA ALA I 233 13.28 -25.64 65.47
C ALA I 233 11.80 -25.28 65.66
N ARG I 234 11.50 -24.20 66.38
CA ARG I 234 10.09 -23.80 66.47
C ARG I 234 9.56 -23.30 65.18
N TRP I 235 10.42 -22.65 64.42
CA TRP I 235 10.03 -22.16 63.11
C TRP I 235 9.67 -23.35 62.25
N ASP I 236 10.56 -24.36 62.16
CA ASP I 236 10.31 -25.58 61.37
C ASP I 236 9.03 -26.27 61.80
N ALA I 237 8.76 -26.25 63.10
CA ALA I 237 7.57 -26.90 63.63
C ALA I 237 6.32 -26.11 63.26
N LEU I 238 6.41 -24.77 63.24
CA LEU I 238 5.26 -23.95 62.82
C LEU I 238 4.98 -24.20 61.34
N ASP I 239 6.03 -24.18 60.53
CA ASP I 239 5.87 -24.44 59.10
C ASP I 239 5.39 -25.88 58.79
N GLY I 240 5.83 -26.85 59.60
CA GLY I 240 5.35 -28.22 59.48
C GLY I 240 3.87 -28.36 59.78
N ALA I 241 3.42 -27.73 60.86
CA ALA I 241 2.00 -27.77 61.27
C ALA I 241 1.13 -27.11 60.20
N ARG I 242 1.64 -26.04 59.59
CA ARG I 242 0.99 -25.42 58.46
C ARG I 242 0.84 -26.41 57.30
N GLN I 243 1.93 -27.04 56.90
CA GLN I 243 1.83 -28.06 55.84
C GLN I 243 1.01 -29.27 56.23
N GLY I 244 1.09 -29.66 57.50
CA GLY I 244 0.26 -30.74 58.03
C GLY I 244 -1.20 -30.43 57.83
N LEU I 245 -1.60 -29.22 58.18
CA LEU I 245 -2.98 -28.79 58.00
C LEU I 245 -3.38 -28.87 56.51
N MET I 246 -2.51 -28.35 55.65
CA MET I 246 -2.73 -28.41 54.21
C MET I 246 -2.91 -29.84 53.69
N SER I 247 -2.19 -30.79 54.27
CA SER I 247 -2.31 -32.19 53.80
C SER I 247 -3.69 -32.82 54.11
N ASP I 248 -4.43 -32.26 55.07
CA ASP I 248 -5.74 -32.79 55.42
C ASP I 248 -6.91 -31.91 54.93
N ILE I 249 -6.65 -31.09 53.90
CA ILE I 249 -7.71 -30.35 53.21
C ILE I 249 -8.31 -31.27 52.14
N ARG I 250 -9.61 -31.58 52.24
CA ARG I 250 -10.32 -32.34 51.21
C ARG I 250 -11.43 -31.41 50.71
N GLN I 251 -11.27 -30.87 49.50
CA GLN I 251 -11.98 -29.67 49.05
C GLN I 251 -13.39 -29.87 48.48
N ALA I 252 -13.73 -31.09 48.08
CA ALA I 252 -15.04 -31.33 47.46
C ALA I 252 -16.18 -31.28 48.46
N GLN I 253 -15.93 -31.71 49.69
CA GLN I 253 -16.98 -31.91 50.70
C GLN I 253 -16.57 -31.23 52.03
N ALA I 254 -17.55 -30.62 52.70
CA ALA I 254 -17.36 -30.13 54.06
C ALA I 254 -17.16 -31.31 55.01
N ALA I 255 -16.40 -31.09 56.07
CA ALA I 255 -16.09 -32.12 57.06
C ALA I 255 -17.35 -32.58 57.82
N ASP I 256 -17.36 -33.84 58.25
CA ASP I 256 -18.52 -34.44 58.91
C ASP I 256 -19.06 -33.60 60.06
N ARG I 257 -18.17 -32.96 60.83
CA ARG I 257 -18.56 -32.15 61.97
C ARG I 257 -19.40 -30.93 61.62
N TYR I 258 -19.53 -30.60 60.32
CA TYR I 258 -20.36 -29.44 59.89
C TYR I 258 -21.69 -29.79 59.18
N LEU J 4 -5.49 -50.06 -14.90
CA LEU J 4 -4.18 -50.29 -15.60
C LEU J 4 -3.75 -49.01 -16.33
N PRO J 5 -2.44 -48.71 -16.32
CA PRO J 5 -2.02 -47.47 -17.01
C PRO J 5 -2.21 -47.48 -18.53
N THR J 6 -2.60 -46.34 -19.10
CA THR J 6 -2.59 -46.17 -20.54
C THR J 6 -1.15 -46.21 -21.07
N VAL J 7 -0.97 -46.84 -22.22
CA VAL J 7 0.32 -46.97 -22.84
C VAL J 7 0.37 -46.09 -24.07
N LEU J 8 1.32 -45.15 -24.12
CA LEU J 8 1.62 -44.42 -25.35
C LEU J 8 2.78 -45.11 -26.06
N ILE J 9 2.54 -45.53 -27.29
CA ILE J 9 3.52 -46.20 -28.11
C ILE J 9 3.85 -45.39 -29.37
N THR J 10 5.12 -45.04 -29.57
CA THR J 10 5.54 -44.40 -30.82
C THR J 10 5.92 -45.48 -31.82
N GLY J 11 5.73 -45.15 -33.10
CA GLY J 11 5.91 -46.13 -34.17
C GLY J 11 4.94 -47.28 -34.07
N ALA J 12 3.68 -46.98 -33.82
CA ALA J 12 2.68 -48.02 -33.55
C ALA J 12 2.02 -48.55 -34.81
N SER J 13 2.32 -47.96 -35.97
CA SER J 13 1.61 -48.33 -37.18
C SER J 13 2.08 -49.64 -37.84
N SER J 14 3.31 -50.06 -37.56
CA SER J 14 3.83 -51.33 -38.10
C SER J 14 4.88 -51.93 -37.17
N GLY J 15 5.32 -53.14 -37.51
CA GLY J 15 6.44 -53.77 -36.86
C GLY J 15 6.32 -53.94 -35.37
N ILE J 16 7.42 -53.66 -34.67
CA ILE J 16 7.50 -53.88 -33.23
C ILE J 16 6.46 -53.08 -32.46
N GLY J 17 6.35 -51.81 -32.81
CA GLY J 17 5.35 -50.93 -32.20
C GLY J 17 3.95 -51.52 -32.32
N ALA J 18 3.56 -51.94 -33.51
CA ALA J 18 2.21 -52.47 -33.73
C ALA J 18 1.93 -53.75 -32.91
N THR J 19 2.92 -54.61 -32.80
CA THR J 19 2.79 -55.83 -32.00
C THR J 19 2.74 -55.51 -30.51
N TYR J 20 3.55 -54.56 -30.05
CA TYR J 20 3.42 -54.07 -28.67
C TYR J 20 1.97 -53.62 -28.42
N ALA J 21 1.41 -52.87 -29.36
CA ALA J 21 0.06 -52.33 -29.21
C ALA J 21 -0.96 -53.46 -29.08
N GLU J 22 -0.87 -54.42 -29.99
CA GLU J 22 -1.74 -55.60 -29.93
C GLU J 22 -1.60 -56.32 -28.57
N ARG J 23 -0.36 -56.48 -28.12
CA ARG J 23 -0.11 -57.23 -26.90
C ARG J 23 -0.59 -56.52 -25.64
N PHE J 24 -0.37 -55.20 -25.56
CA PHE J 24 -0.83 -54.43 -24.40
C PHE J 24 -2.35 -54.30 -24.38
N ALA J 25 -2.96 -54.22 -25.56
CA ALA J 25 -4.43 -54.21 -25.64
C ALA J 25 -5.01 -55.52 -25.10
N ARG J 26 -4.38 -56.65 -25.44
CA ARG J 26 -4.81 -57.96 -24.92
C ARG J 26 -4.60 -58.17 -23.42
N ARG J 27 -3.68 -57.41 -22.83
CA ARG J 27 -3.51 -57.36 -21.37
C ARG J 27 -4.49 -56.41 -20.68
N GLY J 28 -5.26 -55.64 -21.45
CA GLY J 28 -6.30 -54.76 -20.89
C GLY J 28 -5.97 -53.28 -20.80
N HIS J 29 -4.84 -52.86 -21.35
CA HIS J 29 -4.43 -51.45 -21.27
C HIS J 29 -5.11 -50.62 -22.38
N ASP J 30 -5.61 -49.45 -22.01
CA ASP J 30 -5.93 -48.43 -22.99
C ASP J 30 -4.62 -47.96 -23.68
N LEU J 31 -4.74 -47.43 -24.90
CA LEU J 31 -3.55 -47.10 -25.72
C LEU J 31 -3.61 -45.77 -26.44
N VAL J 32 -2.43 -45.16 -26.61
CA VAL J 32 -2.28 -44.03 -27.50
C VAL J 32 -1.20 -44.39 -28.51
N LEU J 33 -1.61 -44.50 -29.76
CA LEU J 33 -0.75 -44.98 -30.81
C LEU J 33 -0.30 -43.82 -31.68
N VAL J 34 1.01 -43.66 -31.81
CA VAL J 34 1.52 -42.57 -32.64
C VAL J 34 2.47 -43.01 -33.74
N ALA J 35 2.22 -42.41 -34.90
CA ALA J 35 3.03 -42.54 -36.10
C ALA J 35 2.51 -41.55 -37.16
N ARG J 36 3.15 -41.51 -38.32
CA ARG J 36 2.72 -40.63 -39.40
C ARG J 36 1.51 -41.15 -40.18
N ASP J 37 1.42 -42.46 -40.38
CA ASP J 37 0.35 -43.05 -41.21
C ASP J 37 -1.01 -43.15 -40.47
N LYS J 38 -1.78 -42.05 -40.49
CA LYS J 38 -3.05 -41.95 -39.75
C LYS J 38 -4.05 -43.02 -40.18
N VAL J 39 -4.13 -43.24 -41.48
CA VAL J 39 -5.09 -44.18 -42.01
C VAL J 39 -4.82 -45.58 -41.48
N ARG J 40 -3.55 -45.95 -41.42
CA ARG J 40 -3.18 -47.27 -40.95
C ARG J 40 -3.36 -47.40 -39.43
N LEU J 41 -3.11 -46.32 -38.72
CA LEU J 41 -3.36 -46.28 -37.27
C LEU J 41 -4.84 -46.45 -36.95
N ASP J 42 -5.69 -45.77 -37.71
CA ASP J 42 -7.13 -45.84 -37.48
C ASP J 42 -7.66 -47.25 -37.70
N ALA J 43 -7.13 -47.99 -38.69
CA ALA J 43 -7.54 -49.39 -38.89
C ALA J 43 -7.08 -50.28 -37.74
N LEU J 44 -5.84 -50.09 -37.29
CA LEU J 44 -5.31 -50.85 -36.18
C LEU J 44 -6.08 -50.53 -34.89
N ALA J 45 -6.28 -49.24 -34.62
CA ALA J 45 -7.00 -48.84 -33.41
C ALA J 45 -8.39 -49.45 -33.38
N ALA J 46 -9.07 -49.43 -34.52
CA ALA J 46 -10.41 -50.00 -34.63
C ALA J 46 -10.38 -51.50 -34.35
N ARG J 47 -9.40 -52.22 -34.91
CA ARG J 47 -9.28 -53.64 -34.65
C ARG J 47 -9.07 -53.93 -33.16
N LEU J 48 -8.20 -53.17 -32.50
CA LEU J 48 -7.90 -53.45 -31.09
C LEU J 48 -9.06 -53.09 -30.16
N ARG J 49 -9.78 -51.99 -30.46
CA ARG J 49 -10.99 -51.60 -29.71
C ARG J 49 -12.01 -52.72 -29.80
N ASP J 50 -12.21 -53.25 -31.00
CA ASP J 50 -13.17 -54.32 -31.25
C ASP J 50 -12.72 -55.63 -30.59
N GLU J 51 -11.51 -56.10 -30.93
CA GLU J 51 -11.04 -57.39 -30.40
C GLU J 51 -10.87 -57.40 -28.89
N SER J 52 -10.35 -56.32 -28.32
CA SER J 52 -9.97 -56.31 -26.91
C SER J 52 -10.80 -55.44 -25.98
N GLY J 53 -11.66 -54.59 -26.53
CA GLY J 53 -12.54 -53.77 -25.71
C GLY J 53 -11.88 -52.66 -24.90
N VAL J 54 -10.68 -52.25 -25.27
CA VAL J 54 -9.98 -51.14 -24.59
C VAL J 54 -10.16 -49.85 -25.41
N ALA J 55 -9.93 -48.69 -24.80
CA ALA J 55 -9.89 -47.43 -25.56
C ALA J 55 -8.56 -47.32 -26.31
N VAL J 56 -8.62 -46.90 -27.57
CA VAL J 56 -7.43 -46.74 -28.35
C VAL J 56 -7.59 -45.48 -29.17
N GLU J 57 -6.62 -44.57 -29.01
CA GLU J 57 -6.61 -43.34 -29.76
C GLU J 57 -5.48 -43.35 -30.73
N ALA J 58 -5.80 -42.99 -31.98
CA ALA J 58 -4.81 -42.86 -33.02
C ALA J 58 -4.34 -41.40 -33.08
N LEU J 59 -3.06 -41.17 -32.88
CA LEU J 59 -2.52 -39.83 -32.85
C LEU J 59 -1.44 -39.67 -33.96
N GLN J 60 -1.81 -38.98 -35.02
CA GLN J 60 -0.87 -38.68 -36.08
C GLN J 60 0.27 -37.76 -35.61
N ALA J 61 1.52 -38.12 -35.90
CA ALA J 61 2.65 -37.23 -35.60
C ALA J 61 3.88 -37.66 -36.33
N ASP J 62 4.53 -36.69 -36.98
CA ASP J 62 5.84 -36.88 -37.55
C ASP J 62 6.77 -36.39 -36.48
N LEU J 63 7.47 -37.31 -35.80
CA LEU J 63 8.33 -36.93 -34.67
C LEU J 63 9.60 -36.17 -35.07
N THR J 64 9.80 -35.94 -36.37
CA THR J 64 10.89 -35.11 -36.82
C THR J 64 10.39 -33.71 -37.17
N ARG J 65 9.09 -33.44 -37.02
CA ARG J 65 8.52 -32.12 -37.25
C ARG J 65 8.28 -31.42 -35.89
N PRO J 66 8.96 -30.27 -35.64
CA PRO J 66 8.95 -29.67 -34.31
C PRO J 66 7.55 -29.52 -33.72
N ALA J 67 6.58 -29.07 -34.52
CA ALA J 67 5.22 -28.87 -34.00
C ALA J 67 4.53 -30.18 -33.57
N ASP J 68 4.69 -31.27 -34.32
CA ASP J 68 4.07 -32.56 -33.96
C ASP J 68 4.70 -33.10 -32.68
N LEU J 69 6.03 -33.03 -32.61
CA LEU J 69 6.75 -33.54 -31.45
C LEU J 69 6.32 -32.77 -30.21
N ALA J 70 6.20 -31.45 -30.33
CA ALA J 70 5.80 -30.63 -29.20
C ALA J 70 4.40 -31.00 -28.73
N ALA J 71 3.51 -31.28 -29.69
CA ALA J 71 2.16 -31.72 -29.33
C ALA J 71 2.18 -33.08 -28.56
N VAL J 72 3.07 -34.01 -28.92
CA VAL J 72 3.10 -35.28 -28.19
C VAL J 72 3.66 -35.06 -26.80
N GLU J 73 4.68 -34.20 -26.71
CA GLU J 73 5.27 -33.84 -25.41
C GLU J 73 4.20 -33.31 -24.47
N ILE J 74 3.42 -32.34 -24.94
CA ILE J 74 2.33 -31.81 -24.17
C ILE J 74 1.44 -32.94 -23.63
N ARG J 75 1.01 -33.84 -24.52
CA ARG J 75 0.10 -34.91 -24.11
C ARG J 75 0.71 -35.79 -23.01
N LEU J 76 1.97 -36.11 -23.15
CA LEU J 76 2.64 -36.89 -22.14
C LEU J 76 2.75 -36.15 -20.81
N ARG J 77 3.01 -34.84 -20.86
CA ARG J 77 3.15 -34.04 -19.62
C ARG J 77 1.83 -33.97 -18.86
N GLU J 78 0.74 -33.87 -19.60
CA GLU J 78 -0.53 -33.46 -19.02
C GLU J 78 -1.48 -34.60 -18.67
N ASP J 79 -1.32 -35.77 -19.28
CA ASP J 79 -2.29 -36.82 -19.14
C ASP J 79 -1.77 -37.86 -18.15
N ALA J 80 -2.28 -37.77 -16.94
CA ALA J 80 -1.92 -38.67 -15.83
C ALA J 80 -2.24 -40.14 -16.09
N ARG J 81 -3.16 -40.41 -17.00
CA ARG J 81 -3.49 -41.79 -17.34
C ARG J 81 -2.31 -42.54 -17.97
N ILE J 82 -1.45 -41.82 -18.69
CA ILE J 82 -0.34 -42.45 -19.39
C ILE J 82 0.79 -42.79 -18.38
N GLY J 83 0.95 -44.08 -18.09
CA GLY J 83 1.95 -44.56 -17.16
C GLY J 83 3.00 -45.46 -17.78
N ILE J 84 2.90 -45.70 -19.08
CA ILE J 84 3.93 -46.45 -19.81
C ILE J 84 4.23 -45.80 -21.16
N LEU J 85 5.50 -45.50 -21.41
CA LEU J 85 5.95 -44.94 -22.68
C LEU J 85 6.82 -45.97 -23.41
N ILE J 86 6.42 -46.37 -24.62
CA ILE J 86 7.28 -47.20 -25.45
C ILE J 86 7.88 -46.32 -26.54
N ASN J 87 9.14 -45.94 -26.34
CA ASN J 87 9.91 -45.14 -27.30
C ASN J 87 10.47 -46.03 -28.40
N ASN J 88 9.60 -46.40 -29.33
CA ASN J 88 9.91 -47.41 -30.33
C ASN J 88 10.16 -46.83 -31.71
N ALA J 89 9.55 -45.69 -32.03
CA ALA J 89 9.73 -45.10 -33.37
C ALA J 89 11.21 -44.92 -33.71
N GLY J 90 11.60 -45.40 -34.88
CA GLY J 90 12.99 -45.36 -35.31
C GLY J 90 13.13 -45.78 -36.76
N MET J 91 14.26 -45.45 -37.38
CA MET J 91 14.57 -45.88 -38.74
C MET J 91 16.05 -46.24 -38.81
N ALA J 92 16.39 -47.02 -39.82
CA ALA J 92 17.77 -47.44 -40.01
C ALA J 92 18.41 -46.55 -41.07
N GLN J 93 19.70 -46.78 -41.30
CA GLN J 93 20.51 -45.96 -42.19
C GLN J 93 20.49 -46.59 -43.55
N SER J 94 20.35 -45.75 -44.57
CA SER J 94 20.29 -46.20 -45.94
C SER J 94 21.60 -45.84 -46.64
N GLY J 95 22.34 -46.85 -47.09
CA GLY J 95 23.68 -46.64 -47.66
C GLY J 95 24.78 -46.37 -46.64
N GLY J 96 26.03 -46.43 -47.09
CA GLY J 96 27.18 -46.17 -46.24
C GLY J 96 27.40 -44.68 -45.97
N PHE J 97 28.44 -44.39 -45.20
CA PHE J 97 28.64 -43.05 -44.69
C PHE J 97 28.82 -42.02 -45.80
N VAL J 98 29.61 -42.32 -46.83
CA VAL J 98 29.81 -41.34 -47.88
C VAL J 98 28.58 -41.11 -48.74
N GLN J 99 27.60 -42.01 -48.71
CA GLN J 99 26.37 -41.78 -49.50
C GLN J 99 25.32 -41.01 -48.71
N GLN J 100 25.63 -40.63 -47.48
CA GLN J 100 24.70 -39.87 -46.64
C GLN J 100 24.57 -38.39 -47.04
N THR J 101 23.42 -37.82 -46.67
CA THR J 101 23.07 -36.42 -46.92
C THR J 101 22.91 -35.68 -45.62
N ALA J 102 23.05 -34.37 -45.67
CA ALA J 102 22.76 -33.54 -44.51
C ALA J 102 21.33 -33.77 -44.01
N GLU J 103 20.34 -33.67 -44.90
CA GLU J 103 18.92 -33.92 -44.55
C GLU J 103 18.75 -35.31 -43.93
N GLY J 104 19.38 -36.32 -44.51
CA GLY J 104 19.18 -37.71 -44.04
C GLY J 104 19.75 -37.95 -42.65
N ILE J 105 20.89 -37.32 -42.40
CA ILE J 105 21.57 -37.43 -41.11
C ILE J 105 20.73 -36.73 -40.06
N GLU J 106 20.30 -35.52 -40.36
CA GLU J 106 19.37 -34.78 -39.50
C GLU J 106 18.16 -35.68 -39.12
N ARG J 107 17.48 -36.21 -40.13
CA ARG J 107 16.29 -37.03 -39.90
C ARG J 107 16.61 -38.27 -39.03
N LEU J 108 17.65 -39.01 -39.38
CA LEU J 108 17.96 -40.22 -38.64
C LEU J 108 18.25 -39.94 -37.14
N ILE J 109 19.08 -38.93 -36.88
CA ILE J 109 19.45 -38.57 -35.51
C ILE J 109 18.26 -37.96 -34.75
N THR J 110 17.51 -37.07 -35.40
CA THR J 110 16.34 -36.47 -34.77
C THR J 110 15.33 -37.52 -34.33
N LEU J 111 14.99 -38.47 -35.19
CA LEU J 111 14.01 -39.47 -34.81
C LEU J 111 14.50 -40.42 -33.74
N ASN J 112 15.71 -40.96 -33.92
CA ASN J 112 16.17 -42.08 -33.09
C ASN J 112 16.66 -41.69 -31.72
N THR J 113 16.88 -40.40 -31.55
CA THR J 113 17.71 -39.88 -30.47
C THR J 113 17.02 -38.65 -29.85
N THR J 114 16.87 -37.57 -30.60
CA THR J 114 16.31 -36.34 -30.06
C THR J 114 14.85 -36.52 -29.63
N ALA J 115 14.04 -37.08 -30.53
CA ALA J 115 12.61 -37.28 -30.23
C ALA J 115 12.43 -38.24 -29.06
N LEU J 116 13.10 -39.38 -29.13
CA LEU J 116 13.12 -40.34 -28.03
C LEU J 116 13.45 -39.71 -26.67
N THR J 117 14.53 -38.93 -26.62
CA THR J 117 15.00 -38.31 -25.40
C THR J 117 14.00 -37.27 -24.90
N ARG J 118 13.43 -36.51 -25.83
CA ARG J 118 12.44 -35.47 -25.48
C ARG J 118 11.12 -36.01 -24.97
N LEU J 119 10.67 -37.13 -25.53
CA LEU J 119 9.43 -37.79 -25.03
C LEU J 119 9.67 -38.37 -23.62
N ALA J 120 10.83 -39.00 -23.41
CA ALA J 120 11.21 -39.43 -22.08
C ALA J 120 11.26 -38.27 -21.12
N ALA J 121 11.83 -37.14 -21.52
CA ALA J 121 11.89 -35.96 -20.64
C ALA J 121 10.51 -35.38 -20.37
N ALA J 122 9.57 -35.59 -21.30
CA ALA J 122 8.23 -35.04 -21.12
C ALA J 122 7.45 -35.79 -20.02
N VAL J 123 7.68 -37.10 -19.86
CA VAL J 123 6.99 -37.87 -18.79
C VAL J 123 7.74 -37.95 -17.47
N ALA J 124 9.07 -37.82 -17.50
CA ALA J 124 9.84 -38.07 -16.30
C ALA J 124 9.45 -37.22 -15.08
N PRO J 125 9.24 -35.90 -15.25
CA PRO J 125 8.86 -35.09 -14.07
C PRO J 125 7.56 -35.55 -13.43
N ARG J 126 6.56 -35.83 -14.26
CA ARG J 126 5.26 -36.32 -13.77
C ARG J 126 5.39 -37.71 -13.11
N PHE J 127 6.16 -38.59 -13.73
CA PHE J 127 6.46 -39.91 -13.18
C PHE J 127 7.11 -39.78 -11.82
N VAL J 128 8.11 -38.91 -11.70
CA VAL J 128 8.80 -38.66 -10.43
C VAL J 128 7.81 -38.20 -9.36
N GLN J 129 6.94 -37.25 -9.70
CA GLN J 129 5.90 -36.77 -8.77
C GLN J 129 4.95 -37.90 -8.31
N SER J 130 4.49 -38.77 -9.22
CA SER J 130 3.59 -39.85 -8.85
C SER J 130 4.27 -41.04 -8.16
N GLY J 131 5.60 -41.11 -8.21
CA GLY J 131 6.34 -42.25 -7.66
C GLY J 131 6.22 -43.53 -8.45
N THR J 132 5.72 -43.44 -9.68
CA THR J 132 5.53 -44.61 -10.55
C THR J 132 5.55 -44.25 -12.05
N GLY J 133 5.75 -45.26 -12.88
CA GLY J 133 5.85 -45.09 -14.32
C GLY J 133 6.85 -46.04 -14.97
N ALA J 134 6.75 -46.19 -16.28
CA ALA J 134 7.67 -47.05 -17.02
C ALA J 134 8.04 -46.44 -18.37
N ILE J 135 9.34 -46.50 -18.69
CA ILE J 135 9.86 -46.04 -19.96
C ILE J 135 10.62 -47.20 -20.59
N VAL J 136 10.12 -47.65 -21.73
CA VAL J 136 10.75 -48.70 -22.53
C VAL J 136 11.36 -48.10 -23.80
N ASN J 137 12.68 -48.13 -23.89
CA ASN J 137 13.43 -47.58 -25.02
C ASN J 137 13.89 -48.74 -25.89
N ILE J 138 13.65 -48.66 -27.19
CA ILE J 138 14.10 -49.70 -28.11
C ILE J 138 15.48 -49.32 -28.68
N GLY J 139 16.51 -50.04 -28.26
CA GLY J 139 17.85 -49.86 -28.81
C GLY J 139 18.07 -50.85 -29.92
N SER J 140 19.29 -51.33 -30.07
CA SER J 140 19.58 -52.40 -31.01
C SER J 140 20.93 -53.05 -30.72
N VAL J 141 21.03 -54.32 -31.08
CA VAL J 141 22.27 -55.07 -31.02
C VAL J 141 23.29 -54.40 -31.94
N VAL J 142 22.83 -53.73 -32.99
CA VAL J 142 23.76 -53.00 -33.86
C VAL J 142 24.58 -51.97 -33.08
N GLY J 143 24.08 -51.51 -31.92
CA GLY J 143 24.80 -50.58 -31.04
C GLY J 143 26.04 -51.19 -30.39
N PHE J 144 26.19 -52.50 -30.56
CA PHE J 144 27.38 -53.23 -30.14
C PHE J 144 28.27 -53.56 -31.33
N ALA J 145 27.93 -53.10 -32.53
CA ALA J 145 28.53 -53.64 -33.77
C ALA J 145 28.87 -52.60 -34.83
N PRO J 146 29.96 -51.85 -34.62
CA PRO J 146 30.48 -50.97 -35.68
C PRO J 146 30.81 -51.75 -36.94
N GLU J 147 31.14 -53.04 -36.79
CA GLU J 147 31.39 -53.94 -37.92
C GLU J 147 30.19 -54.14 -38.86
N PHE J 148 28.97 -53.92 -38.38
CA PHE J 148 27.77 -54.19 -39.22
C PHE J 148 27.68 -53.17 -40.36
N GLY J 149 28.35 -52.03 -40.21
CA GLY J 149 28.49 -51.08 -41.31
C GLY J 149 27.50 -49.92 -41.35
N MET J 150 26.61 -49.81 -40.36
CA MET J 150 25.67 -48.67 -40.28
C MET J 150 26.16 -47.75 -39.17
N SER J 151 27.15 -46.93 -39.49
CA SER J 151 27.90 -46.21 -38.47
C SER J 151 27.06 -45.19 -37.72
N ILE J 152 26.16 -44.50 -38.43
CA ILE J 152 25.32 -43.50 -37.81
C ILE J 152 24.20 -44.15 -37.02
N TYR J 153 23.51 -45.11 -37.66
CA TYR J 153 22.36 -45.78 -37.01
C TYR J 153 22.80 -46.51 -35.76
N GLY J 154 23.93 -47.18 -35.85
CA GLY J 154 24.52 -47.85 -34.71
C GLY J 154 24.88 -46.87 -33.62
N ALA J 155 25.40 -45.70 -34.00
CA ALA J 155 25.72 -44.63 -33.02
C ALA J 155 24.45 -44.18 -32.28
N THR J 156 23.33 -44.06 -33.00
CA THR J 156 22.08 -43.65 -32.35
C THR J 156 21.65 -44.69 -31.34
N LYS J 157 21.94 -45.96 -31.65
CA LYS J 157 21.52 -47.04 -30.77
C LYS J 157 22.44 -47.19 -29.56
N ALA J 158 23.73 -46.91 -29.72
CA ALA J 158 24.62 -46.77 -28.55
C ALA J 158 24.10 -45.66 -27.63
N PHE J 159 23.62 -44.57 -28.24
CA PHE J 159 23.05 -43.48 -27.49
C PHE J 159 21.90 -44.00 -26.63
N VAL J 160 20.96 -44.70 -27.29
CA VAL J 160 19.75 -45.16 -26.65
C VAL J 160 20.05 -46.12 -25.47
N LEU J 161 21.00 -47.02 -25.63
CA LEU J 161 21.43 -47.85 -24.53
C LEU J 161 21.97 -47.01 -23.37
N PHE J 162 22.96 -46.17 -23.65
CA PHE J 162 23.52 -45.36 -22.61
C PHE J 162 22.47 -44.49 -21.89
N LEU J 163 21.64 -43.78 -22.65
CA LEU J 163 20.56 -42.97 -22.04
C LEU J 163 19.70 -43.83 -21.10
N SER J 164 19.38 -45.05 -21.52
CA SER J 164 18.56 -45.93 -20.73
C SER J 164 19.26 -46.28 -19.44
N GLN J 165 20.55 -46.60 -19.50
CA GLN J 165 21.29 -46.91 -18.27
C GLN J 165 21.29 -45.74 -17.31
N GLY J 166 21.53 -44.54 -17.85
CA GLY J 166 21.58 -43.31 -17.07
C GLY J 166 20.24 -42.99 -16.44
N LEU J 167 19.17 -43.16 -17.21
CA LEU J 167 17.86 -42.86 -16.70
C LEU J 167 17.49 -43.80 -15.58
N ASN J 168 17.93 -45.05 -15.69
CA ASN J 168 17.63 -46.02 -14.64
C ASN J 168 18.19 -45.58 -13.30
N LEU J 169 19.44 -45.15 -13.32
CA LEU J 169 20.09 -44.72 -12.09
C LEU J 169 19.46 -43.44 -11.54
N GLU J 170 19.08 -42.51 -12.41
CA GLU J 170 18.46 -41.25 -12.01
C GLU J 170 17.04 -41.40 -11.52
N LEU J 171 16.29 -42.32 -12.10
CA LEU J 171 14.85 -42.35 -11.89
C LEU J 171 14.30 -43.54 -11.06
N SER J 172 15.00 -44.68 -11.02
CA SER J 172 14.48 -45.84 -10.26
C SER J 172 14.42 -45.55 -8.76
N PRO J 173 15.30 -44.68 -8.23
CA PRO J 173 15.06 -44.28 -6.83
C PRO J 173 13.72 -43.58 -6.56
N SER J 174 13.08 -43.03 -7.59
CA SER J 174 11.72 -42.49 -7.46
C SER J 174 10.65 -43.48 -7.92
N GLY J 175 11.01 -44.75 -8.14
CA GLY J 175 10.03 -45.80 -8.47
C GLY J 175 9.77 -46.04 -9.95
N ILE J 176 10.53 -45.36 -10.82
CA ILE J 176 10.34 -45.46 -12.26
C ILE J 176 11.11 -46.65 -12.79
N TYR J 177 10.48 -47.43 -13.65
CA TYR J 177 11.16 -48.50 -14.37
C TYR J 177 11.64 -48.01 -15.74
N VAL J 178 12.92 -48.21 -16.01
CA VAL J 178 13.50 -47.87 -17.30
C VAL J 178 14.17 -49.09 -17.92
N GLN J 179 13.65 -49.52 -19.07
CA GLN J 179 14.09 -50.72 -19.74
C GLN J 179 14.71 -50.39 -21.08
N ALA J 180 15.84 -51.01 -21.37
CA ALA J 180 16.39 -51.00 -22.71
C ALA J 180 16.13 -52.36 -23.33
N VAL J 181 15.48 -52.34 -24.50
CA VAL J 181 15.17 -53.54 -25.27
C VAL J 181 15.98 -53.50 -26.52
N LEU J 182 16.78 -54.53 -26.74
CA LEU J 182 17.77 -54.57 -27.81
C LEU J 182 17.57 -55.74 -28.76
N PRO J 183 16.73 -55.56 -29.78
CA PRO J 183 16.52 -56.62 -30.74
C PRO J 183 17.73 -56.73 -31.66
N ALA J 184 17.85 -57.86 -32.34
CA ALA J 184 18.69 -57.95 -33.54
C ALA J 184 17.73 -58.05 -34.73
N ALA J 185 18.17 -58.57 -35.86
CA ALA J 185 17.33 -58.54 -37.06
C ALA J 185 15.96 -59.19 -36.78
N THR J 186 14.92 -58.42 -37.13
CA THR J 186 13.53 -58.74 -36.84
C THR J 186 12.69 -58.32 -38.06
N ARG J 187 11.62 -59.08 -38.36
CA ARG J 187 10.90 -58.97 -39.66
C ARG J 187 9.87 -57.86 -39.60
N THR J 188 10.30 -56.65 -39.97
CA THR J 188 9.50 -55.43 -39.90
C THR J 188 9.70 -54.65 -41.21
N GLU J 189 9.12 -53.46 -41.30
CA GLU J 189 9.29 -52.59 -42.47
C GLU J 189 10.61 -51.78 -42.50
N ILE J 190 11.42 -51.87 -41.41
CA ILE J 190 12.67 -51.09 -41.33
C ILE J 190 13.64 -51.37 -42.49
N TRP J 191 13.69 -52.62 -42.95
CA TRP J 191 14.64 -53.06 -43.96
C TRP J 191 14.33 -52.43 -45.31
N GLY J 192 13.08 -52.64 -45.77
CA GLY J 192 12.60 -52.00 -46.99
C GLY J 192 12.62 -50.48 -46.94
N ARG J 193 12.31 -49.88 -45.79
CA ARG J 193 12.47 -48.44 -45.62
C ARG J 193 13.96 -48.00 -45.90
N ALA J 194 14.96 -48.82 -45.54
CA ALA J 194 16.37 -48.49 -45.79
C ALA J 194 16.91 -48.96 -47.14
N GLY J 195 16.08 -49.61 -47.95
CA GLY J 195 16.52 -50.14 -49.24
C GLY J 195 17.27 -51.48 -49.14
N ILE J 196 16.89 -52.31 -48.15
CA ILE J 196 17.49 -53.63 -47.93
C ILE J 196 16.38 -54.69 -48.03
N ASP J 197 16.67 -55.79 -48.72
CA ASP J 197 15.71 -56.89 -48.92
C ASP J 197 15.85 -57.84 -47.74
N VAL J 198 14.85 -57.83 -46.86
CA VAL J 198 14.89 -58.58 -45.60
C VAL J 198 15.03 -60.10 -45.72
N THR J 200 17.29 -61.53 -47.71
CA THR J 200 18.73 -61.77 -47.91
C THR J 200 19.51 -61.86 -46.60
N LEU J 201 18.90 -61.47 -45.48
CA LEU J 201 19.58 -61.59 -44.17
C LEU J 201 19.67 -63.08 -43.77
N PRO J 202 20.84 -63.50 -43.26
CA PRO J 202 21.00 -64.90 -42.85
C PRO J 202 19.89 -65.40 -41.92
N GLU J 203 19.63 -64.65 -40.85
CA GLU J 203 18.62 -65.03 -39.87
C GLU J 203 17.86 -63.79 -39.40
N VAL J 204 16.56 -63.97 -39.19
CA VAL J 204 15.65 -62.90 -38.83
C VAL J 204 14.63 -63.46 -37.86
N MET J 205 14.33 -62.73 -36.79
CA MET J 205 13.35 -63.16 -35.78
C MET J 205 11.97 -62.64 -36.17
N GLU J 206 10.94 -63.43 -35.91
CA GLU J 206 9.57 -62.98 -36.15
C GLU J 206 9.22 -61.93 -35.10
N VAL J 207 8.48 -60.92 -35.52
CA VAL J 207 8.14 -59.81 -34.65
C VAL J 207 7.33 -60.27 -33.42
N ASP J 208 6.44 -61.25 -33.58
CA ASP J 208 5.69 -61.82 -32.44
C ASP J 208 6.60 -62.38 -31.36
N GLU J 209 7.62 -63.13 -31.76
CA GLU J 209 8.53 -63.74 -30.81
C GLU J 209 9.41 -62.71 -30.09
N LEU J 210 9.87 -61.68 -30.80
CA LEU J 210 10.67 -60.63 -30.17
C LEU J 210 9.91 -59.87 -29.07
N VAL J 211 8.72 -59.40 -29.43
CA VAL J 211 7.93 -58.62 -28.50
C VAL J 211 7.53 -59.45 -27.29
N ASP J 212 7.16 -60.72 -27.49
CA ASP J 212 6.83 -61.61 -26.35
C ASP J 212 8.05 -61.81 -25.45
N ALA J 213 9.22 -62.00 -26.04
CA ALA J 213 10.46 -62.04 -25.26
C ALA J 213 10.68 -60.72 -24.51
N ALA J 214 10.50 -59.59 -25.20
CA ALA J 214 10.70 -58.27 -24.58
C ALA J 214 9.79 -58.09 -23.39
N LEU J 215 8.56 -58.62 -23.49
CA LEU J 215 7.56 -58.44 -22.46
C LEU J 215 7.78 -59.36 -21.28
N VAL J 216 8.45 -60.49 -21.50
CA VAL J 216 8.90 -61.32 -20.40
C VAL J 216 9.91 -60.51 -19.59
N GLY J 217 10.88 -59.93 -20.29
CA GLY J 217 11.81 -59.00 -19.64
C GLY J 217 11.10 -57.89 -18.86
N PHE J 218 10.10 -57.28 -19.48
CA PHE J 218 9.34 -56.19 -18.89
C PHE J 218 8.67 -56.64 -17.59
N ASP J 219 8.00 -57.80 -17.62
CA ASP J 219 7.31 -58.33 -16.44
C ASP J 219 8.26 -58.73 -15.30
N ARG J 220 9.49 -59.12 -15.64
CA ARG J 220 10.51 -59.35 -14.62
C ARG J 220 11.21 -58.06 -14.20
N ARG J 221 10.86 -56.94 -14.84
CA ARG J 221 11.44 -55.65 -14.50
C ARG J 221 12.95 -55.67 -14.80
N GLU J 222 13.33 -56.38 -15.85
CA GLU J 222 14.72 -56.40 -16.31
C GLU J 222 15.16 -55.03 -16.93
N LEU J 223 16.40 -54.64 -16.67
CA LEU J 223 16.92 -53.33 -17.09
C LEU J 223 17.37 -53.34 -18.55
N VAL J 224 18.14 -54.35 -18.92
CA VAL J 224 18.61 -54.50 -20.30
C VAL J 224 18.21 -55.87 -20.83
N THR J 225 17.39 -55.87 -21.88
CA THR J 225 16.73 -57.08 -22.38
C THR J 225 17.14 -57.31 -23.83
N ILE J 226 17.87 -58.39 -24.05
CA ILE J 226 18.47 -58.69 -25.34
C ILE J 226 18.04 -60.09 -25.80
N PRO J 227 16.83 -60.21 -26.36
CA PRO J 227 16.28 -61.51 -26.69
C PRO J 227 17.16 -62.42 -27.54
N PRO J 228 17.93 -61.86 -28.49
CA PRO J 228 18.73 -62.77 -29.32
C PRO J 228 20.10 -63.11 -28.76
N LEU J 229 20.39 -62.69 -27.53
CA LEU J 229 21.67 -63.00 -26.92
C LEU J 229 21.50 -64.30 -26.18
N HIS J 230 22.10 -65.37 -26.70
CA HIS J 230 21.86 -66.70 -26.13
C HIS J 230 22.63 -66.97 -24.84
N VAL J 231 23.63 -66.14 -24.50
CA VAL J 231 24.36 -66.27 -23.24
C VAL J 231 24.28 -64.96 -22.45
N ALA J 232 23.36 -64.92 -21.49
CA ALA J 232 23.09 -63.71 -20.72
C ALA J 232 24.34 -63.10 -20.06
N ALA J 233 25.28 -63.94 -19.64
CA ALA J 233 26.44 -63.44 -18.90
C ALA J 233 27.38 -62.57 -19.74
N ARG J 234 27.18 -62.52 -21.05
CA ARG J 234 28.02 -61.67 -21.89
C ARG J 234 27.68 -60.21 -21.69
N TRP J 235 26.42 -59.92 -21.36
CA TRP J 235 26.01 -58.59 -20.99
C TRP J 235 26.72 -58.17 -19.69
N ASP J 236 26.64 -59.00 -18.65
CA ASP J 236 27.31 -58.71 -17.35
C ASP J 236 28.81 -58.52 -17.53
N ALA J 237 29.40 -59.28 -18.42
CA ALA J 237 30.82 -59.17 -18.67
C ALA J 237 31.15 -57.87 -19.42
N LEU J 238 30.29 -57.44 -20.35
CA LEU J 238 30.51 -56.16 -21.03
C LEU J 238 30.41 -55.02 -20.02
N ASP J 239 29.35 -55.05 -19.20
CA ASP J 239 29.18 -54.03 -18.18
C ASP J 239 30.31 -54.03 -17.11
N GLY J 240 30.83 -55.22 -16.79
CA GLY J 240 31.97 -55.33 -15.87
C GLY J 240 33.24 -54.72 -16.43
N ALA J 241 33.54 -55.01 -17.69
CA ALA J 241 34.72 -54.46 -18.33
C ALA J 241 34.62 -52.93 -18.42
N ARG J 242 33.41 -52.43 -18.66
CA ARG J 242 33.16 -51.00 -18.64
C ARG J 242 33.50 -50.43 -17.27
N GLN J 243 32.96 -51.02 -16.21
CA GLN J 243 33.30 -50.55 -14.86
C GLN J 243 34.78 -50.76 -14.52
N GLY J 244 35.35 -51.85 -15.03
CA GLY J 244 36.78 -52.13 -14.84
C GLY J 244 37.60 -51.01 -15.40
N LEU J 245 37.27 -50.60 -16.61
CA LEU J 245 37.95 -49.48 -17.24
C LEU J 245 37.83 -48.20 -16.38
N MET J 246 36.62 -47.93 -15.92
CA MET J 246 36.36 -46.77 -15.06
C MET J 246 37.19 -46.79 -13.79
N SER J 247 37.42 -47.98 -13.23
CA SER J 247 38.21 -48.06 -11.98
C SER J 247 39.69 -47.68 -12.18
N ASP J 248 40.19 -47.73 -13.41
CA ASP J 248 41.59 -47.39 -13.67
C ASP J 248 41.76 -46.00 -14.37
N ILE J 249 40.75 -45.13 -14.23
CA ILE J 249 40.85 -43.74 -14.67
C ILE J 249 41.51 -42.96 -13.53
N ARG J 250 42.68 -42.36 -13.78
CA ARG J 250 43.35 -41.48 -12.80
C ARG J 250 43.47 -40.12 -13.50
N GLN J 251 42.64 -39.16 -13.07
CA GLN J 251 42.30 -37.96 -13.87
C GLN J 251 43.25 -36.79 -13.83
N ALA J 252 44.10 -36.74 -12.81
CA ALA J 252 44.99 -35.60 -12.63
C ALA J 252 46.14 -35.59 -13.64
N GLN J 253 46.60 -36.77 -14.05
CA GLN J 253 47.80 -36.91 -14.86
C GLN J 253 47.51 -37.82 -16.07
N ALA J 254 48.06 -37.48 -17.23
CA ALA J 254 48.05 -38.37 -18.39
C ALA J 254 48.90 -39.60 -18.10
N ALA J 255 48.52 -40.73 -18.70
CA ALA J 255 49.21 -42.00 -18.50
C ALA J 255 50.66 -41.96 -19.02
N ASP J 256 51.53 -42.75 -18.40
CA ASP J 256 52.97 -42.74 -18.72
C ASP J 256 53.23 -42.87 -20.22
N ARG J 257 52.44 -43.72 -20.89
CA ARG J 257 52.63 -43.99 -22.33
C ARG J 257 52.42 -42.77 -23.22
N TYR J 258 51.90 -41.67 -22.67
CA TYR J 258 51.70 -40.45 -23.46
C TYR J 258 52.62 -39.31 -23.02
N ARG J 259 53.55 -39.57 -22.11
CA ARG J 259 54.24 -38.47 -21.42
C ARG J 259 55.73 -38.67 -21.43
PA NAP K . 3.14 35.60 -24.49
O1A NAP K . 4.43 36.07 -25.12
O2A NAP K . 2.72 34.18 -24.84
O5B NAP K . 3.31 35.79 -22.93
C5B NAP K . 2.40 34.98 -22.17
C4B NAP K . 3.06 34.81 -20.85
O4B NAP K . 2.18 34.08 -19.99
C3B NAP K . 4.34 34.05 -21.01
O3B NAP K . 5.24 34.77 -20.18
C2B NAP K . 4.02 32.66 -20.48
O2B NAP K . 5.20 31.96 -19.97
C1B NAP K . 2.85 32.96 -19.44
N9A NAP K . 1.98 31.75 -19.33
C8A NAP K . 1.40 31.04 -20.31
N7A NAP K . 0.80 29.95 -19.82
C5A NAP K . 1.01 29.95 -18.48
C6A NAP K . 0.65 29.11 -17.33
N6A NAP K . -0.07 27.96 -17.51
N1A NAP K . 1.07 29.50 -16.09
C2A NAP K . 1.76 30.60 -15.87
N3A NAP K . 2.11 31.36 -16.89
C4A NAP K . 1.80 31.10 -18.17
O3 NAP K . 1.81 36.40 -24.96
PN NAP K . 1.36 37.90 -24.61
O1N NAP K . 0.73 38.60 -25.80
O2N NAP K . 2.38 38.64 -23.84
O5D NAP K . 0.24 37.55 -23.56
C5D NAP K . 0.02 38.51 -22.50
C4D NAP K . -1.44 38.89 -22.29
O4D NAP K . -1.80 39.74 -23.32
C3D NAP K . -2.43 37.73 -22.36
O3D NAP K . -3.23 37.79 -21.23
C2D NAP K . -3.20 37.98 -23.63
O2D NAP K . -4.57 37.51 -23.61
C1D NAP K . -3.12 39.47 -23.74
N1N NAP K . -3.27 40.08 -25.10
C2N NAP K . -2.36 39.87 -26.03
C3N NAP K . -2.45 40.48 -27.26
C7N NAP K . -1.45 40.14 -28.27
O7N NAP K . -0.32 39.80 -27.91
N7N NAP K . -1.87 40.14 -29.50
C4N NAP K . -3.45 41.35 -27.54
C5N NAP K . -4.38 41.59 -26.55
C6N NAP K . -4.24 40.95 -25.31
P2B NAP K . 5.31 30.38 -19.90
O1X NAP K . 6.78 30.05 -19.76
O2X NAP K . 4.37 29.93 -18.81
O3X NAP K . 4.77 29.86 -21.17
PA NAP L . -31.69 28.27 -8.52
O1A NAP L . -33.12 28.13 -8.22
O2A NAP L . -30.66 28.25 -7.40
O5B NAP L . -31.38 27.07 -9.49
C5B NAP L . -30.03 26.72 -9.71
C4B NAP L . -30.07 25.38 -10.37
O4B NAP L . -28.74 25.05 -10.78
C3B NAP L . -30.56 24.40 -9.36
O3B NAP L . -31.26 23.32 -9.97
C2B NAP L . -29.30 23.85 -8.77
O2B NAP L . -29.57 22.58 -8.16
C1B NAP L . -28.30 23.92 -9.99
N9A NAP L . -26.89 23.93 -9.47
C8A NAP L . -26.32 24.67 -8.50
N7A NAP L . -25.04 24.26 -8.28
C5A NAP L . -24.82 23.22 -9.09
C6A NAP L . -23.75 22.29 -9.44
N6A NAP L . -22.54 22.35 -8.80
N1A NAP L . -23.94 21.35 -10.39
C2A NAP L . -25.05 21.21 -11.04
N3A NAP L . -26.06 22.03 -10.79
C4A NAP L . -26.03 23.01 -9.84
O3 NAP L . -31.41 29.73 -9.20
PN NAP L . -31.84 30.24 -10.62
O1N NAP L . -32.10 31.74 -10.65
O2N NAP L . -32.82 29.34 -11.25
O5D NAP L . -30.51 29.99 -11.44
C5D NAP L . -30.50 29.56 -12.80
C4D NAP L . -29.70 30.52 -13.70
O4D NAP L . -30.34 31.77 -13.83
C3D NAP L . -28.29 30.75 -13.19
O3D NAP L . -27.38 30.49 -14.25
C2D NAP L . -28.32 32.18 -12.76
O2D NAP L . -27.03 32.82 -12.80
C1D NAP L . -29.32 32.76 -13.75
N1N NAP L . -29.96 34.05 -13.38
C2N NAP L . -30.77 34.11 -12.34
C3N NAP L . -31.39 35.28 -12.04
C7N NAP L . -32.25 35.32 -10.84
O7N NAP L . -32.65 34.26 -10.39
N7N NAP L . -32.55 36.46 -10.34
C4N NAP L . -31.19 36.41 -12.82
C5N NAP L . -30.37 36.34 -13.94
C6N NAP L . -29.80 35.10 -14.20
P2B NAP L . -28.64 21.81 -7.12
O1X NAP L . -29.59 20.73 -6.60
O2X NAP L . -27.35 21.31 -7.74
O3X NAP L . -28.19 22.87 -6.16
PA NAP M . -40.32 13.86 1.63
O1A NAP M . -40.94 14.83 0.65
O2A NAP M . -39.20 12.97 1.23
O5B NAP M . -39.83 14.78 2.86
C5B NAP M . -39.07 14.35 3.98
C4B NAP M . -38.67 15.62 4.71
O4B NAP M . -37.75 15.24 5.73
C3B NAP M . -37.88 16.59 3.86
O3B NAP M . -38.08 17.97 4.23
C2B NAP M . -36.44 16.08 4.04
O2B NAP M . -35.49 17.12 3.72
C1B NAP M . -36.46 15.74 5.48
N9A NAP M . -35.38 14.84 5.89
C8A NAP M . -34.94 13.68 5.39
N7A NAP M . -33.85 13.20 6.08
C5A NAP M . -33.63 14.14 6.98
C6A NAP M . -32.69 14.38 8.03
N6A NAP M . -31.72 13.47 8.26
N1A NAP M . -32.79 15.53 8.77
C2A NAP M . -33.69 16.51 8.59
N3A NAP M . -34.57 16.30 7.64
C4A NAP M . -34.61 15.20 6.87
O3 NAP M . -41.42 12.84 2.21
PN NAP M . -42.82 13.08 3.00
O1N NAP M . -43.76 12.01 2.40
O2N NAP M . -43.21 14.53 2.94
O5D NAP M . -42.40 12.42 4.35
C5D NAP M . -42.76 13.07 5.52
C4D NAP M . -43.26 12.02 6.55
O4D NAP M . -44.42 11.44 6.02
C3D NAP M . -42.22 10.98 6.85
O3D NAP M . -41.95 11.01 8.25
C2D NAP M . -42.85 9.68 6.28
O2D NAP M . -42.53 8.41 6.95
C1D NAP M . -44.37 10.04 6.29
N1N NAP M . -45.25 9.31 5.35
C2N NAP M . -45.19 9.58 4.04
C3N NAP M . -46.02 8.96 3.17
C7N NAP M . -45.94 9.31 1.71
O7N NAP M . -45.50 10.45 1.26
N7N NAP M . -46.36 8.29 0.95
C4N NAP M . -46.91 7.97 3.65
C5N NAP M . -46.99 7.63 4.99
C6N NAP M . -46.12 8.37 5.83
P2B NAP M . -33.89 16.91 3.61
O1X NAP M . -33.68 18.30 3.07
O2X NAP M . -33.37 16.70 5.01
O3X NAP M . -33.58 15.76 2.61
PA NAP N . -32.63 -8.77 32.47
O1A NAP N . -32.59 -9.92 33.46
O2A NAP N . -32.30 -7.39 32.97
O5B NAP N . -31.70 -9.24 31.26
C5B NAP N . -31.18 -8.21 30.44
C4B NAP N . -30.02 -8.79 29.68
O4B NAP N . -29.65 -7.90 28.61
C3B NAP N . -28.86 -8.97 30.62
O3B NAP N . -28.10 -10.12 30.25
C2B NAP N . -28.07 -7.74 30.35
O2B NAP N . -26.72 -7.91 30.74
C1B NAP N . -28.29 -7.56 28.85
N9A NAP N . -28.02 -6.18 28.47
C8A NAP N . -28.54 -5.05 29.02
N7A NAP N . -27.99 -3.94 28.46
C5A NAP N . -27.11 -4.40 27.52
C6A NAP N . -26.17 -3.82 26.58
N6A NAP N . -26.05 -2.47 26.47
N1A NAP N . -25.44 -4.66 25.83
C2A NAP N . -25.52 -5.98 25.93
N3A NAP N . -26.35 -6.58 26.79
C4A NAP N . -27.12 -5.87 27.58
O3 NAP N . -34.09 -8.61 31.79
PN NAP N . -34.96 -9.74 31.04
O1N NAP N . -36.40 -9.62 31.45
O2N NAP N . -34.34 -11.10 31.02
O5D NAP N . -34.88 -9.03 29.60
C5D NAP N . -34.71 -9.78 28.41
C4D NAP N . -35.71 -9.36 27.36
O4D NAP N . -37.00 -9.74 27.86
C3D NAP N . -35.79 -7.86 27.10
O3D NAP N . -35.85 -7.60 25.69
C2D NAP N . -37.09 -7.40 27.69
O2D NAP N . -37.68 -6.30 26.99
C1D NAP N . -37.88 -8.68 27.51
N1N NAP N . -39.08 -8.71 28.31
C2N NAP N . -38.97 -8.85 29.64
C3N NAP N . -40.10 -8.87 30.42
C7N NAP N . -39.97 -9.03 31.89
O7N NAP N . -38.96 -9.52 32.40
N7N NAP N . -40.96 -8.66 32.64
C4N NAP N . -41.36 -8.77 29.80
C5N NAP N . -41.44 -8.63 28.44
C6N NAP N . -40.26 -8.61 27.69
P2B NAP N . -25.66 -6.72 31.09
O1X NAP N . -24.62 -7.45 31.92
O2X NAP N . -25.16 -6.29 29.72
O3X NAP N . -26.41 -5.65 31.90
PA NAP O . 21.43 28.41 -23.59
O1A NAP O . 21.16 29.86 -23.89
O2A NAP O . 21.00 27.69 -22.34
O5B NAP O . 20.99 27.57 -24.85
C5B NAP O . 20.90 26.15 -24.93
C4B NAP O . 20.12 25.92 -26.21
O4B NAP O . 20.05 24.51 -26.43
C3B NAP O . 18.67 26.43 -26.15
O3B NAP O . 18.06 26.79 -27.44
C2B NAP O . 17.99 25.24 -25.48
O2B NAP O . 16.55 25.31 -25.66
C1B NAP O . 18.72 24.11 -26.19
N9A NAP O . 18.62 22.85 -25.44
C8A NAP O . 18.80 22.52 -24.15
N7A NAP O . 18.50 21.19 -23.93
C5A NAP O . 18.08 20.74 -25.11
C6A NAP O . 17.56 19.56 -25.69
N6A NAP O . 17.45 18.52 -24.93
N1A NAP O . 17.22 19.51 -27.01
C2A NAP O . 17.25 20.53 -27.85
N3A NAP O . 17.68 21.64 -27.34
C4A NAP O . 18.12 21.81 -26.08
O3 NAP O . 23.05 28.19 -23.52
PN NAP O . 24.19 28.68 -24.58
O1N NAP O . 25.27 29.25 -23.62
O2N NAP O . 23.61 29.53 -25.72
O5D NAP O . 24.70 27.23 -24.93
C5D NAP O . 24.97 26.83 -26.26
C4D NAP O . 26.31 26.08 -26.30
O4D NAP O . 27.29 26.97 -25.86
C3D NAP O . 26.34 24.82 -25.42
O3D NAP O . 26.63 23.64 -26.21
C2D NAP O . 27.38 25.15 -24.35
O2D NAP O . 28.09 24.06 -23.67
C1D NAP O . 28.23 26.18 -25.14
N1N NAP O . 29.09 27.07 -24.30
C2N NAP O . 28.51 28.10 -23.63
C3N NAP O . 29.22 28.99 -22.86
C7N NAP O . 28.45 30.11 -22.15
O7N NAP O . 27.34 30.59 -22.56
N7N NAP O . 29.04 30.57 -21.08
C4N NAP O . 30.60 28.84 -22.79
C5N NAP O . 31.24 27.81 -23.48
C6N NAP O . 30.47 26.93 -24.24
P2B NAP O . 15.48 24.36 -24.89
O1X NAP O . 14.20 25.03 -25.38
O2X NAP O . 15.65 23.01 -25.56
O3X NAP O . 15.61 24.52 -23.34
PA NAP P . 39.36 -6.24 -24.80
O1A NAP P . 40.26 -7.47 -24.66
O2A NAP P . 38.39 -6.29 -25.91
O5B NAP P . 38.59 -6.05 -23.42
C5B NAP P . 37.33 -5.43 -23.41
C4B NAP P . 36.63 -5.83 -22.14
O4B NAP P . 35.49 -5.02 -21.86
C3B NAP P . 36.22 -7.29 -22.25
O3B NAP P . 36.23 -7.88 -20.94
C2B NAP P . 34.81 -7.08 -22.73
O2B NAP P . 34.09 -8.25 -22.52
C1B NAP P . 34.36 -5.88 -21.89
N9A NAP P . 33.20 -5.27 -22.53
C8A NAP P . 33.08 -4.85 -23.83
N7A NAP P . 31.83 -4.37 -24.08
C5A NAP P . 31.16 -4.48 -22.92
C6A NAP P . 29.80 -4.19 -22.46
N6A NAP P . 28.93 -3.66 -23.31
N1A NAP P . 29.49 -4.45 -21.18
C2A NAP P . 30.42 -4.99 -20.36
N3A NAP P . 31.66 -5.30 -20.70
C4A NAP P . 32.07 -5.07 -21.92
O3 NAP P . 40.23 -4.90 -24.98
PN NAP P . 41.09 -4.07 -23.87
O1N NAP P . 42.12 -3.30 -24.67
O2N NAP P . 41.59 -4.88 -22.69
O5D NAP P . 40.05 -2.98 -23.36
C5D NAP P . 40.11 -2.41 -22.05
C4D NAP P . 40.30 -0.91 -22.09
O4D NAP P . 41.61 -0.67 -22.60
C3D NAP P . 39.35 -0.16 -23.02
O3D NAP P . 38.77 0.97 -22.34
C2D NAP P . 40.23 0.40 -24.09
O2D NAP P . 39.73 1.63 -24.60
C1D NAP P . 41.52 0.54 -23.30
N1N NAP P . 42.68 0.69 -24.14
C2N NAP P . 43.11 -0.37 -24.85
C3N NAP P . 44.20 -0.24 -25.69
C7N NAP P . 44.64 -1.46 -26.46
O7N NAP P . 44.32 -2.62 -26.11
N7N NAP P . 45.40 -1.19 -27.50
C4N NAP P . 44.90 0.96 -25.77
C5N NAP P . 44.43 2.05 -25.03
C6N NAP P . 43.30 1.89 -24.22
P2B NAP P . 32.69 -8.67 -23.20
O1X NAP P . 32.75 -10.17 -22.93
O2X NAP P . 31.69 -7.91 -22.36
O3X NAP P . 32.79 -8.36 -24.68
PA NAP Q . 35.07 -25.27 -23.68
O1A NAP Q . 36.33 -24.72 -23.09
O2A NAP Q . 33.71 -24.66 -23.39
O5B NAP Q . 35.19 -25.31 -25.29
C5B NAP Q . 34.03 -25.62 -26.09
C4B NAP Q . 34.16 -25.00 -27.52
O4B NAP Q . 33.05 -25.25 -28.39
C3B NAP Q . 34.27 -23.49 -27.48
O3B NAP Q . 35.21 -23.01 -28.45
C2B NAP Q . 32.88 -23.04 -27.78
O2B NAP Q . 32.96 -21.68 -28.20
C1B NAP Q . 32.47 -24.06 -28.84
N9A NAP Q . 30.99 -24.12 -28.94
C8A NAP Q . 30.04 -24.24 -27.97
N7A NAP Q . 28.77 -24.17 -28.47
C5A NAP Q . 28.94 -24.00 -29.79
C6A NAP Q . 28.06 -23.84 -30.91
N6A NAP Q . 26.74 -23.87 -30.68
N1A NAP Q . 28.61 -23.67 -32.14
C2A NAP Q . 29.94 -23.64 -32.33
N3A NAP Q . 30.83 -23.78 -31.35
C4A NAP Q . 30.36 -23.96 -30.10
O3 NAP Q . 35.09 -26.81 -23.15
PN NAP Q . 35.99 -28.04 -23.77
O1N NAP Q . 35.97 -29.06 -22.67
O2N NAP Q . 37.31 -27.63 -24.42
O5D NAP Q . 35.07 -28.68 -24.96
C5D NAP Q . 35.67 -29.34 -26.10
C4D NAP Q . 35.26 -30.82 -26.25
O4D NAP Q . 35.86 -31.64 -25.24
C3D NAP Q . 33.77 -31.04 -26.13
O3D NAP Q . 33.36 -31.91 -27.19
C2D NAP Q . 33.58 -31.79 -24.84
O2D NAP Q . 32.50 -32.73 -24.95
C1D NAP Q . 34.90 -32.56 -24.74
N1N NAP Q . 35.27 -33.07 -23.41
C2N NAP Q . 35.64 -32.24 -22.43
C3N NAP Q . 36.04 -32.69 -21.17
C7N NAP Q . 36.43 -31.68 -20.13
O7N NAP Q . 36.88 -30.55 -20.43
N7N NAP Q . 36.29 -32.02 -18.87
C4N NAP Q . 36.06 -34.06 -20.92
C5N NAP Q . 35.68 -34.91 -21.92
C6N NAP Q . 35.30 -34.39 -23.16
P2B NAP Q . 31.72 -20.70 -28.28
O1X NAP Q . 32.35 -19.36 -28.50
O2X NAP Q . 30.96 -21.22 -29.48
O3X NAP Q . 30.96 -20.82 -26.97
PA NAP R . -17.61 -13.76 43.83
O1A NAP R . -18.74 -14.68 43.42
O2A NAP R . -16.86 -13.04 42.77
O5B NAP R . -18.28 -12.68 44.80
C5B NAP R . -17.45 -11.67 45.36
C4B NAP R . -18.33 -10.48 45.84
O4B NAP R . -17.54 -9.33 46.21
C3B NAP R . -19.25 -10.02 44.71
O3B NAP R . -20.54 -9.67 45.21
C2B NAP R . -18.61 -8.78 44.17
O2B NAP R . -19.61 -7.96 43.52
C1B NAP R . -18.02 -8.21 45.46
N9A NAP R . -16.98 -7.24 45.11
C8A NAP R . -15.92 -7.39 44.26
N7A NAP R . -15.21 -6.23 44.15
C5A NAP R . -15.82 -5.34 44.94
C6A NAP R . -15.61 -3.96 45.27
N6A NAP R . -14.57 -3.31 44.73
N1A NAP R . -16.47 -3.37 46.11
C2A NAP R . -17.52 -4.04 46.63
N3A NAP R . -17.80 -5.32 46.37
C4A NAP R . -16.98 -5.99 45.55
O3 NAP R . -16.48 -14.50 44.74
PN NAP R . -16.61 -15.19 46.23
O1N NAP R . -15.64 -16.35 46.19
O2N NAP R . -18.04 -15.37 46.68
O5D NAP R . -15.88 -14.16 47.26
C5D NAP R . -16.30 -13.95 48.63
C4D NAP R . -15.18 -14.07 49.65
O4D NAP R . -14.82 -15.45 49.71
C3D NAP R . -13.93 -13.29 49.28
O3D NAP R . -13.35 -12.62 50.42
C2D NAP R . -13.00 -14.38 48.74
O2D NAP R . -11.62 -14.02 48.84
C1D NAP R . -13.40 -15.56 49.63
N1N NAP R . -12.93 -16.89 49.20
C2N NAP R . -13.42 -17.52 48.14
C3N NAP R . -12.96 -18.80 47.78
C7N NAP R . -13.52 -19.46 46.57
O7N NAP R . -14.62 -19.14 46.10
N7N NAP R . -12.82 -20.44 46.02
C4N NAP R . -11.98 -19.43 48.53
C5N NAP R . -11.48 -18.79 49.62
C6N NAP R . -11.99 -17.52 49.94
P2B NAP R . -19.31 -6.83 42.38
O1X NAP R . -20.66 -6.74 41.72
O2X NAP R . -18.94 -5.57 43.15
O3X NAP R . -18.20 -7.43 41.51
PA NAP S . 11.82 3.60 63.04
O1A NAP S . 13.17 4.02 63.56
O2A NAP S . 10.68 3.31 63.96
O5B NAP S . 11.26 4.70 62.03
C5B NAP S . 10.51 4.36 60.84
C4B NAP S . 11.33 4.51 59.56
O4B NAP S . 10.47 4.37 58.40
C3B NAP S . 11.94 5.89 59.50
O3B NAP S . 13.12 5.85 58.69
C2B NAP S . 10.88 6.69 58.81
O2B NAP S . 11.50 7.85 58.24
C1B NAP S . 10.35 5.67 57.78
N9A NAP S . 8.96 6.03 57.40
C8A NAP S . 7.88 6.16 58.20
N7A NAP S . 6.78 6.55 57.50
C5A NAP S . 7.18 6.65 56.21
C6A NAP S . 6.56 7.01 54.92
N6A NAP S . 5.25 7.34 54.88
N1A NAP S . 7.35 7.01 53.81
C2A NAP S . 8.65 6.67 53.86
N3A NAP S . 9.27 6.33 55.00
C4A NAP S . 8.62 6.31 56.17
O3 NAP S . 12.01 2.32 62.15
PN NAP S . 12.08 0.87 62.80
O1N NAP S . 11.41 0.54 64.10
O2N NAP S . 13.53 0.47 62.61
O5D NAP S . 11.12 0.11 61.73
C5D NAP S . 11.61 -0.54 60.58
C4D NAP S . 10.79 -1.79 60.25
O4D NAP S . 11.03 -2.84 61.19
C3D NAP S . 9.29 -1.54 60.22
O3D NAP S . 8.72 -2.23 59.10
C2D NAP S . 8.83 -2.15 61.52
O2D NAP S . 7.46 -2.56 61.44
C1D NAP S . 9.78 -3.33 61.64
N1N NAP S . 9.94 -3.87 63.00
C2N NAP S . 10.37 -3.05 63.99
C3N NAP S . 10.55 -3.54 65.27
C7N NAP S . 11.01 -2.62 66.38
O7N NAP S . 11.74 -1.65 66.13
N7N NAP S . 10.58 -2.88 67.61
C4N NAP S . 10.27 -4.89 65.51
C5N NAP S . 9.85 -5.71 64.47
C6N NAP S . 9.71 -5.18 63.22
P2B NAP S . 10.76 9.28 58.03
O1X NAP S . 11.84 10.30 57.76
O2X NAP S . 9.91 9.07 56.78
O3X NAP S . 9.95 9.43 59.30
PA NAP T . 9.17 -50.46 -38.72
O1A NAP T . 8.29 -51.70 -38.82
O2A NAP T . 9.47 -49.73 -39.99
O5B NAP T . 8.55 -49.46 -37.64
C5B NAP T . 8.91 -48.09 -37.74
C4B NAP T . 7.83 -47.33 -37.04
O4B NAP T . 8.26 -46.00 -36.68
C3B NAP T . 6.64 -47.20 -37.95
O3B NAP T . 5.47 -47.42 -37.16
C2B NAP T . 6.71 -45.78 -38.45
O2B NAP T . 5.38 -45.33 -38.77
C1B NAP T . 7.40 -45.04 -37.29
N9A NAP T . 8.08 -43.79 -37.77
C8A NAP T . 9.03 -43.65 -38.73
N7A NAP T . 9.34 -42.33 -38.93
C5A NAP T . 8.57 -41.63 -38.10
C6A NAP T . 8.36 -40.20 -37.78
N6A NAP T . 9.07 -39.23 -38.40
N1A NAP T . 7.44 -39.90 -36.85
C2A NAP T . 6.75 -40.84 -36.20
N3A NAP T . 6.88 -42.15 -36.43
C4A NAP T . 7.76 -42.59 -37.35
O3 NAP T . 10.56 -50.83 -38.04
PN NAP T . 10.77 -51.55 -36.62
O1N NAP T . 12.00 -52.43 -36.80
O2N NAP T . 9.45 -52.08 -36.06
O5D NAP T . 11.23 -50.22 -35.79
C5D NAP T . 10.99 -50.12 -34.39
C4D NAP T . 12.25 -49.84 -33.57
O4D NAP T . 13.02 -51.02 -33.36
C3D NAP T . 13.17 -48.81 -34.17
O3D NAP T . 13.68 -48.01 -33.12
C2D NAP T . 14.29 -49.64 -34.71
O2D NAP T . 15.46 -48.85 -34.83
C1D NAP T . 14.40 -50.74 -33.64
N1N NAP T . 15.15 -51.97 -34.02
C2N NAP T . 14.70 -52.68 -35.05
C3N NAP T . 15.32 -53.86 -35.46
C7N NAP T . 14.73 -54.58 -36.63
O7N NAP T . 13.51 -54.51 -36.88
N7N NAP T . 15.54 -55.29 -37.37
C4N NAP T . 16.47 -54.28 -34.76
C5N NAP T . 16.91 -53.54 -33.69
C6N NAP T . 16.21 -52.39 -33.33
P2B NAP T . 4.98 -44.31 -39.97
O1X NAP T . 3.50 -44.46 -40.22
O2X NAP T . 5.24 -42.93 -39.39
O3X NAP T . 5.91 -44.76 -41.08
#